data_5EEB
#
_entry.id   5EEB
#
_cell.length_a   184.240
_cell.length_b   207.230
_cell.length_c   164.960
_cell.angle_alpha   90.00
_cell.angle_beta   90.00
_cell.angle_gamma   90.00
#
_symmetry.space_group_name_H-M   'P 21 21 2'
#
_entity_poly.entity_id   1
_entity_poly.type   'polypeptide(L)'
_entity_poly.pdbx_seq_one_letter_code
;MIDLNIMKVANYINGEFKEPSTGAFQVKTSPVDGSKIAEVPRSGREDAREAIDSAFEALKAWANIPAIRRAEYLYKMLEV
FRQMKEDFMKILTVEGGGTYRKVWGEVVFTERLIQNAAELARHYQGRVLQSDSESTISVVFKRSKGVVGVITPWNYPLSI
SMKKIAHTLAVGNTVVYKPASDTPVTGWLIAQMVAKAGLPKGVFNLVIGPGPVVGEEIVTHKRVAHVTFTGESSTGREIA
AKAAGTLKTVTLELGGSDPLIILDDVDVDYAARLAVFASLFHQGQICTSAKRIIVHKAVADKFIERYVHYVKMLRIDDPR
KDEKVDLGPLINERQVALMKEFVDDAVSRGGRLLIGGRSWGNFFEPAIFVDVDRNFRIMREEVFGPVRPIVVVENDDQAV
EVANDTDYGLSGAVLTNNVNRAFRIAEAVESGMFHINDVTFLEESHVPFGGIKASGVGREGGEWSFHETTYDRWVTVTLR
TRRFPIPSALK
;
_entity_poly.pdbx_strand_id   A,B,C,D,E,F,G,H
#
# COMPACT_ATOMS: atom_id res chain seq x y z
N ILE A 6 1.39 15.50 -20.80
CA ILE A 6 1.57 16.11 -19.48
C ILE A 6 3.06 16.36 -19.17
N MET A 7 3.93 15.52 -19.75
CA MET A 7 5.37 15.74 -19.67
C MET A 7 5.99 15.66 -21.07
N LYS A 8 7.04 16.46 -21.28
CA LYS A 8 7.83 16.43 -22.51
C LYS A 8 8.82 15.25 -22.52
N VAL A 9 9.27 14.82 -23.69
CA VAL A 9 10.32 13.80 -23.73
C VAL A 9 11.68 14.51 -23.70
N ALA A 10 12.64 13.96 -22.97
CA ALA A 10 13.96 14.58 -22.84
C ALA A 10 15.05 13.55 -22.50
N ASN A 11 16.31 13.97 -22.62
CA ASN A 11 17.43 13.14 -22.18
C ASN A 11 17.43 12.97 -20.65
N TYR A 12 18.13 11.94 -20.18
CA TYR A 12 18.43 11.77 -18.74
C TYR A 12 19.93 11.72 -18.59
N ILE A 13 20.51 12.76 -18.00
CA ILE A 13 21.96 12.83 -17.82
C ILE A 13 22.32 13.29 -16.41
N ASN A 14 23.18 12.51 -15.76
CA ASN A 14 23.61 12.75 -14.38
C ASN A 14 22.46 13.13 -13.43
N GLY A 15 21.35 12.40 -13.51
CA GLY A 15 20.26 12.56 -12.57
C GLY A 15 19.17 13.49 -13.03
N GLU A 16 19.45 14.29 -14.06
CA GLU A 16 18.49 15.29 -14.51
C GLU A 16 17.89 15.00 -15.89
N PHE A 17 16.59 15.19 -16.04
CA PHE A 17 15.99 15.21 -17.36
C PHE A 17 16.25 16.56 -18.02
N LYS A 18 16.97 16.57 -19.14
CA LYS A 18 17.23 17.84 -19.83
C LYS A 18 17.10 17.74 -21.35
N GLU A 19 16.79 18.88 -21.96
CA GLU A 19 16.82 18.99 -23.41
C GLU A 19 18.25 18.82 -23.91
N PRO A 20 18.38 18.56 -25.21
CA PRO A 20 19.67 18.65 -25.88
C PRO A 20 20.27 20.05 -25.87
N SER A 21 21.60 20.13 -25.78
CA SER A 21 22.30 21.40 -25.77
C SER A 21 22.03 22.19 -27.06
N THR A 22 21.60 21.47 -28.09
CA THR A 22 21.21 22.09 -29.33
C THR A 22 19.77 22.58 -29.22
N GLY A 23 19.02 22.02 -28.28
CA GLY A 23 17.61 22.34 -28.15
C GLY A 23 16.76 21.80 -29.27
N ALA A 24 17.39 21.04 -30.17
CA ALA A 24 16.72 20.46 -31.34
C ALA A 24 15.71 19.38 -30.95
N PHE A 25 14.82 19.08 -31.87
CA PHE A 25 13.86 18.02 -31.66
C PHE A 25 13.44 17.46 -33.01
N GLN A 26 12.80 16.29 -32.97
CA GLN A 26 12.11 15.76 -34.14
C GLN A 26 10.77 15.23 -33.67
N VAL A 27 9.77 15.26 -34.55
CA VAL A 27 8.49 14.71 -34.17
C VAL A 27 8.46 13.25 -34.58
N LYS A 28 8.13 12.40 -33.62
CA LYS A 28 7.99 10.98 -33.84
C LYS A 28 6.50 10.62 -33.88
N THR A 29 6.18 9.86 -34.91
CA THR A 29 4.81 9.56 -35.26
C THR A 29 4.53 8.07 -35.27
N SER A 30 3.29 7.73 -34.96
CA SER A 30 2.84 6.35 -34.90
C SER A 30 2.84 5.62 -36.26
N PRO A 31 3.58 4.51 -36.34
CA PRO A 31 3.53 3.54 -37.44
C PRO A 31 2.13 3.06 -37.78
N VAL A 32 1.20 3.14 -36.83
CA VAL A 32 -0.18 2.76 -37.10
C VAL A 32 -0.96 3.76 -37.99
N ASP A 33 -1.31 4.92 -37.43
CA ASP A 33 -2.08 5.92 -38.16
C ASP A 33 -1.26 7.08 -38.68
N GLY A 34 0.04 7.08 -38.39
CA GLY A 34 0.87 8.22 -38.74
C GLY A 34 0.69 9.45 -37.87
N SER A 35 -0.25 9.39 -36.92
CA SER A 35 -0.53 10.54 -36.04
C SER A 35 0.66 10.92 -35.19
N LYS A 36 0.70 12.18 -34.74
CA LYS A 36 1.76 12.64 -33.84
C LYS A 36 1.75 11.84 -32.53
N ILE A 37 2.92 11.32 -32.19
CA ILE A 37 3.13 10.68 -30.89
C ILE A 37 3.81 11.66 -29.94
N ALA A 38 5.04 12.09 -30.26
CA ALA A 38 5.71 13.06 -29.39
C ALA A 38 6.84 13.83 -30.05
N GLU A 39 7.21 14.96 -29.47
CA GLU A 39 8.47 15.58 -29.88
C GLU A 39 9.50 14.92 -29.00
N VAL A 40 10.62 14.55 -29.61
CA VAL A 40 11.74 13.94 -28.89
C VAL A 40 13.01 14.70 -29.24
N PRO A 41 14.04 14.61 -28.40
CA PRO A 41 15.27 15.34 -28.70
C PRO A 41 15.96 14.90 -29.99
N ARG A 42 16.75 15.79 -30.59
CA ARG A 42 17.77 15.36 -31.53
C ARG A 42 19.13 15.73 -30.92
N SER A 43 19.84 14.75 -30.40
CA SER A 43 20.99 15.03 -29.54
C SER A 43 22.27 15.08 -30.36
N GLY A 44 23.22 15.91 -29.94
CA GLY A 44 24.51 15.97 -30.61
C GLY A 44 25.63 15.31 -29.83
N ARG A 45 26.86 15.37 -30.36
CA ARG A 45 28.02 14.86 -29.65
C ARG A 45 28.13 15.47 -28.24
N GLU A 46 27.81 16.75 -28.10
CA GLU A 46 27.88 17.39 -26.79
C GLU A 46 27.09 16.55 -25.79
N ASP A 47 25.86 16.19 -26.17
CA ASP A 47 24.98 15.39 -25.32
C ASP A 47 25.58 14.03 -24.93
N ALA A 48 26.05 13.29 -25.92
CA ALA A 48 26.69 12.00 -25.68
C ALA A 48 27.89 12.14 -24.75
N ARG A 49 28.73 13.14 -25.00
CA ARG A 49 29.93 13.33 -24.19
C ARG A 49 29.56 13.70 -22.74
N GLU A 50 28.49 14.48 -22.56
CA GLU A 50 28.04 14.78 -21.20
C GLU A 50 27.51 13.52 -20.50
N ALA A 51 26.79 12.66 -21.23
CA ALA A 51 26.37 11.38 -20.67
C ALA A 51 27.57 10.50 -20.28
N ILE A 52 28.46 10.24 -21.23
CA ILE A 52 29.66 9.43 -20.98
C ILE A 52 30.45 9.97 -19.79
N ASP A 53 30.53 11.29 -19.68
CA ASP A 53 31.27 11.93 -18.60
C ASP A 53 30.55 11.75 -17.26
N SER A 54 29.22 11.89 -17.27
CA SER A 54 28.41 11.58 -16.11
C SER A 54 28.68 10.18 -15.57
N ALA A 55 28.75 9.24 -16.52
CA ALA A 55 28.88 7.82 -16.20
C ALA A 55 30.27 7.50 -15.70
N PHE A 56 31.27 8.04 -16.38
CA PHE A 56 32.63 7.87 -15.96
C PHE A 56 32.80 8.39 -14.55
N GLU A 57 32.30 9.62 -14.34
CA GLU A 57 32.37 10.24 -13.02
C GLU A 57 31.76 9.30 -11.95
N ALA A 58 30.54 8.81 -12.19
CA ALA A 58 29.83 7.96 -11.21
C ALA A 58 30.39 6.52 -11.05
N LEU A 59 31.31 6.13 -11.93
CA LEU A 59 31.70 4.74 -12.03
C LEU A 59 32.31 4.12 -10.78
N LYS A 60 33.38 4.70 -10.22
CA LYS A 60 34.05 4.03 -9.08
C LYS A 60 33.13 3.94 -7.86
N ALA A 61 32.42 5.05 -7.58
CA ALA A 61 31.36 5.06 -6.58
C ALA A 61 30.41 3.87 -6.77
N TRP A 62 29.97 3.67 -8.02
CA TRP A 62 29.03 2.59 -8.35
C TRP A 62 29.60 1.16 -8.24
N ALA A 63 30.82 0.94 -8.74
CA ALA A 63 31.36 -0.41 -8.78
C ALA A 63 31.85 -0.85 -7.42
N ASN A 64 32.19 0.12 -6.58
CA ASN A 64 32.84 -0.18 -5.31
C ASN A 64 31.86 -0.64 -4.24
N ILE A 65 30.64 -0.13 -4.27
CA ILE A 65 29.65 -0.56 -3.29
C ILE A 65 29.48 -2.07 -3.36
N PRO A 66 29.15 -2.71 -2.23
CA PRO A 66 28.87 -4.15 -2.18
C PRO A 66 27.75 -4.53 -3.12
N ALA A 67 27.90 -5.67 -3.77
CA ALA A 67 26.99 -6.02 -4.86
C ALA A 67 25.55 -6.06 -4.35
N ILE A 68 25.39 -6.41 -3.09
CA ILE A 68 24.06 -6.47 -2.48
C ILE A 68 23.33 -5.13 -2.56
N ARG A 69 24.08 -4.04 -2.55
CA ARG A 69 23.49 -2.71 -2.59
C ARG A 69 22.94 -2.39 -3.98
N ARG A 70 23.73 -2.69 -5.02
CA ARG A 70 23.24 -2.63 -6.39
C ARG A 70 22.02 -3.56 -6.59
N ALA A 71 22.03 -4.69 -5.90
CA ALA A 71 20.94 -5.62 -5.98
C ALA A 71 19.69 -4.94 -5.45
N GLU A 72 19.81 -4.29 -4.29
CA GLU A 72 18.73 -3.44 -3.77
C GLU A 72 18.23 -2.46 -4.81
N TYR A 73 19.16 -1.73 -5.45
CA TYR A 73 18.78 -0.77 -6.49
C TYR A 73 17.94 -1.43 -7.59
N LEU A 74 18.41 -2.56 -8.08
CA LEU A 74 17.76 -3.20 -9.19
C LEU A 74 16.40 -3.72 -8.77
N TYR A 75 16.34 -4.24 -7.55
CA TYR A 75 15.07 -4.66 -6.97
C TYR A 75 14.00 -3.56 -6.92
N LYS A 76 14.43 -2.39 -6.45
CA LYS A 76 13.59 -1.21 -6.41
C LYS A 76 13.15 -0.87 -7.83
N MET A 77 14.09 -0.93 -8.76
CA MET A 77 13.80 -0.67 -10.16
C MET A 77 12.71 -1.63 -10.68
N LEU A 78 12.74 -2.87 -10.21
CA LEU A 78 11.73 -3.86 -10.58
C LEU A 78 10.38 -3.47 -10.02
N GLU A 79 10.35 -3.04 -8.75
CA GLU A 79 9.11 -2.52 -8.13
C GLU A 79 8.47 -1.39 -8.97
N VAL A 80 9.31 -0.43 -9.34
CA VAL A 80 8.89 0.69 -10.15
C VAL A 80 8.34 0.20 -11.49
N PHE A 81 9.04 -0.75 -12.10
CA PHE A 81 8.58 -1.30 -13.38
C PHE A 81 7.20 -1.93 -13.24
N ARG A 82 7.01 -2.67 -12.16
CA ARG A 82 5.74 -3.33 -11.90
C ARG A 82 4.62 -2.29 -11.85
N GLN A 83 4.90 -1.10 -11.33
CA GLN A 83 3.84 -0.08 -11.40
C GLN A 83 3.80 0.72 -12.71
N MET A 84 4.82 0.55 -13.56
CA MET A 84 4.78 1.19 -14.89
C MET A 84 4.34 0.27 -16.05
N LYS A 85 3.97 -0.96 -15.74
CA LYS A 85 3.63 -1.96 -16.77
C LYS A 85 2.68 -1.44 -17.83
N GLU A 86 1.59 -0.85 -17.37
CA GLU A 86 0.53 -0.37 -18.26
C GLU A 86 1.06 0.67 -19.22
N ASP A 87 1.78 1.65 -18.67
CA ASP A 87 2.35 2.74 -19.47
C ASP A 87 3.26 2.18 -20.55
N PHE A 88 4.11 1.25 -20.15
CA PHE A 88 5.02 0.60 -21.09
C PHE A 88 4.28 -0.08 -22.23
N MET A 89 3.36 -0.97 -21.88
CA MET A 89 2.56 -1.66 -22.88
C MET A 89 1.95 -0.69 -23.88
N LYS A 90 1.31 0.35 -23.35
CA LYS A 90 0.73 1.37 -24.23
C LYS A 90 1.79 1.89 -25.22
N ILE A 91 2.97 2.25 -24.74
CA ILE A 91 3.97 2.82 -25.66
C ILE A 91 4.49 1.82 -26.69
N LEU A 92 4.78 0.61 -26.26
CA LEU A 92 5.23 -0.45 -27.16
C LEU A 92 4.22 -0.65 -28.29
N THR A 93 2.93 -0.51 -27.96
CA THR A 93 1.91 -0.63 -29.00
C THR A 93 1.92 0.59 -29.91
N VAL A 94 1.87 1.76 -29.30
CA VAL A 94 1.65 2.97 -30.07
C VAL A 94 2.89 3.40 -30.86
N GLU A 95 4.05 3.37 -30.22
CA GLU A 95 5.29 3.80 -30.85
C GLU A 95 5.93 2.72 -31.73
N GLY A 96 5.81 1.45 -31.31
CA GLY A 96 6.49 0.37 -31.99
C GLY A 96 5.57 -0.54 -32.78
N GLY A 97 4.28 -0.29 -32.71
CA GLY A 97 3.33 -1.05 -33.48
C GLY A 97 3.13 -2.48 -33.02
N GLY A 98 3.45 -2.77 -31.76
CA GLY A 98 3.27 -4.11 -31.25
C GLY A 98 1.82 -4.41 -30.95
N THR A 99 1.38 -5.66 -31.15
CA THR A 99 0.01 -6.01 -30.77
C THR A 99 -0.08 -6.13 -29.25
N TYR A 100 -1.30 -6.33 -28.72
CA TYR A 100 -1.44 -6.36 -27.27
C TYR A 100 -0.69 -7.57 -26.76
N ARG A 101 -0.98 -8.73 -27.34
CA ARG A 101 -0.41 -9.96 -26.83
C ARG A 101 1.14 -9.94 -26.87
N LYS A 102 1.69 -9.26 -27.87
CA LYS A 102 3.13 -9.11 -27.97
C LYS A 102 3.67 -8.29 -26.83
N VAL A 103 3.11 -7.11 -26.65
CA VAL A 103 3.68 -6.19 -25.69
C VAL A 103 3.44 -6.69 -24.26
N TRP A 104 2.36 -7.45 -24.08
CA TRP A 104 2.10 -8.04 -22.79
C TRP A 104 3.27 -8.96 -22.55
N GLY A 105 3.54 -9.80 -23.54
CA GLY A 105 4.67 -10.69 -23.50
C GLY A 105 5.98 -9.98 -23.15
N GLU A 106 6.23 -8.87 -23.82
CA GLU A 106 7.51 -8.19 -23.65
C GLU A 106 7.66 -7.60 -22.27
N VAL A 107 6.58 -7.00 -21.79
CA VAL A 107 6.60 -6.38 -20.49
C VAL A 107 6.83 -7.41 -19.39
N VAL A 108 6.09 -8.52 -19.48
CA VAL A 108 6.28 -9.63 -18.56
C VAL A 108 7.75 -10.07 -18.57
N PHE A 109 8.31 -10.14 -19.77
CA PHE A 109 9.66 -10.64 -19.88
C PHE A 109 10.69 -9.67 -19.30
N THR A 110 10.41 -8.38 -19.46
CA THR A 110 11.27 -7.36 -18.88
C THR A 110 11.25 -7.47 -17.35
N GLU A 111 10.09 -7.82 -16.81
CA GLU A 111 9.99 -8.04 -15.39
C GLU A 111 10.94 -9.18 -15.01
N ARG A 112 10.84 -10.28 -15.74
CA ARG A 112 11.75 -11.38 -15.43
C ARG A 112 13.22 -10.97 -15.58
N LEU A 113 13.50 -10.08 -16.54
CA LEU A 113 14.86 -9.66 -16.83
C LEU A 113 15.47 -8.83 -15.70
N ILE A 114 14.78 -7.76 -15.31
CA ILE A 114 15.26 -6.94 -14.21
C ILE A 114 15.41 -7.75 -12.92
N GLN A 115 14.42 -8.59 -12.65
CA GLN A 115 14.48 -9.40 -11.44
C GLN A 115 15.67 -10.36 -11.50
N ASN A 116 15.98 -10.84 -12.70
CA ASN A 116 17.06 -11.80 -12.86
C ASN A 116 18.39 -11.11 -12.61
N ALA A 117 18.59 -9.92 -13.18
CA ALA A 117 19.81 -9.17 -12.91
C ALA A 117 19.98 -8.95 -11.39
N ALA A 118 18.89 -8.60 -10.72
CA ALA A 118 19.00 -8.35 -9.29
C ALA A 118 19.41 -9.63 -8.56
N GLU A 119 18.72 -10.73 -8.87
CA GLU A 119 18.99 -12.03 -8.26
C GLU A 119 20.45 -12.44 -8.40
N LEU A 120 21.05 -12.17 -9.56
CA LEU A 120 22.42 -12.61 -9.78
C LEU A 120 23.52 -11.70 -9.22
N ALA A 121 23.26 -10.41 -9.07
CA ALA A 121 24.36 -9.46 -8.81
C ALA A 121 25.36 -9.85 -7.69
N ARG A 122 24.89 -10.51 -6.63
CA ARG A 122 25.76 -10.90 -5.50
C ARG A 122 26.51 -12.19 -5.76
N HIS A 123 26.07 -12.88 -6.79
CA HIS A 123 26.47 -14.26 -7.02
C HIS A 123 27.47 -14.47 -8.12
N TYR A 124 28.01 -13.38 -8.65
CA TYR A 124 28.97 -13.54 -9.74
C TYR A 124 30.33 -13.79 -9.10
N GLN A 125 30.87 -14.98 -9.35
CA GLN A 125 31.98 -15.48 -8.57
C GLN A 125 33.27 -15.49 -9.36
N GLY A 126 34.38 -15.40 -8.63
CA GLY A 126 35.69 -15.57 -9.19
C GLY A 126 36.15 -17.00 -8.93
N ARG A 127 37.45 -17.19 -8.81
CA ARG A 127 38.00 -18.53 -8.64
C ARG A 127 39.16 -18.56 -7.65
N VAL A 128 39.45 -19.74 -7.11
CA VAL A 128 40.63 -19.91 -6.29
C VAL A 128 41.39 -21.06 -6.90
N LEU A 129 42.60 -20.78 -7.40
CA LEU A 129 43.34 -21.80 -8.15
C LEU A 129 44.44 -22.46 -7.33
N GLN A 130 44.68 -23.73 -7.60
CA GLN A 130 45.91 -24.39 -7.16
C GLN A 130 47.10 -23.65 -7.79
N SER A 131 48.15 -23.42 -7.02
CA SER A 131 49.35 -22.82 -7.59
C SER A 131 50.35 -23.93 -7.82
N ASP A 132 51.10 -23.80 -8.91
CA ASP A 132 52.23 -24.70 -9.12
C ASP A 132 53.43 -24.30 -8.26
N SER A 133 53.39 -23.07 -7.74
CA SER A 133 54.43 -22.55 -6.86
C SER A 133 54.01 -22.80 -5.41
N GLU A 134 54.98 -23.09 -4.55
CA GLU A 134 54.70 -23.24 -3.11
C GLU A 134 54.52 -21.89 -2.45
N SER A 135 53.90 -21.86 -1.29
CA SER A 135 53.68 -20.62 -0.57
C SER A 135 53.03 -19.55 -1.45
N THR A 136 52.16 -19.95 -2.36
CA THR A 136 51.46 -18.94 -3.12
C THR A 136 49.96 -19.08 -3.00
N ILE A 137 49.31 -17.96 -2.72
CA ILE A 137 47.87 -17.84 -2.76
C ILE A 137 47.52 -17.27 -4.14
N SER A 138 46.72 -18.01 -4.91
CA SER A 138 46.43 -17.63 -6.29
C SER A 138 44.92 -17.58 -6.50
N VAL A 139 44.37 -16.40 -6.75
CA VAL A 139 42.93 -16.29 -6.98
C VAL A 139 42.61 -15.44 -8.20
N VAL A 140 41.38 -15.55 -8.68
CA VAL A 140 40.91 -14.71 -9.78
C VAL A 140 39.68 -13.92 -9.41
N PHE A 141 39.80 -12.59 -9.47
CA PHE A 141 38.73 -11.68 -9.09
C PHE A 141 37.90 -11.24 -10.30
N LYS A 142 36.60 -10.98 -10.09
CA LYS A 142 35.78 -10.34 -11.11
C LYS A 142 35.75 -8.84 -10.91
N ARG A 143 36.29 -8.08 -11.86
CA ARG A 143 36.14 -6.64 -11.78
C ARG A 143 35.28 -6.20 -12.95
N SER A 144 34.51 -5.12 -12.77
CA SER A 144 33.68 -4.61 -13.85
C SER A 144 34.52 -3.75 -14.79
N LYS A 145 34.10 -3.68 -16.04
CA LYS A 145 34.85 -3.03 -17.09
C LYS A 145 34.78 -1.50 -17.03
N GLY A 146 33.61 -0.92 -16.84
CA GLY A 146 33.57 0.53 -16.91
C GLY A 146 32.25 1.14 -17.32
N VAL A 147 32.36 2.29 -17.99
CA VAL A 147 31.24 2.85 -18.72
C VAL A 147 30.88 1.91 -19.86
N VAL A 148 29.61 1.53 -19.97
CA VAL A 148 29.22 0.62 -21.02
C VAL A 148 28.21 1.26 -21.99
N GLY A 149 28.55 1.28 -23.28
CA GLY A 149 27.62 1.73 -24.30
C GLY A 149 26.50 0.75 -24.58
N VAL A 150 25.25 1.21 -24.48
CA VAL A 150 24.11 0.33 -24.74
C VAL A 150 23.26 0.87 -25.89
N ILE A 151 23.25 0.15 -27.01
CA ILE A 151 22.60 0.59 -28.24
C ILE A 151 21.61 -0.46 -28.70
N THR A 152 20.32 -0.10 -28.72
CA THR A 152 19.26 -1.10 -28.87
C THR A 152 18.37 -0.89 -30.11
N PRO A 153 17.65 -1.94 -30.55
CA PRO A 153 16.78 -1.80 -31.73
C PRO A 153 15.37 -1.42 -31.37
N TRP A 154 14.53 -1.33 -32.40
CA TRP A 154 13.14 -0.94 -32.26
C TRP A 154 12.15 -2.10 -32.17
N ASN A 155 12.59 -3.32 -32.46
CA ASN A 155 11.63 -4.40 -32.64
C ASN A 155 11.04 -4.89 -31.31
N TYR A 156 11.92 -5.06 -30.33
CA TYR A 156 11.55 -5.44 -28.97
C TYR A 156 12.31 -4.52 -28.05
N PRO A 157 12.05 -3.20 -28.15
CA PRO A 157 12.94 -2.19 -27.55
C PRO A 157 13.02 -2.28 -26.01
N LEU A 158 11.88 -2.50 -25.37
CA LEU A 158 11.86 -2.58 -23.92
C LEU A 158 12.68 -3.76 -23.38
N SER A 159 12.36 -5.00 -23.78
CA SER A 159 13.00 -6.18 -23.19
C SER A 159 14.49 -6.26 -23.57
N ILE A 160 14.83 -6.00 -24.83
CA ILE A 160 16.24 -5.97 -25.22
C ILE A 160 17.03 -4.91 -24.45
N SER A 161 16.50 -3.69 -24.40
CA SER A 161 17.20 -2.65 -23.66
C SER A 161 17.42 -3.16 -22.26
N MET A 162 16.37 -3.68 -21.64
CA MET A 162 16.46 -3.95 -20.21
C MET A 162 17.33 -5.15 -19.91
N LYS A 163 17.39 -6.16 -20.78
CA LYS A 163 18.41 -7.18 -20.60
C LYS A 163 19.78 -6.49 -20.51
N LYS A 164 20.13 -5.73 -21.54
CA LYS A 164 21.45 -5.11 -21.54
C LYS A 164 21.72 -4.20 -20.32
N ILE A 165 20.77 -3.29 -20.06
CA ILE A 165 20.88 -2.29 -18.99
C ILE A 165 20.94 -2.89 -17.58
N ALA A 166 19.97 -3.75 -17.30
CA ALA A 166 19.82 -4.35 -15.99
C ALA A 166 21.05 -5.19 -15.68
N HIS A 167 21.44 -6.03 -16.62
CA HIS A 167 22.54 -6.91 -16.29
C HIS A 167 23.86 -6.13 -16.21
N THR A 168 24.05 -5.15 -17.10
CA THR A 168 25.29 -4.39 -17.07
C THR A 168 25.46 -3.57 -15.80
N LEU A 169 24.36 -3.01 -15.31
CA LEU A 169 24.40 -2.28 -14.04
C LEU A 169 24.66 -3.21 -12.83
N ALA A 170 24.02 -4.38 -12.81
CA ALA A 170 24.16 -5.33 -11.70
C ALA A 170 25.61 -5.60 -11.23
N VAL A 171 26.54 -5.69 -12.16
CA VAL A 171 27.91 -6.07 -11.83
C VAL A 171 28.86 -4.90 -11.67
N GLY A 172 28.32 -3.67 -11.73
CA GLY A 172 29.12 -2.49 -11.41
C GLY A 172 29.66 -1.62 -12.55
N ASN A 173 29.14 -1.80 -13.76
CA ASN A 173 29.37 -0.85 -14.83
C ASN A 173 28.38 0.30 -14.73
N THR A 174 28.72 1.45 -15.28
CA THR A 174 27.67 2.44 -15.47
C THR A 174 27.35 2.48 -16.97
N VAL A 175 26.32 3.24 -17.34
CA VAL A 175 25.63 3.02 -18.60
C VAL A 175 25.21 4.27 -19.38
N VAL A 176 25.60 4.32 -20.64
CA VAL A 176 25.12 5.37 -21.51
C VAL A 176 24.29 4.74 -22.62
N TYR A 177 23.00 5.04 -22.62
CA TYR A 177 22.03 4.34 -23.44
C TYR A 177 21.41 5.16 -24.55
N LYS A 178 21.74 4.80 -25.79
CA LYS A 178 21.15 5.37 -27.01
C LYS A 178 20.11 4.41 -27.62
N PRO A 179 18.82 4.73 -27.46
CA PRO A 179 17.82 3.85 -28.05
C PRO A 179 17.73 3.94 -29.56
N ALA A 180 17.04 2.97 -30.12
CA ALA A 180 16.66 3.01 -31.50
C ALA A 180 15.92 4.31 -31.76
N SER A 181 16.15 4.89 -32.94
CA SER A 181 15.51 6.13 -33.36
C SER A 181 13.98 6.00 -33.47
N ASP A 182 13.50 4.84 -33.89
CA ASP A 182 12.07 4.64 -34.06
C ASP A 182 11.35 4.30 -32.76
N THR A 183 12.11 4.13 -31.68
CA THR A 183 11.51 3.91 -30.36
C THR A 183 12.13 4.73 -29.25
N PRO A 184 12.12 6.07 -29.40
CA PRO A 184 12.68 6.92 -28.34
C PRO A 184 11.81 7.00 -27.08
N VAL A 185 10.49 7.04 -27.22
CA VAL A 185 9.61 7.17 -26.05
C VAL A 185 9.73 5.98 -25.08
N THR A 186 9.95 4.79 -25.61
CA THR A 186 10.17 3.63 -24.73
C THR A 186 11.43 3.85 -23.89
N GLY A 187 12.48 4.35 -24.53
CA GLY A 187 13.74 4.65 -23.88
C GLY A 187 13.56 5.70 -22.79
N TRP A 188 12.79 6.73 -23.12
CA TRP A 188 12.46 7.74 -22.16
C TRP A 188 11.79 7.12 -20.94
N LEU A 189 10.78 6.29 -21.19
CA LEU A 189 10.08 5.62 -20.10
C LEU A 189 11.01 4.78 -19.22
N ILE A 190 11.99 4.13 -19.84
CA ILE A 190 12.99 3.38 -19.09
C ILE A 190 13.70 4.34 -18.16
N ALA A 191 14.09 5.49 -18.73
CA ALA A 191 14.77 6.49 -17.92
C ALA A 191 13.91 6.89 -16.72
N GLN A 192 12.62 7.14 -16.97
CA GLN A 192 11.68 7.42 -15.90
C GLN A 192 11.74 6.36 -14.79
N MET A 193 11.66 5.10 -15.18
CA MET A 193 11.75 4.00 -14.22
C MET A 193 13.02 4.09 -13.37
N VAL A 194 14.16 4.22 -14.04
CA VAL A 194 15.44 4.23 -13.34
C VAL A 194 15.52 5.42 -12.40
N ALA A 195 15.00 6.55 -12.85
CA ALA A 195 14.99 7.75 -12.05
C ALA A 195 14.19 7.54 -10.77
N LYS A 196 12.94 7.13 -10.90
CA LYS A 196 12.11 6.87 -9.73
C LYS A 196 12.70 5.77 -8.85
N ALA A 197 13.59 4.94 -9.41
CA ALA A 197 14.25 3.89 -8.62
C ALA A 197 15.37 4.50 -7.73
N GLY A 198 15.92 5.63 -8.17
CA GLY A 198 16.82 6.39 -7.35
C GLY A 198 18.28 6.00 -7.47
N LEU A 199 18.65 5.47 -8.62
CA LEU A 199 20.04 5.11 -8.86
C LEU A 199 20.86 6.38 -8.75
N PRO A 200 22.08 6.29 -8.20
CA PRO A 200 22.95 7.47 -8.05
C PRO A 200 23.09 8.23 -9.35
N LYS A 201 23.28 9.54 -9.27
CA LYS A 201 23.40 10.32 -10.48
C LYS A 201 24.58 9.80 -11.29
N GLY A 202 24.38 9.76 -12.62
CA GLY A 202 25.43 9.42 -13.55
C GLY A 202 25.54 7.94 -13.84
N VAL A 203 25.03 7.13 -12.93
CA VAL A 203 25.07 5.68 -13.09
C VAL A 203 24.26 5.23 -14.32
N PHE A 204 23.16 5.91 -14.59
CA PHE A 204 22.39 5.63 -15.80
C PHE A 204 22.12 6.89 -16.58
N ASN A 205 22.24 6.79 -17.91
CA ASN A 205 22.04 7.94 -18.75
C ASN A 205 21.31 7.63 -20.06
N LEU A 206 20.38 8.51 -20.41
CA LEU A 206 19.61 8.37 -21.65
C LEU A 206 19.94 9.50 -22.63
N VAL A 207 20.41 9.13 -23.81
CA VAL A 207 20.63 10.10 -24.88
C VAL A 207 19.91 9.67 -26.16
N ILE A 208 19.01 10.52 -26.64
CA ILE A 208 18.25 10.23 -27.84
C ILE A 208 18.66 11.12 -29.01
N GLY A 209 19.24 10.51 -30.05
CA GLY A 209 19.78 11.25 -31.17
C GLY A 209 19.90 10.31 -32.33
N PRO A 210 20.42 10.79 -33.48
CA PRO A 210 20.65 9.89 -34.60
C PRO A 210 21.91 9.07 -34.33
N GLY A 211 21.90 7.82 -34.77
CA GLY A 211 23.05 6.94 -34.64
C GLY A 211 24.37 7.54 -35.11
N PRO A 212 24.42 8.07 -36.34
CA PRO A 212 25.73 8.51 -36.86
C PRO A 212 26.40 9.59 -35.99
N VAL A 213 25.65 10.23 -35.10
CA VAL A 213 26.24 11.23 -34.21
C VAL A 213 26.36 10.73 -32.76
N VAL A 214 25.23 10.52 -32.09
CA VAL A 214 25.26 10.10 -30.69
C VAL A 214 25.88 8.73 -30.55
N GLY A 215 25.36 7.80 -31.35
CA GLY A 215 25.85 6.45 -31.40
C GLY A 215 27.34 6.45 -31.67
N GLU A 216 27.76 7.18 -32.70
CA GLU A 216 29.16 7.18 -33.01
C GLU A 216 29.98 7.70 -31.86
N GLU A 217 29.59 8.82 -31.24
CA GLU A 217 30.42 9.34 -30.16
C GLU A 217 30.54 8.27 -29.08
N ILE A 218 29.43 7.62 -28.75
CA ILE A 218 29.47 6.49 -27.81
C ILE A 218 30.51 5.45 -28.19
N VAL A 219 30.41 4.93 -29.40
CA VAL A 219 31.27 3.83 -29.82
C VAL A 219 32.74 4.24 -29.98
N THR A 220 32.97 5.51 -30.31
CA THR A 220 34.32 5.97 -30.59
C THR A 220 35.01 6.62 -29.42
N HIS A 221 34.26 6.92 -28.35
CA HIS A 221 34.78 7.73 -27.25
C HIS A 221 35.84 6.98 -26.44
N LYS A 222 36.71 7.73 -25.77
CA LYS A 222 37.84 7.19 -25.03
C LYS A 222 37.45 6.51 -23.71
N ARG A 223 36.41 7.03 -23.07
CA ARG A 223 36.05 6.61 -21.72
C ARG A 223 35.04 5.47 -21.69
N VAL A 224 34.50 5.14 -22.86
CA VAL A 224 33.61 4.00 -22.95
C VAL A 224 34.44 2.71 -22.95
N ALA A 225 34.08 1.78 -22.07
CA ALA A 225 34.80 0.51 -21.93
C ALA A 225 34.40 -0.55 -22.93
N HIS A 226 33.11 -0.63 -23.17
CA HIS A 226 32.55 -1.77 -23.87
C HIS A 226 31.26 -1.34 -24.54
N VAL A 227 30.90 -1.98 -25.65
CA VAL A 227 29.64 -1.63 -26.30
C VAL A 227 28.78 -2.86 -26.59
N THR A 228 27.59 -2.91 -25.99
CA THR A 228 26.63 -3.96 -26.31
C THR A 228 25.58 -3.37 -27.29
N PHE A 229 25.45 -4.01 -28.44
CA PHE A 229 24.61 -3.50 -29.51
C PHE A 229 23.73 -4.60 -30.06
N THR A 230 22.47 -4.28 -30.29
CA THR A 230 21.58 -5.17 -31.03
C THR A 230 21.00 -4.42 -32.23
N GLY A 231 21.10 -5.02 -33.41
CA GLY A 231 20.67 -4.33 -34.61
C GLY A 231 21.23 -4.93 -35.89
N GLU A 232 21.32 -4.15 -36.96
CA GLU A 232 21.71 -4.66 -38.27
C GLU A 232 23.21 -5.00 -38.40
N SER A 233 23.49 -5.99 -39.22
CA SER A 233 24.84 -6.51 -39.40
C SER A 233 25.80 -5.48 -39.97
N SER A 234 25.33 -4.64 -40.90
CA SER A 234 26.19 -3.60 -41.45
C SER A 234 26.64 -2.74 -40.29
N THR A 235 25.64 -2.16 -39.63
CA THR A 235 25.79 -1.37 -38.43
C THR A 235 26.69 -2.08 -37.41
N GLY A 236 26.38 -3.35 -37.12
CA GLY A 236 27.19 -4.13 -36.20
C GLY A 236 28.67 -4.17 -36.55
N ARG A 237 28.96 -4.56 -37.79
CA ARG A 237 30.33 -4.66 -38.28
C ARG A 237 31.04 -3.34 -38.14
N GLU A 238 30.32 -2.26 -38.43
CA GLU A 238 30.96 -0.98 -38.40
C GLU A 238 31.26 -0.57 -36.95
N ILE A 239 30.31 -0.81 -36.04
CA ILE A 239 30.56 -0.57 -34.63
C ILE A 239 31.76 -1.36 -34.14
N ALA A 240 31.88 -2.61 -34.58
CA ALA A 240 33.06 -3.39 -34.23
C ALA A 240 34.32 -2.66 -34.66
N ALA A 241 34.28 -2.20 -35.91
CA ALA A 241 35.42 -1.50 -36.52
C ALA A 241 35.82 -0.28 -35.71
N LYS A 242 34.89 0.64 -35.51
CA LYS A 242 35.19 1.91 -34.86
C LYS A 242 35.55 1.67 -33.38
N ALA A 243 34.96 0.62 -32.81
CA ALA A 243 35.22 0.32 -31.41
C ALA A 243 36.65 -0.11 -31.25
N ALA A 244 37.18 -0.78 -32.29
CA ALA A 244 38.53 -1.35 -32.20
C ALA A 244 39.65 -0.32 -31.88
N GLY A 245 39.48 0.91 -32.35
CA GLY A 245 40.47 1.97 -32.16
C GLY A 245 40.85 2.25 -30.71
N THR A 246 39.87 2.13 -29.81
CA THR A 246 40.08 2.28 -28.37
C THR A 246 40.45 0.95 -27.68
N LEU A 247 40.39 -0.14 -28.45
CA LEU A 247 40.47 -1.50 -27.91
C LEU A 247 39.27 -1.78 -27.01
N LYS A 248 38.10 -1.26 -27.37
CA LYS A 248 36.96 -1.49 -26.51
C LYS A 248 36.19 -2.73 -26.99
N THR A 249 36.00 -3.64 -26.05
CA THR A 249 35.27 -4.88 -26.26
C THR A 249 33.79 -4.65 -26.60
N VAL A 250 33.18 -5.59 -27.31
CA VAL A 250 31.77 -5.45 -27.67
C VAL A 250 30.95 -6.75 -27.55
N THR A 251 29.63 -6.56 -27.54
CA THR A 251 28.66 -7.63 -27.55
C THR A 251 27.78 -7.31 -28.75
N LEU A 252 27.82 -8.14 -29.78
CA LEU A 252 27.09 -7.83 -30.99
C LEU A 252 26.00 -8.86 -31.28
N GLU A 253 24.74 -8.44 -31.19
CA GLU A 253 23.63 -9.29 -31.60
C GLU A 253 23.21 -8.80 -32.99
N LEU A 254 23.65 -9.49 -34.04
CA LEU A 254 23.53 -8.93 -35.40
C LEU A 254 22.36 -9.45 -36.26
N GLY A 255 21.49 -10.26 -35.68
CA GLY A 255 20.35 -10.73 -36.41
C GLY A 255 20.66 -12.06 -37.04
N GLY A 256 19.66 -12.70 -37.64
CA GLY A 256 19.84 -13.97 -38.29
C GLY A 256 18.62 -14.47 -39.05
N SER A 257 18.84 -15.35 -40.00
CA SER A 257 17.75 -15.97 -40.70
C SER A 257 17.66 -17.42 -40.27
N ASP A 258 16.79 -17.70 -39.30
CA ASP A 258 16.86 -18.97 -38.60
C ASP A 258 16.08 -20.07 -39.27
N PRO A 259 16.68 -21.26 -39.34
CA PRO A 259 16.01 -22.45 -39.87
C PRO A 259 14.96 -22.98 -38.91
N LEU A 260 13.78 -23.30 -39.43
CA LEU A 260 12.82 -24.12 -38.69
C LEU A 260 12.59 -25.34 -39.56
N ILE A 261 13.13 -26.46 -39.09
CA ILE A 261 13.16 -27.70 -39.86
C ILE A 261 12.03 -28.58 -39.42
N ILE A 262 11.11 -28.93 -40.32
CA ILE A 262 10.01 -29.83 -39.96
C ILE A 262 10.19 -31.18 -40.63
N LEU A 263 10.24 -32.25 -39.84
CA LEU A 263 10.44 -33.57 -40.39
C LEU A 263 9.13 -34.31 -40.64
N ASP A 264 9.23 -35.54 -41.15
CA ASP A 264 8.03 -36.27 -41.61
C ASP A 264 7.26 -36.95 -40.47
N ASP A 265 7.89 -37.09 -39.31
CA ASP A 265 7.22 -37.76 -38.19
C ASP A 265 6.43 -36.79 -37.28
N VAL A 266 6.36 -35.52 -37.62
CA VAL A 266 5.65 -34.53 -36.80
C VAL A 266 4.15 -34.61 -36.91
N ASP A 267 3.46 -33.98 -35.94
CA ASP A 267 2.05 -33.63 -36.11
C ASP A 267 2.02 -32.41 -37.01
N VAL A 268 1.53 -32.59 -38.23
CA VAL A 268 1.75 -31.59 -39.27
C VAL A 268 0.96 -30.34 -38.95
N ASP A 269 -0.24 -30.53 -38.43
CA ASP A 269 -1.09 -29.39 -38.06
C ASP A 269 -0.41 -28.58 -36.96
N TYR A 270 0.20 -29.28 -36.00
CA TYR A 270 0.87 -28.59 -34.91
C TYR A 270 2.09 -27.88 -35.45
N ALA A 271 2.88 -28.57 -36.27
CA ALA A 271 4.06 -27.99 -36.89
C ALA A 271 3.65 -26.70 -37.57
N ALA A 272 2.55 -26.75 -38.29
CA ALA A 272 2.02 -25.60 -38.96
C ALA A 272 1.71 -24.46 -37.98
N ARG A 273 0.92 -24.73 -36.93
CA ARG A 273 0.54 -23.70 -35.96
C ARG A 273 1.77 -23.02 -35.35
N LEU A 274 2.72 -23.85 -34.89
CA LEU A 274 4.00 -23.38 -34.32
C LEU A 274 4.80 -22.56 -35.33
N ALA A 275 4.83 -23.04 -36.57
CA ALA A 275 5.62 -22.40 -37.61
C ALA A 275 5.02 -21.03 -37.94
N VAL A 276 3.70 -20.95 -37.91
CA VAL A 276 3.05 -19.67 -38.11
C VAL A 276 3.46 -18.73 -37.01
N PHE A 277 3.35 -19.19 -35.75
CA PHE A 277 3.77 -18.38 -34.60
C PHE A 277 5.19 -17.87 -34.69
N ALA A 278 6.11 -18.78 -34.94
CA ALA A 278 7.54 -18.48 -34.91
C ALA A 278 7.98 -17.60 -36.07
N SER A 279 7.53 -17.95 -37.28
CA SER A 279 7.89 -17.21 -38.47
C SER A 279 7.27 -15.84 -38.52
N LEU A 280 6.00 -15.75 -38.13
CA LEU A 280 5.30 -14.49 -38.31
C LEU A 280 5.04 -13.60 -37.08
N PHE A 281 5.34 -14.04 -35.86
CA PHE A 281 5.02 -13.20 -34.69
C PHE A 281 5.71 -11.86 -34.76
N HIS A 282 5.01 -10.85 -34.27
CA HIS A 282 5.42 -9.45 -34.40
C HIS A 282 5.80 -9.19 -35.84
N GLN A 283 4.97 -9.70 -36.74
CA GLN A 283 5.13 -9.53 -38.19
C GLN A 283 6.54 -9.88 -38.62
N GLY A 284 7.07 -10.98 -38.07
CA GLY A 284 8.37 -11.47 -38.45
C GLY A 284 9.52 -10.54 -38.13
N GLN A 285 9.29 -9.60 -37.25
CA GLN A 285 10.26 -8.58 -36.92
C GLN A 285 11.12 -8.99 -35.72
N ILE A 286 11.11 -10.27 -35.37
CA ILE A 286 11.98 -10.76 -34.33
C ILE A 286 13.35 -11.20 -34.90
N CYS A 287 14.45 -10.95 -34.18
CA CYS A 287 15.80 -11.38 -34.63
C CYS A 287 15.90 -12.91 -34.80
N THR A 288 15.31 -13.64 -33.87
CA THR A 288 15.31 -15.10 -33.86
C THR A 288 14.05 -15.69 -34.54
N SER A 289 13.33 -14.84 -35.27
CA SER A 289 12.15 -15.27 -36.03
C SER A 289 12.49 -16.45 -36.95
N ALA A 290 11.52 -17.33 -37.19
CA ALA A 290 11.83 -18.47 -38.02
C ALA A 290 11.68 -18.04 -39.47
N LYS A 291 12.81 -17.67 -40.06
CA LYS A 291 12.79 -16.91 -41.28
C LYS A 291 12.93 -17.77 -42.53
N ARG A 292 13.35 -19.01 -42.35
CA ARG A 292 13.43 -19.92 -43.49
C ARG A 292 12.86 -21.24 -43.08
N ILE A 293 11.71 -21.61 -43.64
CA ILE A 293 11.04 -22.81 -43.18
C ILE A 293 11.43 -23.96 -44.06
N ILE A 294 11.98 -25.01 -43.47
CA ILE A 294 12.48 -26.13 -44.24
C ILE A 294 11.69 -27.36 -43.88
N VAL A 295 11.02 -27.96 -44.86
CA VAL A 295 10.14 -29.09 -44.57
C VAL A 295 10.45 -30.29 -45.46
N HIS A 296 10.41 -31.45 -44.82
CA HIS A 296 10.64 -32.75 -45.44
C HIS A 296 9.50 -33.11 -46.41
N LYS A 297 9.85 -33.56 -47.61
CA LYS A 297 8.88 -33.84 -48.68
C LYS A 297 7.65 -34.66 -48.20
N ALA A 298 7.86 -35.72 -47.45
CA ALA A 298 6.74 -36.61 -47.11
C ALA A 298 5.54 -35.90 -46.47
N VAL A 299 5.81 -34.90 -45.64
CA VAL A 299 4.75 -34.08 -45.03
C VAL A 299 4.61 -32.68 -45.62
N ALA A 300 5.50 -32.33 -46.53
CA ALA A 300 5.56 -30.97 -47.08
C ALA A 300 4.20 -30.47 -47.64
N ASP A 301 3.50 -31.28 -48.42
CA ASP A 301 2.24 -30.84 -49.00
C ASP A 301 1.21 -30.44 -47.95
N LYS A 302 0.99 -31.35 -47.01
CA LYS A 302 -0.03 -31.12 -45.99
C LYS A 302 0.39 -29.91 -45.17
N PHE A 303 1.70 -29.82 -44.89
CA PHE A 303 2.22 -28.72 -44.09
C PHE A 303 1.97 -27.40 -44.75
N ILE A 304 2.25 -27.34 -46.05
CA ILE A 304 2.14 -26.10 -46.78
C ILE A 304 0.69 -25.67 -46.78
N GLU A 305 -0.22 -26.60 -47.05
CA GLU A 305 -1.65 -26.27 -46.99
C GLU A 305 -2.03 -25.71 -45.61
N ARG A 306 -1.66 -26.44 -44.56
CA ARG A 306 -2.11 -26.12 -43.22
C ARG A 306 -1.48 -24.84 -42.67
N TYR A 307 -0.23 -24.62 -43.05
CA TYR A 307 0.46 -23.39 -42.76
C TYR A 307 -0.29 -22.23 -43.39
N VAL A 308 -0.51 -22.31 -44.70
CA VAL A 308 -1.18 -21.20 -45.37
C VAL A 308 -2.57 -20.96 -44.74
N HIS A 309 -3.28 -22.04 -44.40
CA HIS A 309 -4.61 -21.92 -43.80
C HIS A 309 -4.57 -21.12 -42.49
N TYR A 310 -3.63 -21.44 -41.61
CA TYR A 310 -3.50 -20.63 -40.40
C TYR A 310 -3.07 -19.21 -40.71
N VAL A 311 -2.21 -19.02 -41.71
CA VAL A 311 -1.70 -17.69 -42.01
C VAL A 311 -2.79 -16.79 -42.53
N LYS A 312 -3.73 -17.40 -43.25
CA LYS A 312 -4.87 -16.70 -43.80
C LYS A 312 -5.82 -16.31 -42.69
N MET A 313 -5.76 -17.05 -41.59
CA MET A 313 -6.55 -16.78 -40.38
C MET A 313 -5.99 -15.62 -39.54
N LEU A 314 -4.76 -15.20 -39.86
CA LEU A 314 -4.14 -14.09 -39.16
C LEU A 314 -4.93 -12.81 -39.37
N ARG A 315 -5.20 -12.12 -38.27
CA ARG A 315 -5.98 -10.89 -38.33
C ARG A 315 -5.09 -9.66 -38.21
N ILE A 316 -5.00 -8.89 -39.29
CA ILE A 316 -4.18 -7.69 -39.25
C ILE A 316 -5.06 -6.47 -39.05
N ASP A 317 -4.64 -5.60 -38.16
CA ASP A 317 -5.45 -4.46 -37.77
C ASP A 317 -4.61 -3.46 -37.01
N ASP A 318 -5.23 -2.35 -36.61
CA ASP A 318 -4.65 -1.46 -35.61
C ASP A 318 -4.50 -2.24 -34.29
N PRO A 319 -3.27 -2.29 -33.73
CA PRO A 319 -2.96 -3.03 -32.48
C PRO A 319 -3.66 -2.45 -31.24
N ARG A 320 -4.21 -1.24 -31.39
CA ARG A 320 -4.96 -0.55 -30.33
C ARG A 320 -6.45 -0.91 -30.27
N LYS A 321 -6.95 -1.61 -31.27
CA LYS A 321 -8.40 -1.83 -31.34
C LYS A 321 -8.79 -2.78 -30.23
N ASP A 322 -7.98 -3.83 -30.08
CA ASP A 322 -8.21 -4.77 -29.01
C ASP A 322 -7.07 -5.76 -28.87
N GLU A 323 -7.24 -6.64 -27.90
CA GLU A 323 -6.20 -7.53 -27.49
C GLU A 323 -6.05 -8.74 -28.39
N LYS A 324 -7.03 -8.97 -29.24
CA LYS A 324 -7.03 -10.15 -30.08
C LYS A 324 -6.36 -9.91 -31.44
N VAL A 325 -5.95 -8.67 -31.72
CA VAL A 325 -5.24 -8.37 -32.96
C VAL A 325 -3.96 -9.23 -33.12
N ASP A 326 -3.89 -9.98 -34.22
CA ASP A 326 -2.76 -10.87 -34.49
C ASP A 326 -1.50 -10.14 -34.95
N LEU A 327 -1.64 -9.30 -35.97
CA LEU A 327 -0.51 -8.53 -36.47
C LEU A 327 -0.88 -7.06 -36.58
N GLY A 328 0.08 -6.20 -36.25
CA GLY A 328 -0.02 -4.77 -36.48
C GLY A 328 0.93 -4.32 -37.58
N PRO A 329 1.29 -3.05 -37.59
CA PRO A 329 2.13 -2.52 -38.67
C PRO A 329 3.62 -2.86 -38.54
N LEU A 330 4.34 -2.76 -39.64
CA LEU A 330 5.80 -2.71 -39.61
C LEU A 330 6.16 -1.35 -39.04
N ILE A 331 7.37 -1.22 -38.55
CA ILE A 331 7.79 0.01 -37.89
C ILE A 331 7.74 1.29 -38.77
N ASN A 332 8.14 1.21 -40.04
CA ASN A 332 8.19 2.43 -40.86
C ASN A 332 8.08 2.16 -42.37
N GLU A 333 8.10 3.22 -43.18
CA GLU A 333 7.86 3.09 -44.62
C GLU A 333 9.00 2.33 -45.30
N ARG A 334 10.21 2.62 -44.82
CA ARG A 334 11.43 1.95 -45.25
C ARG A 334 11.27 0.43 -45.20
N GLN A 335 10.63 -0.05 -44.14
CA GLN A 335 10.46 -1.49 -43.93
C GLN A 335 9.49 -2.13 -44.93
N VAL A 336 8.34 -1.49 -45.14
CA VAL A 336 7.43 -1.91 -46.19
C VAL A 336 8.15 -1.93 -47.53
N ALA A 337 8.85 -0.84 -47.84
CA ALA A 337 9.63 -0.77 -49.07
C ALA A 337 10.52 -2.02 -49.23
N LEU A 338 11.25 -2.35 -48.17
CA LEU A 338 12.13 -3.51 -48.15
C LEU A 338 11.36 -4.79 -48.44
N MET A 339 10.26 -5.01 -47.74
CA MET A 339 9.50 -6.23 -47.94
C MET A 339 9.00 -6.32 -49.39
N LYS A 340 8.72 -5.16 -49.98
CA LYS A 340 8.35 -5.11 -51.38
C LYS A 340 9.53 -5.57 -52.23
N GLU A 341 10.74 -5.08 -51.93
CA GLU A 341 11.93 -5.50 -52.67
C GLU A 341 12.07 -7.02 -52.66
N PHE A 342 11.87 -7.60 -51.48
CA PHE A 342 11.97 -9.05 -51.32
C PHE A 342 10.93 -9.79 -52.16
N VAL A 343 9.67 -9.40 -51.97
CA VAL A 343 8.55 -9.95 -52.72
C VAL A 343 8.80 -9.89 -54.23
N ASP A 344 9.14 -8.71 -54.73
CA ASP A 344 9.45 -8.49 -56.13
C ASP A 344 10.50 -9.47 -56.64
N ASP A 345 11.66 -9.46 -55.97
CA ASP A 345 12.75 -10.38 -56.32
C ASP A 345 12.28 -11.82 -56.41
N ALA A 346 11.65 -12.27 -55.34
CA ALA A 346 11.13 -13.63 -55.27
C ALA A 346 10.27 -13.98 -56.49
N VAL A 347 9.32 -13.11 -56.79
CA VAL A 347 8.40 -13.38 -57.90
C VAL A 347 9.17 -13.53 -59.22
N SER A 348 10.12 -12.62 -59.48
CA SER A 348 10.79 -12.65 -60.78
C SER A 348 11.94 -13.68 -60.83
N ARG A 349 12.17 -14.32 -59.70
CA ARG A 349 13.06 -15.48 -59.66
C ARG A 349 12.29 -16.80 -59.79
N GLY A 350 10.99 -16.71 -60.08
CA GLY A 350 10.20 -17.90 -60.33
C GLY A 350 9.49 -18.45 -59.11
N GLY A 351 9.56 -17.72 -58.01
CA GLY A 351 8.88 -18.14 -56.80
C GLY A 351 7.38 -18.17 -57.03
N ARG A 352 6.68 -19.08 -56.35
CA ARG A 352 5.21 -19.13 -56.37
C ARG A 352 4.63 -18.42 -55.15
N LEU A 353 3.79 -17.42 -55.38
CA LEU A 353 3.28 -16.61 -54.27
C LEU A 353 1.95 -17.17 -53.80
N LEU A 354 1.98 -17.84 -52.64
CA LEU A 354 0.87 -18.67 -52.20
C LEU A 354 -0.18 -17.85 -51.50
N ILE A 355 0.22 -16.67 -51.02
CA ILE A 355 -0.68 -15.82 -50.25
C ILE A 355 0.04 -14.52 -49.89
N GLY A 356 -0.75 -13.48 -49.63
CA GLY A 356 -0.26 -12.24 -49.07
C GLY A 356 0.62 -11.41 -49.96
N GLY A 357 1.14 -10.32 -49.39
CA GLY A 357 1.90 -9.33 -50.12
C GLY A 357 1.18 -8.00 -50.26
N ARG A 358 -0.12 -8.01 -50.01
CA ARG A 358 -0.92 -6.77 -49.97
C ARG A 358 -0.28 -5.84 -48.95
N SER A 359 -0.08 -4.57 -49.28
CA SER A 359 0.53 -3.67 -48.32
C SER A 359 -0.13 -2.30 -48.31
N TRP A 360 -0.73 -1.92 -47.18
CA TRP A 360 -1.36 -0.60 -47.09
C TRP A 360 -0.82 0.24 -45.93
N GLY A 361 -0.27 1.40 -46.26
CA GLY A 361 0.41 2.23 -45.28
C GLY A 361 1.60 1.44 -44.78
N ASN A 362 1.72 1.31 -43.47
CA ASN A 362 2.82 0.50 -42.92
C ASN A 362 2.41 -0.94 -42.65
N PHE A 363 1.20 -1.30 -43.05
CA PHE A 363 0.72 -2.67 -42.86
C PHE A 363 1.06 -3.59 -44.03
N PHE A 364 1.42 -4.82 -43.71
CA PHE A 364 1.83 -5.80 -44.71
C PHE A 364 1.26 -7.20 -44.47
N GLU A 365 0.45 -7.71 -45.40
CA GLU A 365 -0.03 -9.08 -45.27
C GLU A 365 1.06 -10.04 -45.59
N PRO A 366 1.33 -10.99 -44.67
CA PRO A 366 2.47 -11.90 -44.82
C PRO A 366 2.45 -12.60 -46.16
N ALA A 367 3.55 -12.50 -46.89
CA ALA A 367 3.67 -13.08 -48.21
C ALA A 367 4.40 -14.40 -48.08
N ILE A 368 3.76 -15.48 -48.49
CA ILE A 368 4.42 -16.77 -48.34
C ILE A 368 4.78 -17.37 -49.69
N PHE A 369 6.01 -17.85 -49.82
CA PHE A 369 6.50 -18.41 -51.10
C PHE A 369 6.89 -19.89 -51.05
N VAL A 370 6.72 -20.58 -52.18
CA VAL A 370 7.34 -21.90 -52.38
C VAL A 370 8.15 -21.88 -53.68
N ASP A 371 8.70 -23.02 -54.12
CA ASP A 371 9.52 -23.07 -55.34
C ASP A 371 10.64 -22.02 -55.28
N VAL A 372 11.36 -22.04 -54.17
CA VAL A 372 12.41 -21.07 -53.91
C VAL A 372 13.76 -21.77 -54.07
N ASP A 373 14.77 -21.05 -54.54
CA ASP A 373 16.11 -21.61 -54.57
C ASP A 373 17.06 -20.68 -53.80
N ARG A 374 18.24 -21.18 -53.47
CA ARG A 374 19.16 -20.48 -52.59
C ARG A 374 19.64 -19.10 -53.11
N ASN A 375 19.29 -18.74 -54.35
CA ASN A 375 19.65 -17.42 -54.89
C ASN A 375 18.64 -16.31 -54.62
N PHE A 376 17.44 -16.70 -54.17
CA PHE A 376 16.41 -15.75 -53.76
C PHE A 376 16.95 -14.79 -52.71
N ARG A 377 16.65 -13.51 -52.86
CA ARG A 377 17.07 -12.56 -51.84
C ARG A 377 16.52 -13.02 -50.49
N ILE A 378 15.29 -13.54 -50.45
CA ILE A 378 14.73 -13.94 -49.16
C ILE A 378 15.32 -15.24 -48.58
N MET A 379 16.13 -15.97 -49.34
CA MET A 379 16.98 -16.99 -48.74
C MET A 379 18.32 -16.44 -48.24
N ARG A 380 18.92 -15.56 -49.05
CA ARG A 380 20.30 -15.14 -48.83
C ARG A 380 20.54 -14.02 -47.82
N GLU A 381 19.50 -13.22 -47.54
CA GLU A 381 19.62 -12.10 -46.59
C GLU A 381 18.59 -12.24 -45.49
N GLU A 382 18.82 -11.58 -44.35
CA GLU A 382 17.83 -11.59 -43.28
C GLU A 382 16.60 -10.86 -43.76
N VAL A 383 15.44 -11.49 -43.60
CA VAL A 383 14.18 -10.86 -43.95
C VAL A 383 13.43 -10.41 -42.70
N PHE A 384 13.47 -9.12 -42.41
CA PHE A 384 12.94 -8.68 -41.13
C PHE A 384 11.57 -8.08 -41.38
N GLY A 385 10.56 -8.93 -41.29
CA GLY A 385 9.24 -8.54 -41.75
C GLY A 385 8.53 -9.78 -42.26
N PRO A 386 7.25 -9.66 -42.65
CA PRO A 386 6.48 -10.88 -42.94
C PRO A 386 6.53 -11.30 -44.42
N VAL A 387 7.71 -11.68 -44.89
CA VAL A 387 7.84 -12.45 -46.12
C VAL A 387 8.60 -13.72 -45.78
N ARG A 388 8.04 -14.89 -46.07
CA ARG A 388 8.75 -16.14 -45.72
C ARG A 388 8.78 -17.22 -46.81
N PRO A 389 9.97 -17.84 -46.99
CA PRO A 389 10.14 -19.03 -47.81
C PRO A 389 9.78 -20.36 -47.13
N ILE A 390 9.18 -21.26 -47.91
CA ILE A 390 9.15 -22.66 -47.54
C ILE A 390 9.93 -23.45 -48.58
N VAL A 391 10.90 -24.22 -48.12
CA VAL A 391 11.76 -25.02 -48.99
C VAL A 391 11.60 -26.49 -48.66
N VAL A 392 11.41 -27.31 -49.69
CA VAL A 392 11.22 -28.74 -49.44
C VAL A 392 12.52 -29.48 -49.63
N VAL A 393 12.77 -30.45 -48.75
CA VAL A 393 14.03 -31.17 -48.81
C VAL A 393 13.72 -32.65 -48.75
N GLU A 394 14.62 -33.46 -49.32
CA GLU A 394 14.38 -34.90 -49.44
C GLU A 394 14.76 -35.74 -48.21
N ASN A 395 15.75 -35.28 -47.46
CA ASN A 395 16.14 -36.02 -46.26
C ASN A 395 16.81 -35.11 -45.24
N ASP A 396 17.12 -35.66 -44.07
CA ASP A 396 17.76 -34.89 -42.99
C ASP A 396 19.04 -34.18 -43.46
N ASP A 397 19.89 -34.89 -44.19
CA ASP A 397 21.15 -34.31 -44.66
C ASP A 397 20.88 -33.04 -45.42
N GLN A 398 19.96 -33.11 -46.38
CA GLN A 398 19.63 -31.96 -47.21
C GLN A 398 19.05 -30.83 -46.37
N ALA A 399 18.18 -31.19 -45.43
CA ALA A 399 17.59 -30.21 -44.52
C ALA A 399 18.68 -29.44 -43.78
N VAL A 400 19.72 -30.16 -43.33
CA VAL A 400 20.82 -29.52 -42.63
C VAL A 400 21.64 -28.67 -43.58
N GLU A 401 21.82 -29.16 -44.81
CA GLU A 401 22.55 -28.41 -45.80
C GLU A 401 21.87 -27.06 -46.09
N VAL A 402 20.55 -27.04 -46.24
CA VAL A 402 19.85 -25.79 -46.47
C VAL A 402 19.86 -24.90 -45.24
N ALA A 403 19.55 -25.52 -44.09
CA ALA A 403 19.52 -24.85 -42.82
C ALA A 403 20.81 -24.08 -42.60
N ASN A 404 21.91 -24.70 -42.98
CA ASN A 404 23.22 -24.11 -42.82
C ASN A 404 23.59 -23.13 -43.92
N ASP A 405 22.83 -23.09 -45.02
CA ASP A 405 23.27 -22.25 -46.16
C ASP A 405 22.71 -20.84 -46.02
N THR A 406 23.54 -20.00 -45.43
CA THR A 406 23.15 -18.69 -44.94
C THR A 406 24.37 -18.15 -44.27
N ASP A 407 24.47 -16.85 -44.15
CA ASP A 407 25.68 -16.29 -43.58
C ASP A 407 25.47 -16.20 -42.07
N TYR A 408 24.23 -16.43 -41.67
CA TYR A 408 23.79 -16.21 -40.31
C TYR A 408 23.86 -17.48 -39.46
N GLY A 409 24.18 -17.26 -38.20
CA GLY A 409 24.26 -18.29 -37.18
C GLY A 409 23.36 -18.17 -35.95
N LEU A 410 22.30 -17.39 -35.99
CA LEU A 410 21.78 -16.97 -34.70
C LEU A 410 21.12 -18.13 -33.96
N SER A 411 19.93 -18.55 -34.39
CA SER A 411 19.27 -19.65 -33.71
C SER A 411 18.71 -20.63 -34.73
N GLY A 412 17.94 -21.60 -34.25
CA GLY A 412 17.37 -22.61 -35.12
C GLY A 412 16.51 -23.59 -34.36
N ALA A 413 15.72 -24.36 -35.08
CA ALA A 413 14.84 -25.30 -34.44
C ALA A 413 14.56 -26.47 -35.34
N VAL A 414 14.25 -27.61 -34.74
CA VAL A 414 13.79 -28.77 -35.50
C VAL A 414 12.58 -29.40 -34.83
N LEU A 415 11.60 -29.77 -35.63
CA LEU A 415 10.44 -30.48 -35.15
C LEU A 415 10.54 -31.95 -35.55
N THR A 416 10.51 -32.83 -34.53
CA THR A 416 10.59 -34.26 -34.75
C THR A 416 10.45 -35.01 -33.44
N ASN A 417 10.05 -36.27 -33.48
CA ASN A 417 10.07 -37.10 -32.28
C ASN A 417 11.18 -38.12 -32.21
N ASN A 418 11.98 -38.19 -33.26
CA ASN A 418 13.10 -39.12 -33.23
C ASN A 418 14.30 -38.48 -32.55
N VAL A 419 14.69 -39.05 -31.41
CA VAL A 419 15.68 -38.42 -30.57
C VAL A 419 17.01 -38.36 -31.31
N ASN A 420 17.25 -39.34 -32.17
CA ASN A 420 18.48 -39.33 -32.96
C ASN A 420 18.46 -38.25 -34.04
N ARG A 421 17.42 -38.23 -34.84
CA ARG A 421 17.31 -37.21 -35.87
C ARG A 421 17.36 -35.82 -35.21
N ALA A 422 16.59 -35.64 -34.14
CA ALA A 422 16.57 -34.40 -33.37
C ALA A 422 17.96 -33.95 -32.94
N PHE A 423 18.73 -34.88 -32.38
CA PHE A 423 20.04 -34.51 -31.86
C PHE A 423 21.05 -34.31 -32.99
N ARG A 424 21.07 -35.22 -33.96
CA ARG A 424 22.02 -35.14 -35.05
C ARG A 424 21.88 -33.84 -35.80
N ILE A 425 20.62 -33.39 -35.92
CA ILE A 425 20.32 -32.11 -36.56
C ILE A 425 20.69 -30.97 -35.65
N ALA A 426 20.32 -31.08 -34.38
CA ALA A 426 20.66 -30.05 -33.41
C ALA A 426 22.16 -29.76 -33.43
N GLU A 427 22.99 -30.81 -33.47
CA GLU A 427 24.44 -30.60 -33.42
C GLU A 427 24.95 -30.21 -34.80
N ALA A 428 24.28 -30.65 -35.87
CA ALA A 428 24.74 -30.33 -37.24
C ALA A 428 24.55 -28.88 -37.66
N VAL A 429 23.42 -28.31 -37.30
CA VAL A 429 23.10 -26.93 -37.63
C VAL A 429 24.04 -25.95 -36.95
N GLU A 430 24.60 -25.02 -37.73
CA GLU A 430 25.60 -24.11 -37.19
C GLU A 430 24.93 -22.84 -36.74
N SER A 431 24.76 -22.76 -35.42
CA SER A 431 24.05 -21.68 -34.78
C SER A 431 24.41 -21.55 -33.30
N GLY A 432 24.20 -20.36 -32.74
CA GLY A 432 24.52 -20.13 -31.35
C GLY A 432 23.48 -20.72 -30.44
N MET A 433 22.29 -20.94 -30.98
CA MET A 433 21.18 -21.47 -30.20
C MET A 433 20.41 -22.47 -31.01
N PHE A 434 19.75 -23.38 -30.33
CA PHE A 434 18.94 -24.34 -31.02
C PHE A 434 17.89 -24.87 -30.09
N HIS A 435 16.72 -25.16 -30.65
CA HIS A 435 15.61 -25.60 -29.85
C HIS A 435 14.94 -26.74 -30.57
N ILE A 436 14.78 -27.84 -29.86
CA ILE A 436 14.13 -29.00 -30.38
C ILE A 436 12.69 -28.98 -29.92
N ASN A 437 11.78 -29.08 -30.90
CA ASN A 437 10.35 -29.08 -30.68
C ASN A 437 9.80 -27.82 -30.03
N ASP A 438 10.19 -26.67 -30.57
CA ASP A 438 9.72 -25.39 -30.06
C ASP A 438 10.12 -24.30 -31.03
N VAL A 439 9.67 -23.08 -30.78
CA VAL A 439 9.85 -21.99 -31.71
C VAL A 439 11.30 -21.54 -31.69
N THR A 440 11.77 -20.96 -32.78
CA THR A 440 13.17 -20.57 -32.85
C THR A 440 13.54 -19.46 -31.85
N PHE A 441 12.57 -18.62 -31.49
CA PHE A 441 12.86 -17.41 -30.74
C PHE A 441 12.76 -17.54 -29.20
N LEU A 442 12.71 -18.78 -28.71
CA LEU A 442 12.75 -19.05 -27.26
C LEU A 442 13.91 -18.27 -26.65
N GLU A 443 13.58 -17.54 -25.58
CA GLU A 443 14.51 -16.67 -24.87
C GLU A 443 14.16 -16.66 -23.38
N GLU A 444 15.17 -16.79 -22.53
CA GLU A 444 14.95 -16.74 -21.09
C GLU A 444 15.94 -15.73 -20.52
N SER A 445 15.64 -15.25 -19.32
CA SER A 445 16.40 -14.16 -18.73
C SER A 445 17.85 -14.54 -18.46
N HIS A 446 18.04 -15.77 -18.04
CA HIS A 446 19.33 -16.18 -17.52
C HIS A 446 20.19 -17.04 -18.47
N VAL A 447 19.76 -17.26 -19.72
CA VAL A 447 20.51 -18.19 -20.59
C VAL A 447 21.29 -17.38 -21.61
N PRO A 448 22.40 -17.97 -22.13
CA PRO A 448 23.36 -17.39 -23.08
C PRO A 448 22.82 -17.17 -24.48
N PHE A 449 22.21 -16.00 -24.66
CA PHE A 449 21.62 -15.63 -25.93
C PHE A 449 22.62 -14.99 -26.88
N GLY A 450 22.76 -15.56 -28.07
CA GLY A 450 23.61 -14.98 -29.09
C GLY A 450 23.92 -15.95 -30.21
N GLY A 451 24.43 -15.42 -31.32
CA GLY A 451 24.71 -16.20 -32.51
C GLY A 451 26.16 -16.42 -32.81
N ILE A 452 26.41 -17.13 -33.91
CA ILE A 452 27.75 -17.29 -34.45
C ILE A 452 27.67 -16.86 -35.88
N LYS A 453 28.73 -17.11 -36.65
CA LYS A 453 28.77 -16.68 -38.04
C LYS A 453 28.47 -15.17 -38.14
N ALA A 454 27.56 -14.75 -39.03
CA ALA A 454 27.39 -13.32 -39.24
C ALA A 454 26.44 -12.71 -38.22
N SER A 455 25.97 -13.55 -37.30
CA SER A 455 24.93 -13.16 -36.36
C SER A 455 25.50 -12.44 -35.15
N GLY A 456 26.80 -12.25 -35.13
CA GLY A 456 27.42 -11.47 -34.08
C GLY A 456 28.24 -12.23 -33.07
N VAL A 457 28.68 -11.54 -32.02
CA VAL A 457 29.61 -12.10 -31.06
C VAL A 457 29.19 -11.86 -29.61
N GLY A 458 29.45 -12.84 -28.76
CA GLY A 458 29.09 -12.73 -27.35
C GLY A 458 27.76 -13.36 -27.01
N ARG A 459 27.45 -13.40 -25.73
CA ARG A 459 26.19 -13.95 -25.28
C ARG A 459 25.58 -12.99 -24.28
N GLU A 460 24.27 -13.06 -24.07
CA GLU A 460 23.63 -12.16 -23.13
C GLU A 460 22.49 -12.77 -22.33
N GLY A 461 22.33 -12.20 -21.15
CA GLY A 461 21.40 -12.63 -20.12
C GLY A 461 22.14 -13.41 -19.06
N GLY A 462 21.76 -13.15 -17.80
CA GLY A 462 22.41 -13.73 -16.65
C GLY A 462 23.92 -13.59 -16.64
N GLU A 463 24.57 -14.61 -16.08
CA GLU A 463 26.02 -14.57 -15.88
C GLU A 463 26.72 -14.34 -17.21
N TRP A 464 26.06 -14.63 -18.32
CA TRP A 464 26.68 -14.48 -19.63
C TRP A 464 26.89 -13.01 -19.95
N SER A 465 25.85 -12.22 -19.71
CA SER A 465 25.97 -10.77 -19.74
C SER A 465 27.10 -10.37 -18.81
N PHE A 466 27.11 -10.97 -17.64
CA PHE A 466 28.15 -10.63 -16.70
C PHE A 466 29.54 -10.83 -17.31
N HIS A 467 29.76 -11.95 -18.01
CA HIS A 467 31.06 -12.20 -18.64
C HIS A 467 31.38 -11.12 -19.66
N GLU A 468 30.37 -10.67 -20.41
CA GLU A 468 30.60 -9.64 -21.42
C GLU A 468 31.11 -8.33 -20.85
N THR A 469 30.44 -7.84 -19.82
CA THR A 469 30.77 -6.54 -19.23
C THR A 469 31.70 -6.60 -17.96
N THR A 470 32.29 -7.75 -17.63
CA THR A 470 33.39 -7.77 -16.65
C THR A 470 34.70 -8.36 -17.18
N TYR A 471 35.79 -8.15 -16.45
CA TYR A 471 37.05 -8.82 -16.73
C TYR A 471 37.61 -9.55 -15.51
N ASP A 472 38.40 -10.59 -15.78
CA ASP A 472 39.05 -11.42 -14.74
C ASP A 472 40.36 -10.78 -14.32
N ARG A 473 40.67 -10.81 -13.03
CA ARG A 473 41.96 -10.32 -12.59
C ARG A 473 42.70 -11.32 -11.72
N TRP A 474 43.76 -11.89 -12.27
CA TRP A 474 44.58 -12.85 -11.57
C TRP A 474 45.34 -12.08 -10.51
N VAL A 475 45.30 -12.56 -9.28
CA VAL A 475 45.96 -11.89 -8.16
C VAL A 475 46.65 -12.95 -7.32
N THR A 476 47.86 -12.64 -6.86
CA THR A 476 48.62 -13.60 -6.06
C THR A 476 49.34 -13.01 -4.87
N VAL A 477 49.42 -13.82 -3.81
CA VAL A 477 50.24 -13.51 -2.66
C VAL A 477 51.34 -14.55 -2.52
N THR A 478 52.59 -14.10 -2.52
CA THR A 478 53.72 -14.98 -2.23
C THR A 478 54.19 -14.84 -0.78
N LEU A 479 54.20 -15.97 -0.09
CA LEU A 479 54.54 -16.03 1.34
C LEU A 479 55.95 -16.49 1.69
N ARG A 480 56.79 -16.73 0.69
CA ARG A 480 58.17 -17.11 0.91
C ARG A 480 59.07 -16.20 0.09
N THR A 481 60.33 -16.14 0.42
CA THR A 481 61.26 -15.42 -0.43
C THR A 481 62.10 -16.43 -1.17
N ARG A 482 62.46 -16.13 -2.41
CA ARG A 482 63.35 -17.03 -3.12
C ARG A 482 64.55 -16.32 -3.71
N ARG A 483 65.45 -17.11 -4.30
CA ARG A 483 66.65 -16.58 -4.92
C ARG A 483 66.38 -16.35 -6.42
N PHE A 484 67.00 -15.33 -7.01
CA PHE A 484 66.75 -15.04 -8.42
C PHE A 484 67.97 -15.29 -9.30
N PRO A 485 67.74 -15.74 -10.54
CA PRO A 485 68.79 -16.17 -11.49
C PRO A 485 69.76 -15.08 -11.97
N ILE A 486 69.40 -13.81 -11.83
CA ILE A 486 70.35 -12.74 -12.06
C ILE A 486 70.35 -11.75 -10.88
N PRO A 487 71.55 -11.26 -10.50
CA PRO A 487 72.84 -11.63 -11.08
C PRO A 487 73.25 -13.04 -10.67
N SER A 488 73.78 -13.81 -11.61
CA SER A 488 74.16 -15.19 -11.33
C SER A 488 75.35 -15.26 -10.38
N ALA A 489 76.08 -14.16 -10.29
CA ALA A 489 77.27 -14.04 -9.44
C ALA A 489 77.02 -14.42 -7.97
N LEU A 490 75.97 -13.86 -7.39
CA LEU A 490 75.64 -14.08 -5.97
C LEU A 490 75.40 -15.55 -5.64
N MET B 7 71.23 -23.91 -42.99
CA MET B 7 70.15 -24.68 -42.37
C MET B 7 68.79 -24.33 -43.01
N LYS B 8 68.19 -25.26 -43.77
CA LYS B 8 67.05 -24.89 -44.63
C LYS B 8 65.66 -25.23 -44.05
N VAL B 9 64.92 -24.16 -43.78
CA VAL B 9 63.66 -24.17 -43.06
C VAL B 9 62.47 -23.94 -44.01
N ALA B 10 61.35 -24.64 -43.76
CA ALA B 10 60.18 -24.61 -44.63
C ALA B 10 58.90 -24.26 -43.87
N ASN B 11 57.82 -24.00 -44.62
CA ASN B 11 56.48 -23.88 -44.04
C ASN B 11 55.90 -25.26 -43.80
N TYR B 12 54.97 -25.37 -42.86
CA TYR B 12 54.26 -26.64 -42.66
C TYR B 12 52.80 -26.48 -43.06
N ILE B 13 52.36 -27.21 -44.08
CA ILE B 13 50.98 -27.08 -44.53
C ILE B 13 50.40 -28.45 -44.87
N ASN B 14 49.22 -28.73 -44.29
CA ASN B 14 48.48 -29.95 -44.55
C ASN B 14 49.34 -31.21 -44.36
N GLY B 15 50.10 -31.23 -43.27
CA GLY B 15 50.87 -32.39 -42.87
C GLY B 15 52.17 -32.57 -43.64
N GLU B 16 52.45 -31.59 -44.49
CA GLU B 16 53.56 -31.66 -45.43
C GLU B 16 54.44 -30.42 -45.31
N PHE B 17 55.73 -30.60 -45.06
CA PHE B 17 56.67 -29.47 -45.14
C PHE B 17 56.92 -29.06 -46.59
N LYS B 18 56.76 -27.77 -46.87
CA LYS B 18 56.93 -27.32 -48.24
C LYS B 18 57.47 -25.91 -48.31
N GLU B 19 57.94 -25.58 -49.50
CA GLU B 19 58.46 -24.28 -49.81
C GLU B 19 57.37 -23.23 -49.91
N PRO B 20 57.76 -21.96 -49.77
CA PRO B 20 56.78 -20.94 -50.18
C PRO B 20 56.53 -21.12 -51.65
N SER B 21 55.31 -20.84 -52.10
CA SER B 21 54.96 -20.97 -53.51
C SER B 21 55.97 -20.20 -54.38
N THR B 22 56.15 -18.92 -54.07
CA THR B 22 57.05 -18.02 -54.81
C THR B 22 58.54 -18.39 -54.75
N GLY B 23 58.87 -19.39 -53.95
CA GLY B 23 60.25 -19.86 -53.87
C GLY B 23 61.16 -18.92 -53.09
N ALA B 24 60.64 -17.72 -52.80
CA ALA B 24 61.35 -16.70 -52.06
C ALA B 24 61.90 -17.19 -50.72
N PHE B 25 63.13 -16.82 -50.42
CA PHE B 25 63.67 -17.04 -49.09
C PHE B 25 64.41 -15.78 -48.61
N GLN B 26 64.63 -15.70 -47.30
CA GLN B 26 65.40 -14.61 -46.72
C GLN B 26 66.28 -15.19 -45.63
N VAL B 27 67.39 -14.52 -45.33
CA VAL B 27 68.33 -15.11 -44.39
C VAL B 27 68.13 -14.51 -43.00
N LYS B 28 67.88 -15.37 -42.02
CA LYS B 28 67.84 -14.99 -40.62
C LYS B 28 69.26 -15.09 -40.02
N THR B 29 69.69 -13.95 -39.45
CA THR B 29 71.01 -13.77 -38.84
C THR B 29 70.92 -13.57 -37.33
N SER B 30 71.93 -14.08 -36.61
CA SER B 30 71.96 -14.02 -35.16
C SER B 30 72.01 -12.60 -34.59
N PRO B 31 71.27 -12.36 -33.49
CA PRO B 31 71.40 -11.05 -32.83
C PRO B 31 72.76 -10.88 -32.13
N VAL B 32 73.47 -11.98 -31.91
CA VAL B 32 74.74 -11.91 -31.19
C VAL B 32 75.84 -11.35 -32.08
N ASP B 33 76.30 -12.15 -33.04
CA ASP B 33 77.32 -11.73 -33.99
C ASP B 33 76.82 -11.35 -35.37
N GLY B 34 75.54 -11.54 -35.65
CA GLY B 34 75.05 -11.30 -37.00
C GLY B 34 75.47 -12.38 -37.99
N SER B 35 75.87 -13.54 -37.47
CA SER B 35 76.15 -14.72 -38.29
C SER B 35 74.89 -15.28 -38.91
N LYS B 36 75.01 -15.97 -40.03
CA LYS B 36 73.85 -16.59 -40.65
C LYS B 36 73.44 -17.80 -39.81
N ILE B 37 72.18 -17.81 -39.42
CA ILE B 37 71.58 -18.94 -38.73
C ILE B 37 70.88 -19.82 -39.74
N ALA B 38 69.91 -19.24 -40.44
CA ALA B 38 69.14 -20.07 -41.36
C ALA B 38 68.56 -19.34 -42.56
N GLU B 39 68.18 -20.13 -43.56
CA GLU B 39 67.39 -19.63 -44.69
C GLU B 39 65.92 -19.92 -44.46
N VAL B 40 65.11 -18.88 -44.31
CA VAL B 40 63.70 -19.05 -43.96
C VAL B 40 62.79 -18.51 -45.06
N PRO B 41 61.52 -18.96 -45.10
CA PRO B 41 60.63 -18.49 -46.17
C PRO B 41 60.23 -17.01 -46.07
N ARG B 42 59.87 -16.44 -47.21
CA ARG B 42 59.21 -15.13 -47.25
C ARG B 42 57.95 -15.38 -48.07
N SER B 43 56.80 -15.39 -47.40
CA SER B 43 55.63 -16.06 -47.95
C SER B 43 54.52 -15.09 -48.31
N GLY B 44 53.73 -15.45 -49.32
CA GLY B 44 52.71 -14.56 -49.86
C GLY B 44 51.31 -15.01 -49.51
N ARG B 45 50.32 -14.27 -50.01
CA ARG B 45 48.93 -14.63 -49.72
C ARG B 45 48.63 -16.07 -50.12
N GLU B 46 49.08 -16.51 -51.31
CA GLU B 46 48.79 -17.87 -51.78
C GLU B 46 49.10 -18.87 -50.66
N ASP B 47 50.25 -18.68 -50.00
CA ASP B 47 50.71 -19.57 -48.94
C ASP B 47 49.82 -19.49 -47.71
N ALA B 48 49.48 -18.26 -47.32
CA ALA B 48 48.62 -18.04 -46.18
C ALA B 48 47.29 -18.75 -46.42
N ARG B 49 46.63 -18.42 -47.53
CA ARG B 49 45.37 -19.03 -47.92
C ARG B 49 45.50 -20.55 -47.95
N GLU B 50 46.64 -21.06 -48.38
CA GLU B 50 46.79 -22.52 -48.45
C GLU B 50 46.75 -23.11 -47.03
N ALA B 51 47.36 -22.42 -46.09
CA ALA B 51 47.27 -22.85 -44.69
C ALA B 51 45.84 -22.75 -44.15
N ILE B 52 45.25 -21.57 -44.31
CA ILE B 52 43.91 -21.34 -43.83
C ILE B 52 42.94 -22.39 -44.38
N ASP B 53 43.03 -22.70 -45.66
CA ASP B 53 42.13 -23.70 -46.28
C ASP B 53 42.42 -25.09 -45.76
N SER B 54 43.70 -25.43 -45.66
CA SER B 54 44.07 -26.71 -45.08
C SER B 54 43.42 -26.90 -43.70
N ALA B 55 43.42 -25.83 -42.90
CA ALA B 55 42.88 -25.87 -41.54
C ALA B 55 41.35 -25.82 -41.51
N PHE B 56 40.75 -25.18 -42.50
CA PHE B 56 39.30 -25.18 -42.55
C PHE B 56 38.78 -26.55 -42.96
N GLU B 57 39.51 -27.24 -43.83
CA GLU B 57 39.08 -28.58 -44.26
C GLU B 57 39.34 -29.58 -43.14
N ALA B 58 40.46 -29.41 -42.44
CA ALA B 58 40.71 -30.24 -41.26
C ALA B 58 39.71 -30.03 -40.12
N LEU B 59 39.12 -28.82 -40.05
CA LEU B 59 38.36 -28.35 -38.89
C LEU B 59 37.22 -29.25 -38.34
N LYS B 60 36.27 -29.62 -39.19
CA LYS B 60 35.14 -30.43 -38.71
C LYS B 60 35.60 -31.80 -38.23
N ALA B 61 36.47 -32.44 -39.01
CA ALA B 61 37.07 -33.70 -38.58
C ALA B 61 37.75 -33.58 -37.20
N TRP B 62 38.65 -32.62 -37.05
CA TRP B 62 39.41 -32.46 -35.79
C TRP B 62 38.53 -32.06 -34.59
N ALA B 63 37.51 -31.26 -34.84
CA ALA B 63 36.62 -30.79 -33.79
C ALA B 63 35.59 -31.84 -33.34
N ASN B 64 35.15 -32.68 -34.27
CA ASN B 64 34.11 -33.65 -33.93
C ASN B 64 34.58 -34.91 -33.19
N ILE B 65 35.87 -35.23 -33.26
CA ILE B 65 36.41 -36.37 -32.50
C ILE B 65 36.21 -36.15 -30.99
N PRO B 66 36.18 -37.24 -30.22
CA PRO B 66 36.18 -37.10 -28.76
C PRO B 66 37.35 -36.29 -28.26
N ALA B 67 37.14 -35.54 -27.17
CA ALA B 67 38.18 -34.65 -26.64
C ALA B 67 39.41 -35.43 -26.15
N ILE B 68 39.19 -36.59 -25.55
CA ILE B 68 40.27 -37.43 -25.04
C ILE B 68 41.28 -37.82 -26.14
N ARG B 69 40.82 -37.82 -27.38
CA ARG B 69 41.70 -38.17 -28.49
C ARG B 69 42.65 -36.97 -28.79
N ARG B 70 42.07 -35.77 -28.80
CA ARG B 70 42.88 -34.56 -28.87
C ARG B 70 43.89 -34.59 -27.73
N ALA B 71 43.44 -34.90 -26.52
CA ALA B 71 44.35 -35.00 -25.39
C ALA B 71 45.51 -35.95 -25.68
N GLU B 72 45.20 -37.09 -26.28
CA GLU B 72 46.24 -38.03 -26.69
C GLU B 72 47.26 -37.33 -27.55
N TYR B 73 46.79 -36.55 -28.54
CA TYR B 73 47.71 -35.81 -29.42
C TYR B 73 48.56 -34.77 -28.69
N LEU B 74 47.98 -34.08 -27.73
CA LEU B 74 48.72 -33.09 -26.97
C LEU B 74 49.74 -33.77 -26.04
N TYR B 75 49.39 -34.95 -25.55
CA TYR B 75 50.31 -35.70 -24.72
C TYR B 75 51.48 -36.19 -25.55
N LYS B 76 51.18 -36.65 -26.76
CA LYS B 76 52.26 -37.07 -27.65
C LYS B 76 53.17 -35.89 -27.92
N MET B 77 52.54 -34.75 -28.18
CA MET B 77 53.27 -33.52 -28.43
C MET B 77 54.17 -33.19 -27.25
N LEU B 78 53.69 -33.52 -26.05
CA LEU B 78 54.47 -33.35 -24.83
C LEU B 78 55.73 -34.21 -24.91
N GLU B 79 55.57 -35.48 -25.26
CA GLU B 79 56.73 -36.39 -25.40
C GLU B 79 57.78 -35.92 -26.42
N VAL B 80 57.31 -35.50 -27.59
CA VAL B 80 58.23 -35.03 -28.60
C VAL B 80 58.95 -33.80 -28.08
N PHE B 81 58.20 -32.84 -27.55
CA PHE B 81 58.85 -31.66 -27.01
C PHE B 81 59.93 -32.03 -25.95
N ARG B 82 59.63 -33.06 -25.17
CA ARG B 82 60.58 -33.48 -24.16
C ARG B 82 61.86 -33.95 -24.84
N GLN B 83 61.75 -34.70 -25.94
CA GLN B 83 62.99 -35.09 -26.59
C GLN B 83 63.62 -33.95 -27.42
N MET B 84 62.88 -32.85 -27.60
CA MET B 84 63.43 -31.69 -28.34
C MET B 84 63.95 -30.55 -27.46
N LYS B 85 63.93 -30.76 -26.14
CA LYS B 85 64.31 -29.72 -25.20
C LYS B 85 65.62 -29.00 -25.56
N GLU B 86 66.67 -29.79 -25.80
CA GLU B 86 67.98 -29.26 -26.15
C GLU B 86 67.90 -28.36 -27.37
N ASP B 87 67.37 -28.91 -28.47
CA ASP B 87 67.22 -28.17 -29.73
C ASP B 87 66.53 -26.81 -29.52
N PHE B 88 65.41 -26.83 -28.81
CA PHE B 88 64.70 -25.59 -28.58
C PHE B 88 65.58 -24.61 -27.83
N MET B 89 66.26 -25.10 -26.79
CA MET B 89 67.16 -24.25 -26.00
C MET B 89 68.21 -23.55 -26.87
N LYS B 90 68.96 -24.37 -27.60
CA LYS B 90 69.97 -23.90 -28.53
C LYS B 90 69.38 -22.81 -29.44
N ILE B 91 68.28 -23.12 -30.12
CA ILE B 91 67.78 -22.17 -31.10
C ILE B 91 67.19 -20.92 -30.45
N LEU B 92 66.86 -21.01 -29.16
CA LEU B 92 66.27 -19.89 -28.44
C LEU B 92 67.35 -18.87 -28.11
N THR B 93 68.51 -19.41 -27.74
CA THR B 93 69.70 -18.59 -27.50
C THR B 93 70.29 -17.99 -28.80
N VAL B 94 70.52 -18.85 -29.80
CA VAL B 94 71.12 -18.41 -31.05
C VAL B 94 70.27 -17.41 -31.82
N GLU B 95 69.00 -17.74 -31.98
CA GLU B 95 68.05 -16.91 -32.71
C GLU B 95 67.45 -15.75 -31.89
N GLY B 96 67.10 -16.04 -30.63
CA GLY B 96 66.42 -15.06 -29.80
C GLY B 96 67.36 -14.29 -28.90
N GLY B 97 68.55 -14.83 -28.69
CA GLY B 97 69.55 -14.15 -27.90
C GLY B 97 69.33 -14.33 -26.43
N GLY B 98 68.54 -15.33 -26.05
CA GLY B 98 68.23 -15.55 -24.66
C GLY B 98 69.39 -16.23 -23.97
N THR B 99 69.59 -15.93 -22.69
CA THR B 99 70.70 -16.54 -21.97
C THR B 99 70.36 -17.99 -21.69
N TYR B 100 71.31 -18.77 -21.18
CA TYR B 100 70.99 -20.18 -20.95
C TYR B 100 69.86 -20.26 -19.94
N ARG B 101 69.99 -19.51 -18.85
CA ARG B 101 69.02 -19.58 -17.78
C ARG B 101 67.61 -19.19 -18.27
N LYS B 102 67.55 -18.14 -19.07
CA LYS B 102 66.26 -17.66 -19.58
C LYS B 102 65.56 -18.69 -20.45
N VAL B 103 66.31 -19.29 -21.38
CA VAL B 103 65.73 -20.24 -22.32
C VAL B 103 65.45 -21.58 -21.64
N TRP B 104 66.18 -21.88 -20.59
CA TRP B 104 65.91 -23.08 -19.81
C TRP B 104 64.56 -22.90 -19.14
N GLY B 105 64.38 -21.75 -18.49
CA GLY B 105 63.09 -21.46 -17.88
C GLY B 105 61.95 -21.51 -18.87
N GLU B 106 62.18 -20.97 -20.06
CA GLU B 106 61.16 -20.97 -21.10
C GLU B 106 60.79 -22.37 -21.55
N VAL B 107 61.78 -23.24 -21.69
CA VAL B 107 61.51 -24.62 -22.10
C VAL B 107 60.75 -25.41 -21.00
N VAL B 108 61.13 -25.19 -19.74
CA VAL B 108 60.39 -25.81 -18.64
C VAL B 108 58.91 -25.38 -18.65
N PHE B 109 58.67 -24.07 -18.77
CA PHE B 109 57.30 -23.57 -18.81
C PHE B 109 56.54 -23.98 -20.08
N THR B 110 57.24 -24.17 -21.19
CA THR B 110 56.58 -24.67 -22.37
C THR B 110 56.11 -26.13 -22.16
N GLU B 111 56.96 -26.92 -21.49
CA GLU B 111 56.61 -28.29 -21.21
C GLU B 111 55.33 -28.26 -20.38
N ARG B 112 55.32 -27.39 -19.37
CA ARG B 112 54.14 -27.28 -18.51
C ARG B 112 52.90 -26.79 -19.24
N LEU B 113 53.08 -25.91 -20.22
CA LEU B 113 51.94 -25.39 -20.98
C LEU B 113 51.32 -26.48 -21.84
N ILE B 114 52.14 -27.25 -22.56
CA ILE B 114 51.61 -28.34 -23.39
C ILE B 114 50.90 -29.34 -22.50
N GLN B 115 51.55 -29.67 -21.40
CA GLN B 115 50.91 -30.58 -20.46
C GLN B 115 49.58 -30.02 -19.99
N ASN B 116 49.54 -28.72 -19.71
CA ASN B 116 48.34 -28.11 -19.15
C ASN B 116 47.19 -28.28 -20.11
N ALA B 117 47.42 -27.89 -21.37
CA ALA B 117 46.41 -28.03 -22.39
C ALA B 117 45.91 -29.48 -22.48
N ALA B 118 46.85 -30.42 -22.49
CA ALA B 118 46.41 -31.80 -22.58
C ALA B 118 45.53 -32.16 -21.37
N GLU B 119 45.94 -31.72 -20.19
CA GLU B 119 45.25 -31.99 -18.93
C GLU B 119 43.81 -31.54 -18.95
N LEU B 120 43.60 -30.31 -19.44
CA LEU B 120 42.27 -29.66 -19.40
C LEU B 120 41.33 -29.99 -20.54
N ALA B 121 41.87 -30.60 -21.60
CA ALA B 121 41.10 -30.90 -22.79
C ALA B 121 39.76 -31.60 -22.50
N ARG B 122 39.83 -32.70 -21.78
CA ARG B 122 38.65 -33.51 -21.53
C ARG B 122 37.66 -32.84 -20.61
N HIS B 123 38.13 -31.79 -19.93
CA HIS B 123 37.43 -31.22 -18.79
C HIS B 123 36.70 -29.88 -18.96
N TYR B 124 36.64 -29.37 -20.17
CA TYR B 124 35.95 -28.09 -20.35
C TYR B 124 34.42 -28.31 -20.40
N GLN B 125 33.73 -27.77 -19.39
CA GLN B 125 32.33 -28.12 -19.13
C GLN B 125 31.31 -27.11 -19.66
N GLY B 126 30.15 -27.61 -20.11
CA GLY B 126 28.99 -26.78 -20.38
C GLY B 126 28.20 -26.69 -19.09
N ARG B 127 26.97 -26.19 -19.16
CA ARG B 127 26.10 -25.99 -17.98
C ARG B 127 24.69 -26.55 -18.17
N VAL B 128 24.09 -27.15 -17.12
CA VAL B 128 22.68 -27.52 -17.21
C VAL B 128 21.86 -26.48 -16.47
N LEU B 129 20.91 -25.85 -17.15
CA LEU B 129 20.17 -24.74 -16.56
C LEU B 129 18.78 -25.14 -16.07
N GLN B 130 18.34 -24.48 -15.00
CA GLN B 130 16.92 -24.42 -14.65
C GLN B 130 16.11 -23.68 -15.74
N SER B 131 14.93 -24.15 -16.07
CA SER B 131 14.11 -23.38 -17.01
C SER B 131 12.97 -22.71 -16.27
N ASP B 132 12.54 -21.59 -16.83
CA ASP B 132 11.40 -20.88 -16.30
C ASP B 132 10.17 -21.42 -16.99
N SER B 133 10.41 -22.41 -17.86
CA SER B 133 9.34 -23.04 -18.59
C SER B 133 9.16 -24.48 -18.17
N GLU B 134 7.91 -24.80 -17.93
CA GLU B 134 7.48 -26.16 -17.70
C GLU B 134 7.92 -27.12 -18.80
N SER B 135 8.35 -28.31 -18.37
CA SER B 135 8.62 -29.43 -19.28
C SER B 135 9.69 -29.14 -20.31
N THR B 136 10.58 -28.20 -19.99
CA THR B 136 11.66 -27.83 -20.89
C THR B 136 13.00 -28.25 -20.32
N ILE B 137 13.76 -29.04 -21.07
CA ILE B 137 15.16 -29.26 -20.73
C ILE B 137 16.01 -28.20 -21.39
N SER B 138 16.87 -27.54 -20.60
CA SER B 138 17.67 -26.43 -21.09
C SER B 138 19.11 -26.65 -20.72
N VAL B 139 19.99 -26.83 -21.72
CA VAL B 139 21.42 -26.95 -21.43
C VAL B 139 22.27 -26.05 -22.31
N VAL B 140 23.53 -25.88 -21.95
CA VAL B 140 24.48 -25.06 -22.71
C VAL B 140 25.74 -25.88 -23.00
N PHE B 141 26.07 -25.98 -24.28
CA PHE B 141 27.21 -26.77 -24.77
C PHE B 141 28.41 -25.86 -25.06
N LYS B 142 29.63 -26.38 -24.93
CA LYS B 142 30.79 -25.64 -25.48
C LYS B 142 31.18 -26.11 -26.89
N ARG B 143 31.42 -25.16 -27.80
CA ARG B 143 31.84 -25.50 -29.17
C ARG B 143 33.06 -24.70 -29.59
N SER B 144 33.93 -25.32 -30.39
CA SER B 144 35.17 -24.67 -30.82
C SER B 144 34.85 -23.61 -31.87
N LYS B 145 35.58 -22.51 -31.85
CA LYS B 145 35.26 -21.35 -32.68
C LYS B 145 35.47 -21.61 -34.16
N GLY B 146 36.59 -22.18 -34.53
CA GLY B 146 36.87 -22.41 -35.94
C GLY B 146 38.35 -22.45 -36.22
N VAL B 147 38.74 -22.09 -37.44
CA VAL B 147 40.15 -21.91 -37.72
C VAL B 147 40.64 -20.67 -36.96
N VAL B 148 41.69 -20.88 -36.15
CA VAL B 148 42.17 -19.80 -35.28
C VAL B 148 43.56 -19.36 -35.73
N GLY B 149 43.68 -18.08 -36.11
CA GLY B 149 44.96 -17.50 -36.41
C GLY B 149 45.71 -17.19 -35.12
N VAL B 150 46.97 -17.60 -35.09
CA VAL B 150 47.86 -17.43 -33.96
C VAL B 150 49.12 -16.66 -34.33
N ILE B 151 49.25 -15.41 -33.87
CA ILE B 151 50.40 -14.59 -34.26
C ILE B 151 51.30 -14.19 -33.06
N THR B 152 52.58 -14.53 -33.11
CA THR B 152 53.43 -14.48 -31.92
C THR B 152 54.65 -13.55 -31.97
N PRO B 153 55.17 -13.15 -30.78
CA PRO B 153 56.33 -12.23 -30.69
C PRO B 153 57.67 -12.94 -30.64
N TRP B 154 58.74 -12.16 -30.58
CA TRP B 154 60.10 -12.68 -30.61
C TRP B 154 60.81 -12.83 -29.26
N ASN B 155 60.25 -12.29 -28.21
CA ASN B 155 61.00 -12.24 -26.96
C ASN B 155 60.96 -13.60 -26.25
N TYR B 156 59.75 -14.17 -26.21
CA TYR B 156 59.50 -15.47 -25.61
C TYR B 156 58.73 -16.34 -26.61
N PRO B 157 59.30 -16.56 -27.81
CA PRO B 157 58.47 -17.12 -28.87
C PRO B 157 58.05 -18.54 -28.61
N LEU B 158 58.91 -19.37 -28.01
CA LEU B 158 58.50 -20.75 -27.77
C LEU B 158 57.30 -20.82 -26.84
N SER B 159 57.47 -20.31 -25.62
CA SER B 159 56.46 -20.43 -24.58
C SER B 159 55.15 -19.69 -24.97
N ILE B 160 55.24 -18.49 -25.52
CA ILE B 160 54.03 -17.77 -25.90
C ILE B 160 53.30 -18.47 -27.03
N SER B 161 54.05 -18.82 -28.08
CA SER B 161 53.46 -19.59 -29.17
C SER B 161 52.73 -20.82 -28.64
N MET B 162 53.44 -21.63 -27.88
CA MET B 162 52.85 -22.87 -27.45
C MET B 162 51.68 -22.66 -26.48
N LYS B 163 51.71 -21.62 -25.63
CA LYS B 163 50.51 -21.34 -24.84
C LYS B 163 49.30 -21.09 -25.76
N LYS B 164 49.44 -20.26 -26.80
CA LYS B 164 48.28 -20.08 -27.68
C LYS B 164 47.92 -21.38 -28.44
N ILE B 165 48.90 -21.94 -29.15
CA ILE B 165 48.73 -23.11 -30.00
C ILE B 165 48.13 -24.31 -29.27
N ALA B 166 48.78 -24.74 -28.19
CA ALA B 166 48.39 -25.97 -27.50
C ALA B 166 46.95 -25.91 -27.03
N HIS B 167 46.64 -24.91 -26.20
CA HIS B 167 45.29 -24.69 -25.74
C HIS B 167 44.25 -24.53 -26.86
N THR B 168 44.54 -23.72 -27.88
CA THR B 168 43.59 -23.57 -28.98
C THR B 168 43.27 -24.92 -29.62
N LEU B 169 44.30 -25.76 -29.69
CA LEU B 169 44.18 -27.10 -30.28
C LEU B 169 43.38 -28.06 -29.40
N ALA B 170 43.62 -27.98 -28.10
CA ALA B 170 42.93 -28.79 -27.11
C ALA B 170 41.37 -28.78 -27.24
N VAL B 171 40.73 -27.62 -27.34
CA VAL B 171 39.26 -27.57 -27.40
C VAL B 171 38.68 -27.79 -28.79
N GLY B 172 39.55 -28.07 -29.77
CA GLY B 172 39.08 -28.50 -31.08
C GLY B 172 39.07 -27.50 -32.21
N ASN B 173 39.75 -26.36 -32.03
CA ASN B 173 40.01 -25.45 -33.16
C ASN B 173 41.18 -25.92 -34.00
N THR B 174 41.25 -25.50 -35.26
CA THR B 174 42.52 -25.72 -35.95
C THR B 174 43.33 -24.41 -35.99
N VAL B 175 44.58 -24.50 -36.41
CA VAL B 175 45.53 -23.40 -36.22
C VAL B 175 46.34 -23.05 -37.46
N VAL B 176 46.31 -21.76 -37.81
CA VAL B 176 47.24 -21.19 -38.77
C VAL B 176 48.15 -20.26 -38.00
N TYR B 177 49.46 -20.40 -38.17
CA TYR B 177 50.40 -19.78 -37.24
C TYR B 177 51.59 -19.04 -37.89
N LYS B 178 51.64 -17.73 -37.71
CA LYS B 178 52.70 -16.89 -38.25
C LYS B 178 53.59 -16.41 -37.10
N PRO B 179 54.78 -17.01 -36.96
CA PRO B 179 55.69 -16.66 -35.87
C PRO B 179 56.34 -15.31 -36.14
N ALA B 180 56.97 -14.74 -35.12
CA ALA B 180 57.60 -13.43 -35.25
C ALA B 180 58.65 -13.48 -36.36
N SER B 181 58.77 -12.37 -37.07
CA SER B 181 59.73 -12.28 -38.15
C SER B 181 61.10 -12.63 -37.61
N ASP B 182 61.42 -12.09 -36.45
CA ASP B 182 62.75 -12.23 -35.90
C ASP B 182 63.00 -13.56 -35.21
N THR B 183 62.01 -14.44 -35.17
CA THR B 183 62.23 -15.78 -34.63
C THR B 183 61.60 -16.90 -35.46
N PRO B 184 61.96 -16.99 -36.75
CA PRO B 184 61.25 -17.96 -37.60
C PRO B 184 61.57 -19.40 -37.20
N VAL B 185 62.79 -19.64 -36.77
CA VAL B 185 63.24 -21.00 -36.59
C VAL B 185 62.58 -21.67 -35.39
N THR B 186 62.33 -20.98 -34.28
CA THR B 186 61.65 -21.70 -33.19
C THR B 186 60.27 -22.13 -33.68
N GLY B 187 59.68 -21.32 -34.56
CA GLY B 187 58.41 -21.68 -35.17
C GLY B 187 58.55 -22.98 -35.97
N TRP B 188 59.51 -22.98 -36.87
CA TRP B 188 59.82 -24.18 -37.66
C TRP B 188 59.99 -25.41 -36.76
N LEU B 189 60.67 -25.22 -35.64
CA LEU B 189 60.90 -26.29 -34.70
C LEU B 189 59.61 -26.78 -34.06
N ILE B 190 58.71 -25.82 -33.78
CA ILE B 190 57.39 -26.15 -33.27
C ILE B 190 56.67 -27.06 -34.25
N ALA B 191 56.63 -26.65 -35.53
CA ALA B 191 56.02 -27.48 -36.56
C ALA B 191 56.70 -28.87 -36.63
N GLN B 192 58.01 -28.91 -36.45
CA GLN B 192 58.71 -30.19 -36.39
C GLN B 192 58.14 -31.09 -35.28
N MET B 193 58.04 -30.53 -34.08
CA MET B 193 57.39 -31.20 -32.96
C MET B 193 55.98 -31.73 -33.33
N VAL B 194 55.12 -30.83 -33.79
CA VAL B 194 53.73 -31.20 -34.08
C VAL B 194 53.71 -32.34 -35.08
N ALA B 195 54.47 -32.20 -36.15
CA ALA B 195 54.49 -33.20 -37.21
C ALA B 195 54.97 -34.53 -36.65
N LYS B 196 55.92 -34.52 -35.72
CA LYS B 196 56.37 -35.77 -35.12
C LYS B 196 55.30 -36.36 -34.19
N ALA B 197 54.39 -35.51 -33.71
CA ALA B 197 53.28 -36.01 -32.88
C ALA B 197 52.16 -36.60 -33.73
N GLY B 198 52.28 -36.41 -35.04
CA GLY B 198 51.38 -37.03 -35.98
C GLY B 198 49.98 -36.46 -35.95
N LEU B 199 49.90 -35.17 -35.64
CA LEU B 199 48.62 -34.51 -35.68
C LEU B 199 48.13 -34.54 -37.11
N PRO B 200 46.82 -34.78 -37.27
CA PRO B 200 46.09 -34.91 -38.55
C PRO B 200 46.43 -33.80 -39.53
N LYS B 201 46.59 -34.14 -40.79
CA LYS B 201 47.03 -33.17 -41.78
C LYS B 201 46.03 -32.03 -41.80
N GLY B 202 46.54 -30.80 -41.88
CA GLY B 202 45.73 -29.60 -41.95
C GLY B 202 45.46 -28.97 -40.60
N VAL B 203 45.63 -29.71 -39.51
CA VAL B 203 45.15 -29.26 -38.21
C VAL B 203 46.07 -28.22 -37.61
N PHE B 204 47.36 -28.35 -37.86
CA PHE B 204 48.30 -27.30 -37.53
C PHE B 204 49.00 -26.82 -38.79
N ASN B 205 49.22 -25.53 -38.89
CA ASN B 205 49.91 -24.99 -40.04
C ASN B 205 50.82 -23.84 -39.67
N LEU B 206 51.98 -23.82 -40.31
CA LEU B 206 53.01 -22.83 -40.05
C LEU B 206 53.34 -22.07 -41.31
N VAL B 207 53.03 -20.77 -41.33
CA VAL B 207 53.41 -19.91 -42.45
C VAL B 207 54.31 -18.79 -41.95
N ILE B 208 55.50 -18.71 -42.53
CA ILE B 208 56.50 -17.75 -42.12
C ILE B 208 56.63 -16.65 -43.17
N GLY B 209 56.42 -15.40 -42.77
CA GLY B 209 56.50 -14.32 -43.72
C GLY B 209 56.13 -12.99 -43.10
N PRO B 210 56.20 -11.92 -43.91
CA PRO B 210 55.97 -10.54 -43.46
C PRO B 210 54.56 -10.38 -42.92
N GLY B 211 54.47 -9.79 -41.73
CA GLY B 211 53.18 -9.48 -41.13
C GLY B 211 52.17 -8.74 -42.01
N PRO B 212 52.62 -7.70 -42.74
CA PRO B 212 51.74 -6.96 -43.67
C PRO B 212 51.15 -7.80 -44.81
N VAL B 213 51.73 -8.97 -45.05
CA VAL B 213 51.22 -9.85 -46.10
C VAL B 213 50.57 -11.11 -45.51
N VAL B 214 51.36 -11.94 -44.83
CA VAL B 214 50.85 -13.17 -44.20
C VAL B 214 49.86 -12.93 -43.06
N GLY B 215 50.31 -12.16 -42.06
CA GLY B 215 49.48 -11.82 -40.93
C GLY B 215 48.22 -11.10 -41.36
N GLU B 216 48.38 -10.21 -42.32
CA GLU B 216 47.25 -9.49 -42.90
C GLU B 216 46.19 -10.45 -43.43
N GLU B 217 46.60 -11.34 -44.32
CA GLU B 217 45.70 -12.31 -44.91
C GLU B 217 45.04 -13.16 -43.83
N ILE B 218 45.82 -13.61 -42.84
CA ILE B 218 45.26 -14.38 -41.73
C ILE B 218 44.15 -13.63 -41.02
N VAL B 219 44.40 -12.36 -40.76
CA VAL B 219 43.55 -11.52 -39.94
C VAL B 219 42.28 -11.14 -40.69
N THR B 220 42.38 -11.01 -42.01
CA THR B 220 41.20 -10.62 -42.78
C THR B 220 40.39 -11.76 -43.39
N HIS B 221 40.91 -12.98 -43.39
CA HIS B 221 40.36 -14.03 -44.26
C HIS B 221 39.03 -14.58 -43.77
N LYS B 222 38.16 -14.86 -44.74
CA LYS B 222 36.78 -15.29 -44.48
C LYS B 222 36.67 -16.46 -43.49
N ARG B 223 37.63 -17.38 -43.55
CA ARG B 223 37.51 -18.65 -42.83
C ARG B 223 38.20 -18.70 -41.49
N VAL B 224 38.88 -17.62 -41.12
CA VAL B 224 39.50 -17.56 -39.80
C VAL B 224 38.47 -17.10 -38.76
N ALA B 225 38.27 -17.88 -37.71
CA ALA B 225 37.22 -17.56 -36.73
C ALA B 225 37.69 -16.52 -35.71
N HIS B 226 38.98 -16.60 -35.42
CA HIS B 226 39.56 -15.93 -34.28
C HIS B 226 41.01 -15.64 -34.54
N VAL B 227 41.51 -14.56 -33.95
CA VAL B 227 42.95 -14.34 -33.95
C VAL B 227 43.44 -14.10 -32.53
N THR B 228 44.44 -14.86 -32.09
CA THR B 228 45.09 -14.55 -30.83
C THR B 228 46.50 -13.98 -31.12
N PHE B 229 46.77 -12.77 -30.63
CA PHE B 229 47.98 -12.04 -31.01
C PHE B 229 48.76 -11.58 -29.81
N THR B 230 50.08 -11.60 -29.92
CA THR B 230 50.91 -10.97 -28.92
C THR B 230 52.06 -10.22 -29.61
N GLY B 231 52.16 -8.93 -29.32
CA GLY B 231 53.08 -8.05 -30.03
C GLY B 231 52.82 -6.63 -29.57
N GLU B 232 53.15 -5.66 -30.42
CA GLU B 232 52.98 -4.25 -30.07
C GLU B 232 51.53 -3.79 -30.05
N SER B 233 51.25 -2.72 -29.32
CA SER B 233 49.90 -2.20 -29.20
C SER B 233 49.38 -1.60 -30.50
N SER B 234 50.24 -0.91 -31.25
CA SER B 234 49.87 -0.37 -32.56
C SER B 234 49.35 -1.49 -33.45
N THR B 235 50.19 -2.50 -33.63
CA THR B 235 49.87 -3.71 -34.37
C THR B 235 48.57 -4.32 -33.87
N GLY B 236 48.38 -4.25 -32.55
CA GLY B 236 47.19 -4.78 -31.92
C GLY B 236 45.94 -4.08 -32.42
N ARG B 237 45.95 -2.75 -32.37
CA ARG B 237 44.80 -1.95 -32.80
C ARG B 237 44.50 -2.19 -34.28
N GLU B 238 45.56 -2.30 -35.08
CA GLU B 238 45.41 -2.64 -36.50
C GLU B 238 44.67 -3.95 -36.63
N ILE B 239 45.21 -5.01 -36.01
CA ILE B 239 44.59 -6.33 -36.06
C ILE B 239 43.13 -6.34 -35.59
N ALA B 240 42.84 -5.71 -34.45
CA ALA B 240 41.48 -5.62 -33.94
C ALA B 240 40.56 -5.11 -35.02
N ALA B 241 40.97 -3.96 -35.57
CA ALA B 241 40.18 -3.25 -36.55
C ALA B 241 39.92 -4.08 -37.80
N LYS B 242 40.96 -4.75 -38.30
CA LYS B 242 40.80 -5.61 -39.47
C LYS B 242 39.84 -6.75 -39.16
N ALA B 243 39.99 -7.30 -37.96
CA ALA B 243 39.19 -8.43 -37.52
C ALA B 243 37.71 -8.08 -37.58
N ALA B 244 37.41 -6.83 -37.26
CA ALA B 244 36.02 -6.38 -37.31
C ALA B 244 35.36 -6.67 -38.65
N GLY B 245 36.12 -6.58 -39.74
CA GLY B 245 35.59 -6.74 -41.08
C GLY B 245 34.76 -7.99 -41.30
N THR B 246 35.29 -9.12 -40.87
CA THR B 246 34.56 -10.38 -40.91
C THR B 246 33.92 -10.77 -39.55
N LEU B 247 34.00 -9.87 -38.57
CA LEU B 247 33.44 -10.11 -37.24
C LEU B 247 34.12 -11.27 -36.51
N LYS B 248 35.40 -11.45 -36.76
CA LYS B 248 36.14 -12.48 -36.06
C LYS B 248 36.61 -11.89 -34.74
N THR B 249 36.55 -12.70 -33.70
CA THR B 249 36.93 -12.31 -32.34
C THR B 249 38.47 -12.29 -32.16
N VAL B 250 38.95 -11.49 -31.22
CA VAL B 250 40.37 -11.45 -30.96
C VAL B 250 40.74 -11.65 -29.51
N THR B 251 41.94 -12.15 -29.31
CA THR B 251 42.58 -12.14 -28.01
C THR B 251 43.85 -11.34 -28.21
N LEU B 252 44.05 -10.29 -27.43
CA LEU B 252 45.13 -9.32 -27.71
C LEU B 252 46.01 -9.09 -26.50
N GLU B 253 47.28 -9.46 -26.59
CA GLU B 253 48.22 -9.19 -25.50
C GLU B 253 49.24 -8.17 -26.02
N LEU B 254 49.08 -6.92 -25.58
CA LEU B 254 49.82 -5.80 -26.13
C LEU B 254 50.97 -5.27 -25.27
N GLY B 255 51.28 -5.97 -24.19
CA GLY B 255 52.38 -5.54 -23.34
C GLY B 255 51.95 -4.42 -22.41
N GLY B 256 52.79 -4.12 -21.43
CA GLY B 256 52.45 -3.12 -20.44
C GLY B 256 53.64 -2.33 -19.94
N SER B 257 53.36 -1.19 -19.30
CA SER B 257 54.40 -0.50 -18.58
C SER B 257 54.11 -0.75 -17.11
N ASP B 258 54.73 -1.78 -16.54
CA ASP B 258 54.19 -2.33 -15.29
C ASP B 258 54.79 -1.71 -14.03
N PRO B 259 53.94 -1.25 -13.13
CA PRO B 259 54.46 -0.75 -11.85
C PRO B 259 54.97 -1.86 -10.94
N LEU B 260 56.18 -1.72 -10.43
CA LEU B 260 56.62 -2.54 -9.31
C LEU B 260 56.81 -1.59 -8.11
N ILE B 261 55.90 -1.68 -7.15
CA ILE B 261 55.83 -0.73 -6.04
C ILE B 261 56.50 -1.28 -4.78
N ILE B 262 57.40 -0.49 -4.19
CA ILE B 262 58.13 -0.94 -2.98
C ILE B 262 57.91 0.00 -1.81
N LEU B 263 57.35 -0.51 -0.72
CA LEU B 263 57.04 0.32 0.43
C LEU B 263 58.13 0.21 1.49
N ASP B 264 58.00 1.01 2.56
CA ASP B 264 59.10 1.25 3.50
C ASP B 264 59.39 0.11 4.47
N ASP B 265 58.43 -0.79 4.64
CA ASP B 265 58.59 -1.89 5.60
C ASP B 265 59.19 -3.20 5.02
N VAL B 266 59.63 -3.17 3.75
CA VAL B 266 60.30 -4.32 3.12
C VAL B 266 61.72 -4.55 3.59
N ASP B 267 62.20 -5.75 3.33
CA ASP B 267 63.62 -6.00 3.42
C ASP B 267 64.16 -5.35 2.14
N VAL B 268 64.88 -4.25 2.30
CA VAL B 268 65.25 -3.41 1.17
C VAL B 268 66.23 -4.10 0.21
N ASP B 269 67.06 -4.97 0.78
CA ASP B 269 67.99 -5.75 -0.03
C ASP B 269 67.25 -6.75 -0.92
N TYR B 270 66.29 -7.44 -0.31
CA TYR B 270 65.43 -8.34 -1.05
C TYR B 270 64.75 -7.62 -2.19
N ALA B 271 64.06 -6.54 -1.83
CA ALA B 271 63.35 -5.70 -2.79
C ALA B 271 64.26 -5.32 -3.95
N ALA B 272 65.52 -5.03 -3.63
CA ALA B 272 66.50 -4.72 -4.64
C ALA B 272 66.71 -5.90 -5.58
N ARG B 273 67.09 -7.06 -5.05
CA ARG B 273 67.36 -8.24 -5.90
C ARG B 273 66.15 -8.55 -6.79
N LEU B 274 64.99 -8.64 -6.18
CA LEU B 274 63.73 -8.87 -6.87
C LEU B 274 63.49 -7.84 -7.97
N ALA B 275 63.81 -6.58 -7.72
CA ALA B 275 63.55 -5.56 -8.73
C ALA B 275 64.52 -5.73 -9.88
N VAL B 276 65.75 -6.15 -9.58
CA VAL B 276 66.73 -6.34 -10.64
C VAL B 276 66.25 -7.44 -11.56
N PHE B 277 65.83 -8.54 -10.95
CA PHE B 277 65.23 -9.66 -11.68
C PHE B 277 64.03 -9.22 -12.52
N ALA B 278 63.03 -8.62 -11.87
CA ALA B 278 61.77 -8.31 -12.50
C ALA B 278 61.95 -7.37 -13.68
N SER B 279 62.74 -6.33 -13.45
CA SER B 279 62.91 -5.23 -14.40
C SER B 279 63.84 -5.55 -15.53
N LEU B 280 64.96 -6.20 -15.24
CA LEU B 280 65.91 -6.43 -16.31
C LEU B 280 65.97 -7.84 -16.91
N PHE B 281 65.26 -8.82 -16.35
CA PHE B 281 65.44 -10.20 -16.85
C PHE B 281 64.97 -10.31 -18.30
N HIS B 282 65.71 -11.10 -19.07
CA HIS B 282 65.70 -11.09 -20.53
C HIS B 282 65.77 -9.66 -21.08
N GLN B 283 66.68 -8.87 -20.50
CA GLN B 283 66.96 -7.51 -20.92
C GLN B 283 65.69 -6.68 -20.91
N GLY B 284 64.81 -6.96 -19.95
CA GLY B 284 63.52 -6.30 -19.87
C GLY B 284 62.66 -6.38 -21.10
N GLN B 285 62.95 -7.36 -21.94
CA GLN B 285 62.28 -7.50 -23.21
C GLN B 285 61.08 -8.41 -22.92
N ILE B 286 60.70 -8.54 -21.65
CA ILE B 286 59.46 -9.23 -21.27
C ILE B 286 58.25 -8.30 -21.20
N CYS B 287 57.13 -8.77 -21.77
CA CYS B 287 55.88 -8.00 -21.87
C CYS B 287 55.46 -7.47 -20.50
N THR B 288 55.61 -8.33 -19.53
CA THR B 288 55.16 -8.10 -18.17
C THR B 288 56.31 -7.70 -17.20
N SER B 289 57.47 -7.37 -17.77
CA SER B 289 58.63 -6.87 -17.04
C SER B 289 58.26 -5.63 -16.23
N ALA B 290 59.01 -5.38 -15.16
CA ALA B 290 58.70 -4.26 -14.28
C ALA B 290 59.43 -3.06 -14.85
N LYS B 291 58.68 -2.24 -15.58
CA LYS B 291 59.29 -1.26 -16.45
C LYS B 291 59.27 0.09 -15.80
N ARG B 292 58.58 0.17 -14.67
CA ARG B 292 58.59 1.37 -13.85
C ARG B 292 58.70 1.04 -12.37
N ILE B 293 59.82 1.39 -11.75
CA ILE B 293 60.04 1.02 -10.37
C ILE B 293 59.59 2.18 -9.49
N ILE B 294 58.65 1.93 -8.57
CA ILE B 294 58.13 2.99 -7.71
C ILE B 294 58.41 2.75 -6.23
N VAL B 295 59.19 3.62 -5.60
CA VAL B 295 59.63 3.38 -4.21
C VAL B 295 59.30 4.54 -3.25
N HIS B 296 58.87 4.16 -2.06
CA HIS B 296 58.57 5.05 -0.93
C HIS B 296 59.79 5.79 -0.40
N LYS B 297 59.66 7.10 -0.21
CA LYS B 297 60.80 7.96 0.16
C LYS B 297 61.62 7.41 1.33
N ALA B 298 60.95 6.75 2.28
CA ALA B 298 61.62 6.22 3.47
C ALA B 298 62.71 5.20 3.15
N VAL B 299 62.47 4.33 2.19
CA VAL B 299 63.50 3.38 1.81
C VAL B 299 64.23 3.76 0.54
N ALA B 300 63.83 4.88 -0.06
CA ALA B 300 64.27 5.23 -1.42
C ALA B 300 65.79 5.18 -1.66
N ASP B 301 66.57 5.82 -0.80
CA ASP B 301 68.02 5.91 -1.03
C ASP B 301 68.73 4.58 -0.85
N LYS B 302 68.36 3.86 0.21
CA LYS B 302 68.97 2.56 0.49
C LYS B 302 68.64 1.59 -0.65
N PHE B 303 67.39 1.68 -1.10
CA PHE B 303 66.94 0.86 -2.21
C PHE B 303 67.72 1.17 -3.47
N ILE B 304 67.86 2.45 -3.81
CA ILE B 304 68.56 2.83 -5.05
C ILE B 304 70.03 2.41 -5.01
N GLU B 305 70.70 2.65 -3.88
CA GLU B 305 72.08 2.17 -3.70
C GLU B 305 72.11 0.69 -4.01
N ARG B 306 71.19 -0.05 -3.39
CA ARG B 306 71.31 -1.51 -3.39
C ARG B 306 70.95 -2.11 -4.75
N TYR B 307 69.87 -1.60 -5.34
CA TYR B 307 69.43 -1.95 -6.69
C TYR B 307 70.51 -1.69 -7.72
N VAL B 308 71.13 -0.51 -7.65
CA VAL B 308 72.20 -0.18 -8.59
C VAL B 308 73.42 -1.08 -8.36
N HIS B 309 73.68 -1.41 -7.10
CA HIS B 309 74.80 -2.30 -6.82
C HIS B 309 74.58 -3.60 -7.56
N TYR B 310 73.37 -4.15 -7.41
CA TYR B 310 73.09 -5.45 -8.01
C TYR B 310 73.06 -5.40 -9.54
N VAL B 311 72.64 -4.26 -10.08
CA VAL B 311 72.67 -4.07 -11.53
C VAL B 311 74.11 -4.07 -12.06
N LYS B 312 75.03 -3.43 -11.33
CA LYS B 312 76.43 -3.42 -11.74
C LYS B 312 76.98 -4.84 -11.81
N MET B 313 76.53 -5.70 -10.90
CA MET B 313 77.03 -7.08 -10.85
C MET B 313 76.54 -7.90 -12.02
N LEU B 314 75.55 -7.40 -12.75
CA LEU B 314 74.97 -8.10 -13.87
C LEU B 314 76.05 -8.35 -14.91
N ARG B 315 76.11 -9.59 -15.36
CA ARG B 315 77.10 -9.98 -16.36
C ARG B 315 76.53 -10.00 -17.78
N ILE B 316 76.98 -9.09 -18.64
CA ILE B 316 76.58 -9.13 -20.04
C ILE B 316 77.62 -9.87 -20.88
N ASP B 317 77.18 -10.76 -21.75
CA ASP B 317 78.10 -11.53 -22.60
C ASP B 317 77.33 -12.26 -23.70
N ASP B 318 78.06 -12.97 -24.55
CA ASP B 318 77.48 -13.84 -25.56
C ASP B 318 76.81 -15.04 -24.90
N PRO B 319 75.48 -15.14 -25.02
CA PRO B 319 74.68 -16.14 -24.30
C PRO B 319 75.08 -17.60 -24.58
N ARG B 320 75.80 -17.83 -25.67
CA ARG B 320 76.34 -19.14 -25.97
C ARG B 320 77.58 -19.54 -25.14
N LYS B 321 78.22 -18.56 -24.49
CA LYS B 321 79.45 -18.84 -23.74
C LYS B 321 79.21 -19.85 -22.65
N ASP B 322 78.44 -19.45 -21.66
CA ASP B 322 78.16 -20.34 -20.53
C ASP B 322 76.77 -20.15 -19.99
N GLU B 323 76.51 -20.85 -18.89
CA GLU B 323 75.20 -20.84 -18.30
C GLU B 323 75.03 -19.69 -17.34
N LYS B 324 76.15 -19.09 -16.93
CA LYS B 324 76.16 -18.02 -15.91
C LYS B 324 75.91 -16.61 -16.45
N VAL B 325 75.94 -16.43 -17.77
CA VAL B 325 75.64 -15.14 -18.38
C VAL B 325 74.29 -14.58 -17.93
N ASP B 326 74.29 -13.33 -17.49
CA ASP B 326 73.07 -12.68 -17.03
C ASP B 326 72.19 -12.14 -18.15
N LEU B 327 72.77 -11.36 -19.06
CA LEU B 327 72.00 -10.75 -20.14
C LEU B 327 72.65 -11.06 -21.45
N GLY B 328 71.83 -11.30 -22.47
CA GLY B 328 72.31 -11.47 -23.82
C GLY B 328 72.10 -10.17 -24.57
N PRO B 329 72.11 -10.22 -25.89
CA PRO B 329 71.78 -9.06 -26.73
C PRO B 329 70.29 -8.83 -26.85
N LEU B 330 69.92 -7.60 -27.21
CA LEU B 330 68.57 -7.33 -27.70
C LEU B 330 68.40 -8.05 -29.03
N ILE B 331 67.16 -8.27 -29.45
CA ILE B 331 66.92 -9.07 -30.66
C ILE B 331 67.54 -8.50 -31.96
N ASN B 332 67.52 -7.19 -32.14
CA ASN B 332 68.08 -6.60 -33.35
C ASN B 332 68.50 -5.14 -33.21
N GLU B 333 69.10 -4.61 -34.27
CA GLU B 333 69.63 -3.25 -34.30
C GLU B 333 68.61 -2.24 -33.81
N ARG B 334 67.38 -2.34 -34.29
CA ARG B 334 66.44 -1.27 -34.04
C ARG B 334 66.04 -1.18 -32.55
N GLN B 335 66.06 -2.30 -31.85
CA GLN B 335 65.82 -2.28 -30.41
C GLN B 335 66.83 -1.37 -29.71
N VAL B 336 68.11 -1.57 -30.02
CA VAL B 336 69.18 -0.69 -29.58
C VAL B 336 68.95 0.78 -29.96
N ALA B 337 68.66 1.03 -31.23
CA ALA B 337 68.37 2.39 -31.71
C ALA B 337 67.35 3.04 -30.80
N LEU B 338 66.33 2.26 -30.43
CA LEU B 338 65.20 2.73 -29.65
C LEU B 338 65.55 2.94 -28.19
N MET B 339 66.30 2.01 -27.61
CA MET B 339 66.71 2.15 -26.23
C MET B 339 67.60 3.38 -26.10
N LYS B 340 68.40 3.65 -27.14
CA LYS B 340 69.24 4.84 -27.15
C LYS B 340 68.35 6.07 -27.23
N GLU B 341 67.38 6.10 -28.15
CA GLU B 341 66.41 7.20 -28.19
C GLU B 341 65.83 7.50 -26.81
N PHE B 342 65.47 6.42 -26.10
CA PHE B 342 64.92 6.50 -24.75
C PHE B 342 65.87 7.15 -23.78
N VAL B 343 67.12 6.67 -23.81
CA VAL B 343 68.17 7.14 -22.91
C VAL B 343 68.44 8.63 -23.13
N ASP B 344 68.55 9.01 -24.40
CA ASP B 344 68.82 10.40 -24.78
C ASP B 344 67.67 11.27 -24.34
N ASP B 345 66.44 10.82 -24.57
CA ASP B 345 65.27 11.56 -24.12
C ASP B 345 65.23 11.70 -22.61
N ALA B 346 65.82 10.73 -21.92
CA ALA B 346 65.86 10.78 -20.48
C ALA B 346 66.90 11.81 -20.00
N VAL B 347 68.12 11.74 -20.55
CA VAL B 347 69.18 12.65 -20.14
C VAL B 347 68.82 14.08 -20.51
N SER B 348 68.36 14.29 -21.75
CA SER B 348 67.96 15.59 -22.25
C SER B 348 66.84 16.26 -21.44
N ARG B 349 66.07 15.44 -20.71
CA ARG B 349 64.94 15.97 -19.96
C ARG B 349 65.32 16.31 -18.54
N GLY B 350 66.61 16.20 -18.25
CA GLY B 350 67.13 16.61 -16.95
C GLY B 350 67.24 15.41 -16.05
N GLY B 351 67.20 14.24 -16.69
CA GLY B 351 67.19 12.98 -15.97
C GLY B 351 68.56 12.62 -15.47
N ARG B 352 68.61 11.99 -14.30
CA ARG B 352 69.87 11.59 -13.73
C ARG B 352 70.14 10.11 -13.96
N LEU B 353 71.19 9.82 -14.72
CA LEU B 353 71.52 8.45 -15.11
C LEU B 353 72.42 7.78 -14.10
N LEU B 354 71.91 6.77 -13.40
CA LEU B 354 72.69 6.15 -12.31
C LEU B 354 73.73 5.15 -12.81
N ILE B 355 73.51 4.56 -13.99
CA ILE B 355 74.52 3.73 -14.66
C ILE B 355 74.04 3.30 -16.04
N GLY B 356 74.99 2.94 -16.91
CA GLY B 356 74.69 2.33 -18.21
C GLY B 356 74.36 3.30 -19.32
N GLY B 357 73.83 2.78 -20.42
CA GLY B 357 73.48 3.58 -21.58
C GLY B 357 74.41 3.30 -22.73
N ARG B 358 75.52 2.63 -22.42
CA ARG B 358 76.47 2.25 -23.44
C ARG B 358 75.88 1.08 -24.19
N SER B 359 76.27 0.92 -25.46
CA SER B 359 75.80 -0.21 -26.24
C SER B 359 76.84 -0.61 -27.27
N TRP B 360 76.95 -1.91 -27.50
CA TRP B 360 77.92 -2.42 -28.44
C TRP B 360 77.27 -3.47 -29.31
N GLY B 361 77.22 -3.20 -30.61
CA GLY B 361 76.49 -4.07 -31.51
C GLY B 361 75.06 -4.14 -31.03
N ASN B 362 74.53 -5.36 -30.87
CA ASN B 362 73.16 -5.50 -30.41
C ASN B 362 73.05 -5.67 -28.89
N PHE B 363 74.18 -5.60 -28.18
CA PHE B 363 74.19 -5.71 -26.71
C PHE B 363 73.99 -4.36 -26.00
N PHE B 364 73.00 -4.27 -25.12
CA PHE B 364 72.72 -3.01 -24.42
C PHE B 364 72.93 -3.16 -22.90
N GLU B 365 73.72 -2.26 -22.35
CA GLU B 365 74.00 -2.21 -20.92
C GLU B 365 72.84 -1.57 -20.17
N PRO B 366 72.29 -2.26 -19.15
CA PRO B 366 71.13 -1.72 -18.45
C PRO B 366 71.36 -0.28 -17.99
N ALA B 367 70.41 0.59 -18.31
CA ALA B 367 70.52 2.00 -18.00
C ALA B 367 69.43 2.46 -17.01
N ILE B 368 69.84 2.90 -15.82
CA ILE B 368 68.89 3.25 -14.76
C ILE B 368 68.74 4.77 -14.51
N PHE B 369 67.51 5.27 -14.48
CA PHE B 369 67.29 6.70 -14.28
C PHE B 369 66.51 7.02 -13.02
N VAL B 370 66.84 8.13 -12.36
CA VAL B 370 65.98 8.70 -11.31
C VAL B 370 65.78 10.16 -11.64
N ASP B 371 65.07 10.87 -10.76
CA ASP B 371 64.75 12.29 -11.00
C ASP B 371 64.07 12.42 -12.35
N VAL B 372 62.98 11.69 -12.53
CA VAL B 372 62.26 11.73 -13.79
C VAL B 372 60.89 12.31 -13.52
N ASP B 373 60.22 12.75 -14.58
CA ASP B 373 58.81 13.13 -14.45
C ASP B 373 57.93 12.45 -15.49
N ARG B 374 56.62 12.59 -15.34
CA ARG B 374 55.67 11.89 -16.18
C ARG B 374 55.76 12.26 -17.65
N ASN B 375 56.57 13.26 -18.01
CA ASN B 375 56.71 13.61 -19.43
C ASN B 375 57.77 12.78 -20.17
N PHE B 376 58.67 12.16 -19.41
CA PHE B 376 59.74 11.32 -19.96
C PHE B 376 59.17 10.23 -20.84
N ARG B 377 59.85 9.94 -21.95
CA ARG B 377 59.38 8.86 -22.81
C ARG B 377 59.35 7.55 -22.05
N ILE B 378 60.28 7.38 -21.13
CA ILE B 378 60.38 6.09 -20.46
C ILE B 378 59.33 5.95 -19.36
N MET B 379 58.59 7.02 -19.08
CA MET B 379 57.36 6.90 -18.29
C MET B 379 56.12 6.58 -19.16
N ARG B 380 56.06 7.23 -20.32
CA ARG B 380 54.87 7.27 -21.15
C ARG B 380 54.74 6.13 -22.15
N GLU B 381 55.79 5.35 -22.34
CA GLU B 381 55.73 4.33 -23.36
C GLU B 381 56.22 2.98 -22.85
N GLU B 382 55.97 1.92 -23.61
CA GLU B 382 56.47 0.65 -23.16
C GLU B 382 57.94 0.63 -23.47
N VAL B 383 58.78 0.43 -22.46
CA VAL B 383 60.20 0.35 -22.77
C VAL B 383 60.55 -1.10 -22.83
N PHE B 384 60.70 -1.61 -24.05
CA PHE B 384 60.94 -3.04 -24.18
C PHE B 384 62.42 -3.22 -24.37
N GLY B 385 63.11 -3.41 -23.24
CA GLY B 385 64.55 -3.35 -23.23
C GLY B 385 65.01 -2.81 -21.91
N PRO B 386 66.31 -2.80 -21.67
CA PRO B 386 66.88 -2.58 -20.34
C PRO B 386 67.16 -1.11 -19.98
N VAL B 387 66.14 -0.27 -20.09
CA VAL B 387 66.21 1.12 -19.65
C VAL B 387 65.09 1.35 -18.65
N ARG B 388 65.41 1.60 -17.38
CA ARG B 388 64.36 1.64 -16.37
C ARG B 388 64.35 2.90 -15.52
N PRO B 389 63.16 3.47 -15.29
CA PRO B 389 62.97 4.53 -14.30
C PRO B 389 62.79 4.03 -12.87
N ILE B 390 63.26 4.83 -11.91
CA ILE B 390 62.92 4.66 -10.50
C ILE B 390 62.34 5.98 -10.03
N VAL B 391 61.14 5.92 -9.46
CA VAL B 391 60.38 7.09 -9.05
C VAL B 391 60.12 7.05 -7.56
N VAL B 392 60.39 8.17 -6.88
CA VAL B 392 60.17 8.18 -5.45
C VAL B 392 58.84 8.85 -5.10
N VAL B 393 58.08 8.18 -4.22
CA VAL B 393 56.77 8.65 -3.79
C VAL B 393 56.71 8.82 -2.27
N GLU B 394 55.83 9.73 -1.84
CA GLU B 394 55.67 10.11 -0.42
C GLU B 394 54.85 9.11 0.41
N ASN B 395 53.78 8.63 -0.18
CA ASN B 395 52.79 7.82 0.50
C ASN B 395 52.30 6.72 -0.43
N ASP B 396 51.43 5.85 0.07
CA ASP B 396 50.85 4.82 -0.78
C ASP B 396 49.97 5.48 -1.83
N ASP B 397 49.29 6.56 -1.45
CA ASP B 397 48.38 7.25 -2.36
C ASP B 397 49.01 7.65 -3.70
N GLN B 398 50.15 8.32 -3.63
CA GLN B 398 50.77 8.78 -4.86
C GLN B 398 51.60 7.65 -5.46
N ALA B 399 51.89 6.62 -4.68
CA ALA B 399 52.44 5.39 -5.26
C ALA B 399 51.44 4.75 -6.24
N VAL B 400 50.18 4.75 -5.84
CA VAL B 400 49.12 4.28 -6.71
C VAL B 400 48.94 5.28 -7.86
N GLU B 401 48.95 6.57 -7.52
CA GLU B 401 48.68 7.59 -8.51
C GLU B 401 49.69 7.48 -9.65
N VAL B 402 50.94 7.23 -9.29
CA VAL B 402 51.98 7.02 -10.29
C VAL B 402 51.80 5.68 -11.00
N ALA B 403 51.54 4.62 -10.23
CA ALA B 403 51.36 3.26 -10.79
C ALA B 403 50.34 3.23 -11.91
N ASN B 404 49.21 3.90 -11.71
CA ASN B 404 48.17 3.99 -12.71
C ASN B 404 48.43 5.01 -13.83
N ASP B 405 49.46 5.85 -13.70
CA ASP B 405 49.61 6.89 -14.70
C ASP B 405 50.45 6.31 -15.85
N THR B 406 49.71 5.81 -16.84
CA THR B 406 50.24 5.02 -17.95
C THR B 406 49.04 4.56 -18.80
N ASP B 407 49.25 4.32 -20.08
CA ASP B 407 48.10 3.91 -20.89
C ASP B 407 47.84 2.43 -20.70
N TYR B 408 48.88 1.74 -20.23
CA TYR B 408 48.93 0.28 -20.16
C TYR B 408 48.28 -0.33 -18.93
N GLY B 409 47.74 -1.52 -19.13
CA GLY B 409 47.03 -2.27 -18.10
C GLY B 409 47.53 -3.63 -17.67
N LEU B 410 48.75 -4.03 -17.95
CA LEU B 410 49.00 -5.48 -17.91
C LEU B 410 49.13 -6.05 -16.49
N SER B 411 50.28 -5.82 -15.86
CA SER B 411 50.47 -6.35 -14.52
C SER B 411 50.92 -5.24 -13.61
N GLY B 412 51.30 -5.64 -12.40
CA GLY B 412 51.80 -4.75 -11.39
C GLY B 412 52.22 -5.61 -10.22
N ALA B 413 52.93 -5.04 -9.26
CA ALA B 413 53.25 -5.78 -8.06
C ALA B 413 53.46 -4.79 -6.93
N VAL B 414 53.25 -5.25 -5.70
CA VAL B 414 53.58 -4.46 -4.52
C VAL B 414 54.39 -5.32 -3.54
N LEU B 415 55.39 -4.68 -2.93
CA LEU B 415 56.27 -5.30 -1.95
C LEU B 415 56.05 -4.59 -0.64
N THR B 416 55.56 -5.34 0.35
CA THR B 416 55.26 -4.85 1.71
C THR B 416 54.88 -6.02 2.57
N ASN B 417 54.93 -5.84 3.88
CA ASN B 417 54.38 -6.84 4.78
C ASN B 417 53.06 -6.45 5.40
N ASN B 418 52.61 -5.24 5.13
CA ASN B 418 51.35 -4.81 5.72
C ASN B 418 50.22 -5.39 4.90
N VAL B 419 49.33 -6.15 5.53
CA VAL B 419 48.22 -6.74 4.80
C VAL B 419 47.31 -5.67 4.20
N ASN B 420 47.08 -4.60 4.94
CA ASN B 420 46.14 -3.55 4.51
C ASN B 420 46.69 -2.72 3.33
N ARG B 421 47.98 -2.48 3.34
CA ARG B 421 48.57 -1.72 2.27
C ARG B 421 48.68 -2.61 1.04
N ALA B 422 49.09 -3.86 1.25
CA ALA B 422 49.18 -4.81 0.16
C ALA B 422 47.83 -4.89 -0.55
N PHE B 423 46.76 -5.07 0.19
CA PHE B 423 45.48 -5.26 -0.45
C PHE B 423 44.88 -3.95 -1.00
N ARG B 424 45.11 -2.82 -0.35
CA ARG B 424 44.49 -1.60 -0.88
C ARG B 424 45.23 -1.14 -2.14
N ILE B 425 46.53 -1.39 -2.19
CA ILE B 425 47.29 -1.06 -3.40
C ILE B 425 46.96 -2.07 -4.52
N ALA B 426 46.97 -3.35 -4.19
CA ALA B 426 46.53 -4.38 -5.14
C ALA B 426 45.17 -4.02 -5.74
N GLU B 427 44.24 -3.51 -4.93
CA GLU B 427 42.95 -3.10 -5.48
C GLU B 427 43.08 -1.88 -6.36
N ALA B 428 43.77 -0.86 -5.83
CA ALA B 428 43.77 0.47 -6.43
C ALA B 428 44.51 0.52 -7.78
N VAL B 429 45.52 -0.34 -7.96
CA VAL B 429 46.27 -0.41 -9.21
C VAL B 429 45.40 -0.92 -10.36
N GLU B 430 45.29 -0.19 -11.45
CA GLU B 430 44.45 -0.69 -12.52
C GLU B 430 45.27 -1.52 -13.49
N SER B 431 45.19 -2.84 -13.34
CA SER B 431 45.92 -3.79 -14.15
C SER B 431 45.22 -5.14 -14.15
N GLY B 432 45.43 -5.91 -15.22
CA GLY B 432 44.76 -7.19 -15.41
C GLY B 432 45.32 -8.29 -14.52
N MET B 433 46.52 -8.06 -14.01
CA MET B 433 47.16 -9.01 -13.10
C MET B 433 47.84 -8.20 -12.02
N PHE B 434 48.03 -8.78 -10.84
CA PHE B 434 48.80 -8.14 -9.76
C PHE B 434 49.36 -9.19 -8.80
N HIS B 435 50.54 -8.91 -8.29
CA HIS B 435 51.22 -9.89 -7.47
C HIS B 435 51.74 -9.25 -6.19
N ILE B 436 51.34 -9.81 -5.05
CA ILE B 436 51.75 -9.27 -3.79
C ILE B 436 52.99 -9.99 -3.35
N ASN B 437 54.06 -9.24 -3.17
CA ASN B 437 55.36 -9.79 -2.75
C ASN B 437 55.98 -10.82 -3.68
N ASP B 438 56.09 -10.48 -4.96
CA ASP B 438 56.74 -11.33 -5.96
C ASP B 438 56.93 -10.48 -7.20
N VAL B 439 57.50 -11.08 -8.25
CA VAL B 439 57.90 -10.34 -9.44
C VAL B 439 56.70 -10.00 -10.32
N THR B 440 56.80 -8.94 -11.11
CA THR B 440 55.68 -8.53 -11.94
C THR B 440 55.37 -9.54 -13.04
N PHE B 441 56.38 -10.31 -13.46
CA PHE B 441 56.20 -11.23 -14.59
C PHE B 441 55.79 -12.66 -14.17
N LEU B 442 55.43 -12.86 -12.90
CA LEU B 442 54.96 -14.17 -12.44
C LEU B 442 53.84 -14.65 -13.37
N GLU B 443 53.95 -15.87 -13.88
CA GLU B 443 52.93 -16.42 -14.76
C GLU B 443 52.88 -17.95 -14.66
N GLU B 444 51.68 -18.52 -14.63
CA GLU B 444 51.51 -19.96 -14.57
C GLU B 444 50.64 -20.40 -15.75
N SER B 445 50.67 -21.70 -16.06
CA SER B 445 50.04 -22.24 -17.27
C SER B 445 48.53 -22.08 -17.27
N HIS B 446 47.94 -22.32 -16.10
CA HIS B 446 46.49 -22.45 -15.97
C HIS B 446 45.78 -21.21 -15.43
N VAL B 447 46.49 -20.09 -15.32
CA VAL B 447 45.91 -18.87 -14.79
C VAL B 447 45.68 -17.84 -15.92
N PRO B 448 44.67 -16.95 -15.73
CA PRO B 448 44.14 -15.99 -16.70
C PRO B 448 45.07 -14.82 -16.94
N PHE B 449 46.00 -15.01 -17.87
CA PHE B 449 46.99 -14.01 -18.20
C PHE B 449 46.46 -13.00 -19.24
N GLY B 450 46.41 -11.73 -18.84
CA GLY B 450 45.90 -10.67 -19.71
C GLY B 450 45.89 -9.31 -19.05
N GLY B 451 45.80 -8.27 -19.88
CA GLY B 451 45.79 -6.90 -19.40
C GLY B 451 44.47 -6.19 -19.53
N ILE B 452 44.49 -4.91 -19.17
CA ILE B 452 43.34 -4.05 -19.39
C ILE B 452 43.87 -2.80 -20.02
N LYS B 453 43.03 -1.78 -20.13
CA LYS B 453 43.44 -0.52 -20.77
C LYS B 453 44.07 -0.80 -22.12
N ALA B 454 45.28 -0.30 -22.32
CA ALA B 454 45.93 -0.43 -23.61
C ALA B 454 46.77 -1.71 -23.74
N SER B 455 46.74 -2.56 -22.72
CA SER B 455 47.52 -3.79 -22.69
C SER B 455 46.76 -4.94 -23.34
N GLY B 456 45.61 -4.63 -23.91
CA GLY B 456 44.87 -5.61 -24.68
C GLY B 456 43.59 -6.14 -24.08
N VAL B 457 43.02 -7.14 -24.75
CA VAL B 457 41.77 -7.76 -24.35
C VAL B 457 41.91 -9.28 -24.33
N GLY B 458 41.21 -9.94 -23.41
CA GLY B 458 41.21 -11.38 -23.35
C GLY B 458 42.03 -11.87 -22.19
N ARG B 459 41.97 -13.16 -21.92
CA ARG B 459 42.91 -13.81 -20.99
C ARG B 459 43.39 -15.13 -21.61
N GLU B 460 44.61 -15.55 -21.26
CA GLU B 460 45.11 -16.83 -21.77
C GLU B 460 45.82 -17.69 -20.72
N GLY B 461 45.90 -18.96 -21.11
CA GLY B 461 46.36 -20.04 -20.28
C GLY B 461 45.17 -20.82 -19.77
N GLY B 462 45.32 -22.15 -19.79
CA GLY B 462 44.27 -23.05 -19.36
C GLY B 462 42.88 -22.73 -19.87
N GLU B 463 41.96 -22.85 -18.94
CA GLU B 463 40.55 -22.75 -19.26
C GLU B 463 40.16 -21.41 -19.83
N TRP B 464 40.93 -20.37 -19.54
CA TRP B 464 40.62 -19.05 -20.07
C TRP B 464 41.00 -18.97 -21.56
N SER B 465 42.12 -19.59 -21.89
CA SER B 465 42.47 -19.83 -23.29
C SER B 465 41.29 -20.55 -23.94
N PHE B 466 40.72 -21.53 -23.22
CA PHE B 466 39.54 -22.24 -23.75
C PHE B 466 38.34 -21.30 -23.98
N HIS B 467 38.06 -20.39 -23.05
CA HIS B 467 36.96 -19.43 -23.24
C HIS B 467 37.19 -18.58 -24.50
N GLU B 468 38.45 -18.27 -24.83
CA GLU B 468 38.70 -17.36 -25.96
C GLU B 468 38.40 -18.03 -27.31
N THR B 469 38.75 -19.31 -27.39
CA THR B 469 38.66 -20.06 -28.64
C THR B 469 37.38 -20.92 -28.77
N THR B 470 36.42 -20.75 -27.84
CA THR B 470 35.13 -21.44 -27.91
C THR B 470 33.91 -20.52 -27.75
N TYR B 471 32.74 -21.00 -28.15
CA TYR B 471 31.50 -20.29 -27.84
C TYR B 471 30.54 -21.18 -27.09
N ASP B 472 29.62 -20.52 -26.40
CA ASP B 472 28.56 -21.22 -25.67
C ASP B 472 27.41 -21.45 -26.66
N ARG B 473 26.75 -22.60 -26.56
CA ARG B 473 25.55 -22.83 -27.35
C ARG B 473 24.38 -23.35 -26.53
N TRP B 474 23.36 -22.50 -26.38
CA TRP B 474 22.12 -22.87 -25.69
C TRP B 474 21.30 -23.82 -26.54
N VAL B 475 20.95 -24.98 -25.97
CA VAL B 475 20.10 -25.97 -26.62
C VAL B 475 18.98 -26.45 -25.69
N THR B 476 17.74 -26.40 -26.18
CA THR B 476 16.57 -26.81 -25.41
C THR B 476 15.81 -27.93 -26.06
N VAL B 477 15.23 -28.78 -25.25
CA VAL B 477 14.25 -29.72 -25.78
C VAL B 477 12.99 -29.44 -25.03
N THR B 478 11.95 -29.04 -25.76
CA THR B 478 10.64 -28.87 -25.15
C THR B 478 9.87 -30.18 -25.19
N LEU B 479 9.39 -30.64 -24.04
CA LEU B 479 8.70 -31.91 -23.98
C LEU B 479 7.18 -31.74 -23.98
N ARG B 480 6.71 -30.49 -23.99
CA ARG B 480 5.27 -30.19 -23.97
C ARG B 480 4.83 -29.50 -25.27
N THR B 481 3.55 -29.65 -25.60
CA THR B 481 3.00 -28.95 -26.76
C THR B 481 2.04 -27.87 -26.26
N ARG B 482 2.23 -26.65 -26.71
CA ARG B 482 1.39 -25.57 -26.21
C ARG B 482 0.58 -24.88 -27.29
N ARG B 483 -0.25 -23.94 -26.84
CA ARG B 483 -1.09 -23.15 -27.71
C ARG B 483 -0.35 -21.84 -28.02
N PHE B 484 -0.56 -21.27 -29.19
CA PHE B 484 0.19 -20.08 -29.56
C PHE B 484 -0.70 -18.83 -29.69
N PRO B 485 -0.15 -17.67 -29.31
CA PRO B 485 -0.92 -16.42 -29.31
C PRO B 485 -1.53 -16.04 -30.66
N ILE B 486 -0.96 -16.50 -31.78
CA ILE B 486 -1.56 -16.26 -33.08
C ILE B 486 -1.68 -17.56 -33.90
N PRO B 487 -2.77 -17.68 -34.67
CA PRO B 487 -3.90 -16.75 -34.78
C PRO B 487 -4.75 -16.74 -33.53
N SER B 488 -5.18 -15.56 -33.11
CA SER B 488 -5.95 -15.47 -31.87
C SER B 488 -7.30 -16.16 -32.05
N ALA B 489 -7.79 -16.17 -33.28
CA ALA B 489 -9.11 -16.68 -33.58
C ALA B 489 -9.29 -18.18 -33.27
N LEU B 490 -8.21 -18.87 -32.90
CA LEU B 490 -8.28 -20.30 -32.55
C LEU B 490 -8.59 -20.57 -31.07
N MET C 7 -2.45 -15.07 22.44
CA MET C 7 -1.42 -15.86 21.74
C MET C 7 -1.61 -17.38 21.85
N LYS C 8 -2.24 -17.98 20.82
CA LYS C 8 -2.50 -19.43 20.80
C LYS C 8 -1.51 -20.19 19.90
N VAL C 9 -0.64 -20.99 20.50
CA VAL C 9 0.42 -21.68 19.75
C VAL C 9 0.04 -23.12 19.37
N ALA C 10 0.34 -23.49 18.12
CA ALA C 10 0.02 -24.80 17.59
C ALA C 10 1.13 -25.39 16.68
N ASN C 11 0.99 -26.67 16.31
CA ASN C 11 1.75 -27.25 15.20
C ASN C 11 1.25 -26.69 13.87
N TYR C 12 2.07 -26.79 12.83
CA TYR C 12 1.60 -26.50 11.47
C TYR C 12 1.82 -27.75 10.61
N ILE C 13 0.74 -28.38 10.16
CA ILE C 13 0.83 -29.65 9.44
C ILE C 13 -0.16 -29.71 8.29
N ASN C 14 0.34 -30.08 7.12
CA ASN C 14 -0.43 -30.00 5.89
C ASN C 14 -1.16 -28.67 5.72
N GLY C 15 -0.45 -27.57 5.97
CA GLY C 15 -1.03 -26.26 5.78
C GLY C 15 -2.10 -25.87 6.79
N GLU C 16 -2.30 -26.73 7.80
CA GLU C 16 -3.23 -26.46 8.91
C GLU C 16 -2.52 -26.12 10.22
N PHE C 17 -2.93 -25.04 10.89
CA PHE C 17 -2.51 -24.89 12.26
C PHE C 17 -3.35 -25.81 13.13
N LYS C 18 -2.71 -26.77 13.81
CA LYS C 18 -3.47 -27.70 14.65
C LYS C 18 -2.76 -28.23 15.91
N GLU C 19 -3.59 -28.75 16.83
CA GLU C 19 -3.15 -29.32 18.11
C GLU C 19 -2.45 -30.64 17.92
N PRO C 20 -1.54 -30.98 18.84
CA PRO C 20 -0.98 -32.32 18.82
C PRO C 20 -2.07 -33.35 19.05
N SER C 21 -1.85 -34.57 18.56
CA SER C 21 -2.77 -35.67 18.81
C SER C 21 -2.94 -35.89 20.31
N THR C 22 -1.81 -35.79 21.02
CA THR C 22 -1.70 -35.98 22.46
C THR C 22 -2.69 -35.08 23.19
N GLY C 23 -2.88 -33.89 22.64
CA GLY C 23 -3.64 -32.84 23.28
C GLY C 23 -2.73 -32.23 24.33
N ALA C 24 -1.48 -32.66 24.32
CA ALA C 24 -0.50 -32.20 25.29
C ALA C 24 -0.22 -30.71 25.14
N PHE C 25 0.27 -30.15 26.23
CA PHE C 25 0.68 -28.76 26.26
C PHE C 25 1.79 -28.73 27.30
N GLN C 26 2.58 -27.68 27.25
CA GLN C 26 3.70 -27.53 28.14
C GLN C 26 3.84 -26.05 28.29
N VAL C 27 4.19 -25.62 29.49
CA VAL C 27 4.16 -24.21 29.77
C VAL C 27 5.57 -23.62 29.64
N LYS C 28 5.74 -22.74 28.65
CA LYS C 28 7.04 -22.14 28.45
C LYS C 28 7.15 -20.79 29.13
N THR C 29 8.24 -20.72 29.91
CA THR C 29 8.58 -19.62 30.78
C THR C 29 9.73 -18.80 30.20
N SER C 30 9.76 -17.52 30.52
CA SER C 30 10.84 -16.66 30.06
C SER C 30 12.08 -16.91 30.88
N PRO C 31 13.23 -16.93 30.22
CA PRO C 31 14.47 -17.00 30.98
C PRO C 31 14.75 -15.69 31.73
N VAL C 32 14.06 -14.62 31.37
CA VAL C 32 14.39 -13.34 31.99
C VAL C 32 13.95 -13.25 33.44
N ASP C 33 12.64 -13.11 33.65
CA ASP C 33 12.03 -13.15 34.97
C ASP C 33 11.31 -14.46 35.34
N GLY C 34 11.19 -15.38 34.39
CA GLY C 34 10.48 -16.61 34.68
C GLY C 34 8.99 -16.50 34.47
N SER C 35 8.51 -15.33 34.02
CA SER C 35 7.07 -15.15 33.78
C SER C 35 6.60 -16.10 32.72
N LYS C 36 5.34 -16.51 32.80
CA LYS C 36 4.82 -17.44 31.79
C LYS C 36 4.78 -16.75 30.42
N ILE C 37 5.33 -17.42 29.41
CA ILE C 37 5.29 -16.88 28.06
C ILE C 37 4.11 -17.42 27.30
N ALA C 38 4.07 -18.73 27.08
CA ALA C 38 2.92 -19.32 26.37
C ALA C 38 2.82 -20.82 26.56
N GLU C 39 1.65 -21.39 26.28
CA GLU C 39 1.51 -22.85 26.21
C GLU C 39 1.87 -23.34 24.83
N VAL C 40 2.71 -24.36 24.74
CA VAL C 40 3.13 -24.88 23.44
C VAL C 40 2.88 -26.37 23.43
N PRO C 41 2.75 -26.97 22.24
CA PRO C 41 2.54 -28.43 22.20
C PRO C 41 3.68 -29.27 22.78
N ARG C 42 3.33 -30.46 23.24
CA ARG C 42 4.29 -31.54 23.36
C ARG C 42 3.83 -32.65 22.43
N SER C 43 4.56 -32.84 21.33
CA SER C 43 4.07 -33.68 20.25
C SER C 43 4.68 -35.06 20.32
N GLY C 44 3.93 -36.06 19.87
CA GLY C 44 4.40 -37.42 19.91
C GLY C 44 4.79 -37.88 18.54
N ARG C 45 5.15 -39.16 18.44
CA ARG C 45 5.53 -39.75 17.17
C ARG C 45 4.43 -39.55 16.14
N GLU C 46 3.15 -39.74 16.52
CA GLU C 46 2.04 -39.62 15.57
C GLU C 46 2.00 -38.23 14.92
N ASP C 47 2.28 -37.19 15.70
CA ASP C 47 2.39 -35.86 15.13
C ASP C 47 3.51 -35.79 14.09
N ALA C 48 4.67 -36.32 14.46
CA ALA C 48 5.85 -36.35 13.59
C ALA C 48 5.56 -37.04 12.27
N ARG C 49 4.94 -38.21 12.35
CA ARG C 49 4.62 -39.02 11.18
C ARG C 49 3.58 -38.31 10.31
N GLU C 50 2.65 -37.58 10.93
CA GLU C 50 1.70 -36.83 10.12
C GLU C 50 2.45 -35.76 9.29
N ALA C 51 3.38 -35.05 9.94
CA ALA C 51 4.25 -34.09 9.23
C ALA C 51 5.05 -34.74 8.08
N ILE C 52 5.77 -35.80 8.40
CA ILE C 52 6.62 -36.43 7.41
C ILE C 52 5.82 -36.92 6.19
N ASP C 53 4.67 -37.57 6.44
CA ASP C 53 3.83 -38.06 5.34
C ASP C 53 3.30 -36.91 4.49
N SER C 54 2.85 -35.86 5.17
CA SER C 54 2.39 -34.66 4.50
C SER C 54 3.46 -34.16 3.53
N ALA C 55 4.70 -34.21 4.01
CA ALA C 55 5.84 -33.72 3.24
C ALA C 55 6.15 -34.61 2.05
N PHE C 56 6.11 -35.91 2.27
CA PHE C 56 6.39 -36.88 1.20
C PHE C 56 5.36 -36.71 0.10
N GLU C 57 4.11 -36.48 0.47
CA GLU C 57 3.08 -36.31 -0.55
C GLU C 57 3.21 -34.97 -1.28
N ALA C 58 3.59 -33.92 -0.55
CA ALA C 58 3.80 -32.62 -1.19
C ALA C 58 5.03 -32.58 -2.10
N LEU C 59 5.96 -33.51 -1.89
CA LEU C 59 7.27 -33.46 -2.55
C LEU C 59 7.20 -33.41 -4.07
N LYS C 60 6.55 -34.38 -4.71
CA LYS C 60 6.61 -34.45 -6.17
C LYS C 60 6.05 -33.16 -6.77
N ALA C 61 4.87 -32.78 -6.29
CA ALA C 61 4.26 -31.52 -6.66
C ALA C 61 5.27 -30.38 -6.57
N TRP C 62 5.95 -30.31 -5.43
CA TRP C 62 6.83 -29.18 -5.08
C TRP C 62 8.13 -29.11 -5.89
N ALA C 63 8.72 -30.27 -6.14
CA ALA C 63 9.97 -30.33 -6.88
C ALA C 63 9.77 -30.26 -8.40
N ASN C 64 8.57 -30.58 -8.91
CA ASN C 64 8.42 -30.56 -10.36
C ASN C 64 7.97 -29.21 -10.93
N ILE C 65 7.47 -28.33 -10.08
CA ILE C 65 7.19 -26.98 -10.55
C ILE C 65 8.55 -26.32 -10.83
N PRO C 66 8.56 -25.39 -11.80
CA PRO C 66 9.81 -24.74 -12.18
C PRO C 66 10.44 -23.99 -11.02
N ALA C 67 11.77 -23.88 -11.06
CA ALA C 67 12.53 -23.22 -10.01
C ALA C 67 11.94 -21.88 -9.71
N ILE C 68 11.58 -21.17 -10.77
CA ILE C 68 11.13 -19.80 -10.61
C ILE C 68 9.87 -19.66 -9.74
N ARG C 69 9.02 -20.69 -9.66
CA ARG C 69 7.79 -20.57 -8.84
C ARG C 69 8.15 -20.69 -7.36
N ARG C 70 9.06 -21.61 -7.06
CA ARG C 70 9.56 -21.76 -5.70
C ARG C 70 10.23 -20.47 -5.29
N ALA C 71 10.88 -19.82 -6.26
CA ALA C 71 11.40 -18.48 -6.03
C ALA C 71 10.29 -17.48 -5.70
N GLU C 72 9.15 -17.54 -6.41
CA GLU C 72 8.03 -16.66 -6.08
C GLU C 72 7.67 -16.81 -4.62
N TYR C 73 7.32 -18.05 -4.24
CA TYR C 73 6.99 -18.37 -2.86
C TYR C 73 8.00 -17.84 -1.85
N LEU C 74 9.28 -18.05 -2.13
CA LEU C 74 10.28 -17.49 -1.25
C LEU C 74 10.19 -15.97 -1.15
N TYR C 75 9.94 -15.30 -2.27
CA TYR C 75 9.87 -13.84 -2.23
C TYR C 75 8.66 -13.35 -1.43
N LYS C 76 7.55 -14.08 -1.56
CA LYS C 76 6.34 -13.75 -0.81
C LYS C 76 6.65 -13.90 0.68
N MET C 77 7.22 -15.04 1.02
CA MET C 77 7.71 -15.30 2.37
C MET C 77 8.56 -14.15 2.88
N LEU C 78 9.37 -13.58 1.99
CA LEU C 78 10.29 -12.52 2.37
C LEU C 78 9.55 -11.26 2.74
N GLU C 79 8.62 -10.82 1.90
CA GLU C 79 7.94 -9.56 2.24
C GLU C 79 6.99 -9.74 3.45
N VAL C 80 6.44 -10.96 3.61
CA VAL C 80 5.67 -11.33 4.81
C VAL C 80 6.54 -11.19 6.08
N PHE C 81 7.75 -11.73 5.99
CA PHE C 81 8.74 -11.60 7.05
C PHE C 81 8.98 -10.12 7.37
N ARG C 82 9.14 -9.31 6.32
CA ARG C 82 9.40 -7.90 6.54
C ARG C 82 8.26 -7.30 7.35
N GLN C 83 7.04 -7.76 7.07
CA GLN C 83 5.92 -7.27 7.90
C GLN C 83 5.82 -7.94 9.31
N MET C 84 6.54 -9.03 9.55
CA MET C 84 6.55 -9.63 10.88
C MET C 84 7.76 -9.27 11.75
N LYS C 85 8.67 -8.47 11.20
CA LYS C 85 9.98 -8.26 11.80
C LYS C 85 9.95 -8.00 13.31
N GLU C 86 9.11 -7.06 13.74
CA GLU C 86 9.16 -6.64 15.12
C GLU C 86 8.51 -7.65 16.05
N ASP C 87 7.56 -8.43 15.56
CA ASP C 87 7.01 -9.47 16.42
C ASP C 87 8.02 -10.63 16.53
N PHE C 88 8.85 -10.75 15.51
CA PHE C 88 9.96 -11.69 15.60
C PHE C 88 10.96 -11.23 16.65
N MET C 89 11.35 -9.96 16.56
CA MET C 89 12.27 -9.36 17.51
C MET C 89 11.75 -9.56 18.93
N LYS C 90 10.45 -9.30 19.13
CA LYS C 90 9.84 -9.44 20.44
C LYS C 90 10.00 -10.86 20.96
N ILE C 91 9.58 -11.85 20.18
CA ILE C 91 9.72 -13.22 20.67
C ILE C 91 11.19 -13.60 20.87
N LEU C 92 12.08 -13.05 20.06
CA LEU C 92 13.49 -13.32 20.23
C LEU C 92 14.00 -12.82 21.60
N THR C 93 13.72 -11.56 21.91
CA THR C 93 14.15 -11.00 23.18
C THR C 93 13.48 -11.75 24.35
N VAL C 94 12.19 -12.03 24.24
CA VAL C 94 11.52 -12.62 25.40
C VAL C 94 11.82 -14.11 25.62
N GLU C 95 11.67 -14.92 24.58
CA GLU C 95 11.78 -16.37 24.67
C GLU C 95 13.22 -16.90 24.64
N GLY C 96 14.08 -16.19 23.93
CA GLY C 96 15.46 -16.60 23.77
C GLY C 96 16.38 -15.78 24.66
N GLY C 97 15.83 -14.71 25.19
CA GLY C 97 16.58 -13.88 26.12
C GLY C 97 17.66 -13.05 25.46
N GLY C 98 17.45 -12.70 24.19
CA GLY C 98 18.42 -11.90 23.46
C GLY C 98 18.27 -10.41 23.68
N THR C 99 19.38 -9.67 23.58
CA THR C 99 19.34 -8.22 23.76
C THR C 99 18.69 -7.56 22.55
N TYR C 100 18.49 -6.25 22.57
CA TYR C 100 17.82 -5.63 21.42
C TYR C 100 18.69 -5.70 20.19
N ARG C 101 19.96 -5.36 20.40
CA ARG C 101 20.92 -5.32 19.31
C ARG C 101 21.10 -6.74 18.70
N LYS C 102 21.11 -7.77 19.56
CA LYS C 102 21.20 -9.15 19.07
C LYS C 102 20.04 -9.49 18.14
N VAL C 103 18.84 -9.48 18.68
CA VAL C 103 17.66 -9.89 17.93
C VAL C 103 17.44 -9.01 16.70
N TRP C 104 17.85 -7.74 16.79
CA TRP C 104 17.73 -6.86 15.63
C TRP C 104 18.62 -7.43 14.53
N GLY C 105 19.88 -7.66 14.89
CA GLY C 105 20.81 -8.24 13.97
C GLY C 105 20.30 -9.54 13.37
N GLU C 106 19.84 -10.44 14.24
CA GLU C 106 19.37 -11.76 13.81
C GLU C 106 18.23 -11.64 12.82
N VAL C 107 17.35 -10.68 13.06
CA VAL C 107 16.20 -10.50 12.21
C VAL C 107 16.64 -9.98 10.83
N VAL C 108 17.50 -8.96 10.84
CA VAL C 108 18.05 -8.39 9.61
C VAL C 108 18.78 -9.45 8.77
N PHE C 109 19.57 -10.28 9.43
CA PHE C 109 20.23 -11.35 8.73
C PHE C 109 19.23 -12.40 8.26
N THR C 110 18.14 -12.59 8.99
CA THR C 110 17.16 -13.59 8.54
C THR C 110 16.53 -13.10 7.25
N GLU C 111 16.32 -11.80 7.16
CA GLU C 111 15.80 -11.21 5.94
C GLU C 111 16.77 -11.47 4.80
N ARG C 112 18.04 -11.19 5.05
CA ARG C 112 19.06 -11.40 4.01
C ARG C 112 19.12 -12.85 3.55
N LEU C 113 18.92 -13.76 4.50
CA LEU C 113 18.89 -15.21 4.27
C LEU C 113 17.76 -15.59 3.35
N ILE C 114 16.53 -15.30 3.77
CA ILE C 114 15.35 -15.61 2.98
C ILE C 114 15.50 -15.06 1.57
N GLN C 115 15.84 -13.79 1.48
CA GLN C 115 16.06 -13.21 0.16
C GLN C 115 17.13 -13.95 -0.62
N ASN C 116 18.17 -14.42 0.05
CA ASN C 116 19.22 -15.16 -0.65
C ASN C 116 18.73 -16.49 -1.24
N ALA C 117 17.97 -17.24 -0.47
CA ALA C 117 17.42 -18.49 -0.98
C ALA C 117 16.60 -18.16 -2.23
N ALA C 118 15.71 -17.17 -2.11
CA ALA C 118 14.92 -16.78 -3.27
C ALA C 118 15.80 -16.47 -4.49
N GLU C 119 16.79 -15.59 -4.32
CA GLU C 119 17.71 -15.21 -5.38
C GLU C 119 18.38 -16.39 -6.06
N LEU C 120 18.85 -17.35 -5.27
CA LEU C 120 19.61 -18.44 -5.88
C LEU C 120 18.79 -19.54 -6.52
N ALA C 121 17.51 -19.67 -6.17
CA ALA C 121 16.72 -20.84 -6.54
C ALA C 121 16.81 -21.26 -8.03
N ARG C 122 16.89 -20.26 -8.92
CA ARG C 122 16.84 -20.49 -10.38
C ARG C 122 18.19 -20.77 -11.01
N HIS C 123 19.23 -20.51 -10.24
CA HIS C 123 20.61 -20.56 -10.70
C HIS C 123 21.46 -21.75 -10.25
N TYR C 124 20.81 -22.72 -9.62
CA TYR C 124 21.53 -23.92 -9.26
C TYR C 124 21.67 -24.82 -10.48
N GLN C 125 22.90 -25.04 -10.92
CA GLN C 125 23.12 -25.66 -12.23
C GLN C 125 23.80 -27.02 -12.21
N GLY C 126 23.60 -27.78 -13.30
CA GLY C 126 24.26 -29.04 -13.49
C GLY C 126 25.38 -28.82 -14.50
N ARG C 127 25.90 -29.89 -15.08
CA ARG C 127 27.02 -29.71 -15.97
C ARG C 127 26.79 -30.39 -17.31
N VAL C 128 27.46 -29.92 -18.36
CA VAL C 128 27.52 -30.63 -19.62
C VAL C 128 28.97 -31.06 -19.76
N LEU C 129 29.20 -32.37 -19.89
CA LEU C 129 30.54 -32.95 -19.80
C LEU C 129 31.02 -33.39 -21.17
N GLN C 130 32.34 -33.46 -21.36
CA GLN C 130 32.83 -34.15 -22.54
C GLN C 130 32.64 -35.65 -22.33
N SER C 131 32.21 -36.34 -23.37
CA SER C 131 32.10 -37.78 -23.30
C SER C 131 33.39 -38.36 -23.87
N ASP C 132 33.86 -39.48 -23.32
CA ASP C 132 35.07 -40.12 -23.86
C ASP C 132 34.74 -40.98 -25.06
N SER C 133 33.45 -41.02 -25.38
CA SER C 133 32.93 -41.80 -26.50
C SER C 133 32.36 -40.86 -27.57
N GLU C 134 32.48 -41.24 -28.84
CA GLU C 134 31.85 -40.40 -29.85
C GLU C 134 30.33 -40.66 -29.87
N SER C 135 29.60 -39.71 -30.44
CA SER C 135 28.13 -39.81 -30.56
C SER C 135 27.41 -40.00 -29.19
N THR C 136 28.02 -39.48 -28.14
CA THR C 136 27.39 -39.52 -26.83
C THR C 136 27.28 -38.13 -26.20
N ILE C 137 26.07 -37.79 -25.79
CA ILE C 137 25.77 -36.62 -25.00
C ILE C 137 25.78 -36.96 -23.52
N SER C 138 26.53 -36.19 -22.74
CA SER C 138 26.73 -36.49 -21.33
C SER C 138 26.47 -35.27 -20.44
N VAL C 139 25.42 -35.29 -19.62
CA VAL C 139 25.14 -34.15 -18.74
C VAL C 139 24.85 -34.63 -17.31
N VAL C 140 24.87 -33.71 -16.35
CA VAL C 140 24.62 -34.00 -14.95
C VAL C 140 23.53 -33.06 -14.47
N PHE C 141 22.44 -33.63 -13.98
CA PHE C 141 21.30 -32.83 -13.53
C PHE C 141 21.31 -32.70 -12.02
N LYS C 142 20.75 -31.62 -11.49
CA LYS C 142 20.55 -31.49 -10.03
C LYS C 142 19.13 -31.85 -9.64
N ARG C 143 18.97 -32.80 -8.74
CA ARG C 143 17.63 -33.10 -8.26
C ARG C 143 17.58 -32.97 -6.74
N SER C 144 16.43 -32.62 -6.18
CA SER C 144 16.32 -32.47 -4.74
C SER C 144 16.13 -33.84 -4.09
N LYS C 145 16.54 -33.98 -2.83
CA LYS C 145 16.47 -35.26 -2.15
C LYS C 145 15.07 -35.72 -1.80
N GLY C 146 14.28 -34.84 -1.18
CA GLY C 146 13.05 -35.29 -0.57
C GLY C 146 12.56 -34.46 0.60
N VAL C 147 11.85 -35.13 1.51
CA VAL C 147 11.54 -34.54 2.78
C VAL C 147 12.83 -34.33 3.54
N VAL C 148 13.01 -33.12 4.06
CA VAL C 148 14.25 -32.79 4.76
C VAL C 148 13.96 -32.42 6.21
N GLY C 149 14.61 -33.12 7.14
CA GLY C 149 14.50 -32.80 8.55
C GLY C 149 15.28 -31.54 8.92
N VAL C 150 14.62 -30.62 9.60
CA VAL C 150 15.31 -29.43 10.10
C VAL C 150 15.15 -29.34 11.61
N ILE C 151 16.26 -29.51 12.34
CA ILE C 151 16.27 -29.43 13.80
C ILE C 151 17.27 -28.35 14.27
N THR C 152 16.79 -27.40 15.05
CA THR C 152 17.54 -26.18 15.25
C THR C 152 17.87 -25.89 16.71
N PRO C 153 18.87 -25.01 16.95
CA PRO C 153 19.21 -24.63 18.31
C PRO C 153 18.41 -23.43 18.81
N TRP C 154 18.65 -23.05 20.07
CA TRP C 154 17.92 -21.94 20.66
C TRP C 154 18.68 -20.62 20.69
N ASN C 155 19.96 -20.63 20.33
CA ASN C 155 20.73 -19.41 20.55
C ASN C 155 20.42 -18.36 19.50
N TYR C 156 20.28 -18.83 18.25
CA TYR C 156 19.90 -18.02 17.09
C TYR C 156 18.85 -18.77 16.29
N PRO C 157 17.68 -19.03 16.90
CA PRO C 157 16.75 -19.96 16.25
C PRO C 157 16.14 -19.39 14.96
N LEU C 158 15.94 -18.09 14.90
CA LEU C 158 15.32 -17.51 13.74
C LEU C 158 16.21 -17.65 12.53
N SER C 159 17.43 -17.16 12.66
CA SER C 159 18.39 -17.13 11.56
C SER C 159 18.80 -18.54 11.17
N ILE C 160 19.10 -19.38 12.14
CA ILE C 160 19.56 -20.71 11.80
C ILE C 160 18.44 -21.53 11.16
N SER C 161 17.26 -21.50 11.76
CA SER C 161 16.16 -22.25 11.19
C SER C 161 15.86 -21.70 9.80
N MET C 162 15.96 -20.39 9.60
CA MET C 162 15.55 -19.87 8.30
C MET C 162 16.60 -20.14 7.26
N LYS C 163 17.87 -20.12 7.66
CA LYS C 163 18.96 -20.48 6.77
C LYS C 163 18.68 -21.87 6.23
N LYS C 164 18.44 -22.81 7.14
CA LYS C 164 18.13 -24.19 6.72
C LYS C 164 16.84 -24.28 5.86
N ILE C 165 15.75 -23.77 6.41
CA ILE C 165 14.45 -23.89 5.78
C ILE C 165 14.43 -23.31 4.36
N ALA C 166 14.71 -22.02 4.23
CA ALA C 166 14.50 -21.31 2.94
C ALA C 166 15.35 -21.88 1.81
N HIS C 167 16.62 -22.12 2.10
CA HIS C 167 17.47 -22.73 1.09
C HIS C 167 16.96 -24.13 0.74
N THR C 168 16.81 -24.98 1.75
CA THR C 168 16.32 -26.34 1.51
C THR C 168 15.04 -26.38 0.66
N LEU C 169 14.10 -25.50 0.96
CA LEU C 169 12.90 -25.33 0.16
C LEU C 169 13.19 -24.88 -1.28
N ALA C 170 14.07 -23.89 -1.43
CA ALA C 170 14.34 -23.28 -2.74
C ALA C 170 14.59 -24.30 -3.88
N VAL C 171 15.43 -25.30 -3.64
CA VAL C 171 15.75 -26.29 -4.66
C VAL C 171 14.76 -27.45 -4.75
N GLY C 172 13.66 -27.37 -4.02
CA GLY C 172 12.59 -28.34 -4.21
C GLY C 172 12.41 -29.46 -3.19
N ASN C 173 13.05 -29.37 -2.03
CA ASN C 173 12.78 -30.29 -0.94
C ASN C 173 11.63 -29.76 -0.10
N THR C 174 10.81 -30.66 0.42
CA THR C 174 9.87 -30.23 1.45
C THR C 174 10.53 -30.46 2.80
N VAL C 175 9.86 -30.01 3.85
CA VAL C 175 10.52 -29.83 5.15
C VAL C 175 9.64 -30.19 6.37
N VAL C 176 10.22 -30.97 7.27
CA VAL C 176 9.64 -31.21 8.58
C VAL C 176 10.58 -30.64 9.62
N TYR C 177 10.08 -29.70 10.42
CA TYR C 177 10.94 -28.85 11.24
C TYR C 177 10.55 -28.85 12.70
N LYS C 178 11.48 -29.31 13.54
CA LYS C 178 11.32 -29.36 14.98
C LYS C 178 12.31 -28.38 15.63
N PRO C 179 11.81 -27.26 16.15
CA PRO C 179 12.66 -26.21 16.72
C PRO C 179 13.20 -26.59 18.08
N ALA C 180 14.18 -25.83 18.56
CA ALA C 180 14.72 -26.00 19.90
C ALA C 180 13.60 -26.02 20.94
N SER C 181 13.73 -26.90 21.92
CA SER C 181 12.71 -27.05 22.96
C SER C 181 12.51 -25.77 23.77
N ASP C 182 13.57 -24.96 23.89
CA ASP C 182 13.49 -23.67 24.58
C ASP C 182 13.01 -22.50 23.72
N THR C 183 12.96 -22.69 22.40
CA THR C 183 12.42 -21.66 21.53
C THR C 183 11.32 -22.15 20.60
N PRO C 184 10.22 -22.68 21.17
CA PRO C 184 9.12 -23.08 20.30
C PRO C 184 8.45 -21.90 19.57
N VAL C 185 8.17 -20.83 20.32
CA VAL C 185 7.39 -19.73 19.78
C VAL C 185 8.04 -19.12 18.54
N THR C 186 9.36 -19.16 18.45
CA THR C 186 10.02 -18.61 17.28
C THR C 186 9.64 -19.48 16.09
N GLY C 187 9.59 -20.78 16.32
CA GLY C 187 9.24 -21.75 15.31
C GLY C 187 7.81 -21.54 14.88
N TRP C 188 6.96 -21.26 15.86
CA TRP C 188 5.56 -20.97 15.58
C TRP C 188 5.42 -19.73 14.71
N LEU C 189 6.18 -18.69 15.03
CA LEU C 189 6.21 -17.49 14.21
C LEU C 189 6.71 -17.77 12.78
N ILE C 190 7.69 -18.65 12.66
CA ILE C 190 8.14 -19.07 11.35
C ILE C 190 7.00 -19.73 10.57
N ALA C 191 6.30 -20.68 11.20
CA ALA C 191 5.23 -21.39 10.48
C ALA C 191 4.07 -20.44 10.17
N GLN C 192 3.89 -19.45 11.02
CA GLN C 192 2.95 -18.38 10.75
C GLN C 192 3.33 -17.64 9.47
N MET C 193 4.61 -17.33 9.34
CA MET C 193 5.13 -16.65 8.16
C MET C 193 4.89 -17.51 6.92
N VAL C 194 5.30 -18.76 7.00
CA VAL C 194 5.21 -19.63 5.84
C VAL C 194 3.75 -19.77 5.45
N ALA C 195 2.86 -19.73 6.43
CA ALA C 195 1.42 -19.84 6.19
C ALA C 195 0.86 -18.60 5.47
N LYS C 196 1.16 -17.40 5.97
CA LYS C 196 0.81 -16.16 5.28
C LYS C 196 1.48 -16.06 3.91
N ALA C 197 2.46 -16.94 3.67
CA ALA C 197 3.21 -16.96 2.42
C ALA C 197 2.49 -17.68 1.29
N GLY C 198 1.76 -18.73 1.64
CA GLY C 198 0.87 -19.35 0.68
C GLY C 198 1.42 -20.63 0.08
N LEU C 199 2.55 -21.08 0.62
CA LEU C 199 3.20 -22.30 0.17
C LEU C 199 2.24 -23.45 0.27
N PRO C 200 2.20 -24.31 -0.74
CA PRO C 200 1.27 -25.42 -0.87
C PRO C 200 1.16 -26.27 0.38
N LYS C 201 -0.03 -26.82 0.60
CA LYS C 201 -0.29 -27.69 1.74
C LYS C 201 0.79 -28.79 1.82
N GLY C 202 1.35 -28.94 3.02
CA GLY C 202 2.34 -29.96 3.30
C GLY C 202 3.79 -29.73 2.90
N VAL C 203 4.11 -28.58 2.29
CA VAL C 203 5.49 -28.33 1.83
C VAL C 203 6.39 -27.90 2.99
N PHE C 204 5.82 -27.13 3.90
CA PHE C 204 6.49 -26.84 5.16
C PHE C 204 5.66 -27.33 6.34
N ASN C 205 6.28 -28.01 7.29
CA ASN C 205 5.56 -28.47 8.46
C ASN C 205 6.34 -28.30 9.76
N LEU C 206 5.69 -27.66 10.74
CA LEU C 206 6.27 -27.42 12.07
C LEU C 206 5.68 -28.36 13.12
N VAL C 207 6.54 -29.15 13.75
CA VAL C 207 6.15 -30.00 14.88
C VAL C 207 6.91 -29.66 16.17
N ILE C 208 6.20 -29.07 17.14
CA ILE C 208 6.83 -28.69 18.39
C ILE C 208 6.67 -29.80 19.41
N GLY C 209 7.81 -30.36 19.81
CA GLY C 209 7.81 -31.50 20.69
C GLY C 209 9.18 -31.78 21.26
N PRO C 210 9.27 -32.81 22.12
CA PRO C 210 10.51 -33.24 22.75
C PRO C 210 11.43 -33.88 21.72
N GLY C 211 12.71 -33.50 21.75
CA GLY C 211 13.69 -34.08 20.86
C GLY C 211 13.69 -35.59 20.82
N PRO C 212 13.81 -36.24 22.00
CA PRO C 212 13.82 -37.70 22.12
C PRO C 212 12.70 -38.45 21.38
N VAL C 213 11.55 -37.78 21.22
CA VAL C 213 10.38 -38.41 20.62
C VAL C 213 10.13 -37.87 19.19
N VAL C 214 9.83 -36.59 19.06
CA VAL C 214 9.60 -35.99 17.76
C VAL C 214 10.82 -36.07 16.87
N GLY C 215 11.88 -35.45 17.37
CA GLY C 215 13.13 -35.38 16.64
C GLY C 215 13.57 -36.74 16.13
N GLU C 216 13.36 -37.77 16.94
CA GLU C 216 13.92 -39.03 16.56
C GLU C 216 13.10 -39.68 15.48
N GLU C 217 11.77 -39.47 15.51
CA GLU C 217 10.98 -40.01 14.40
C GLU C 217 11.44 -39.32 13.13
N ILE C 218 11.63 -38.00 13.21
CA ILE C 218 12.17 -37.24 12.08
C ILE C 218 13.48 -37.84 11.53
N VAL C 219 14.36 -38.28 12.43
CA VAL C 219 15.67 -38.81 12.04
C VAL C 219 15.65 -40.26 11.53
N THR C 220 14.73 -41.06 12.05
CA THR C 220 14.77 -42.49 11.76
C THR C 220 13.80 -42.97 10.70
N HIS C 221 12.96 -42.07 10.19
CA HIS C 221 11.81 -42.45 9.33
C HIS C 221 12.23 -42.88 7.91
N LYS C 222 11.49 -43.81 7.32
CA LYS C 222 11.72 -44.28 5.95
C LYS C 222 11.79 -43.12 4.96
N ARG C 223 10.78 -42.25 5.00
CA ARG C 223 10.51 -41.26 3.97
C ARG C 223 11.18 -39.90 4.21
N VAL C 224 12.02 -39.80 5.24
CA VAL C 224 12.82 -38.59 5.38
C VAL C 224 14.13 -38.76 4.62
N ALA C 225 14.46 -37.79 3.76
CA ALA C 225 15.63 -37.90 2.89
C ALA C 225 16.97 -37.51 3.53
N HIS C 226 16.94 -36.46 4.35
CA HIS C 226 18.13 -35.78 4.83
C HIS C 226 17.83 -35.19 6.19
N VAL C 227 18.85 -34.95 6.98
CA VAL C 227 18.66 -34.14 8.19
C VAL C 227 19.73 -33.06 8.32
N THR C 228 19.31 -31.80 8.32
CA THR C 228 20.23 -30.70 8.67
C THR C 228 20.05 -30.39 10.15
N PHE C 229 21.15 -30.23 10.87
CA PHE C 229 21.03 -30.08 12.32
C PHE C 229 22.05 -29.11 12.84
N THR C 230 21.64 -28.31 13.82
CA THR C 230 22.57 -27.48 14.57
C THR C 230 22.32 -27.64 16.08
N GLY C 231 23.36 -28.04 16.82
CA GLY C 231 23.24 -28.28 18.25
C GLY C 231 24.46 -28.91 18.90
N GLU C 232 24.24 -29.58 20.02
CA GLU C 232 25.34 -30.21 20.74
C GLU C 232 25.91 -31.40 19.96
N SER C 233 27.21 -31.57 20.09
CA SER C 233 27.95 -32.59 19.36
C SER C 233 27.55 -34.02 19.76
N SER C 234 27.20 -34.22 21.02
CA SER C 234 26.61 -35.47 21.50
C SER C 234 25.48 -35.87 20.56
N THR C 235 24.48 -35.00 20.60
CA THR C 235 23.29 -35.11 19.80
C THR C 235 23.62 -35.28 18.33
N GLY C 236 24.58 -34.52 17.82
CA GLY C 236 25.01 -34.66 16.44
C GLY C 236 25.50 -36.07 16.10
N ARG C 237 26.38 -36.60 16.94
CA ARG C 237 26.90 -37.95 16.75
C ARG C 237 25.77 -38.97 16.74
N GLU C 238 24.83 -38.83 17.68
CA GLU C 238 23.79 -39.85 17.73
C GLU C 238 22.79 -39.70 16.57
N ILE C 239 22.49 -38.47 16.18
CA ILE C 239 21.67 -38.24 14.99
C ILE C 239 22.33 -38.88 13.78
N ALA C 240 23.61 -38.62 13.58
CA ALA C 240 24.35 -39.25 12.48
C ALA C 240 24.18 -40.77 12.53
N ALA C 241 24.31 -41.29 13.75
CA ALA C 241 24.21 -42.72 14.00
C ALA C 241 22.89 -43.30 13.49
N LYS C 242 21.77 -42.75 13.96
CA LYS C 242 20.45 -43.27 13.59
C LYS C 242 20.08 -42.91 12.14
N ALA C 243 20.76 -41.90 11.59
CA ALA C 243 20.58 -41.51 10.20
C ALA C 243 21.13 -42.59 9.28
N ALA C 244 22.20 -43.23 9.73
CA ALA C 244 22.78 -44.33 8.97
C ALA C 244 21.82 -45.49 8.72
N GLY C 245 20.77 -45.58 9.54
CA GLY C 245 19.81 -46.67 9.41
C GLY C 245 19.19 -46.70 8.03
N THR C 246 18.61 -45.57 7.65
CA THR C 246 17.96 -45.41 6.36
C THR C 246 18.93 -44.89 5.29
N LEU C 247 20.21 -44.81 5.65
CA LEU C 247 21.25 -44.30 4.75
C LEU C 247 20.99 -42.85 4.39
N LYS C 248 20.39 -42.10 5.30
CA LYS C 248 20.01 -40.76 4.97
C LYS C 248 21.14 -39.81 5.33
N THR C 249 21.44 -38.91 4.40
CA THR C 249 22.52 -37.96 4.55
C THR C 249 22.20 -36.89 5.60
N VAL C 250 23.24 -36.22 6.09
CA VAL C 250 23.06 -35.16 7.08
C VAL C 250 23.96 -33.96 6.83
N THR C 251 23.50 -32.80 7.27
CA THR C 251 24.36 -31.64 7.47
C THR C 251 24.45 -31.46 9.00
N LEU C 252 25.64 -31.22 9.51
CA LEU C 252 25.82 -31.19 10.95
C LEU C 252 26.66 -30.01 11.38
N GLU C 253 26.06 -29.15 12.20
CA GLU C 253 26.77 -28.03 12.81
C GLU C 253 26.82 -28.30 14.33
N LEU C 254 27.97 -28.70 14.84
CA LEU C 254 28.05 -29.19 16.22
C LEU C 254 28.63 -28.23 17.27
N GLY C 255 28.90 -26.99 16.89
CA GLY C 255 29.50 -26.05 17.81
C GLY C 255 31.01 -26.10 17.65
N GLY C 256 31.70 -25.13 18.23
CA GLY C 256 33.16 -25.14 18.19
C GLY C 256 33.79 -24.49 19.41
N SER C 257 35.11 -24.63 19.56
CA SER C 257 35.82 -23.79 20.50
C SER C 257 36.78 -22.89 19.72
N ASP C 258 36.34 -21.68 19.40
CA ASP C 258 37.01 -20.95 18.31
C ASP C 258 38.20 -20.11 18.79
N PRO C 259 39.37 -20.41 18.24
CA PRO C 259 40.57 -19.65 18.61
C PRO C 259 40.49 -18.20 18.11
N LEU C 260 40.80 -17.25 18.99
CA LEU C 260 41.00 -15.87 18.56
C LEU C 260 42.42 -15.46 18.91
N ILE C 261 43.24 -15.28 17.89
CA ILE C 261 44.66 -15.11 18.05
C ILE C 261 45.06 -13.66 17.86
N ILE C 262 45.70 -13.05 18.86
CA ILE C 262 46.09 -11.65 18.81
C ILE C 262 47.60 -11.56 18.79
N LEU C 263 48.18 -10.86 17.81
CA LEU C 263 49.64 -10.75 17.71
C LEU C 263 50.20 -9.38 18.16
N ASP C 264 51.54 -9.21 18.15
CA ASP C 264 52.23 -7.98 18.61
C ASP C 264 51.67 -6.68 18.05
N ASP C 265 51.52 -6.66 16.73
CA ASP C 265 51.47 -5.42 15.97
C ASP C 265 50.09 -4.78 15.91
N VAL C 266 49.12 -5.41 16.57
CA VAL C 266 47.75 -4.91 16.57
C VAL C 266 47.57 -3.67 17.42
N ASP C 267 46.48 -2.97 17.13
CA ASP C 267 45.99 -1.92 18.01
C ASP C 267 45.37 -2.70 19.15
N VAL C 268 45.98 -2.60 20.32
CA VAL C 268 45.65 -3.50 21.41
C VAL C 268 44.31 -3.08 21.97
N ASP C 269 44.02 -1.79 21.92
CA ASP C 269 42.70 -1.34 22.31
C ASP C 269 41.66 -1.93 21.38
N TYR C 270 41.80 -1.69 20.08
CA TYR C 270 40.89 -2.28 19.10
C TYR C 270 40.83 -3.82 19.22
N ALA C 271 41.99 -4.44 19.45
CA ALA C 271 42.05 -5.87 19.65
C ALA C 271 41.15 -6.29 20.82
N ALA C 272 41.18 -5.48 21.88
CA ALA C 272 40.39 -5.78 23.07
C ALA C 272 38.90 -5.63 22.80
N ARG C 273 38.51 -4.54 22.13
CA ARG C 273 37.10 -4.29 21.85
C ARG C 273 36.54 -5.43 21.02
N LEU C 274 37.30 -5.77 19.97
CA LEU C 274 36.93 -6.85 19.08
C LEU C 274 36.73 -8.08 19.92
N ALA C 275 37.74 -8.38 20.74
CA ALA C 275 37.74 -9.60 21.54
C ALA C 275 36.52 -9.70 22.44
N VAL C 276 36.20 -8.61 23.11
CA VAL C 276 35.02 -8.57 23.96
C VAL C 276 33.77 -8.90 23.16
N PHE C 277 33.65 -8.31 21.98
CA PHE C 277 32.51 -8.57 21.11
C PHE C 277 32.41 -10.05 20.72
N ALA C 278 33.50 -10.56 20.15
CA ALA C 278 33.50 -11.88 19.59
C ALA C 278 33.26 -12.92 20.68
N SER C 279 33.95 -12.76 21.80
CA SER C 279 33.93 -13.77 22.84
C SER C 279 32.62 -13.74 23.61
N LEU C 280 32.16 -12.54 23.97
CA LEU C 280 31.01 -12.50 24.85
C LEU C 280 29.63 -12.21 24.24
N PHE C 281 29.55 -11.89 22.94
CA PHE C 281 28.25 -11.48 22.39
C PHE C 281 27.23 -12.60 22.50
N HIS C 282 25.99 -12.20 22.77
CA HIS C 282 24.92 -13.11 23.13
C HIS C 282 25.39 -14.06 24.23
N GLN C 283 26.11 -13.51 25.20
CA GLN C 283 26.62 -14.27 26.33
C GLN C 283 27.53 -15.42 25.92
N GLY C 284 28.17 -15.28 24.75
CA GLY C 284 29.04 -16.34 24.26
C GLY C 284 28.29 -17.60 23.87
N GLN C 285 27.01 -17.42 23.58
CA GLN C 285 26.14 -18.50 23.14
C GLN C 285 26.09 -18.59 21.61
N ILE C 286 26.98 -17.89 20.93
CA ILE C 286 27.20 -18.14 19.51
C ILE C 286 28.08 -19.39 19.27
N CYS C 287 27.72 -20.24 18.30
CA CYS C 287 28.51 -21.45 17.96
C CYS C 287 29.98 -21.10 17.64
N THR C 288 30.13 -20.02 16.88
CA THR C 288 31.41 -19.53 16.40
C THR C 288 32.00 -18.46 17.30
N SER C 289 31.43 -18.30 18.50
CA SER C 289 31.94 -17.36 19.48
C SER C 289 33.41 -17.60 19.71
N ALA C 290 34.15 -16.56 20.07
CA ALA C 290 35.58 -16.74 20.23
C ALA C 290 35.79 -17.23 21.65
N LYS C 291 35.94 -18.54 21.77
CA LYS C 291 35.80 -19.16 23.06
C LYS C 291 37.14 -19.35 23.72
N ARG C 292 38.19 -19.29 22.91
CA ARG C 292 39.53 -19.48 23.43
C ARG C 292 40.42 -18.38 22.95
N ILE C 293 40.82 -17.48 23.85
CA ILE C 293 41.50 -16.26 23.42
C ILE C 293 43.00 -16.47 23.51
N ILE C 294 43.71 -16.22 22.41
CA ILE C 294 45.14 -16.44 22.39
C ILE C 294 45.86 -15.14 22.09
N VAL C 295 46.60 -14.63 23.08
CA VAL C 295 47.34 -13.39 22.91
C VAL C 295 48.85 -13.60 23.06
N HIS C 296 49.57 -12.93 22.17
CA HIS C 296 51.02 -12.96 22.12
C HIS C 296 51.63 -12.17 23.27
N LYS C 297 52.65 -12.71 23.93
CA LYS C 297 53.11 -12.12 25.19
C LYS C 297 53.52 -10.63 25.12
N ALA C 298 54.10 -10.20 24.01
CA ALA C 298 54.58 -8.82 23.92
C ALA C 298 53.47 -7.80 24.13
N VAL C 299 52.25 -8.16 23.75
CA VAL C 299 51.06 -7.35 24.06
C VAL C 299 50.16 -7.84 25.16
N ALA C 300 50.46 -9.00 25.74
CA ALA C 300 49.45 -9.70 26.55
C ALA C 300 49.00 -8.94 27.78
N ASP C 301 49.93 -8.26 28.46
CA ASP C 301 49.55 -7.52 29.67
C ASP C 301 48.61 -6.36 29.31
N LYS C 302 49.03 -5.52 28.37
CA LYS C 302 48.20 -4.39 27.95
C LYS C 302 46.83 -4.93 27.51
N PHE C 303 46.85 -5.97 26.67
CA PHE C 303 45.62 -6.60 26.15
C PHE C 303 44.69 -7.06 27.23
N ILE C 304 45.19 -7.90 28.13
CA ILE C 304 44.37 -8.44 29.20
C ILE C 304 43.75 -7.31 30.01
N GLU C 305 44.58 -6.34 30.39
CA GLU C 305 44.10 -5.19 31.14
C GLU C 305 42.91 -4.56 30.43
N ARG C 306 43.09 -4.31 29.14
CA ARG C 306 42.13 -3.57 28.34
C ARG C 306 40.85 -4.38 28.02
N TYR C 307 41.02 -5.66 27.79
CA TYR C 307 39.92 -6.58 27.60
C TYR C 307 39.07 -6.67 28.85
N VAL C 308 39.71 -6.83 30.00
CA VAL C 308 38.97 -6.84 31.26
C VAL C 308 38.24 -5.51 31.48
N HIS C 309 38.94 -4.40 31.24
CA HIS C 309 38.31 -3.08 31.34
C HIS C 309 37.01 -3.01 30.55
N TYR C 310 37.03 -3.50 29.32
CA TYR C 310 35.84 -3.46 28.48
C TYR C 310 34.78 -4.48 28.90
N VAL C 311 35.19 -5.59 29.51
CA VAL C 311 34.20 -6.54 30.00
C VAL C 311 33.48 -5.95 31.20
N LYS C 312 34.21 -5.20 32.03
CA LYS C 312 33.58 -4.60 33.22
C LYS C 312 32.48 -3.64 32.79
N MET C 313 32.63 -3.06 31.61
CA MET C 313 31.70 -2.05 31.14
C MET C 313 30.44 -2.63 30.50
N LEU C 314 30.36 -3.96 30.41
CA LEU C 314 29.21 -4.54 29.76
C LEU C 314 28.05 -4.36 30.69
N ARG C 315 26.89 -4.02 30.13
CA ARG C 315 25.72 -3.69 30.93
C ARG C 315 24.77 -4.88 30.94
N ILE C 316 24.62 -5.53 32.08
CA ILE C 316 23.76 -6.71 32.17
C ILE C 316 22.46 -6.40 32.88
N ASP C 317 21.36 -6.57 32.15
CA ASP C 317 20.03 -6.21 32.63
C ASP C 317 18.98 -7.12 31.97
N ASP C 318 17.72 -6.80 32.25
CA ASP C 318 16.60 -7.32 31.50
C ASP C 318 16.67 -6.78 30.07
N PRO C 319 16.83 -7.69 29.10
CA PRO C 319 16.97 -7.33 27.67
C PRO C 319 15.79 -6.53 27.15
N ARG C 320 14.67 -6.58 27.87
CA ARG C 320 13.43 -5.88 27.54
C ARG C 320 13.45 -4.39 27.82
N LYS C 321 14.22 -4.00 28.83
CA LYS C 321 14.09 -2.67 29.44
C LYS C 321 14.35 -1.58 28.42
N ASP C 322 15.34 -1.81 27.56
CA ASP C 322 15.70 -0.86 26.53
C ASP C 322 16.70 -1.49 25.55
N GLU C 323 17.11 -0.66 24.59
CA GLU C 323 17.89 -1.13 23.46
C GLU C 323 19.40 -1.20 23.69
N LYS C 324 19.87 -0.53 24.75
CA LYS C 324 21.29 -0.42 24.99
C LYS C 324 21.85 -1.60 25.80
N VAL C 325 20.97 -2.43 26.37
CA VAL C 325 21.42 -3.54 27.19
C VAL C 325 22.40 -4.45 26.44
N ASP C 326 23.58 -4.66 27.03
CA ASP C 326 24.62 -5.42 26.37
C ASP C 326 24.39 -6.91 26.46
N LEU C 327 24.14 -7.41 27.67
CA LEU C 327 24.01 -8.85 27.90
C LEU C 327 22.76 -9.22 28.69
N GLY C 328 22.02 -10.21 28.19
CA GLY C 328 20.83 -10.68 28.86
C GLY C 328 21.06 -12.03 29.52
N PRO C 329 19.99 -12.79 29.76
CA PRO C 329 20.15 -14.07 30.46
C PRO C 329 20.66 -15.20 29.60
N LEU C 330 21.25 -16.18 30.25
CA LEU C 330 21.48 -17.49 29.66
C LEU C 330 20.10 -18.10 29.42
N ILE C 331 20.03 -19.13 28.59
CA ILE C 331 18.73 -19.61 28.17
C ILE C 331 17.94 -20.29 29.31
N ASN C 332 18.62 -21.02 30.18
CA ASN C 332 17.93 -21.75 31.22
C ASN C 332 18.84 -22.16 32.40
N GLU C 333 18.23 -22.79 33.41
CA GLU C 333 18.92 -23.14 34.64
C GLU C 333 20.15 -23.99 34.40
N ARG C 334 20.01 -24.98 33.53
CA ARG C 334 21.06 -25.94 33.30
C ARG C 334 22.32 -25.26 32.74
N GLN C 335 22.13 -24.17 32.01
CA GLN C 335 23.27 -23.44 31.45
C GLN C 335 24.06 -22.72 32.55
N VAL C 336 23.34 -22.18 33.52
CA VAL C 336 23.99 -21.54 34.65
C VAL C 336 24.72 -22.60 35.45
N ALA C 337 24.08 -23.75 35.66
CA ALA C 337 24.72 -24.83 36.41
C ALA C 337 26.02 -25.25 35.72
N LEU C 338 25.99 -25.31 34.40
CA LEU C 338 27.16 -25.64 33.60
C LEU C 338 28.27 -24.59 33.67
N MET C 339 27.90 -23.32 33.60
CA MET C 339 28.95 -22.30 33.68
C MET C 339 29.56 -22.32 35.08
N LYS C 340 28.74 -22.65 36.07
CA LYS C 340 29.25 -22.81 37.43
C LYS C 340 30.26 -23.97 37.44
N GLU C 341 29.92 -25.09 36.81
CA GLU C 341 30.84 -26.21 36.75
C GLU C 341 32.15 -25.79 36.09
N PHE C 342 32.04 -24.94 35.07
CA PHE C 342 33.23 -24.49 34.34
C PHE C 342 34.13 -23.61 35.22
N VAL C 343 33.53 -22.61 35.88
CA VAL C 343 34.26 -21.74 36.79
C VAL C 343 34.90 -22.49 37.96
N ASP C 344 34.11 -23.36 38.60
CA ASP C 344 34.60 -24.20 39.69
C ASP C 344 35.82 -25.01 39.22
N ASP C 345 35.68 -25.66 38.05
CA ASP C 345 36.82 -26.41 37.51
C ASP C 345 38.03 -25.52 37.31
N ALA C 346 37.83 -24.34 36.74
CA ALA C 346 38.97 -23.48 36.43
C ALA C 346 39.69 -23.04 37.70
N VAL C 347 38.92 -22.79 38.74
CA VAL C 347 39.50 -22.35 40.00
C VAL C 347 40.33 -23.45 40.60
N SER C 348 39.73 -24.64 40.76
CA SER C 348 40.44 -25.70 41.49
C SER C 348 41.66 -26.21 40.70
N ARG C 349 41.78 -25.77 39.46
CA ARG C 349 42.92 -26.10 38.63
C ARG C 349 43.96 -24.99 38.69
N GLY C 350 43.64 -23.94 39.46
CA GLY C 350 44.58 -22.87 39.71
C GLY C 350 44.53 -21.71 38.75
N GLY C 351 43.40 -21.53 38.08
CA GLY C 351 43.27 -20.37 37.23
C GLY C 351 43.09 -19.11 38.08
N ARG C 352 43.40 -17.96 37.50
CA ARG C 352 43.19 -16.69 38.19
C ARG C 352 41.96 -16.00 37.59
N LEU C 353 40.92 -15.84 38.40
CA LEU C 353 39.67 -15.30 37.92
C LEU C 353 39.67 -13.77 38.05
N LEU C 354 39.75 -13.09 36.91
CA LEU C 354 40.00 -11.65 36.88
C LEU C 354 38.77 -10.81 37.16
N ILE C 355 37.58 -11.35 36.85
CA ILE C 355 36.32 -10.62 36.93
C ILE C 355 35.18 -11.61 36.64
N GLY C 356 33.97 -11.27 37.10
CA GLY C 356 32.77 -12.05 36.85
C GLY C 356 32.63 -13.35 37.62
N GLY C 357 31.56 -14.08 37.32
CA GLY C 357 31.19 -15.31 38.01
C GLY C 357 29.94 -15.18 38.85
N ARG C 358 29.58 -13.95 39.20
CA ARG C 358 28.31 -13.68 39.85
C ARG C 358 27.17 -14.25 39.01
N SER C 359 26.24 -14.97 39.61
CA SER C 359 25.10 -15.45 38.85
C SER C 359 23.82 -15.40 39.66
N TRP C 360 22.80 -14.72 39.13
CA TRP C 360 21.51 -14.60 39.81
C TRP C 360 20.39 -15.05 38.87
N GLY C 361 19.70 -16.12 39.26
CA GLY C 361 18.71 -16.71 38.38
C GLY C 361 19.40 -17.21 37.13
N ASN C 362 18.86 -16.86 35.96
CA ASN C 362 19.41 -17.25 34.67
C ASN C 362 20.44 -16.27 34.12
N PHE C 363 20.86 -15.31 34.95
CA PHE C 363 21.88 -14.34 34.56
C PHE C 363 23.28 -14.72 35.04
N PHE C 364 24.27 -14.46 34.20
CA PHE C 364 25.67 -14.76 34.52
C PHE C 364 26.64 -13.64 34.10
N GLU C 365 27.31 -13.01 35.06
CA GLU C 365 28.40 -12.05 34.76
C GLU C 365 29.52 -12.76 34.07
N PRO C 366 29.98 -12.23 32.93
CA PRO C 366 31.04 -12.92 32.22
C PRO C 366 32.25 -13.17 33.12
N ALA C 367 32.68 -14.44 33.21
CA ALA C 367 33.80 -14.85 34.06
C ALA C 367 35.07 -14.95 33.25
N ILE C 368 36.01 -14.04 33.48
CA ILE C 368 37.24 -14.09 32.70
C ILE C 368 38.39 -14.73 33.47
N PHE C 369 39.07 -15.70 32.85
CA PHE C 369 40.19 -16.42 33.47
C PHE C 369 41.54 -16.25 32.76
N VAL C 370 42.62 -16.08 33.53
CA VAL C 370 43.98 -16.25 32.98
C VAL C 370 44.69 -17.34 33.76
N ASP C 371 45.97 -17.56 33.44
CA ASP C 371 46.73 -18.65 34.02
C ASP C 371 45.99 -19.97 33.81
N VAL C 372 45.72 -20.30 32.55
CA VAL C 372 45.09 -21.58 32.26
C VAL C 372 46.04 -22.49 31.49
N ASP C 373 45.78 -23.79 31.54
CA ASP C 373 46.52 -24.73 30.71
C ASP C 373 45.57 -25.66 29.99
N ARG C 374 46.12 -26.54 29.16
CA ARG C 374 45.33 -27.32 28.22
C ARG C 374 44.41 -28.31 28.92
N ASN C 375 44.56 -28.48 30.23
CA ASN C 375 43.72 -29.43 30.96
C ASN C 375 42.44 -28.85 31.55
N PHE C 376 42.33 -27.52 31.63
CA PHE C 376 41.10 -26.89 32.13
C PHE C 376 39.89 -27.31 31.32
N ARG C 377 38.74 -27.46 31.95
CA ARG C 377 37.56 -27.85 31.17
C ARG C 377 37.27 -26.81 30.08
N ILE C 378 37.66 -25.57 30.33
CA ILE C 378 37.31 -24.54 29.38
C ILE C 378 38.37 -24.39 28.31
N MET C 379 39.41 -25.22 28.33
CA MET C 379 40.20 -25.32 27.11
C MET C 379 39.81 -26.55 26.28
N ARG C 380 39.21 -27.52 26.96
CA ARG C 380 38.89 -28.82 26.38
C ARG C 380 37.47 -29.02 25.88
N GLU C 381 36.59 -28.08 26.19
CA GLU C 381 35.17 -28.28 25.95
C GLU C 381 34.57 -27.06 25.30
N GLU C 382 33.43 -27.23 24.63
CA GLU C 382 32.81 -26.03 24.11
C GLU C 382 32.15 -25.32 25.28
N VAL C 383 32.55 -24.08 25.49
CA VAL C 383 31.98 -23.36 26.60
C VAL C 383 30.89 -22.44 26.05
N PHE C 384 29.64 -22.88 26.19
CA PHE C 384 28.56 -22.19 25.51
C PHE C 384 27.97 -21.33 26.57
N GLY C 385 28.48 -20.11 26.64
CA GLY C 385 28.17 -19.24 27.75
C GLY C 385 29.32 -18.32 28.04
N PRO C 386 29.12 -17.39 28.98
CA PRO C 386 30.09 -16.33 29.21
C PRO C 386 31.13 -16.68 30.26
N VAL C 387 31.82 -17.80 30.07
CA VAL C 387 33.07 -18.03 30.77
C VAL C 387 34.17 -18.05 29.71
N ARG C 388 35.26 -17.29 29.86
CA ARG C 388 36.31 -17.35 28.83
C ARG C 388 37.76 -17.39 29.33
N PRO C 389 38.57 -18.29 28.77
CA PRO C 389 40.03 -18.32 28.94
C PRO C 389 40.82 -17.33 28.09
N ILE C 390 41.83 -16.73 28.71
CA ILE C 390 42.86 -15.99 28.00
C ILE C 390 44.19 -16.73 28.16
N VAL C 391 44.87 -16.93 27.05
CA VAL C 391 46.09 -17.73 27.02
C VAL C 391 47.22 -16.92 26.43
N VAL C 392 48.37 -16.89 27.12
CA VAL C 392 49.51 -16.15 26.60
C VAL C 392 50.52 -17.07 25.94
N VAL C 393 50.94 -16.67 24.75
CA VAL C 393 51.82 -17.47 23.93
C VAL C 393 53.05 -16.67 23.51
N GLU C 394 54.16 -17.38 23.39
CA GLU C 394 55.48 -16.78 23.15
C GLU C 394 55.79 -16.44 21.68
N ASN C 395 55.23 -17.19 20.75
CA ASN C 395 55.50 -16.99 19.34
C ASN C 395 54.34 -17.53 18.51
N ASP C 396 54.39 -17.32 17.19
CA ASP C 396 53.26 -17.73 16.36
C ASP C 396 53.03 -19.22 16.39
N ASP C 397 54.12 -19.98 16.54
CA ASP C 397 54.04 -21.44 16.53
C ASP C 397 53.28 -21.97 17.75
N GLN C 398 53.46 -21.32 18.89
CA GLN C 398 52.67 -21.63 20.08
C GLN C 398 51.23 -21.22 19.88
N ALA C 399 51.03 -20.03 19.32
CA ALA C 399 49.71 -19.54 19.00
C ALA C 399 48.93 -20.58 18.21
N VAL C 400 49.58 -21.17 17.19
CA VAL C 400 48.88 -22.12 16.35
C VAL C 400 48.74 -23.47 17.04
N GLU C 401 49.80 -23.91 17.70
CA GLU C 401 49.78 -25.16 18.45
C GLU C 401 48.56 -25.17 19.38
N VAL C 402 48.47 -24.12 20.18
CA VAL C 402 47.40 -23.93 21.16
C VAL C 402 46.06 -23.83 20.48
N ALA C 403 45.98 -22.97 19.47
CA ALA C 403 44.76 -22.80 18.67
C ALA C 403 44.21 -24.14 18.26
N ASN C 404 45.11 -25.03 17.84
CA ASN C 404 44.73 -26.33 17.31
C ASN C 404 44.50 -27.38 18.38
N ASP C 405 44.81 -27.07 19.63
CA ASP C 405 44.67 -28.10 20.65
C ASP C 405 43.24 -28.02 21.21
N THR C 406 42.39 -28.87 20.64
CA THR C 406 40.94 -28.79 20.79
C THR C 406 40.35 -29.87 19.89
N ASP C 407 39.12 -30.30 20.18
CA ASP C 407 38.53 -31.33 19.36
C ASP C 407 37.77 -30.66 18.22
N TYR C 408 37.80 -29.34 18.23
CA TYR C 408 36.89 -28.60 17.38
C TYR C 408 37.54 -27.97 16.16
N GLY C 409 36.74 -27.92 15.12
CA GLY C 409 37.11 -27.35 13.85
C GLY C 409 36.34 -26.17 13.28
N LEU C 410 35.57 -25.44 14.07
CA LEU C 410 34.55 -24.63 13.40
C LEU C 410 35.12 -23.40 12.67
N SER C 411 35.53 -22.40 13.43
CA SER C 411 36.05 -21.17 12.83
C SER C 411 37.23 -20.71 13.68
N GLY C 412 37.75 -19.53 13.39
CA GLY C 412 38.90 -19.00 14.11
C GLY C 412 39.32 -17.69 13.50
N ALA C 413 40.15 -16.93 14.20
CA ALA C 413 40.52 -15.62 13.65
C ALA C 413 41.91 -15.18 14.09
N VAL C 414 42.50 -14.26 13.35
CA VAL C 414 43.76 -13.71 13.80
C VAL C 414 43.78 -12.21 13.54
N LEU C 415 44.23 -11.49 14.55
CA LEU C 415 44.46 -10.08 14.42
C LEU C 415 45.97 -9.87 14.24
N THR C 416 46.30 -9.09 13.21
CA THR C 416 47.68 -8.73 12.88
C THR C 416 47.62 -7.79 11.69
N ASN C 417 48.64 -6.95 11.50
CA ASN C 417 48.73 -6.17 10.28
C ASN C 417 49.74 -6.77 9.32
N ASN C 418 50.41 -7.83 9.77
CA ASN C 418 51.41 -8.51 8.97
C ASN C 418 50.79 -9.58 8.07
N VAL C 419 50.93 -9.39 6.76
CA VAL C 419 50.32 -10.27 5.75
C VAL C 419 50.85 -11.71 5.83
N ASN C 420 52.14 -11.88 6.10
CA ASN C 420 52.71 -13.22 6.09
C ASN C 420 52.27 -14.02 7.32
N ARG C 421 52.16 -13.35 8.46
CA ARG C 421 51.74 -14.02 9.69
C ARG C 421 50.25 -14.33 9.65
N ALA C 422 49.48 -13.36 9.17
CA ALA C 422 48.06 -13.53 8.96
C ALA C 422 47.78 -14.75 8.10
N PHE C 423 48.49 -14.84 6.99
CA PHE C 423 48.28 -15.96 6.10
C PHE C 423 48.83 -17.30 6.66
N ARG C 424 50.03 -17.31 7.24
CA ARG C 424 50.59 -18.58 7.68
C ARG C 424 49.79 -19.16 8.83
N ILE C 425 49.30 -18.27 9.69
CA ILE C 425 48.42 -18.68 10.78
C ILE C 425 47.09 -19.17 10.23
N ALA C 426 46.50 -18.41 9.30
CA ALA C 426 45.21 -18.77 8.73
C ALA C 426 45.26 -20.13 8.06
N GLU C 427 46.36 -20.42 7.37
CA GLU C 427 46.55 -21.71 6.71
C GLU C 427 46.77 -22.82 7.71
N ALA C 428 47.49 -22.49 8.79
CA ALA C 428 47.88 -23.44 9.82
C ALA C 428 46.76 -23.87 10.77
N VAL C 429 45.79 -22.99 10.96
CA VAL C 429 44.73 -23.22 11.95
C VAL C 429 43.66 -24.14 11.42
N GLU C 430 43.35 -25.23 12.13
CA GLU C 430 42.48 -26.24 11.55
C GLU C 430 41.05 -25.94 11.89
N SER C 431 40.38 -25.42 10.87
CA SER C 431 39.02 -24.91 10.97
C SER C 431 38.43 -24.89 9.57
N GLY C 432 37.11 -24.85 9.50
CA GLY C 432 36.42 -24.85 8.22
C GLY C 432 36.02 -23.45 7.82
N MET C 433 36.23 -22.49 8.72
CA MET C 433 36.08 -21.08 8.42
C MET C 433 37.21 -20.34 9.09
N PHE C 434 37.66 -19.24 8.48
CA PHE C 434 38.68 -18.42 9.12
C PHE C 434 38.63 -16.96 8.74
N HIS C 435 38.91 -16.09 9.69
CA HIS C 435 38.77 -14.67 9.44
C HIS C 435 39.99 -13.88 9.92
N ILE C 436 40.60 -13.19 8.97
CA ILE C 436 41.74 -12.37 9.26
C ILE C 436 41.23 -10.98 9.59
N ASN C 437 41.54 -10.53 10.80
CA ASN C 437 41.22 -9.19 11.29
C ASN C 437 39.72 -8.87 11.40
N ASP C 438 38.95 -9.83 11.87
CA ASP C 438 37.54 -9.63 12.16
C ASP C 438 37.15 -10.61 13.26
N VAL C 439 35.87 -10.67 13.62
CA VAL C 439 35.42 -11.56 14.68
C VAL C 439 35.32 -13.01 14.19
N THR C 440 35.37 -13.98 15.11
CA THR C 440 35.28 -15.37 14.70
C THR C 440 33.92 -15.74 14.14
N PHE C 441 32.86 -15.10 14.62
CA PHE C 441 31.51 -15.53 14.27
C PHE C 441 30.94 -14.89 12.97
N LEU C 442 31.79 -14.24 12.17
CA LEU C 442 31.38 -13.73 10.87
C LEU C 442 30.60 -14.76 10.08
N GLU C 443 29.50 -14.29 9.50
CA GLU C 443 28.56 -15.11 8.75
C GLU C 443 27.90 -14.30 7.61
N GLU C 444 27.83 -14.85 6.41
CA GLU C 444 27.06 -14.21 5.32
C GLU C 444 26.04 -15.22 4.77
N SER C 445 25.07 -14.73 4.02
CA SER C 445 23.92 -15.53 3.55
C SER C 445 24.36 -16.70 2.65
N HIS C 446 25.20 -16.35 1.69
CA HIS C 446 25.54 -17.22 0.58
C HIS C 446 26.86 -17.97 0.72
N VAL C 447 27.52 -17.89 1.87
CA VAL C 447 28.88 -18.40 2.03
C VAL C 447 28.87 -19.69 2.85
N PRO C 448 29.82 -20.61 2.58
CA PRO C 448 29.88 -22.00 3.06
C PRO C 448 30.25 -22.10 4.52
N PHE C 449 29.23 -22.03 5.36
CA PHE C 449 29.36 -22.12 6.80
C PHE C 449 29.44 -23.56 7.32
N GLY C 450 30.53 -23.90 8.00
CA GLY C 450 30.64 -25.19 8.63
C GLY C 450 32.03 -25.48 9.16
N GLY C 451 32.14 -26.50 9.99
CA GLY C 451 33.41 -26.88 10.56
C GLY C 451 34.05 -28.14 10.03
N ILE C 452 35.14 -28.52 10.68
CA ILE C 452 35.78 -29.82 10.48
C ILE C 452 35.94 -30.39 11.86
N LYS C 453 36.54 -31.57 11.97
CA LYS C 453 36.69 -32.24 13.26
C LYS C 453 35.34 -32.37 13.98
N ALA C 454 35.30 -32.14 15.28
CA ALA C 454 34.11 -32.48 16.03
C ALA C 454 33.06 -31.37 15.91
N SER C 455 33.38 -30.37 15.07
CA SER C 455 32.42 -29.30 14.78
C SER C 455 31.38 -29.72 13.72
N GLY C 456 31.50 -30.94 13.21
CA GLY C 456 30.51 -31.43 12.27
C GLY C 456 30.92 -31.54 10.81
N VAL C 457 29.92 -31.79 9.96
CA VAL C 457 30.15 -32.12 8.56
C VAL C 457 29.20 -31.34 7.66
N GLY C 458 29.69 -30.93 6.49
CA GLY C 458 28.87 -30.19 5.54
C GLY C 458 28.99 -28.68 5.67
N ARG C 459 28.39 -27.96 4.73
CA ARG C 459 28.44 -26.50 4.74
C ARG C 459 27.06 -25.96 4.44
N GLU C 460 26.77 -24.74 4.90
CA GLU C 460 25.44 -24.15 4.71
C GLU C 460 25.42 -22.63 4.46
N GLY C 461 24.34 -22.25 3.79
CA GLY C 461 24.12 -20.94 3.22
C GLY C 461 24.35 -20.97 1.73
N GLY C 462 23.47 -20.29 1.02
CA GLY C 462 23.45 -20.29 -0.43
C GLY C 462 23.57 -21.65 -1.09
N GLU C 463 24.30 -21.67 -2.19
CA GLU C 463 24.51 -22.87 -2.98
C GLU C 463 25.09 -24.00 -2.20
N TRP C 464 25.79 -23.74 -1.11
CA TRP C 464 26.29 -24.86 -0.32
C TRP C 464 25.14 -25.62 0.35
N SER C 465 24.21 -24.87 0.94
CA SER C 465 22.97 -25.46 1.38
C SER C 465 22.39 -26.28 0.22
N PHE C 466 22.40 -25.68 -0.97
CA PHE C 466 21.86 -26.41 -2.13
C PHE C 466 22.58 -27.74 -2.36
N HIS C 467 23.90 -27.73 -2.23
CA HIS C 467 24.75 -28.92 -2.40
C HIS C 467 24.38 -30.02 -1.39
N GLU C 468 24.01 -29.62 -0.18
CA GLU C 468 23.66 -30.57 0.88
C GLU C 468 22.30 -31.28 0.65
N THR C 469 21.28 -30.52 0.28
CA THR C 469 19.95 -31.08 0.10
C THR C 469 19.59 -31.43 -1.38
N THR C 470 20.55 -31.37 -2.31
CA THR C 470 20.35 -32.00 -3.63
C THR C 470 21.41 -33.07 -3.99
N TYR C 471 21.12 -33.86 -5.03
CA TYR C 471 22.07 -34.82 -5.55
C TYR C 471 22.28 -34.66 -7.05
N ASP C 472 23.36 -35.28 -7.53
CA ASP C 472 23.75 -35.20 -8.93
C ASP C 472 23.30 -36.44 -9.68
N ARG C 473 22.69 -36.25 -10.84
CA ARG C 473 22.22 -37.41 -11.60
C ARG C 473 22.78 -37.39 -13.01
N TRP C 474 23.64 -38.36 -13.30
CA TRP C 474 24.31 -38.39 -14.58
C TRP C 474 23.37 -38.97 -15.63
N VAL C 475 23.28 -38.33 -16.78
CA VAL C 475 22.33 -38.73 -17.82
C VAL C 475 22.99 -38.69 -19.18
N THR C 476 22.83 -39.76 -19.96
CA THR C 476 23.47 -39.83 -21.26
C THR C 476 22.54 -40.23 -22.40
N VAL C 477 22.71 -39.58 -23.55
CA VAL C 477 22.07 -40.09 -24.76
C VAL C 477 23.14 -40.62 -25.72
N THR C 478 22.88 -41.79 -26.28
CA THR C 478 23.82 -42.42 -27.17
C THR C 478 23.20 -42.45 -28.57
N LEU C 479 23.91 -41.83 -29.51
CA LEU C 479 23.44 -41.65 -30.90
C LEU C 479 24.05 -42.57 -31.95
N ARG C 480 24.89 -43.52 -31.52
CA ARG C 480 25.47 -44.51 -32.44
C ARG C 480 25.14 -45.91 -31.94
N THR C 481 24.68 -46.77 -32.84
CA THR C 481 24.47 -48.17 -32.48
C THR C 481 25.83 -48.86 -32.45
N ARG C 482 26.09 -49.75 -31.50
CA ARG C 482 27.38 -50.44 -31.55
C ARG C 482 27.35 -51.95 -31.42
N ARG C 483 28.54 -52.52 -31.53
CA ARG C 483 28.75 -53.96 -31.38
C ARG C 483 29.12 -54.18 -29.93
N PHE C 484 28.77 -55.34 -29.38
CA PHE C 484 29.11 -55.66 -28.00
C PHE C 484 29.99 -56.90 -27.92
N PRO C 485 30.80 -57.00 -26.85
CA PRO C 485 31.78 -58.09 -26.76
C PRO C 485 31.17 -59.50 -26.60
N ILE C 486 29.95 -59.63 -26.05
CA ILE C 486 29.33 -60.94 -25.92
C ILE C 486 27.97 -60.97 -26.64
N PRO C 487 27.62 -62.10 -27.25
CA PRO C 487 28.47 -63.27 -27.46
C PRO C 487 29.54 -62.96 -28.48
N SER C 488 30.71 -63.59 -28.37
CA SER C 488 31.83 -63.35 -29.28
C SER C 488 31.70 -64.16 -30.56
N ALA C 489 30.61 -64.89 -30.67
CA ALA C 489 30.29 -65.68 -31.84
C ALA C 489 29.51 -64.86 -32.87
N LEU C 490 29.37 -63.56 -32.59
CA LEU C 490 28.65 -62.59 -33.43
C LEU C 490 29.49 -61.97 -34.58
N LYS D 8 54.54 -64.85 -2.71
CA LYS D 8 54.15 -64.50 -1.34
C LYS D 8 53.75 -63.01 -1.20
N VAL D 9 52.49 -62.81 -0.85
CA VAL D 9 51.88 -61.47 -0.79
C VAL D 9 52.06 -60.80 0.58
N ALA D 10 52.35 -59.50 0.59
CA ALA D 10 52.55 -58.78 1.84
C ALA D 10 51.78 -57.47 1.92
N ASN D 11 51.60 -56.95 3.13
CA ASN D 11 51.04 -55.61 3.30
C ASN D 11 52.04 -54.57 2.86
N TYR D 12 51.56 -53.38 2.53
CA TYR D 12 52.45 -52.26 2.21
C TYR D 12 52.14 -51.16 3.19
N ILE D 13 53.06 -50.90 4.13
CA ILE D 13 52.80 -49.90 5.16
C ILE D 13 54.01 -48.99 5.36
N ASN D 14 53.75 -47.69 5.40
CA ASN D 14 54.79 -46.68 5.47
C ASN D 14 55.91 -46.93 4.48
N GLY D 15 55.53 -47.24 3.24
CA GLY D 15 56.50 -47.41 2.17
C GLY D 15 57.40 -48.62 2.33
N GLU D 16 56.95 -49.60 3.10
CA GLU D 16 57.70 -50.83 3.35
C GLU D 16 56.80 -52.07 3.19
N PHE D 17 57.26 -53.06 2.43
CA PHE D 17 56.49 -54.31 2.23
C PHE D 17 56.73 -55.30 3.35
N LYS D 18 55.69 -55.72 4.05
CA LYS D 18 55.92 -56.43 5.30
C LYS D 18 54.84 -57.42 5.64
N GLU D 19 55.15 -58.24 6.64
CA GLU D 19 54.24 -59.19 7.28
C GLU D 19 53.07 -58.53 7.99
N PRO D 20 52.06 -59.33 8.38
CA PRO D 20 51.23 -58.87 9.50
C PRO D 20 51.96 -59.07 10.82
N SER D 21 51.71 -58.22 11.79
CA SER D 21 52.39 -58.30 13.08
C SER D 21 51.93 -59.56 13.77
N THR D 22 50.68 -59.92 13.48
CA THR D 22 50.04 -61.12 14.02
C THR D 22 50.60 -62.37 13.37
N GLY D 23 51.39 -62.15 12.32
CA GLY D 23 52.07 -63.21 11.59
C GLY D 23 51.13 -64.15 10.85
N ALA D 24 49.83 -63.95 11.00
CA ALA D 24 48.83 -64.89 10.49
C ALA D 24 48.76 -64.90 8.95
N PHE D 25 48.61 -66.08 8.35
CA PHE D 25 48.52 -66.16 6.90
C PHE D 25 47.38 -67.05 6.45
N GLN D 26 47.02 -66.90 5.17
CA GLN D 26 45.81 -67.50 4.62
C GLN D 26 46.02 -67.86 3.16
N VAL D 27 45.49 -69.00 2.73
CA VAL D 27 45.68 -69.43 1.34
C VAL D 27 44.51 -68.99 0.47
N LYS D 28 44.82 -68.55 -0.74
CA LYS D 28 43.78 -68.12 -1.67
C LYS D 28 43.92 -68.86 -2.98
N THR D 29 42.79 -69.41 -3.42
CA THR D 29 42.73 -70.25 -4.61
C THR D 29 41.78 -69.68 -5.66
N SER D 30 42.07 -69.94 -6.93
CA SER D 30 41.26 -69.47 -8.03
C SER D 30 39.82 -69.99 -7.98
N PRO D 31 38.85 -69.12 -8.29
CA PRO D 31 37.49 -69.57 -8.51
C PRO D 31 37.37 -70.41 -9.76
N VAL D 32 38.38 -70.35 -10.63
CA VAL D 32 38.24 -71.03 -11.91
C VAL D 32 38.37 -72.53 -11.75
N ASP D 33 39.57 -73.04 -11.50
CA ASP D 33 39.75 -74.47 -11.24
C ASP D 33 39.95 -74.85 -9.77
N GLY D 34 40.00 -73.86 -8.89
CA GLY D 34 40.27 -74.15 -7.49
C GLY D 34 41.75 -74.30 -7.15
N SER D 35 42.62 -74.24 -8.16
CA SER D 35 44.07 -74.38 -7.94
C SER D 35 44.63 -73.27 -7.05
N LYS D 36 45.68 -73.57 -6.32
CA LYS D 36 46.28 -72.62 -5.37
C LYS D 36 46.88 -71.38 -6.08
N ILE D 37 46.47 -70.18 -5.64
CA ILE D 37 46.96 -68.93 -6.22
C ILE D 37 48.11 -68.30 -5.40
N ALA D 38 47.82 -67.91 -4.16
CA ALA D 38 48.87 -67.29 -3.32
C ALA D 38 48.58 -67.38 -1.84
N GLU D 39 49.58 -67.08 -1.03
CA GLU D 39 49.36 -66.92 0.39
C GLU D 39 49.34 -65.44 0.70
N VAL D 40 48.25 -65.00 1.29
CA VAL D 40 48.03 -63.58 1.57
C VAL D 40 47.95 -63.39 3.07
N PRO D 41 48.31 -62.19 3.54
CA PRO D 41 48.23 -61.92 4.98
C PRO D 41 46.79 -61.98 5.49
N ARG D 42 46.61 -62.26 6.77
CA ARG D 42 45.31 -62.00 7.39
C ARG D 42 45.60 -61.21 8.66
N SER D 43 45.20 -59.95 8.60
CA SER D 43 45.79 -58.91 9.45
C SER D 43 44.84 -58.55 10.59
N GLY D 44 45.44 -58.11 11.69
CA GLY D 44 44.68 -57.77 12.87
C GLY D 44 44.55 -56.28 13.00
N ARG D 45 44.06 -55.84 14.15
CA ARG D 45 43.90 -54.43 14.40
C ARG D 45 45.25 -53.73 14.49
N GLU D 46 46.30 -54.49 14.81
CA GLU D 46 47.62 -53.88 14.94
C GLU D 46 48.03 -53.31 13.58
N ASP D 47 47.89 -54.15 12.55
CA ASP D 47 48.27 -53.79 11.17
C ASP D 47 47.51 -52.57 10.66
N ALA D 48 46.19 -52.62 10.84
CA ALA D 48 45.35 -51.51 10.45
C ALA D 48 45.82 -50.23 11.13
N ARG D 49 45.87 -50.27 12.46
CA ARG D 49 46.26 -49.13 13.29
C ARG D 49 47.58 -48.55 12.75
N GLU D 50 48.52 -49.42 12.44
CA GLU D 50 49.81 -48.95 11.94
C GLU D 50 49.73 -48.25 10.59
N ALA D 51 49.00 -48.85 9.64
CA ALA D 51 48.82 -48.23 8.33
C ALA D 51 48.19 -46.85 8.47
N ILE D 52 47.10 -46.79 9.22
CA ILE D 52 46.42 -45.54 9.51
C ILE D 52 47.40 -44.50 10.02
N ASP D 53 48.17 -44.85 11.05
CA ASP D 53 49.18 -43.95 11.61
C ASP D 53 50.16 -43.44 10.55
N SER D 54 50.73 -44.37 9.79
CA SER D 54 51.68 -44.03 8.75
C SER D 54 51.11 -42.97 7.81
N ALA D 55 49.84 -43.16 7.46
CA ALA D 55 49.12 -42.23 6.58
C ALA D 55 48.90 -40.87 7.24
N PHE D 56 48.59 -40.90 8.53
CA PHE D 56 48.36 -39.68 9.29
C PHE D 56 49.61 -38.81 9.35
N GLU D 57 50.76 -39.44 9.54
CA GLU D 57 52.00 -38.69 9.63
C GLU D 57 52.46 -38.25 8.23
N ALA D 58 52.20 -39.07 7.22
CA ALA D 58 52.52 -38.66 5.84
C ALA D 58 51.61 -37.53 5.37
N LEU D 59 50.47 -37.38 6.04
CA LEU D 59 49.37 -36.54 5.58
C LEU D 59 49.76 -35.08 5.33
N LYS D 60 50.36 -34.43 6.31
CA LYS D 60 50.64 -33.01 6.16
C LYS D 60 51.70 -32.73 5.09
N ALA D 61 52.76 -33.52 5.08
CA ALA D 61 53.77 -33.38 4.04
C ALA D 61 53.12 -33.50 2.66
N TRP D 62 52.30 -34.53 2.51
CA TRP D 62 51.64 -34.88 1.24
C TRP D 62 50.64 -33.84 0.74
N ALA D 63 49.86 -33.31 1.68
CA ALA D 63 48.82 -32.37 1.35
C ALA D 63 49.39 -30.96 1.05
N ASN D 64 50.38 -30.46 1.79
CA ASN D 64 50.69 -29.04 1.55
C ASN D 64 51.79 -28.85 0.52
N ILE D 65 52.24 -29.91 -0.15
CA ILE D 65 53.03 -29.71 -1.36
C ILE D 65 52.11 -29.34 -2.53
N PRO D 66 52.63 -28.58 -3.51
CA PRO D 66 51.88 -28.17 -4.70
C PRO D 66 51.19 -29.30 -5.45
N ALA D 67 49.95 -29.03 -5.87
CA ALA D 67 49.13 -29.98 -6.59
C ALA D 67 49.86 -30.59 -7.80
N ILE D 68 50.55 -29.74 -8.55
CA ILE D 68 51.33 -30.16 -9.70
C ILE D 68 52.25 -31.34 -9.39
N ARG D 69 52.74 -31.38 -8.16
CA ARG D 69 53.71 -32.40 -7.75
C ARG D 69 53.06 -33.78 -7.50
N ARG D 70 51.94 -33.77 -6.77
CA ARG D 70 51.09 -34.93 -6.61
C ARG D 70 50.70 -35.45 -7.97
N ALA D 71 50.48 -34.53 -8.90
CA ALA D 71 50.09 -34.89 -10.25
C ALA D 71 51.23 -35.60 -10.98
N GLU D 72 52.46 -35.11 -10.82
CA GLU D 72 53.62 -35.83 -11.37
C GLU D 72 53.63 -37.25 -10.85
N TYR D 73 53.52 -37.40 -9.52
CA TYR D 73 53.43 -38.74 -8.93
C TYR D 73 52.39 -39.58 -9.62
N LEU D 74 51.20 -39.03 -9.79
CA LEU D 74 50.14 -39.83 -10.40
C LEU D 74 50.48 -40.20 -11.82
N TYR D 75 51.15 -39.34 -12.56
CA TYR D 75 51.54 -39.67 -13.93
C TYR D 75 52.59 -40.79 -13.94
N LYS D 76 53.51 -40.75 -12.98
CA LYS D 76 54.48 -41.83 -12.81
C LYS D 76 53.75 -43.14 -12.53
N MET D 77 52.67 -43.06 -11.77
CA MET D 77 51.82 -44.22 -11.50
C MET D 77 51.18 -44.73 -12.81
N LEU D 78 50.74 -43.81 -13.65
CA LEU D 78 50.20 -44.17 -14.97
C LEU D 78 51.24 -44.95 -15.79
N GLU D 79 52.47 -44.41 -15.83
CA GLU D 79 53.67 -45.07 -16.40
C GLU D 79 53.79 -46.53 -15.98
N VAL D 80 53.97 -46.70 -14.66
CA VAL D 80 54.16 -48.01 -14.05
C VAL D 80 52.99 -48.94 -14.38
N PHE D 81 51.79 -48.38 -14.40
CA PHE D 81 50.62 -49.17 -14.71
C PHE D 81 50.67 -49.70 -16.14
N ARG D 82 51.00 -48.80 -17.05
CA ARG D 82 51.17 -49.15 -18.45
C ARG D 82 52.18 -50.30 -18.62
N GLN D 83 53.16 -50.39 -17.73
CA GLN D 83 54.08 -51.55 -17.81
C GLN D 83 53.53 -52.82 -17.18
N MET D 84 52.73 -52.71 -16.12
CA MET D 84 52.21 -53.90 -15.44
C MET D 84 50.88 -54.43 -16.01
N LYS D 85 50.39 -53.81 -17.10
CA LYS D 85 49.08 -54.20 -17.65
C LYS D 85 48.92 -55.72 -17.73
N GLU D 86 49.97 -56.41 -18.19
CA GLU D 86 49.87 -57.85 -18.38
C GLU D 86 49.53 -58.58 -17.10
N ASP D 87 50.25 -58.26 -16.05
CA ASP D 87 50.08 -58.94 -14.77
C ASP D 87 48.72 -58.60 -14.21
N PHE D 88 48.25 -57.40 -14.47
CA PHE D 88 46.92 -57.05 -13.98
C PHE D 88 45.83 -57.84 -14.70
N MET D 89 45.88 -57.90 -16.02
CA MET D 89 44.95 -58.75 -16.76
C MET D 89 44.98 -60.20 -16.25
N LYS D 90 46.19 -60.74 -16.11
CA LYS D 90 46.39 -62.11 -15.62
C LYS D 90 45.72 -62.36 -14.29
N ILE D 91 46.07 -61.56 -13.27
CA ILE D 91 45.50 -61.79 -11.95
C ILE D 91 43.99 -61.56 -11.97
N LEU D 92 43.56 -60.54 -12.71
CA LEU D 92 42.14 -60.22 -12.76
C LEU D 92 41.33 -61.40 -13.31
N THR D 93 41.89 -62.13 -14.26
CA THR D 93 41.25 -63.36 -14.73
C THR D 93 41.34 -64.49 -13.68
N VAL D 94 42.56 -64.79 -13.23
CA VAL D 94 42.80 -65.98 -12.42
C VAL D 94 42.18 -65.86 -11.02
N GLU D 95 42.33 -64.71 -10.38
CA GLU D 95 41.80 -64.51 -9.05
C GLU D 95 40.33 -64.14 -9.06
N GLY D 96 39.95 -63.34 -10.06
CA GLY D 96 38.62 -62.76 -10.10
C GLY D 96 37.67 -63.44 -11.07
N GLY D 97 38.23 -64.25 -11.96
CA GLY D 97 37.40 -65.06 -12.83
C GLY D 97 36.87 -64.26 -13.98
N GLY D 98 37.56 -63.16 -14.27
CA GLY D 98 37.20 -62.30 -15.38
C GLY D 98 37.56 -62.93 -16.70
N THR D 99 36.71 -62.70 -17.70
CA THR D 99 36.97 -63.23 -19.05
C THR D 99 38.11 -62.39 -19.67
N TYR D 100 38.64 -62.75 -20.83
CA TYR D 100 39.75 -61.95 -21.33
C TYR D 100 39.28 -60.55 -21.65
N ARG D 101 38.20 -60.46 -22.44
CA ARG D 101 37.70 -59.16 -22.87
C ARG D 101 37.26 -58.29 -21.67
N LYS D 102 36.74 -58.92 -20.62
CA LYS D 102 36.38 -58.23 -19.39
C LYS D 102 37.56 -57.57 -18.73
N VAL D 103 38.61 -58.34 -18.45
CA VAL D 103 39.71 -57.80 -17.68
C VAL D 103 40.48 -56.85 -18.57
N TRP D 104 40.46 -57.10 -19.87
CA TRP D 104 41.12 -56.19 -20.79
C TRP D 104 40.49 -54.84 -20.58
N GLY D 105 39.17 -54.81 -20.72
CA GLY D 105 38.42 -53.61 -20.43
C GLY D 105 38.80 -53.01 -19.09
N GLU D 106 38.78 -53.80 -18.02
CA GLU D 106 39.07 -53.26 -16.69
C GLU D 106 40.41 -52.55 -16.66
N VAL D 107 41.42 -53.17 -17.25
CA VAL D 107 42.75 -52.57 -17.27
C VAL D 107 42.71 -51.23 -18.02
N VAL D 108 42.18 -51.23 -19.24
CA VAL D 108 42.13 -50.01 -20.05
C VAL D 108 41.50 -48.87 -19.27
N PHE D 109 40.34 -49.19 -18.71
CA PHE D 109 39.59 -48.21 -17.98
C PHE D 109 40.40 -47.66 -16.81
N THR D 110 41.09 -48.56 -16.10
CA THR D 110 41.94 -48.19 -14.98
C THR D 110 43.00 -47.19 -15.39
N GLU D 111 43.60 -47.44 -16.54
CA GLU D 111 44.56 -46.50 -17.11
C GLU D 111 43.91 -45.12 -17.25
N ARG D 112 42.79 -45.07 -17.94
CA ARG D 112 42.10 -43.81 -18.14
C ARG D 112 41.81 -43.10 -16.81
N LEU D 113 41.46 -43.89 -15.79
CA LEU D 113 41.18 -43.41 -14.44
C LEU D 113 42.39 -42.70 -13.79
N ILE D 114 43.49 -43.44 -13.68
CA ILE D 114 44.70 -42.87 -13.11
C ILE D 114 45.04 -41.56 -13.83
N GLN D 115 45.03 -41.65 -15.16
CA GLN D 115 45.31 -40.49 -15.96
C GLN D 115 44.42 -39.33 -15.52
N ASN D 116 43.11 -39.56 -15.54
CA ASN D 116 42.11 -38.56 -15.14
C ASN D 116 42.42 -37.87 -13.79
N ALA D 117 42.81 -38.67 -12.79
CA ALA D 117 43.18 -38.10 -11.51
C ALA D 117 44.33 -37.13 -11.68
N ALA D 118 45.40 -37.61 -12.33
CA ALA D 118 46.56 -36.74 -12.59
C ALA D 118 46.18 -35.42 -13.31
N GLU D 119 45.41 -35.57 -14.40
CA GLU D 119 44.84 -34.46 -15.18
C GLU D 119 44.15 -33.42 -14.31
N LEU D 120 43.35 -33.88 -13.35
CA LEU D 120 42.48 -32.96 -12.60
C LEU D 120 43.09 -32.36 -11.34
N ALA D 121 44.18 -32.95 -10.86
CA ALA D 121 44.71 -32.55 -9.57
C ALA D 121 44.98 -31.06 -9.49
N ARG D 122 45.52 -30.50 -10.56
CA ARG D 122 45.96 -29.11 -10.56
C ARG D 122 44.82 -28.13 -10.65
N HIS D 123 43.65 -28.65 -11.08
CA HIS D 123 42.49 -27.83 -11.42
C HIS D 123 41.30 -27.78 -10.44
N TYR D 124 41.44 -28.37 -9.26
CA TYR D 124 40.37 -28.30 -8.28
C TYR D 124 40.30 -26.91 -7.63
N GLN D 125 39.16 -26.24 -7.85
CA GLN D 125 39.06 -24.78 -7.67
C GLN D 125 38.15 -24.34 -6.56
N GLY D 126 38.67 -23.46 -5.71
CA GLY D 126 37.84 -22.74 -4.77
C GLY D 126 37.15 -21.62 -5.51
N ARG D 127 36.42 -20.77 -4.79
CA ARG D 127 35.64 -19.70 -5.42
C ARG D 127 35.99 -18.38 -4.77
N VAL D 128 35.98 -17.29 -5.54
CA VAL D 128 36.08 -15.95 -4.95
C VAL D 128 34.66 -15.40 -4.83
N LEU D 129 34.35 -14.80 -3.68
CA LEU D 129 32.96 -14.48 -3.38
C LEU D 129 32.75 -13.00 -3.25
N GLN D 130 31.53 -12.56 -3.53
CA GLN D 130 31.14 -11.19 -3.26
C GLN D 130 30.86 -11.08 -1.77
N SER D 131 31.02 -9.88 -1.26
CA SER D 131 30.77 -9.67 0.14
C SER D 131 29.64 -8.70 0.29
N ASP D 132 28.83 -8.89 1.33
CA ASP D 132 27.79 -7.92 1.64
C ASP D 132 28.35 -6.91 2.63
N SER D 133 29.52 -7.24 3.19
CA SER D 133 30.31 -6.30 4.00
C SER D 133 31.17 -5.48 3.04
N GLU D 134 31.39 -4.21 3.36
CA GLU D 134 32.35 -3.41 2.61
C GLU D 134 33.73 -3.81 3.06
N SER D 135 34.73 -3.55 2.21
CA SER D 135 36.12 -3.72 2.63
C SER D 135 36.40 -5.12 3.14
N THR D 136 35.60 -6.07 2.70
CA THR D 136 35.84 -7.45 3.08
C THR D 136 36.15 -8.25 1.84
N ILE D 137 37.25 -8.98 1.90
CA ILE D 137 37.63 -9.92 0.85
C ILE D 137 37.33 -11.33 1.30
N SER D 138 36.60 -12.05 0.47
CA SER D 138 35.93 -13.27 0.92
C SER D 138 36.15 -14.38 -0.09
N VAL D 139 36.88 -15.43 0.28
CA VAL D 139 37.10 -16.54 -0.65
C VAL D 139 36.85 -17.92 -0.02
N VAL D 140 36.81 -18.95 -0.87
CA VAL D 140 36.60 -20.31 -0.42
C VAL D 140 37.69 -21.19 -0.98
N PHE D 141 38.46 -21.85 -0.10
CA PHE D 141 39.57 -22.76 -0.50
C PHE D 141 39.17 -24.22 -0.44
N LYS D 142 39.75 -25.06 -1.29
CA LYS D 142 39.48 -26.50 -1.10
C LYS D 142 40.64 -27.18 -0.35
N ARG D 143 40.30 -27.98 0.67
CA ARG D 143 41.30 -28.67 1.47
C ARG D 143 41.01 -30.14 1.57
N SER D 144 42.05 -30.97 1.57
CA SER D 144 41.85 -32.42 1.64
C SER D 144 41.31 -32.80 3.02
N LYS D 145 40.61 -33.92 3.09
CA LYS D 145 39.96 -34.30 4.35
C LYS D 145 40.97 -34.84 5.33
N GLY D 146 41.86 -35.71 4.88
CA GLY D 146 42.73 -36.35 5.83
C GLY D 146 43.09 -37.72 5.34
N VAL D 147 43.29 -38.62 6.28
CA VAL D 147 43.32 -40.05 5.97
C VAL D 147 41.93 -40.58 5.53
N VAL D 148 41.93 -41.19 4.36
CA VAL D 148 40.72 -41.69 3.71
C VAL D 148 40.80 -43.19 3.58
N GLY D 149 39.85 -43.88 4.21
CA GLY D 149 39.74 -45.33 4.12
C GLY D 149 39.18 -45.77 2.77
N VAL D 150 39.85 -46.72 2.13
CA VAL D 150 39.37 -47.22 0.85
C VAL D 150 39.05 -48.71 0.92
N ILE D 151 37.77 -49.06 0.84
CA ILE D 151 37.37 -50.47 0.93
C ILE D 151 36.61 -50.86 -0.34
N THR D 152 37.07 -51.94 -0.97
CA THR D 152 36.70 -52.22 -2.36
C THR D 152 36.07 -53.60 -2.62
N PRO D 153 35.27 -53.69 -3.69
CA PRO D 153 34.64 -54.97 -4.03
C PRO D 153 35.60 -55.91 -4.74
N TRP D 154 35.10 -57.12 -5.03
CA TRP D 154 35.83 -58.13 -5.81
C TRP D 154 35.49 -58.28 -7.30
N ASN D 155 34.40 -57.67 -7.76
CA ASN D 155 33.97 -57.89 -9.15
C ASN D 155 34.87 -57.20 -10.19
N TYR D 156 35.02 -55.89 -10.03
CA TYR D 156 35.93 -55.09 -10.84
C TYR D 156 36.95 -54.46 -9.89
N PRO D 157 37.80 -55.28 -9.26
CA PRO D 157 38.58 -54.75 -8.14
C PRO D 157 39.67 -53.77 -8.57
N LEU D 158 40.30 -53.99 -9.73
CA LEU D 158 41.31 -53.07 -10.20
C LEU D 158 40.73 -51.69 -10.47
N SER D 159 39.74 -51.63 -11.36
CA SER D 159 39.20 -50.34 -11.78
C SER D 159 38.54 -49.57 -10.61
N ILE D 160 37.66 -50.21 -9.83
CA ILE D 160 37.04 -49.54 -8.69
C ILE D 160 38.07 -49.09 -7.64
N SER D 161 38.99 -49.98 -7.27
CA SER D 161 40.05 -49.60 -6.36
C SER D 161 40.75 -48.37 -6.87
N MET D 162 41.22 -48.46 -8.11
CA MET D 162 42.04 -47.39 -8.62
C MET D 162 41.27 -46.07 -8.71
N LYS D 163 40.00 -46.10 -9.12
CA LYS D 163 39.17 -44.88 -9.12
C LYS D 163 39.24 -44.20 -7.74
N LYS D 164 38.90 -44.99 -6.72
CA LYS D 164 38.96 -44.49 -5.36
C LYS D 164 40.35 -43.95 -4.97
N ILE D 165 41.38 -44.77 -5.16
CA ILE D 165 42.72 -44.45 -4.70
C ILE D 165 43.35 -43.28 -5.44
N ALA D 166 43.43 -43.40 -6.75
CA ALA D 166 43.95 -42.32 -7.57
C ALA D 166 43.25 -41.02 -7.23
N HIS D 167 41.92 -40.99 -7.34
CA HIS D 167 41.29 -39.70 -7.18
C HIS D 167 41.50 -39.16 -5.77
N THR D 168 41.50 -40.04 -4.78
CA THR D 168 41.64 -39.57 -3.41
C THR D 168 43.02 -39.00 -3.16
N LEU D 169 44.02 -39.62 -3.78
CA LEU D 169 45.41 -39.20 -3.62
C LEU D 169 45.66 -37.88 -4.29
N ALA D 170 45.11 -37.74 -5.49
CA ALA D 170 45.31 -36.56 -6.32
C ALA D 170 45.11 -35.20 -5.58
N VAL D 171 44.01 -35.11 -4.84
CA VAL D 171 43.63 -33.85 -4.27
C VAL D 171 44.21 -33.72 -2.85
N GLY D 172 45.05 -34.68 -2.47
CA GLY D 172 45.89 -34.51 -1.29
C GLY D 172 45.52 -35.20 0.00
N ASN D 173 44.60 -36.16 -0.06
CA ASN D 173 44.41 -37.10 1.05
C ASN D 173 45.38 -38.27 1.00
N THR D 174 45.66 -38.88 2.14
CA THR D 174 46.40 -40.14 2.12
C THR D 174 45.42 -41.30 2.24
N VAL D 175 45.91 -42.53 2.10
CA VAL D 175 45.01 -43.65 1.87
C VAL D 175 45.36 -44.93 2.63
N VAL D 176 44.39 -45.47 3.36
CA VAL D 176 44.47 -46.84 3.85
C VAL D 176 43.46 -47.71 3.09
N TYR D 177 43.99 -48.72 2.44
CA TYR D 177 43.24 -49.50 1.48
C TYR D 177 43.16 -50.99 1.84
N LYS D 178 41.97 -51.43 2.23
CA LYS D 178 41.70 -52.84 2.52
C LYS D 178 40.92 -53.44 1.37
N PRO D 179 41.59 -54.22 0.50
CA PRO D 179 40.96 -54.78 -0.70
C PRO D 179 39.90 -55.80 -0.33
N ALA D 180 39.12 -56.21 -1.32
CA ALA D 180 38.16 -57.29 -1.14
C ALA D 180 38.85 -58.55 -0.65
N SER D 181 38.21 -59.26 0.28
CA SER D 181 38.72 -60.52 0.79
C SER D 181 39.04 -61.49 -0.33
N ASP D 182 38.12 -61.57 -1.30
CA ASP D 182 38.25 -62.49 -2.41
C ASP D 182 39.17 -62.03 -3.55
N THR D 183 39.70 -60.80 -3.47
CA THR D 183 40.72 -60.35 -4.44
C THR D 183 41.97 -59.68 -3.83
N PRO D 184 42.67 -60.38 -2.93
CA PRO D 184 43.85 -59.76 -2.30
C PRO D 184 45.03 -59.57 -3.24
N VAL D 185 45.22 -60.47 -4.20
CA VAL D 185 46.39 -60.39 -5.06
C VAL D 185 46.36 -59.13 -5.90
N THR D 186 45.18 -58.81 -6.43
CA THR D 186 45.01 -57.60 -7.20
C THR D 186 45.47 -56.38 -6.39
N GLY D 187 45.00 -56.28 -5.15
CA GLY D 187 45.38 -55.21 -4.26
C GLY D 187 46.87 -55.14 -3.97
N TRP D 188 47.49 -56.30 -3.76
CA TRP D 188 48.93 -56.37 -3.65
C TRP D 188 49.54 -55.75 -4.90
N LEU D 189 49.07 -56.14 -6.08
CA LEU D 189 49.61 -55.61 -7.32
C LEU D 189 49.48 -54.10 -7.43
N ILE D 190 48.38 -53.57 -6.92
CA ILE D 190 48.21 -52.13 -6.93
C ILE D 190 49.30 -51.55 -6.06
N ALA D 191 49.46 -52.10 -4.86
CA ALA D 191 50.49 -51.64 -3.93
C ALA D 191 51.87 -51.67 -4.58
N GLN D 192 52.14 -52.74 -5.33
CA GLN D 192 53.35 -52.89 -6.13
C GLN D 192 53.56 -51.69 -7.02
N MET D 193 52.50 -51.38 -7.78
CA MET D 193 52.49 -50.29 -8.73
C MET D 193 52.85 -48.96 -8.08
N VAL D 194 52.09 -48.66 -7.03
CA VAL D 194 52.30 -47.44 -6.27
C VAL D 194 53.75 -47.37 -5.78
N ALA D 195 54.23 -48.45 -5.19
CA ALA D 195 55.58 -48.47 -4.63
C ALA D 195 56.64 -48.22 -5.70
N LYS D 196 56.50 -48.85 -6.87
CA LYS D 196 57.41 -48.60 -8.00
C LYS D 196 57.30 -47.15 -8.48
N ALA D 197 56.13 -46.53 -8.32
CA ALA D 197 55.96 -45.11 -8.66
C ALA D 197 56.72 -44.22 -7.66
N GLY D 198 56.98 -44.76 -6.48
CA GLY D 198 57.82 -44.10 -5.50
C GLY D 198 57.16 -42.99 -4.71
N LEU D 199 55.90 -43.19 -4.35
CA LEU D 199 55.18 -42.20 -3.56
C LEU D 199 55.77 -42.12 -2.17
N PRO D 200 55.70 -40.94 -1.53
CA PRO D 200 56.28 -40.77 -0.19
C PRO D 200 55.76 -41.81 0.78
N LYS D 201 56.64 -42.35 1.63
CA LYS D 201 56.26 -43.42 2.54
C LYS D 201 55.06 -43.03 3.40
N GLY D 202 54.06 -43.90 3.46
CA GLY D 202 52.88 -43.67 4.26
C GLY D 202 51.72 -43.02 3.53
N VAL D 203 51.97 -42.49 2.33
CA VAL D 203 50.94 -41.81 1.54
C VAL D 203 49.91 -42.82 1.05
N PHE D 204 50.34 -44.06 0.88
CA PHE D 204 49.42 -45.10 0.47
C PHE D 204 49.73 -46.43 1.14
N ASN D 205 48.71 -47.08 1.69
CA ASN D 205 48.94 -48.29 2.46
C ASN D 205 47.97 -49.42 2.13
N LEU D 206 48.50 -50.61 1.90
CA LEU D 206 47.70 -51.80 1.70
C LEU D 206 47.65 -52.66 2.95
N VAL D 207 46.46 -53.00 3.42
CA VAL D 207 46.30 -53.98 4.48
C VAL D 207 45.29 -55.03 4.09
N ILE D 208 45.77 -56.26 3.92
CA ILE D 208 44.93 -57.37 3.51
C ILE D 208 44.41 -58.11 4.73
N GLY D 209 43.11 -58.33 4.79
CA GLY D 209 42.55 -59.01 5.93
C GLY D 209 41.04 -59.03 5.94
N PRO D 210 40.46 -59.55 7.03
CA PRO D 210 39.01 -59.61 7.25
C PRO D 210 38.41 -58.23 7.54
N GLY D 211 37.27 -57.96 6.88
CA GLY D 211 36.47 -56.77 7.14
C GLY D 211 36.09 -56.60 8.60
N PRO D 212 35.61 -57.67 9.26
CA PRO D 212 35.25 -57.55 10.67
C PRO D 212 36.41 -57.13 11.59
N VAL D 213 37.65 -57.25 11.12
CA VAL D 213 38.81 -56.90 11.93
C VAL D 213 39.50 -55.65 11.39
N VAL D 214 40.07 -55.74 10.19
CA VAL D 214 40.76 -54.62 9.59
C VAL D 214 39.79 -53.48 9.29
N GLY D 215 38.74 -53.83 8.56
CA GLY D 215 37.73 -52.89 8.11
C GLY D 215 37.20 -52.07 9.25
N GLU D 216 36.83 -52.73 10.34
CA GLU D 216 36.20 -52.00 11.43
C GLU D 216 37.18 -51.05 12.13
N GLU D 217 38.45 -51.41 12.19
CA GLU D 217 39.43 -50.47 12.73
C GLU D 217 39.49 -49.26 11.80
N ILE D 218 39.61 -49.51 10.49
CA ILE D 218 39.59 -48.44 9.49
C ILE D 218 38.39 -47.51 9.63
N VAL D 219 37.21 -48.08 9.85
CA VAL D 219 35.97 -47.31 9.92
C VAL D 219 35.74 -46.57 11.26
N THR D 220 36.20 -47.14 12.36
CA THR D 220 36.01 -46.52 13.66
C THR D 220 37.18 -45.68 14.20
N HIS D 221 38.34 -45.78 13.56
CA HIS D 221 39.53 -45.11 14.09
C HIS D 221 39.40 -43.59 14.13
N LYS D 222 39.91 -42.98 15.19
CA LYS D 222 39.95 -41.53 15.37
C LYS D 222 40.52 -40.80 14.16
N ARG D 223 41.63 -41.31 13.65
CA ARG D 223 42.43 -40.57 12.67
C ARG D 223 42.00 -40.74 11.21
N VAL D 224 41.10 -41.69 10.94
CA VAL D 224 40.51 -41.76 9.61
C VAL D 224 39.47 -40.67 9.45
N ALA D 225 39.63 -39.82 8.44
CA ALA D 225 38.72 -38.69 8.21
C ALA D 225 37.48 -39.08 7.42
N HIS D 226 37.63 -40.03 6.51
CA HIS D 226 36.60 -40.34 5.53
C HIS D 226 36.73 -41.76 5.07
N VAL D 227 35.61 -42.42 4.74
CA VAL D 227 35.66 -43.77 4.17
C VAL D 227 34.87 -43.86 2.87
N THR D 228 35.48 -44.40 1.82
CA THR D 228 34.75 -44.71 0.59
C THR D 228 34.62 -46.22 0.35
N PHE D 229 33.38 -46.69 0.33
CA PHE D 229 33.12 -48.11 0.33
C PHE D 229 32.33 -48.56 -0.85
N THR D 230 32.68 -49.74 -1.35
CA THR D 230 31.89 -50.39 -2.38
C THR D 230 31.72 -51.90 -2.08
N GLY D 231 30.46 -52.32 -1.95
CA GLY D 231 30.13 -53.67 -1.51
C GLY D 231 28.63 -53.81 -1.30
N GLU D 232 28.23 -54.79 -0.49
CA GLU D 232 26.79 -55.06 -0.25
C GLU D 232 26.14 -54.03 0.70
N SER D 233 24.82 -53.87 0.58
CA SER D 233 24.11 -52.79 1.28
C SER D 233 24.05 -53.01 2.79
N SER D 234 24.07 -54.26 3.21
CA SER D 234 24.15 -54.52 4.64
C SER D 234 25.44 -53.90 5.18
N THR D 235 26.56 -54.27 4.57
CA THR D 235 27.87 -53.83 4.99
C THR D 235 28.01 -52.31 4.93
N GLY D 236 27.56 -51.71 3.84
CA GLY D 236 27.57 -50.27 3.71
C GLY D 236 26.78 -49.60 4.81
N ARG D 237 25.59 -50.16 5.12
CA ARG D 237 24.71 -49.62 6.17
C ARG D 237 25.39 -49.61 7.54
N GLU D 238 25.92 -50.75 7.94
CA GLU D 238 26.57 -50.76 9.24
C GLU D 238 27.81 -49.85 9.19
N ILE D 239 28.56 -49.86 8.09
CA ILE D 239 29.73 -48.98 7.97
C ILE D 239 29.36 -47.51 8.22
N ALA D 240 28.24 -47.08 7.64
CA ALA D 240 27.73 -45.73 7.86
C ALA D 240 27.47 -45.50 9.36
N ALA D 241 26.82 -46.49 9.98
CA ALA D 241 26.51 -46.37 11.41
C ALA D 241 27.76 -46.19 12.27
N LYS D 242 28.79 -46.99 12.00
CA LYS D 242 30.03 -46.93 12.79
C LYS D 242 30.84 -45.67 12.49
N ALA D 243 30.83 -45.25 11.23
CA ALA D 243 31.44 -44.00 10.84
C ALA D 243 30.85 -42.84 11.64
N ALA D 244 29.57 -42.96 11.99
CA ALA D 244 28.92 -41.92 12.79
C ALA D 244 29.68 -41.56 14.09
N GLY D 245 30.33 -42.52 14.73
CA GLY D 245 30.93 -42.28 16.04
C GLY D 245 31.98 -41.18 16.07
N THR D 246 32.90 -41.24 15.12
CA THR D 246 33.96 -40.27 14.93
C THR D 246 33.57 -39.11 13.98
N LEU D 247 32.29 -39.06 13.60
CA LEU D 247 31.74 -38.03 12.72
C LEU D 247 32.43 -38.01 11.38
N LYS D 248 32.94 -39.18 10.96
CA LYS D 248 33.62 -39.22 9.68
C LYS D 248 32.62 -39.33 8.54
N THR D 249 32.95 -38.66 7.43
CA THR D 249 32.11 -38.65 6.25
C THR D 249 32.35 -39.90 5.38
N VAL D 250 31.31 -40.34 4.67
CA VAL D 250 31.43 -41.53 3.85
C VAL D 250 30.89 -41.39 2.42
N THR D 251 31.48 -42.16 1.51
CA THR D 251 30.98 -42.31 0.15
C THR D 251 30.56 -43.76 -0.01
N LEU D 252 29.30 -44.04 -0.32
CA LEU D 252 28.91 -45.45 -0.38
C LEU D 252 28.27 -45.85 -1.70
N GLU D 253 28.94 -46.73 -2.47
CA GLU D 253 28.32 -47.34 -3.65
C GLU D 253 27.89 -48.73 -3.22
N LEU D 254 26.58 -48.89 -3.02
CA LEU D 254 26.01 -50.08 -2.40
C LEU D 254 25.40 -51.09 -3.38
N GLY D 255 25.57 -50.85 -4.67
CA GLY D 255 25.04 -51.75 -5.68
C GLY D 255 23.58 -51.47 -5.93
N GLY D 256 23.04 -52.01 -7.02
CA GLY D 256 21.66 -51.77 -7.35
C GLY D 256 21.15 -52.81 -8.33
N SER D 257 19.84 -52.97 -8.35
CA SER D 257 19.20 -53.78 -9.38
C SER D 257 18.62 -52.85 -10.47
N ASP D 258 19.34 -52.73 -11.57
CA ASP D 258 19.07 -51.67 -12.53
C ASP D 258 18.04 -52.07 -13.57
N PRO D 259 17.01 -51.24 -13.76
CA PRO D 259 16.02 -51.47 -14.81
C PRO D 259 16.51 -51.19 -16.23
N LEU D 260 16.27 -52.12 -17.14
CA LEU D 260 16.50 -51.85 -18.55
C LEU D 260 15.17 -51.88 -19.29
N ILE D 261 14.68 -50.70 -19.64
CA ILE D 261 13.34 -50.53 -20.20
C ILE D 261 13.47 -50.56 -21.70
N ILE D 262 12.63 -51.35 -22.36
CA ILE D 262 12.67 -51.46 -23.83
C ILE D 262 11.31 -51.11 -24.39
N LEU D 263 11.22 -50.07 -25.21
CA LEU D 263 9.91 -49.68 -25.72
C LEU D 263 9.61 -50.33 -27.08
N ASP D 264 8.42 -50.11 -27.61
CA ASP D 264 7.95 -50.88 -28.74
C ASP D 264 8.53 -50.42 -30.07
N ASP D 265 9.13 -49.25 -30.08
CA ASP D 265 9.60 -48.70 -31.34
C ASP D 265 11.06 -49.02 -31.61
N VAL D 266 11.66 -49.85 -30.76
CA VAL D 266 13.08 -50.22 -30.91
C VAL D 266 13.34 -51.19 -32.05
N ASP D 267 14.51 -51.07 -32.65
CA ASP D 267 15.07 -52.18 -33.39
C ASP D 267 15.13 -53.29 -32.35
N VAL D 268 14.47 -54.42 -32.59
CA VAL D 268 14.35 -55.41 -31.52
C VAL D 268 15.62 -56.25 -31.40
N ASP D 269 16.17 -56.66 -32.53
CA ASP D 269 17.38 -57.46 -32.53
C ASP D 269 18.47 -56.80 -31.67
N TYR D 270 18.79 -55.56 -32.06
CA TYR D 270 19.72 -54.72 -31.32
C TYR D 270 19.37 -54.69 -29.82
N ALA D 271 18.11 -54.40 -29.52
CA ALA D 271 17.67 -54.32 -28.13
C ALA D 271 18.05 -55.58 -27.36
N ALA D 272 17.95 -56.70 -28.05
CA ALA D 272 18.27 -57.98 -27.43
C ALA D 272 19.76 -58.14 -27.20
N ARG D 273 20.58 -57.79 -28.20
CA ARG D 273 22.03 -57.93 -28.05
C ARG D 273 22.51 -57.06 -26.91
N LEU D 274 22.04 -55.82 -26.93
CA LEU D 274 22.31 -54.86 -25.89
C LEU D 274 21.96 -55.46 -24.54
N ALA D 275 20.72 -55.93 -24.41
CA ALA D 275 20.25 -56.47 -23.14
C ALA D 275 21.14 -57.60 -22.67
N VAL D 276 21.57 -58.44 -23.60
CA VAL D 276 22.39 -59.60 -23.27
C VAL D 276 23.72 -59.13 -22.68
N PHE D 277 24.35 -58.19 -23.37
CA PHE D 277 25.62 -57.65 -22.90
C PHE D 277 25.49 -56.98 -21.53
N ALA D 278 24.44 -56.18 -21.35
CA ALA D 278 24.27 -55.39 -20.14
C ALA D 278 23.86 -56.22 -18.91
N SER D 279 22.96 -57.17 -19.14
CA SER D 279 22.43 -57.98 -18.06
C SER D 279 23.36 -59.08 -17.67
N LEU D 280 24.10 -59.62 -18.65
CA LEU D 280 24.99 -60.72 -18.34
C LEU D 280 26.52 -60.50 -18.30
N PHE D 281 27.04 -59.36 -18.73
CA PHE D 281 28.51 -59.23 -18.79
C PHE D 281 29.15 -59.46 -17.42
N HIS D 282 30.31 -60.11 -17.41
CA HIS D 282 30.99 -60.50 -16.17
C HIS D 282 30.02 -61.24 -15.28
N GLN D 283 29.17 -62.04 -15.93
CA GLN D 283 28.23 -62.94 -15.27
C GLN D 283 27.23 -62.17 -14.42
N GLY D 284 26.81 -61.00 -14.88
CA GLY D 284 25.90 -60.15 -14.12
C GLY D 284 26.44 -59.63 -12.79
N GLN D 285 27.73 -59.80 -12.58
CA GLN D 285 28.39 -59.49 -11.32
C GLN D 285 28.81 -58.01 -11.29
N ILE D 286 28.23 -57.23 -12.17
CA ILE D 286 28.39 -55.78 -12.16
C ILE D 286 27.37 -55.07 -11.26
N CYS D 287 27.81 -54.02 -10.55
CA CYS D 287 26.94 -53.30 -9.63
C CYS D 287 25.82 -52.61 -10.44
N THR D 288 26.23 -52.08 -11.58
CA THR D 288 25.35 -51.43 -12.55
C THR D 288 24.84 -52.39 -13.63
N SER D 289 25.01 -53.68 -13.43
CA SER D 289 24.44 -54.65 -14.36
C SER D 289 22.94 -54.43 -14.51
N ALA D 290 22.40 -54.79 -15.67
CA ALA D 290 20.99 -54.60 -15.90
C ALA D 290 20.26 -55.84 -15.37
N LYS D 291 19.72 -55.69 -14.17
CA LYS D 291 19.27 -56.82 -13.37
C LYS D 291 17.78 -57.08 -13.49
N ARG D 292 17.05 -56.17 -14.11
CA ARG D 292 15.65 -56.40 -14.36
C ARG D 292 15.33 -55.90 -15.76
N ILE D 293 14.94 -56.79 -16.66
CA ILE D 293 14.66 -56.35 -18.02
C ILE D 293 13.18 -56.08 -18.17
N ILE D 294 12.80 -54.83 -18.33
CA ILE D 294 11.39 -54.48 -18.52
C ILE D 294 11.13 -54.23 -20.00
N VAL D 295 10.20 -54.97 -20.59
CA VAL D 295 9.94 -54.83 -22.02
C VAL D 295 8.47 -54.55 -22.36
N HIS D 296 8.25 -53.66 -23.31
CA HIS D 296 6.92 -53.29 -23.79
C HIS D 296 6.22 -54.44 -24.54
N LYS D 297 4.95 -54.70 -24.19
CA LYS D 297 4.20 -55.88 -24.69
C LYS D 297 4.31 -56.10 -26.22
N ALA D 298 4.22 -55.01 -26.99
CA ALA D 298 4.22 -55.06 -28.45
C ALA D 298 5.47 -55.69 -29.05
N VAL D 299 6.63 -55.47 -28.47
CA VAL D 299 7.82 -56.17 -28.93
C VAL D 299 8.23 -57.34 -28.05
N ALA D 300 7.45 -57.62 -27.01
CA ALA D 300 7.94 -58.52 -25.96
C ALA D 300 8.26 -59.92 -26.48
N ASP D 301 7.42 -60.47 -27.35
CA ASP D 301 7.64 -61.83 -27.81
C ASP D 301 8.89 -61.98 -28.69
N LYS D 302 9.05 -61.05 -29.64
CA LYS D 302 10.20 -61.07 -30.54
C LYS D 302 11.49 -60.80 -29.74
N PHE D 303 11.38 -59.85 -28.81
CA PHE D 303 12.50 -59.52 -27.94
C PHE D 303 12.96 -60.71 -27.13
N ILE D 304 12.02 -61.37 -26.48
CA ILE D 304 12.33 -62.52 -25.64
C ILE D 304 12.98 -63.62 -26.48
N GLU D 305 12.42 -63.84 -27.66
CA GLU D 305 12.98 -64.80 -28.60
C GLU D 305 14.46 -64.51 -28.91
N ARG D 306 14.76 -63.25 -29.21
CA ARG D 306 16.09 -62.90 -29.69
C ARG D 306 17.09 -62.83 -28.52
N TYR D 307 16.60 -62.34 -27.39
CA TYR D 307 17.38 -62.31 -26.16
C TYR D 307 17.85 -63.71 -25.88
N VAL D 308 16.88 -64.59 -25.74
CA VAL D 308 17.15 -65.98 -25.45
C VAL D 308 18.10 -66.59 -26.48
N HIS D 309 17.87 -66.25 -27.75
CA HIS D 309 18.72 -66.73 -28.82
C HIS D 309 20.19 -66.43 -28.51
N TYR D 310 20.52 -65.17 -28.25
CA TYR D 310 21.93 -64.83 -28.02
C TYR D 310 22.45 -65.35 -26.68
N VAL D 311 21.56 -65.53 -25.70
CA VAL D 311 21.98 -66.08 -24.41
C VAL D 311 22.45 -67.52 -24.64
N LYS D 312 21.79 -68.19 -25.59
CA LYS D 312 22.17 -69.53 -26.01
C LYS D 312 23.57 -69.54 -26.59
N MET D 313 23.99 -68.42 -27.17
CA MET D 313 25.29 -68.37 -27.85
C MET D 313 26.46 -68.14 -26.91
N LEU D 314 26.17 -67.69 -25.69
CA LEU D 314 27.21 -67.34 -24.75
C LEU D 314 28.03 -68.57 -24.39
N ARG D 315 29.36 -68.45 -24.46
CA ARG D 315 30.26 -69.55 -24.11
C ARG D 315 30.81 -69.48 -22.68
N ILE D 316 30.44 -70.43 -21.84
CA ILE D 316 31.03 -70.49 -20.52
C ILE D 316 32.23 -71.42 -20.53
N ASP D 317 33.38 -70.92 -20.09
CA ASP D 317 34.59 -71.74 -20.12
C ASP D 317 35.64 -71.22 -19.15
N ASP D 318 36.80 -71.88 -19.11
CA ASP D 318 37.92 -71.36 -18.32
C ASP D 318 38.39 -70.08 -19.02
N PRO D 319 38.32 -68.93 -18.32
CA PRO D 319 38.66 -67.65 -18.93
C PRO D 319 40.12 -67.59 -19.40
N ARG D 320 40.93 -68.52 -18.89
CA ARG D 320 42.31 -68.64 -19.34
C ARG D 320 42.46 -69.32 -20.70
N LYS D 321 41.41 -70.01 -21.17
CA LYS D 321 41.50 -70.79 -22.40
C LYS D 321 41.89 -69.92 -23.58
N ASP D 322 41.11 -68.88 -23.80
CA ASP D 322 41.30 -68.02 -24.97
C ASP D 322 40.56 -66.69 -24.84
N GLU D 323 40.79 -65.82 -25.82
CA GLU D 323 40.33 -64.45 -25.75
C GLU D 323 38.83 -64.32 -26.00
N LYS D 324 38.23 -65.32 -26.63
CA LYS D 324 36.83 -65.24 -26.98
C LYS D 324 35.87 -65.88 -25.97
N VAL D 325 36.39 -66.32 -24.83
CA VAL D 325 35.51 -66.87 -23.77
C VAL D 325 34.58 -65.78 -23.21
N ASP D 326 33.27 -66.04 -23.27
CA ASP D 326 32.26 -65.05 -22.86
C ASP D 326 32.04 -64.91 -21.35
N LEU D 327 31.88 -66.03 -20.66
CA LEU D 327 31.53 -65.99 -19.24
C LEU D 327 32.46 -66.87 -18.43
N GLY D 328 32.84 -66.38 -17.26
CA GLY D 328 33.70 -67.12 -16.37
C GLY D 328 32.95 -67.64 -15.17
N PRO D 329 33.69 -68.11 -14.16
CA PRO D 329 33.07 -68.49 -12.91
C PRO D 329 32.48 -67.32 -12.16
N LEU D 330 31.54 -67.61 -11.25
CA LEU D 330 31.25 -66.71 -10.16
C LEU D 330 32.49 -66.71 -9.25
N ILE D 331 32.61 -65.72 -8.38
CA ILE D 331 33.84 -65.58 -7.59
C ILE D 331 34.08 -66.74 -6.59
N ASN D 332 33.04 -67.48 -6.24
CA ASN D 332 33.17 -68.54 -5.23
C ASN D 332 31.89 -69.32 -4.96
N GLU D 333 32.04 -70.31 -4.08
CA GLU D 333 30.96 -71.23 -3.73
C GLU D 333 29.70 -70.54 -3.18
N ARG D 334 29.89 -69.48 -2.39
CA ARG D 334 28.76 -68.78 -1.80
C ARG D 334 27.87 -68.25 -2.91
N GLN D 335 28.49 -67.63 -3.91
CA GLN D 335 27.74 -67.02 -5.01
C GLN D 335 26.91 -68.04 -5.78
N VAL D 336 27.45 -69.25 -5.95
CA VAL D 336 26.66 -70.26 -6.62
C VAL D 336 25.51 -70.70 -5.72
N ALA D 337 25.77 -70.83 -4.42
CA ALA D 337 24.71 -71.18 -3.49
C ALA D 337 23.54 -70.24 -3.70
N LEU D 338 23.84 -68.94 -3.61
CA LEU D 338 22.84 -67.90 -3.67
C LEU D 338 22.11 -67.88 -5.03
N MET D 339 22.86 -68.11 -6.10
CA MET D 339 22.24 -68.06 -7.41
C MET D 339 21.24 -69.21 -7.56
N LYS D 340 21.64 -70.39 -7.07
CA LYS D 340 20.73 -71.55 -7.00
C LYS D 340 19.48 -71.19 -6.24
N GLU D 341 19.65 -70.58 -5.07
CA GLU D 341 18.49 -70.08 -4.32
C GLU D 341 17.56 -69.23 -5.19
N PHE D 342 18.14 -68.30 -5.95
CA PHE D 342 17.34 -67.37 -6.75
C PHE D 342 16.55 -68.09 -7.80
N VAL D 343 17.21 -69.03 -8.47
CA VAL D 343 16.56 -69.85 -9.50
C VAL D 343 15.43 -70.71 -8.92
N ASP D 344 15.71 -71.39 -7.82
CA ASP D 344 14.73 -72.24 -7.15
C ASP D 344 13.50 -71.43 -6.77
N ASP D 345 13.73 -70.30 -6.10
CA ASP D 345 12.66 -69.40 -5.69
C ASP D 345 11.84 -69.01 -6.90
N ALA D 346 12.53 -68.81 -8.01
CA ALA D 346 11.87 -68.42 -9.25
C ALA D 346 10.90 -69.50 -9.73
N VAL D 347 11.38 -70.75 -9.80
CA VAL D 347 10.54 -71.83 -10.28
C VAL D 347 9.36 -72.10 -9.34
N SER D 348 9.64 -72.12 -8.03
CA SER D 348 8.62 -72.47 -7.04
C SER D 348 7.54 -71.39 -6.92
N ARG D 349 7.81 -70.20 -7.46
CA ARG D 349 6.80 -69.15 -7.49
C ARG D 349 6.05 -69.10 -8.82
N GLY D 350 6.35 -70.04 -9.71
CA GLY D 350 5.60 -70.14 -10.95
C GLY D 350 6.24 -69.48 -12.15
N GLY D 351 7.50 -69.09 -12.00
CA GLY D 351 8.24 -68.48 -13.09
C GLY D 351 8.66 -69.51 -14.13
N ARG D 352 8.63 -69.09 -15.40
CA ARG D 352 9.01 -69.97 -16.51
C ARG D 352 10.48 -69.81 -16.76
N LEU D 353 11.24 -70.88 -16.54
CA LEU D 353 12.63 -70.81 -16.88
C LEU D 353 12.76 -70.97 -18.40
N LEU D 354 13.22 -69.92 -19.06
CA LEU D 354 13.38 -69.95 -20.51
C LEU D 354 14.66 -70.65 -20.90
N ILE D 355 15.63 -70.61 -19.99
CA ILE D 355 16.91 -71.23 -20.28
C ILE D 355 17.89 -71.21 -19.11
N GLY D 356 18.85 -72.14 -19.21
CA GLY D 356 19.96 -72.24 -18.30
C GLY D 356 19.65 -72.87 -16.96
N GLY D 357 20.52 -72.57 -16.00
CA GLY D 357 20.34 -72.99 -14.62
C GLY D 357 21.31 -74.07 -14.21
N ARG D 358 22.08 -74.61 -15.16
CA ARG D 358 23.04 -75.61 -14.75
C ARG D 358 24.16 -74.92 -14.01
N SER D 359 24.81 -75.63 -13.08
CA SER D 359 25.98 -75.11 -12.41
C SER D 359 27.00 -76.23 -12.27
N TRP D 360 28.27 -75.89 -12.34
CA TRP D 360 29.33 -76.83 -11.98
C TRP D 360 30.45 -76.09 -11.31
N GLY D 361 30.83 -76.52 -10.12
CA GLY D 361 31.85 -75.82 -9.38
C GLY D 361 31.39 -74.38 -9.26
N ASN D 362 32.26 -73.47 -9.66
CA ASN D 362 31.98 -72.06 -9.50
C ASN D 362 31.29 -71.42 -10.72
N PHE D 363 31.13 -72.18 -11.79
CA PHE D 363 30.42 -71.66 -12.97
C PHE D 363 28.91 -71.74 -12.83
N PHE D 364 28.20 -70.74 -13.34
CA PHE D 364 26.74 -70.75 -13.33
C PHE D 364 26.16 -70.27 -14.65
N GLU D 365 25.40 -71.13 -15.33
CA GLU D 365 24.77 -70.78 -16.59
C GLU D 365 23.81 -69.62 -16.35
N PRO D 366 23.78 -68.65 -17.27
CA PRO D 366 22.74 -67.63 -17.15
C PRO D 366 21.37 -68.30 -17.10
N ALA D 367 20.55 -67.90 -16.14
CA ALA D 367 19.19 -68.43 -16.03
C ALA D 367 18.13 -67.33 -16.27
N ILE D 368 17.28 -67.52 -17.27
CA ILE D 368 16.34 -66.46 -17.63
C ILE D 368 14.88 -66.78 -17.36
N PHE D 369 14.16 -65.86 -16.69
CA PHE D 369 12.75 -66.08 -16.35
C PHE D 369 11.78 -65.05 -16.92
N VAL D 370 10.64 -65.49 -17.45
CA VAL D 370 9.50 -64.59 -17.66
C VAL D 370 8.40 -65.08 -16.73
N ASP D 371 7.23 -64.46 -16.79
CA ASP D 371 6.15 -64.79 -15.86
C ASP D 371 6.60 -64.63 -14.41
N VAL D 372 7.07 -63.44 -14.05
CA VAL D 372 7.35 -63.20 -12.65
C VAL D 372 6.41 -62.13 -12.09
N ASP D 373 6.27 -62.11 -10.78
CA ASP D 373 5.57 -61.00 -10.15
C ASP D 373 6.58 -60.27 -9.29
N ARG D 374 6.14 -59.17 -8.68
CA ARG D 374 7.02 -58.37 -7.82
C ARG D 374 7.47 -59.11 -6.57
N ASN D 375 6.96 -60.31 -6.33
CA ASN D 375 7.30 -61.05 -5.12
C ASN D 375 8.45 -62.04 -5.28
N PHE D 376 8.88 -62.26 -6.51
CA PHE D 376 10.10 -63.06 -6.76
C PHE D 376 11.30 -62.42 -6.06
N ARG D 377 12.20 -63.24 -5.55
CA ARG D 377 13.40 -62.70 -4.93
C ARG D 377 14.25 -61.95 -5.96
N ILE D 378 14.15 -62.34 -7.22
CA ILE D 378 14.95 -61.72 -8.25
C ILE D 378 14.37 -60.41 -8.75
N MET D 379 13.15 -60.10 -8.32
CA MET D 379 12.61 -58.73 -8.40
C MET D 379 12.95 -57.85 -7.19
N ARG D 380 12.99 -58.46 -6.01
CA ARG D 380 13.06 -57.71 -4.76
C ARG D 380 14.49 -57.54 -4.26
N GLU D 381 15.44 -58.25 -4.85
CA GLU D 381 16.82 -58.22 -4.36
C GLU D 381 17.85 -57.94 -5.45
N GLU D 382 19.04 -57.58 -5.01
CA GLU D 382 20.13 -57.43 -5.95
C GLU D 382 20.58 -58.82 -6.30
N VAL D 383 20.48 -59.19 -7.58
CA VAL D 383 20.98 -60.49 -7.99
C VAL D 383 22.36 -60.31 -8.63
N PHE D 384 23.38 -60.66 -7.85
CA PHE D 384 24.70 -60.30 -8.27
C PHE D 384 25.27 -61.55 -8.87
N GLY D 385 25.04 -61.67 -10.16
CA GLY D 385 25.24 -62.95 -10.83
C GLY D 385 24.26 -63.05 -11.97
N PRO D 386 24.37 -64.13 -12.76
CA PRO D 386 23.65 -64.21 -14.02
C PRO D 386 22.25 -64.81 -13.92
N VAL D 387 21.40 -64.31 -13.03
CA VAL D 387 20.01 -64.75 -13.07
C VAL D 387 19.13 -63.55 -13.33
N ARG D 388 18.30 -63.62 -14.38
CA ARG D 388 17.60 -62.44 -14.80
C ARG D 388 16.13 -62.64 -15.12
N PRO D 389 15.27 -61.73 -14.61
CA PRO D 389 13.86 -61.52 -14.97
C PRO D 389 13.64 -60.67 -16.21
N ILE D 390 12.58 -61.03 -16.91
CA ILE D 390 12.01 -60.23 -17.98
C ILE D 390 10.55 -59.99 -17.62
N VAL D 391 10.24 -58.73 -17.37
CA VAL D 391 8.91 -58.33 -16.99
C VAL D 391 8.29 -57.70 -18.23
N VAL D 392 6.99 -57.89 -18.44
CA VAL D 392 6.33 -57.31 -19.61
C VAL D 392 5.33 -56.29 -19.17
N VAL D 393 5.44 -55.09 -19.74
CA VAL D 393 4.58 -53.98 -19.34
C VAL D 393 3.76 -53.50 -20.53
N GLU D 394 2.57 -52.99 -20.25
CA GLU D 394 1.65 -52.55 -21.30
C GLU D 394 1.85 -51.11 -21.81
N ASN D 395 2.36 -50.24 -20.95
CA ASN D 395 2.69 -48.90 -21.41
C ASN D 395 3.86 -48.31 -20.67
N ASP D 396 4.17 -47.07 -21.00
CA ASP D 396 5.29 -46.39 -20.37
C ASP D 396 5.06 -46.24 -18.86
N ASP D 397 3.86 -45.80 -18.45
CA ASP D 397 3.54 -45.68 -17.03
C ASP D 397 3.93 -46.92 -16.29
N GLN D 398 3.61 -48.06 -16.89
CA GLN D 398 3.80 -49.34 -16.25
C GLN D 398 5.28 -49.73 -16.24
N ALA D 399 5.95 -49.50 -17.36
CA ALA D 399 7.40 -49.68 -17.41
C ALA D 399 8.07 -48.91 -16.27
N VAL D 400 7.72 -47.64 -16.12
CA VAL D 400 8.29 -46.82 -15.06
C VAL D 400 7.99 -47.40 -13.70
N GLU D 401 6.71 -47.64 -13.43
CA GLU D 401 6.27 -48.11 -12.14
C GLU D 401 7.04 -49.37 -11.72
N VAL D 402 7.25 -50.27 -12.68
CA VAL D 402 8.05 -51.48 -12.41
C VAL D 402 9.51 -51.09 -12.15
N ALA D 403 10.09 -50.26 -13.03
CA ALA D 403 11.50 -49.86 -12.91
C ALA D 403 11.82 -49.22 -11.57
N ASN D 404 10.83 -48.56 -10.98
CA ASN D 404 10.96 -47.96 -9.66
C ASN D 404 10.63 -48.90 -8.52
N ASP D 405 10.03 -50.06 -8.82
CA ASP D 405 9.58 -50.89 -7.73
C ASP D 405 10.73 -51.79 -7.25
N THR D 406 11.44 -51.26 -6.27
CA THR D 406 12.75 -51.76 -5.85
C THR D 406 13.34 -50.81 -4.81
N ASP D 407 14.23 -51.32 -3.99
CA ASP D 407 14.75 -50.48 -2.93
C ASP D 407 15.92 -49.71 -3.49
N TYR D 408 16.38 -50.17 -4.64
CA TYR D 408 17.65 -49.72 -5.22
C TYR D 408 17.52 -48.55 -6.22
N GLY D 409 18.48 -47.64 -6.13
CA GLY D 409 18.55 -46.47 -7.00
C GLY D 409 19.73 -46.28 -7.94
N LEU D 410 20.50 -47.33 -8.24
CA LEU D 410 21.82 -47.05 -8.80
C LEU D 410 21.75 -46.53 -10.26
N SER D 411 21.41 -47.38 -11.22
CA SER D 411 21.37 -46.88 -12.60
C SER D 411 20.13 -47.40 -13.31
N GLY D 412 20.07 -47.18 -14.62
CA GLY D 412 18.95 -47.65 -15.39
C GLY D 412 19.11 -47.18 -16.82
N ALA D 413 18.35 -47.75 -17.73
CA ALA D 413 18.42 -47.31 -19.12
C ALA D 413 17.09 -47.51 -19.81
N VAL D 414 16.90 -46.84 -20.93
CA VAL D 414 15.73 -47.07 -21.76
C VAL D 414 16.13 -47.11 -23.22
N LEU D 415 15.54 -48.03 -23.96
CA LEU D 415 15.71 -48.07 -25.40
C LEU D 415 14.43 -47.61 -26.03
N THR D 416 14.52 -46.58 -26.87
CA THR D 416 13.38 -46.06 -27.61
C THR D 416 13.87 -45.02 -28.56
N ASN D 417 13.11 -44.78 -29.62
CA ASN D 417 13.50 -43.73 -30.54
C ASN D 417 12.69 -42.46 -30.33
N ASN D 418 11.69 -42.54 -29.47
CA ASN D 418 10.86 -41.39 -29.24
C ASN D 418 11.52 -40.50 -28.17
N VAL D 419 11.87 -39.28 -28.56
CA VAL D 419 12.57 -38.38 -27.64
C VAL D 419 11.73 -38.06 -26.41
N ASN D 420 10.43 -37.86 -26.61
CA ASN D 420 9.55 -37.55 -25.48
C ASN D 420 9.39 -38.74 -24.52
N ARG D 421 9.35 -39.95 -25.05
CA ARG D 421 9.30 -41.12 -24.22
C ARG D 421 10.64 -41.35 -23.53
N ALA D 422 11.73 -41.27 -24.29
CA ALA D 422 13.07 -41.36 -23.73
C ALA D 422 13.23 -40.44 -22.52
N PHE D 423 12.80 -39.19 -22.68
CA PHE D 423 13.01 -38.19 -21.65
C PHE D 423 12.01 -38.30 -20.50
N ARG D 424 10.74 -38.57 -20.78
CA ARG D 424 9.80 -38.69 -19.66
C ARG D 424 10.20 -39.88 -18.79
N ILE D 425 10.61 -40.97 -19.45
CA ILE D 425 11.04 -42.16 -18.71
C ILE D 425 12.28 -41.87 -17.91
N ALA D 426 13.28 -41.28 -18.56
CA ALA D 426 14.56 -41.00 -17.91
C ALA D 426 14.36 -40.10 -16.72
N GLU D 427 13.46 -39.14 -16.84
CA GLU D 427 13.21 -38.23 -15.74
C GLU D 427 12.53 -39.00 -14.61
N ALA D 428 11.60 -39.87 -14.97
CA ALA D 428 10.70 -40.49 -13.99
C ALA D 428 11.30 -41.64 -13.19
N VAL D 429 12.25 -42.35 -13.79
CA VAL D 429 12.91 -43.49 -13.13
C VAL D 429 13.84 -43.01 -12.03
N GLU D 430 13.71 -43.54 -10.82
CA GLU D 430 14.48 -42.97 -9.72
C GLU D 430 15.81 -43.68 -9.61
N SER D 431 16.84 -42.99 -10.10
CA SER D 431 18.18 -43.56 -10.17
C SER D 431 19.22 -42.45 -10.16
N GLY D 432 20.36 -42.73 -9.55
CA GLY D 432 21.45 -41.76 -9.52
C GLY D 432 22.04 -41.55 -10.91
N MET D 433 21.98 -42.58 -11.75
CA MET D 433 22.40 -42.45 -13.13
C MET D 433 21.31 -43.04 -14.03
N PHE D 434 21.19 -42.50 -15.24
CA PHE D 434 20.30 -43.07 -16.25
C PHE D 434 20.85 -42.81 -17.64
N HIS D 435 20.74 -43.82 -18.50
CA HIS D 435 21.29 -43.75 -19.83
C HIS D 435 20.19 -44.03 -20.85
N ILE D 436 20.08 -43.18 -21.87
CA ILE D 436 19.15 -43.41 -22.97
C ILE D 436 19.91 -44.10 -24.10
N ASN D 437 19.39 -45.25 -24.53
CA ASN D 437 19.91 -46.03 -25.64
C ASN D 437 21.33 -46.51 -25.48
N ASP D 438 21.58 -47.14 -24.33
CA ASP D 438 22.88 -47.71 -24.03
C ASP D 438 22.78 -48.66 -22.85
N VAL D 439 23.89 -49.27 -22.47
CA VAL D 439 23.86 -50.21 -21.36
C VAL D 439 23.72 -49.44 -20.05
N THR D 440 23.27 -50.13 -19.00
CA THR D 440 23.05 -49.47 -17.71
C THR D 440 24.36 -49.20 -16.93
N PHE D 441 25.42 -49.93 -17.29
CA PHE D 441 26.73 -49.82 -16.61
C PHE D 441 27.70 -48.88 -17.33
N LEU D 442 27.19 -48.06 -18.24
CA LEU D 442 28.00 -46.98 -18.80
C LEU D 442 28.73 -46.24 -17.70
N GLU D 443 30.03 -46.12 -17.86
CA GLU D 443 30.87 -45.44 -16.91
C GLU D 443 32.03 -44.74 -17.61
N GLU D 444 32.27 -43.47 -17.27
CA GLU D 444 33.48 -42.75 -17.68
C GLU D 444 34.25 -42.35 -16.41
N SER D 445 35.54 -42.04 -16.56
CA SER D 445 36.39 -41.67 -15.42
C SER D 445 36.05 -40.32 -14.76
N HIS D 446 35.55 -39.38 -15.54
CA HIS D 446 35.33 -38.05 -14.99
C HIS D 446 33.88 -37.77 -14.60
N VAL D 447 33.01 -38.77 -14.64
CA VAL D 447 31.58 -38.50 -14.49
C VAL D 447 31.13 -38.98 -13.12
N PRO D 448 30.08 -38.33 -12.56
CA PRO D 448 29.55 -38.56 -11.21
C PRO D 448 28.80 -39.88 -11.08
N PHE D 449 29.57 -40.91 -10.74
CA PHE D 449 29.05 -42.24 -10.51
C PHE D 449 28.51 -42.41 -9.09
N GLY D 450 27.29 -42.91 -8.98
CA GLY D 450 26.70 -43.11 -7.67
C GLY D 450 25.20 -43.36 -7.75
N GLY D 451 24.64 -43.84 -6.65
CA GLY D 451 23.22 -44.11 -6.60
C GLY D 451 22.35 -43.18 -5.75
N ILE D 452 21.08 -43.55 -5.65
CA ILE D 452 20.21 -42.99 -4.65
C ILE D 452 19.46 -44.15 -4.07
N LYS D 453 18.50 -43.87 -3.21
CA LYS D 453 17.76 -44.91 -2.49
C LYS D 453 18.74 -45.88 -1.80
N ALA D 454 18.45 -47.17 -1.83
CA ALA D 454 19.31 -48.15 -1.15
C ALA D 454 20.70 -48.29 -1.77
N SER D 455 20.90 -47.67 -2.92
CA SER D 455 22.14 -47.85 -3.67
C SER D 455 23.28 -46.97 -3.13
N GLY D 456 22.99 -46.21 -2.07
CA GLY D 456 24.04 -45.47 -1.38
C GLY D 456 24.05 -43.95 -1.55
N VAL D 457 25.10 -43.34 -1.02
CA VAL D 457 25.25 -41.90 -1.05
C VAL D 457 26.61 -41.55 -1.60
N GLY D 458 26.71 -40.36 -2.17
CA GLY D 458 27.97 -39.87 -2.72
C GLY D 458 28.11 -40.14 -4.20
N ARG D 459 29.04 -39.42 -4.85
CA ARG D 459 29.40 -39.66 -6.24
C ARG D 459 30.91 -39.82 -6.40
N GLU D 460 31.31 -40.63 -7.37
CA GLU D 460 32.73 -40.82 -7.60
C GLU D 460 33.05 -40.72 -9.07
N GLY D 461 34.33 -40.45 -9.32
CA GLY D 461 34.90 -40.08 -10.59
C GLY D 461 35.14 -38.59 -10.63
N GLY D 462 36.30 -38.20 -11.18
CA GLY D 462 36.68 -36.80 -11.32
C GLY D 462 36.51 -35.85 -10.15
N GLU D 463 36.08 -34.64 -10.50
CA GLU D 463 35.82 -33.60 -9.50
C GLU D 463 34.85 -34.10 -8.43
N TRP D 464 34.04 -35.08 -8.75
CA TRP D 464 33.07 -35.56 -7.77
C TRP D 464 33.77 -36.33 -6.66
N SER D 465 34.68 -37.22 -7.07
CA SER D 465 35.57 -37.86 -6.11
C SER D 465 36.28 -36.79 -5.28
N PHE D 466 36.76 -35.74 -5.94
CA PHE D 466 37.38 -34.64 -5.22
C PHE D 466 36.41 -34.02 -4.19
N HIS D 467 35.14 -33.84 -4.59
CA HIS D 467 34.12 -33.29 -3.70
C HIS D 467 33.97 -34.21 -2.47
N GLU D 468 34.05 -35.52 -2.66
CA GLU D 468 33.84 -36.47 -1.56
C GLU D 468 34.93 -36.42 -0.51
N THR D 469 36.16 -36.28 -0.97
CA THR D 469 37.31 -36.30 -0.09
C THR D 469 37.87 -34.89 0.26
N THR D 470 37.19 -33.82 -0.11
CA THR D 470 37.66 -32.50 0.31
C THR D 470 36.59 -31.69 1.02
N TYR D 471 37.01 -30.60 1.66
CA TYR D 471 36.07 -29.66 2.24
C TYR D 471 36.34 -28.21 1.82
N ASP D 472 35.30 -27.40 1.92
CA ASP D 472 35.36 -25.98 1.58
C ASP D 472 35.71 -25.14 2.80
N ARG D 473 36.68 -24.24 2.66
CA ARG D 473 37.04 -23.36 3.77
C ARG D 473 36.85 -21.91 3.44
N TRP D 474 35.81 -21.32 4.02
CA TRP D 474 35.55 -19.91 3.83
C TRP D 474 36.66 -19.18 4.58
N VAL D 475 37.37 -18.29 3.89
CA VAL D 475 38.38 -17.45 4.52
C VAL D 475 38.13 -16.00 4.14
N THR D 476 38.24 -15.08 5.11
CA THR D 476 38.14 -13.65 4.83
C THR D 476 39.29 -12.82 5.33
N VAL D 477 39.49 -11.70 4.65
CA VAL D 477 40.34 -10.63 5.15
C VAL D 477 39.51 -9.36 5.21
N THR D 478 39.36 -8.85 6.42
CA THR D 478 38.59 -7.64 6.64
C THR D 478 39.54 -6.43 6.72
N LEU D 479 39.37 -5.50 5.80
CA LEU D 479 40.32 -4.40 5.57
C LEU D 479 39.99 -3.06 6.22
N ARG D 480 38.84 -2.97 6.87
CA ARG D 480 38.46 -1.75 7.54
C ARG D 480 38.36 -2.01 9.05
N THR D 481 38.60 -0.96 9.82
CA THR D 481 38.32 -0.94 11.24
C THR D 481 36.82 -0.82 11.42
N ARG D 482 36.23 -1.50 12.40
CA ARG D 482 34.84 -1.17 12.71
C ARG D 482 34.53 -0.99 14.20
N ARG D 483 33.46 -0.24 14.47
CA ARG D 483 32.97 -0.01 15.82
C ARG D 483 32.12 -1.23 16.20
N PHE D 484 32.09 -1.59 17.49
CA PHE D 484 31.38 -2.79 17.93
C PHE D 484 30.16 -2.50 18.85
N PRO D 485 29.14 -3.38 18.84
CA PRO D 485 27.89 -3.11 19.56
C PRO D 485 27.97 -3.19 21.09
N ILE D 486 28.91 -3.98 21.63
CA ILE D 486 29.11 -4.05 23.08
C ILE D 486 30.57 -3.73 23.42
N PRO D 487 30.79 -2.96 24.50
CA PRO D 487 29.72 -2.40 25.32
C PRO D 487 29.04 -1.21 24.65
N SER D 488 27.73 -1.09 24.87
CA SER D 488 26.93 -0.01 24.32
C SER D 488 27.39 1.36 24.78
N ALA D 489 28.14 1.36 25.88
CA ALA D 489 28.57 2.58 26.55
C ALA D 489 29.59 3.39 25.73
N LEU D 490 30.25 2.74 24.77
CA LEU D 490 31.32 3.39 23.99
C LEU D 490 30.84 4.31 22.84
N MET E 7 -60.59 62.34 -2.44
CA MET E 7 -59.65 61.73 -1.48
C MET E 7 -58.18 62.13 -1.76
N LYS E 8 -57.39 62.33 -0.70
CA LYS E 8 -55.96 62.66 -0.83
C LYS E 8 -55.02 62.02 0.21
N VAL E 9 -53.84 61.70 -0.30
CA VAL E 9 -52.90 60.72 0.21
C VAL E 9 -51.51 61.34 0.37
N ALA E 10 -50.76 60.93 1.40
CA ALA E 10 -49.43 61.47 1.65
C ALA E 10 -48.33 60.39 1.72
N ASN E 11 -47.08 60.83 1.68
CA ASN E 11 -45.93 60.01 2.04
C ASN E 11 -45.82 59.82 3.55
N TYR E 12 -45.46 58.63 4.03
CA TYR E 12 -45.14 58.48 5.44
C TYR E 12 -43.62 58.48 5.59
N ILE E 13 -43.08 59.56 6.14
CA ILE E 13 -41.63 59.64 6.30
C ILE E 13 -41.29 60.07 7.73
N ASN E 14 -40.38 59.31 8.35
CA ASN E 14 -39.90 59.54 9.70
C ASN E 14 -41.01 59.87 10.68
N GLY E 15 -42.12 59.15 10.56
CA GLY E 15 -43.20 59.19 11.54
C GLY E 15 -44.14 60.36 11.40
N GLU E 16 -44.06 61.05 10.27
CA GLU E 16 -45.07 62.04 9.94
C GLU E 16 -45.51 61.83 8.50
N PHE E 17 -46.82 61.97 8.25
CA PHE E 17 -47.34 62.07 6.89
C PHE E 17 -47.05 63.45 6.29
N LYS E 18 -46.68 63.49 5.02
CA LYS E 18 -46.46 64.78 4.38
C LYS E 18 -46.54 64.71 2.85
N GLU E 19 -46.71 65.89 2.25
CA GLU E 19 -46.64 66.03 0.82
C GLU E 19 -45.18 66.10 0.39
N PRO E 20 -44.93 65.59 -0.83
CA PRO E 20 -43.63 65.68 -1.51
C PRO E 20 -43.09 67.11 -1.54
N SER E 21 -41.77 67.25 -1.42
CA SER E 21 -41.11 68.55 -1.47
C SER E 21 -41.49 69.30 -2.73
N THR E 22 -41.77 68.53 -3.79
CA THR E 22 -42.21 69.05 -5.07
C THR E 22 -43.68 69.48 -5.00
N GLY E 23 -44.38 69.05 -3.96
CA GLY E 23 -45.77 69.39 -3.80
C GLY E 23 -46.63 68.84 -4.92
N ALA E 24 -46.03 68.04 -5.80
CA ALA E 24 -46.71 67.48 -6.96
C ALA E 24 -47.67 66.36 -6.59
N PHE E 25 -48.57 66.06 -7.52
CA PHE E 25 -49.49 64.97 -7.35
C PHE E 25 -49.96 64.51 -8.73
N GLN E 26 -50.55 63.32 -8.77
CA GLN E 26 -51.26 62.86 -9.95
C GLN E 26 -52.62 62.39 -9.50
N VAL E 27 -53.56 62.24 -10.43
CA VAL E 27 -54.88 61.77 -10.06
C VAL E 27 -55.08 60.31 -10.47
N LYS E 28 -55.15 59.44 -9.47
CA LYS E 28 -55.40 58.03 -9.70
C LYS E 28 -56.88 57.74 -9.84
N THR E 29 -57.19 56.95 -10.88
CA THR E 29 -58.56 56.68 -11.29
C THR E 29 -58.89 55.20 -11.10
N SER E 30 -60.17 54.89 -11.03
CA SER E 30 -60.61 53.51 -11.01
C SER E 30 -60.39 52.81 -12.36
N PRO E 31 -59.97 51.55 -12.33
CA PRO E 31 -59.95 50.65 -13.49
C PRO E 31 -61.36 50.21 -13.88
N VAL E 32 -62.26 50.28 -12.91
CA VAL E 32 -63.62 49.78 -13.05
C VAL E 32 -64.50 50.69 -13.91
N ASP E 33 -64.85 51.87 -13.40
CA ASP E 33 -65.59 52.85 -14.18
C ASP E 33 -64.71 53.97 -14.77
N GLY E 34 -63.44 54.03 -14.40
CA GLY E 34 -62.58 55.12 -14.85
C GLY E 34 -62.65 56.38 -13.99
N SER E 35 -63.56 56.40 -13.02
CA SER E 35 -63.78 57.58 -12.19
C SER E 35 -62.57 57.97 -11.36
N LYS E 36 -62.51 59.24 -10.97
CA LYS E 36 -61.48 59.68 -10.04
C LYS E 36 -61.64 58.92 -8.72
N ILE E 37 -60.54 58.30 -8.29
CA ILE E 37 -60.47 57.65 -6.99
C ILE E 37 -59.81 58.57 -5.97
N ALA E 38 -58.56 58.96 -6.21
CA ALA E 38 -57.87 59.85 -5.26
C ALA E 38 -56.73 60.62 -5.90
N GLU E 39 -56.25 61.68 -5.24
CA GLU E 39 -55.02 62.35 -5.66
C GLU E 39 -53.88 61.73 -4.84
N VAL E 40 -52.81 61.30 -5.50
CA VAL E 40 -51.68 60.70 -4.78
C VAL E 40 -50.40 61.45 -5.14
N PRO E 41 -49.39 61.41 -4.25
CA PRO E 41 -48.18 62.18 -4.54
C PRO E 41 -47.47 61.75 -5.82
N ARG E 42 -46.76 62.68 -6.44
CA ARG E 42 -45.74 62.35 -7.42
C ARG E 42 -44.43 62.77 -6.80
N SER E 43 -43.67 61.80 -6.34
CA SER E 43 -42.51 62.12 -5.50
C SER E 43 -41.24 62.15 -6.31
N GLY E 44 -40.33 63.02 -5.91
CA GLY E 44 -39.07 63.13 -6.62
C GLY E 44 -37.96 62.45 -5.86
N ARG E 45 -36.74 62.56 -6.37
CA ARG E 45 -35.58 62.03 -5.69
C ARG E 45 -35.46 62.57 -4.27
N GLU E 46 -35.67 63.88 -4.08
CA GLU E 46 -35.56 64.49 -2.75
C GLU E 46 -36.35 63.65 -1.73
N ASP E 47 -37.57 63.29 -2.11
CA ASP E 47 -38.43 62.46 -1.25
C ASP E 47 -37.84 61.10 -0.85
N ALA E 48 -37.49 60.28 -1.84
CA ALA E 48 -36.85 59.00 -1.57
C ALA E 48 -35.60 59.15 -0.71
N ARG E 49 -34.76 60.13 -1.01
CA ARG E 49 -33.52 60.33 -0.24
C ARG E 49 -33.83 60.69 1.20
N GLU E 50 -34.86 61.49 1.42
CA GLU E 50 -35.27 61.73 2.80
C GLU E 50 -35.71 60.44 3.48
N ALA E 51 -36.62 59.69 2.85
CA ALA E 51 -37.11 58.42 3.42
C ALA E 51 -35.98 57.49 3.83
N ILE E 52 -35.03 57.31 2.92
CA ILE E 52 -33.87 56.46 3.19
C ILE E 52 -33.07 57.00 4.37
N ASP E 53 -32.87 58.32 4.45
CA ASP E 53 -32.16 58.90 5.59
C ASP E 53 -32.88 58.67 6.94
N SER E 54 -34.21 58.77 6.88
CA SER E 54 -35.07 58.48 8.03
C SER E 54 -34.82 57.08 8.54
N ALA E 55 -34.85 56.14 7.57
CA ALA E 55 -34.66 54.73 7.87
C ALA E 55 -33.26 54.47 8.43
N PHE E 56 -32.27 55.09 7.81
CA PHE E 56 -30.88 54.84 8.14
C PHE E 56 -30.61 55.30 9.55
N GLU E 57 -31.22 56.41 9.93
CA GLU E 57 -31.04 56.91 11.29
C GLU E 57 -31.78 56.05 12.30
N ALA E 58 -33.03 55.70 12.01
CA ALA E 58 -33.82 54.81 12.91
C ALA E 58 -33.18 53.41 13.13
N LEU E 59 -32.31 53.03 12.20
CA LEU E 59 -31.82 51.66 12.06
C LEU E 59 -31.18 51.04 13.30
N LYS E 60 -30.14 51.66 13.86
CA LYS E 60 -29.43 51.05 14.99
C LYS E 60 -30.38 50.81 16.17
N ALA E 61 -31.10 51.85 16.56
CA ALA E 61 -32.07 51.79 17.65
C ALA E 61 -33.14 50.71 17.43
N TRP E 62 -33.51 50.49 16.16
CA TRP E 62 -34.49 49.44 15.82
C TRP E 62 -33.91 48.03 15.88
N ALA E 63 -32.73 47.84 15.30
CA ALA E 63 -32.12 46.52 15.27
C ALA E 63 -31.69 46.10 16.66
N ASN E 64 -31.42 47.07 17.53
CA ASN E 64 -30.84 46.78 18.85
C ASN E 64 -31.80 46.47 19.99
N ILE E 65 -33.09 46.75 19.83
CA ILE E 65 -34.03 46.26 20.83
C ILE E 65 -34.08 44.74 20.74
N PRO E 66 -34.48 44.07 21.84
CA PRO E 66 -34.75 42.64 21.82
C PRO E 66 -35.83 42.30 20.80
N ALA E 67 -35.69 41.14 20.18
CA ALA E 67 -36.57 40.75 19.10
C ALA E 67 -38.00 40.78 19.58
N ILE E 68 -38.20 40.41 20.83
CA ILE E 68 -39.53 40.38 21.43
C ILE E 68 -40.23 41.74 21.41
N ARG E 69 -39.46 42.81 21.45
CA ARG E 69 -40.03 44.15 21.45
C ARG E 69 -40.55 44.53 20.05
N ARG E 70 -39.76 44.20 19.03
CA ARG E 70 -40.18 44.27 17.64
C ARG E 70 -41.41 43.40 17.38
N ALA E 71 -41.48 42.26 18.07
CA ALA E 71 -42.62 41.37 17.90
C ALA E 71 -43.88 41.98 18.52
N GLU E 72 -43.73 42.63 19.68
CA GLU E 72 -44.83 43.40 20.26
C GLU E 72 -45.32 44.43 19.26
N TYR E 73 -44.38 45.16 18.67
CA TYR E 73 -44.71 46.13 17.62
C TYR E 73 -45.52 45.50 16.50
N LEU E 74 -45.06 44.35 16.03
CA LEU E 74 -45.74 43.72 14.92
C LEU E 74 -47.10 43.27 15.36
N TYR E 75 -47.22 42.89 16.62
CA TYR E 75 -48.47 42.40 17.18
C TYR E 75 -49.51 43.50 17.24
N LYS E 76 -49.10 44.68 17.69
CA LYS E 76 -50.02 45.80 17.69
C LYS E 76 -50.39 46.15 16.25
N MET E 77 -49.42 46.08 15.33
CA MET E 77 -49.72 46.30 13.93
C MET E 77 -50.81 45.30 13.45
N LEU E 78 -50.81 44.11 14.03
CA LEU E 78 -51.78 43.10 13.63
C LEU E 78 -53.17 43.46 14.16
N GLU E 79 -53.21 43.90 15.42
CA GLU E 79 -54.41 44.49 16.07
C GLU E 79 -55.08 45.54 15.14
N VAL E 80 -54.28 46.56 14.82
CA VAL E 80 -54.68 47.66 13.92
C VAL E 80 -55.18 47.15 12.57
N PHE E 81 -54.43 46.23 11.96
CA PHE E 81 -54.88 45.66 10.68
C PHE E 81 -56.28 45.05 10.82
N ARG E 82 -56.47 44.28 11.87
CA ARG E 82 -57.76 43.64 12.08
C ARG E 82 -58.88 44.70 12.18
N GLN E 83 -58.55 45.87 12.73
CA GLN E 83 -59.54 46.96 12.78
C GLN E 83 -59.69 47.71 11.44
N MET E 84 -58.73 47.56 10.54
CA MET E 84 -58.83 48.13 9.19
C MET E 84 -59.25 47.18 8.07
N LYS E 85 -59.59 45.94 8.41
CA LYS E 85 -59.88 44.93 7.39
C LYS E 85 -60.80 45.44 6.28
N GLU E 86 -61.94 46.02 6.65
CA GLU E 86 -62.93 46.44 5.67
C GLU E 86 -62.46 47.60 4.78
N ASP E 87 -61.84 48.62 5.39
CA ASP E 87 -61.16 49.66 4.61
C ASP E 87 -60.28 49.03 3.52
N PHE E 88 -59.45 48.06 3.92
CA PHE E 88 -58.48 47.45 3.00
C PHE E 88 -59.18 46.72 1.86
N MET E 89 -60.18 45.92 2.20
CA MET E 89 -60.95 45.18 1.19
C MET E 89 -61.54 46.13 0.16
N LYS E 90 -62.20 47.18 0.66
CA LYS E 90 -62.82 48.15 -0.23
C LYS E 90 -61.79 48.74 -1.17
N ILE E 91 -60.65 49.18 -0.65
CA ILE E 91 -59.68 49.81 -1.53
C ILE E 91 -59.08 48.84 -2.55
N LEU E 92 -58.78 47.62 -2.12
CA LEU E 92 -58.28 46.62 -3.05
C LEU E 92 -59.25 46.34 -4.19
N THR E 93 -60.55 46.49 -3.92
CA THR E 93 -61.55 46.39 -5.00
C THR E 93 -61.65 47.64 -5.88
N VAL E 94 -61.62 48.82 -5.27
CA VAL E 94 -61.87 50.03 -6.04
C VAL E 94 -60.65 50.44 -6.85
N GLU E 95 -59.48 50.41 -6.21
CA GLU E 95 -58.22 50.75 -6.87
C GLU E 95 -57.54 49.60 -7.63
N GLY E 96 -57.76 48.38 -7.15
CA GLY E 96 -57.03 47.26 -7.69
C GLY E 96 -57.86 46.43 -8.63
N GLY E 97 -59.15 46.69 -8.61
CA GLY E 97 -60.08 45.92 -9.43
C GLY E 97 -60.30 44.52 -8.87
N GLY E 98 -60.09 44.38 -7.58
CA GLY E 98 -60.28 43.08 -6.94
C GLY E 98 -61.73 42.64 -6.78
N THR E 99 -61.98 41.37 -7.07
CA THR E 99 -63.23 40.70 -6.72
C THR E 99 -63.42 40.75 -5.21
N TYR E 100 -64.66 40.73 -4.72
CA TYR E 100 -64.83 40.67 -3.27
C TYR E 100 -64.07 39.47 -2.72
N ARG E 101 -64.40 38.28 -3.21
CA ARG E 101 -63.78 37.05 -2.71
C ARG E 101 -62.24 37.12 -2.78
N LYS E 102 -61.72 37.68 -3.86
CA LYS E 102 -60.28 37.90 -4.00
C LYS E 102 -59.71 38.73 -2.86
N VAL E 103 -60.27 39.92 -2.66
CA VAL E 103 -59.67 40.81 -1.71
C VAL E 103 -59.89 40.30 -0.30
N TRP E 104 -60.97 39.54 -0.09
CA TRP E 104 -61.23 38.98 1.22
C TRP E 104 -60.12 38.01 1.57
N GLY E 105 -59.92 37.01 0.70
CA GLY E 105 -58.82 36.07 0.88
C GLY E 105 -57.48 36.77 1.04
N GLU E 106 -57.26 37.84 0.28
CA GLU E 106 -56.00 38.56 0.37
C GLU E 106 -55.83 39.15 1.76
N VAL E 107 -56.92 39.66 2.31
CA VAL E 107 -56.87 40.36 3.59
C VAL E 107 -56.69 39.39 4.76
N VAL E 108 -57.41 38.27 4.68
CA VAL E 108 -57.18 37.13 5.55
C VAL E 108 -55.70 36.80 5.56
N PHE E 109 -55.17 36.64 4.35
CA PHE E 109 -53.81 36.18 4.21
C PHE E 109 -52.83 37.20 4.78
N THR E 110 -53.09 38.47 4.53
CA THR E 110 -52.26 39.52 5.09
C THR E 110 -52.24 39.41 6.62
N GLU E 111 -53.41 39.14 7.20
CA GLU E 111 -53.49 38.92 8.64
C GLU E 111 -52.52 37.81 9.06
N ARG E 112 -52.57 36.70 8.36
CA ARG E 112 -51.65 35.62 8.72
C ARG E 112 -50.20 36.02 8.49
N LEU E 113 -49.96 36.95 7.58
CA LEU E 113 -48.58 37.30 7.23
C LEU E 113 -47.99 38.11 8.37
N ILE E 114 -48.76 39.08 8.82
CA ILE E 114 -48.34 39.94 9.90
C ILE E 114 -48.17 39.10 11.17
N GLN E 115 -49.13 38.20 11.38
CA GLN E 115 -49.02 37.36 12.56
C GLN E 115 -47.78 36.49 12.49
N ASN E 116 -47.51 35.90 11.33
CA ASN E 116 -46.40 34.99 11.19
C ASN E 116 -45.07 35.71 11.41
N ALA E 117 -45.00 36.97 10.98
CA ALA E 117 -43.79 37.74 11.18
C ALA E 117 -43.55 37.99 12.67
N ALA E 118 -44.62 38.37 13.36
CA ALA E 118 -44.49 38.56 14.80
C ALA E 118 -44.08 37.23 15.48
N GLU E 119 -44.80 36.14 15.18
CA GLU E 119 -44.51 34.79 15.69
C GLU E 119 -43.04 34.40 15.59
N LEU E 120 -42.45 34.59 14.41
CA LEU E 120 -41.06 34.17 14.22
C LEU E 120 -39.99 35.16 14.72
N ALA E 121 -40.34 36.42 14.91
CA ALA E 121 -39.33 37.44 15.22
C ALA E 121 -38.31 37.06 16.31
N ARG E 122 -38.78 36.37 17.36
CA ARG E 122 -37.95 35.96 18.51
C ARG E 122 -37.16 34.65 18.33
N HIS E 123 -37.47 33.94 17.26
CA HIS E 123 -36.96 32.59 17.03
C HIS E 123 -35.94 32.39 15.92
N TYR E 124 -35.47 33.49 15.34
CA TYR E 124 -34.57 33.35 14.23
C TYR E 124 -33.20 33.17 14.83
N GLN E 125 -32.64 32.00 14.63
CA GLN E 125 -31.51 31.55 15.41
C GLN E 125 -30.25 31.45 14.59
N GLY E 126 -29.11 31.68 15.22
CA GLY E 126 -27.81 31.34 14.66
C GLY E 126 -27.37 29.99 15.17
N ARG E 127 -26.08 29.70 15.05
CA ARG E 127 -25.61 28.33 15.33
C ARG E 127 -24.34 28.29 16.18
N VAL E 128 -24.27 27.39 17.15
CA VAL E 128 -23.02 27.19 17.88
C VAL E 128 -22.27 26.03 17.23
N LEU E 129 -20.98 26.23 16.92
CA LEU E 129 -20.22 25.30 16.07
C LEU E 129 -19.05 24.61 16.74
N GLN E 130 -18.74 23.41 16.28
CA GLN E 130 -17.57 22.72 16.76
C GLN E 130 -16.32 23.43 16.20
N SER E 131 -15.35 23.70 17.05
CA SER E 131 -14.06 24.22 16.56
C SER E 131 -13.15 23.11 16.11
N ASP E 132 -12.27 23.43 15.18
CA ASP E 132 -11.24 22.46 14.77
C ASP E 132 -9.95 22.76 15.53
N SER E 133 -10.05 23.72 16.44
CA SER E 133 -8.92 24.18 17.23
C SER E 133 -9.24 24.05 18.69
N GLU E 134 -8.21 23.82 19.50
CA GLU E 134 -8.44 23.72 20.93
C GLU E 134 -8.77 25.08 21.52
N SER E 135 -9.43 25.08 22.67
CA SER E 135 -9.76 26.33 23.37
C SER E 135 -10.37 27.38 22.47
N THR E 136 -11.32 27.00 21.63
CA THR E 136 -12.00 28.03 20.89
C THR E 136 -13.50 27.85 21.01
N ILE E 137 -14.16 28.95 21.40
CA ILE E 137 -15.60 29.03 21.33
C ILE E 137 -15.93 29.66 19.98
N SER E 138 -16.74 28.94 19.19
CA SER E 138 -16.99 29.32 17.81
C SER E 138 -18.49 29.39 17.58
N VAL E 139 -19.04 30.58 17.35
CA VAL E 139 -20.48 30.70 17.18
C VAL E 139 -20.82 31.60 15.99
N VAL E 140 -22.09 31.56 15.57
CA VAL E 140 -22.58 32.35 14.45
C VAL E 140 -23.87 33.08 14.78
N PHE E 141 -23.79 34.42 14.70
CA PHE E 141 -24.89 35.34 15.01
C PHE E 141 -25.67 35.73 13.77
N LYS E 142 -26.95 36.08 13.94
CA LYS E 142 -27.71 36.71 12.88
C LYS E 142 -27.76 38.22 13.08
N ARG E 143 -27.19 39.00 12.17
CA ARG E 143 -27.42 40.45 12.22
C ARG E 143 -28.30 40.89 11.07
N SER E 144 -29.10 41.92 11.25
CA SER E 144 -29.91 42.37 10.13
C SER E 144 -29.06 43.25 9.21
N LYS E 145 -29.34 43.16 7.90
CA LYS E 145 -28.59 43.86 6.88
C LYS E 145 -28.60 45.38 7.00
N GLY E 146 -29.76 45.97 7.23
CA GLY E 146 -29.86 47.43 7.24
C GLY E 146 -31.18 48.00 6.79
N VAL E 147 -31.09 49.20 6.24
CA VAL E 147 -32.16 49.78 5.45
C VAL E 147 -32.54 48.87 4.30
N VAL E 148 -33.81 48.48 4.21
CA VAL E 148 -34.24 47.57 3.18
C VAL E 148 -35.25 48.22 2.23
N GLY E 149 -34.94 48.23 0.94
CA GLY E 149 -35.86 48.70 -0.08
C GLY E 149 -37.00 47.72 -0.36
N VAL E 150 -38.23 48.21 -0.35
CA VAL E 150 -39.37 47.33 -0.62
C VAL E 150 -40.23 47.87 -1.74
N ILE E 151 -40.24 47.14 -2.87
CA ILE E 151 -40.91 47.59 -4.08
C ILE E 151 -41.90 46.55 -4.57
N THR E 152 -43.16 46.96 -4.69
CA THR E 152 -44.26 46.00 -4.83
C THR E 152 -45.08 46.14 -6.10
N PRO E 153 -45.80 45.07 -6.49
CA PRO E 153 -46.74 45.16 -7.61
C PRO E 153 -48.16 45.58 -7.22
N TRP E 154 -49.00 45.59 -8.25
CA TRP E 154 -50.40 46.01 -8.17
C TRP E 154 -51.45 44.90 -8.16
N ASN E 155 -51.05 43.66 -8.33
CA ASN E 155 -52.06 42.64 -8.46
C ASN E 155 -52.59 42.14 -7.13
N TYR E 156 -51.65 41.91 -6.21
CA TYR E 156 -51.97 41.52 -4.85
C TYR E 156 -51.19 42.47 -3.95
N PRO E 157 -51.45 43.78 -4.12
CA PRO E 157 -50.51 44.76 -3.56
C PRO E 157 -50.42 44.70 -2.04
N LEU E 158 -51.53 44.40 -1.39
CA LEU E 158 -51.57 44.37 0.07
C LEU E 158 -50.80 43.19 0.64
N SER E 159 -51.14 41.97 0.18
CA SER E 159 -50.51 40.78 0.76
C SER E 159 -49.01 40.75 0.39
N ILE E 160 -48.67 41.02 -0.85
CA ILE E 160 -47.28 41.01 -1.24
C ILE E 160 -46.51 42.09 -0.47
N SER E 161 -47.06 43.29 -0.40
CA SER E 161 -46.37 44.34 0.34
C SER E 161 -46.13 43.88 1.74
N MET E 162 -47.17 43.33 2.38
CA MET E 162 -47.08 43.07 3.80
C MET E 162 -46.13 41.93 4.07
N LYS E 163 -46.12 40.94 3.19
CA LYS E 163 -45.15 39.86 3.36
C LYS E 163 -43.73 40.42 3.32
N LYS E 164 -43.42 41.28 2.36
CA LYS E 164 -42.07 41.86 2.38
C LYS E 164 -41.84 42.72 3.65
N ILE E 165 -42.79 43.59 3.94
CA ILE E 165 -42.65 44.57 5.02
C ILE E 165 -42.54 43.99 6.44
N ALA E 166 -43.48 43.13 6.81
CA ALA E 166 -43.57 42.56 8.15
C ALA E 166 -42.36 41.72 8.45
N HIS E 167 -42.06 40.79 7.56
CA HIS E 167 -40.96 39.88 7.80
C HIS E 167 -39.64 40.65 7.82
N THR E 168 -39.49 41.67 6.97
CA THR E 168 -38.21 42.40 6.97
C THR E 168 -38.06 43.22 8.26
N LEU E 169 -39.17 43.81 8.70
CA LEU E 169 -39.23 44.57 9.95
C LEU E 169 -38.92 43.72 11.18
N ALA E 170 -39.49 42.51 11.19
CA ALA E 170 -39.37 41.58 12.30
C ALA E 170 -37.92 41.35 12.78
N VAL E 171 -36.97 41.29 11.85
CA VAL E 171 -35.62 40.92 12.20
C VAL E 171 -34.66 42.09 12.36
N GLY E 172 -35.19 43.30 12.29
CA GLY E 172 -34.41 44.46 12.64
C GLY E 172 -33.87 45.33 11.51
N ASN E 173 -34.39 45.13 10.30
CA ASN E 173 -34.20 46.09 9.21
C ASN E 173 -35.23 47.23 9.27
N THR E 174 -34.87 48.39 8.75
CA THR E 174 -35.88 49.41 8.54
C THR E 174 -36.30 49.31 7.08
N VAL E 175 -37.33 50.06 6.71
CA VAL E 175 -37.97 49.89 5.41
C VAL E 175 -38.23 51.21 4.67
N VAL E 176 -37.74 51.31 3.45
CA VAL E 176 -38.22 52.31 2.52
C VAL E 176 -39.06 51.61 1.48
N TYR E 177 -40.32 52.00 1.39
CA TYR E 177 -41.32 51.24 0.62
C TYR E 177 -42.09 52.09 -0.38
N LYS E 178 -41.86 51.81 -1.66
CA LYS E 178 -42.52 52.49 -2.79
C LYS E 178 -43.44 51.53 -3.52
N PRO E 179 -44.75 51.68 -3.30
CA PRO E 179 -45.72 50.73 -3.85
C PRO E 179 -45.83 50.84 -5.37
N ALA E 180 -46.51 49.87 -5.97
CA ALA E 180 -46.86 49.96 -7.38
C ALA E 180 -47.57 51.28 -7.65
N SER E 181 -47.30 51.84 -8.84
CA SER E 181 -47.86 53.13 -9.21
C SER E 181 -49.38 53.02 -9.35
N ASP E 182 -49.86 51.89 -9.84
CA ASP E 182 -51.30 51.68 -10.05
C ASP E 182 -52.08 51.34 -8.77
N THR E 183 -51.36 51.08 -7.69
CA THR E 183 -52.02 50.85 -6.41
C THR E 183 -51.42 51.61 -5.22
N PRO E 184 -51.35 52.95 -5.32
CA PRO E 184 -50.74 53.75 -4.25
C PRO E 184 -51.57 53.87 -2.96
N VAL E 185 -52.89 53.70 -3.05
CA VAL E 185 -53.76 53.86 -1.88
C VAL E 185 -53.72 52.61 -0.96
N THR E 186 -53.39 51.45 -1.51
CA THR E 186 -53.14 50.28 -0.67
C THR E 186 -51.89 50.47 0.18
N GLY E 187 -50.84 50.93 -0.46
CA GLY E 187 -49.61 51.31 0.22
C GLY E 187 -49.82 52.39 1.27
N TRP E 188 -50.63 53.39 0.93
CA TRP E 188 -50.95 54.48 1.87
C TRP E 188 -51.69 53.98 3.10
N LEU E 189 -52.69 53.14 2.89
CA LEU E 189 -53.43 52.52 4.00
C LEU E 189 -52.51 51.66 4.88
N ILE E 190 -51.54 51.02 4.24
CA ILE E 190 -50.55 50.26 4.98
C ILE E 190 -49.78 51.18 5.91
N ALA E 191 -49.28 52.27 5.35
CA ALA E 191 -48.55 53.25 6.16
C ALA E 191 -49.42 53.83 7.25
N GLN E 192 -50.70 53.98 6.97
CA GLN E 192 -51.68 54.39 7.98
C GLN E 192 -51.68 53.43 9.16
N MET E 193 -51.84 52.15 8.86
CA MET E 193 -51.81 51.09 9.86
C MET E 193 -50.55 51.14 10.70
N VAL E 194 -49.42 51.10 10.00
CA VAL E 194 -48.13 51.06 10.66
C VAL E 194 -48.00 52.24 11.59
N ALA E 195 -48.42 53.40 11.11
CA ALA E 195 -48.43 54.62 11.92
C ALA E 195 -49.27 54.45 13.19
N LYS E 196 -50.47 53.92 13.05
CA LYS E 196 -51.35 53.75 14.20
C LYS E 196 -50.78 52.74 15.19
N ALA E 197 -49.89 51.86 14.71
CA ALA E 197 -49.31 50.85 15.58
C ALA E 197 -48.21 51.46 16.43
N GLY E 198 -47.66 52.58 15.96
CA GLY E 198 -46.73 53.35 16.77
C GLY E 198 -45.26 52.98 16.68
N LEU E 199 -44.91 52.22 15.65
CA LEU E 199 -43.52 51.89 15.38
C LEU E 199 -42.67 53.15 15.40
N PRO E 200 -41.43 53.04 15.88
CA PRO E 200 -40.58 54.21 16.02
C PRO E 200 -40.49 54.98 14.71
N LYS E 201 -40.26 56.29 14.80
CA LYS E 201 -40.19 57.12 13.60
C LYS E 201 -39.03 56.66 12.74
N GLY E 202 -39.26 56.61 11.42
CA GLY E 202 -38.20 56.26 10.50
C GLY E 202 -38.04 54.76 10.29
N VAL E 203 -38.60 53.95 11.18
CA VAL E 203 -38.55 52.49 11.06
C VAL E 203 -39.31 52.02 9.82
N PHE E 204 -40.37 52.74 9.50
CA PHE E 204 -41.12 52.46 8.30
C PHE E 204 -41.44 53.72 7.52
N ASN E 205 -41.12 53.68 6.23
CA ASN E 205 -41.29 54.83 5.38
C ASN E 205 -42.02 54.50 4.08
N LEU E 206 -43.02 55.31 3.74
CA LEU E 206 -43.78 55.20 2.49
C LEU E 206 -43.46 56.34 1.54
N VAL E 207 -42.99 56.04 0.34
CA VAL E 207 -42.84 57.06 -0.69
C VAL E 207 -43.64 56.67 -1.95
N ILE E 208 -44.51 57.56 -2.42
CA ILE E 208 -45.32 57.25 -3.59
C ILE E 208 -44.90 58.09 -4.80
N GLY E 209 -44.59 57.41 -5.91
CA GLY E 209 -44.10 58.08 -7.09
C GLY E 209 -43.63 57.11 -8.16
N PRO E 210 -43.10 57.66 -9.27
CA PRO E 210 -42.62 56.91 -10.44
C PRO E 210 -41.40 56.07 -10.14
N GLY E 211 -41.45 54.83 -10.59
CA GLY E 211 -40.32 53.91 -10.51
C GLY E 211 -39.01 54.46 -11.03
N PRO E 212 -39.01 55.02 -12.26
CA PRO E 212 -37.78 55.61 -12.80
C PRO E 212 -37.12 56.64 -11.89
N VAL E 213 -37.89 57.25 -10.98
CA VAL E 213 -37.35 58.25 -10.06
C VAL E 213 -37.14 57.70 -8.64
N VAL E 214 -38.25 57.43 -7.95
CA VAL E 214 -38.21 56.96 -6.56
C VAL E 214 -37.60 55.57 -6.45
N GLY E 215 -38.12 54.65 -7.28
CA GLY E 215 -37.64 53.29 -7.30
C GLY E 215 -36.15 53.28 -7.58
N GLU E 216 -35.74 54.16 -8.48
CA GLU E 216 -34.35 54.18 -8.88
C GLU E 216 -33.47 54.61 -7.74
N GLU E 217 -33.81 55.73 -7.09
CA GLU E 217 -32.96 56.22 -6.02
C GLU E 217 -32.89 55.15 -4.95
N ILE E 218 -34.03 54.53 -4.67
CA ILE E 218 -34.07 53.40 -3.73
C ILE E 218 -33.03 52.33 -4.07
N VAL E 219 -33.09 51.81 -5.29
CA VAL E 219 -32.22 50.72 -5.72
C VAL E 219 -30.73 51.10 -5.75
N THR E 220 -30.43 52.34 -6.14
CA THR E 220 -29.03 52.70 -6.35
C THR E 220 -28.33 53.42 -5.20
N HIS E 221 -29.09 53.76 -4.15
CA HIS E 221 -28.58 54.54 -3.01
C HIS E 221 -27.55 53.76 -2.16
N LYS E 222 -26.68 54.48 -1.46
CA LYS E 222 -25.60 53.83 -0.71
C LYS E 222 -26.05 53.26 0.61
N ARG E 223 -27.04 53.89 1.24
CA ARG E 223 -27.45 53.45 2.56
C ARG E 223 -28.57 52.41 2.53
N VAL E 224 -28.94 51.98 1.33
CA VAL E 224 -29.85 50.84 1.22
C VAL E 224 -29.02 49.57 1.15
N ALA E 225 -29.31 48.64 2.06
CA ALA E 225 -28.54 47.40 2.19
C ALA E 225 -28.96 46.34 1.20
N HIS E 226 -30.26 46.27 0.97
CA HIS E 226 -30.89 45.17 0.25
C HIS E 226 -32.18 45.66 -0.42
N VAL E 227 -32.45 45.16 -1.61
CA VAL E 227 -33.71 45.49 -2.26
C VAL E 227 -34.54 44.25 -2.47
N THR E 228 -35.81 44.33 -2.08
CA THR E 228 -36.69 43.21 -2.34
C THR E 228 -37.80 43.68 -3.30
N PHE E 229 -37.81 43.06 -4.48
CA PHE E 229 -38.70 43.47 -5.56
C PHE E 229 -39.61 42.35 -6.03
N THR E 230 -40.88 42.67 -6.25
CA THR E 230 -41.78 41.78 -6.99
C THR E 230 -42.48 42.50 -8.16
N GLY E 231 -42.28 41.97 -9.36
CA GLY E 231 -42.81 42.60 -10.56
C GLY E 231 -42.22 42.03 -11.83
N GLU E 232 -42.25 42.83 -12.90
CA GLU E 232 -41.87 42.37 -14.24
C GLU E 232 -40.37 42.07 -14.40
N SER E 233 -40.07 41.00 -15.11
CA SER E 233 -38.69 40.51 -15.20
C SER E 233 -37.70 41.49 -15.83
N SER E 234 -38.13 42.28 -16.82
CA SER E 234 -37.25 43.29 -17.40
C SER E 234 -36.83 44.24 -16.28
N THR E 235 -37.84 44.86 -15.68
CA THR E 235 -37.66 45.75 -14.54
C THR E 235 -36.78 45.09 -13.47
N GLY E 236 -37.03 43.81 -13.21
CA GLY E 236 -36.25 43.09 -12.23
C GLY E 236 -34.77 43.07 -12.58
N ARG E 237 -34.45 42.55 -13.75
CA ARG E 237 -33.05 42.45 -14.22
C ARG E 237 -32.38 43.80 -14.11
N GLU E 238 -33.17 44.84 -14.37
CA GLU E 238 -32.68 46.21 -14.32
C GLU E 238 -32.34 46.61 -12.88
N ILE E 239 -33.23 46.27 -11.96
CA ILE E 239 -32.95 46.51 -10.55
C ILE E 239 -31.66 45.80 -10.21
N ALA E 240 -31.60 44.50 -10.43
CA ALA E 240 -30.43 43.70 -10.04
C ALA E 240 -29.15 44.36 -10.52
N ALA E 241 -29.20 44.77 -11.80
CA ALA E 241 -28.10 45.41 -12.47
C ALA E 241 -27.65 46.66 -11.71
N LYS E 242 -28.58 47.59 -11.46
CA LYS E 242 -28.21 48.84 -10.81
C LYS E 242 -27.84 48.63 -9.34
N ALA E 243 -28.37 47.55 -8.77
CA ALA E 243 -28.17 47.23 -7.37
C ALA E 243 -26.75 46.74 -7.17
N ALA E 244 -26.18 46.20 -8.23
CA ALA E 244 -24.78 45.78 -8.19
C ALA E 244 -23.84 46.91 -7.81
N GLY E 245 -24.24 48.14 -8.11
CA GLY E 245 -23.38 49.30 -7.95
C GLY E 245 -22.78 49.39 -6.56
N THR E 246 -23.65 49.37 -5.56
CA THR E 246 -23.23 49.39 -4.15
C THR E 246 -23.14 47.99 -3.50
N LEU E 247 -23.25 46.94 -4.31
CA LEU E 247 -23.17 45.56 -3.82
C LEU E 247 -24.30 45.29 -2.86
N LYS E 248 -25.47 45.82 -3.17
CA LYS E 248 -26.61 45.52 -2.34
C LYS E 248 -27.27 44.27 -2.89
N THR E 249 -27.58 43.37 -1.98
CA THR E 249 -28.24 42.12 -2.27
C THR E 249 -29.69 42.33 -2.70
N VAL E 250 -30.29 41.34 -3.36
CA VAL E 250 -31.68 41.47 -3.77
C VAL E 250 -32.49 40.21 -3.59
N THR E 251 -33.80 40.39 -3.44
CA THR E 251 -34.73 39.27 -3.48
C THR E 251 -35.66 39.60 -4.63
N LEU E 252 -35.59 38.83 -5.71
CA LEU E 252 -36.34 39.17 -6.92
C LEU E 252 -37.41 38.16 -7.29
N GLU E 253 -38.68 38.52 -7.14
CA GLU E 253 -39.76 37.65 -7.57
C GLU E 253 -40.28 38.21 -8.89
N LEU E 254 -39.90 37.56 -9.99
CA LEU E 254 -40.08 38.11 -11.34
C LEU E 254 -41.24 37.55 -12.15
N GLY E 255 -42.09 36.75 -11.52
CA GLY E 255 -43.27 36.24 -12.22
C GLY E 255 -42.94 34.97 -12.99
N GLY E 256 -43.95 34.31 -13.51
CA GLY E 256 -43.71 33.06 -14.22
C GLY E 256 -44.89 32.50 -14.98
N SER E 257 -44.58 31.71 -16.01
CA SER E 257 -45.59 31.09 -16.82
C SER E 257 -45.73 29.66 -16.37
N ASP E 258 -46.74 29.40 -15.54
CA ASP E 258 -46.72 28.20 -14.71
C ASP E 258 -47.47 27.02 -15.32
N PRO E 259 -46.77 25.88 -15.41
CA PRO E 259 -47.36 24.64 -15.93
C PRO E 259 -48.39 24.01 -15.00
N LEU E 260 -49.57 23.71 -15.53
CA LEU E 260 -50.54 22.88 -14.85
C LEU E 260 -50.77 21.63 -15.67
N ILE E 261 -50.21 20.53 -15.20
CA ILE E 261 -50.23 19.27 -15.93
C ILE E 261 -51.39 18.40 -15.47
N ILE E 262 -52.29 18.03 -16.37
CA ILE E 262 -53.38 17.14 -15.97
C ILE E 262 -53.21 15.81 -16.65
N LEU E 263 -53.26 14.72 -15.90
CA LEU E 263 -53.07 13.40 -16.47
C LEU E 263 -54.37 12.63 -16.65
N ASP E 264 -54.27 11.46 -17.25
CA ASP E 264 -55.45 10.69 -17.69
C ASP E 264 -56.26 10.06 -16.57
N ASP E 265 -55.68 9.93 -15.39
CA ASP E 265 -56.36 9.22 -14.33
C ASP E 265 -57.12 10.16 -13.40
N VAL E 266 -57.09 11.46 -13.70
CA VAL E 266 -57.77 12.46 -12.84
C VAL E 266 -59.27 12.36 -12.90
N ASP E 267 -59.90 12.97 -11.91
CA ASP E 267 -61.30 13.27 -12.01
C ASP E 267 -61.35 14.47 -12.94
N VAL E 268 -61.91 14.30 -14.13
CA VAL E 268 -61.69 15.27 -15.20
C VAL E 268 -62.45 16.56 -14.89
N ASP E 269 -63.56 16.43 -14.18
CA ASP E 269 -64.38 17.57 -13.84
C ASP E 269 -63.70 18.41 -12.76
N TYR E 270 -63.13 17.72 -11.78
CA TYR E 270 -62.40 18.40 -10.72
C TYR E 270 -61.21 19.12 -11.35
N ALA E 271 -60.47 18.39 -12.18
CA ALA E 271 -59.33 18.95 -12.86
C ALA E 271 -59.78 20.17 -13.65
N ALA E 272 -61.00 20.14 -14.14
CA ALA E 272 -61.52 21.29 -14.87
C ALA E 272 -61.78 22.49 -13.96
N ARG E 273 -62.57 22.32 -12.90
CA ARG E 273 -62.96 23.43 -12.00
C ARG E 273 -61.72 24.05 -11.41
N LEU E 274 -60.82 23.16 -10.97
CA LEU E 274 -59.51 23.54 -10.43
C LEU E 274 -58.73 24.33 -11.47
N ALA E 275 -58.63 23.79 -12.68
CA ALA E 275 -57.88 24.44 -13.74
C ALA E 275 -58.41 25.86 -13.98
N VAL E 276 -59.73 26.01 -13.95
CA VAL E 276 -60.36 27.30 -14.15
C VAL E 276 -59.97 28.26 -13.05
N PHE E 277 -60.13 27.81 -11.81
CA PHE E 277 -59.71 28.59 -10.64
C PHE E 277 -58.27 29.08 -10.72
N ALA E 278 -57.37 28.13 -10.97
CA ALA E 278 -55.93 28.33 -11.02
C ALA E 278 -55.51 29.28 -12.11
N SER E 279 -56.00 29.03 -13.32
CA SER E 279 -55.63 29.82 -14.49
C SER E 279 -56.23 31.23 -14.50
N LEU E 280 -57.51 31.32 -14.17
CA LEU E 280 -58.16 32.61 -14.31
C LEU E 280 -58.44 33.43 -13.05
N PHE E 281 -58.18 32.92 -11.84
CA PHE E 281 -58.54 33.69 -10.64
C PHE E 281 -57.86 35.04 -10.69
N HIS E 282 -58.59 36.05 -10.24
CA HIS E 282 -58.14 37.43 -10.38
C HIS E 282 -57.69 37.68 -11.83
N GLN E 283 -58.50 37.19 -12.76
CA GLN E 283 -58.34 37.46 -14.19
C GLN E 283 -56.94 37.07 -14.64
N GLY E 284 -56.41 36.00 -14.05
CA GLY E 284 -55.06 35.53 -14.35
C GLY E 284 -53.93 36.50 -14.02
N GLN E 285 -54.22 37.44 -13.15
CA GLN E 285 -53.31 38.53 -12.77
C GLN E 285 -52.43 38.11 -11.59
N ILE E 286 -52.32 36.81 -11.36
CA ILE E 286 -51.47 36.26 -10.31
C ILE E 286 -50.11 35.78 -10.83
N CYS E 287 -49.02 36.13 -10.14
CA CYS E 287 -47.69 35.68 -10.59
C CYS E 287 -47.61 34.16 -10.80
N THR E 288 -48.16 33.41 -9.85
CA THR E 288 -48.18 31.95 -9.92
C THR E 288 -49.42 31.39 -10.60
N SER E 289 -50.17 32.25 -11.29
CA SER E 289 -51.33 31.80 -12.07
C SER E 289 -50.99 30.62 -13.00
N ALA E 290 -51.96 29.74 -13.24
CA ALA E 290 -51.64 28.59 -14.06
C ALA E 290 -51.82 29.02 -15.50
N LYS E 291 -50.70 29.34 -16.13
CA LYS E 291 -50.72 30.08 -17.36
C LYS E 291 -50.54 29.22 -18.59
N ARG E 292 -50.13 27.99 -18.37
CA ARG E 292 -49.97 27.06 -19.47
C ARG E 292 -50.52 25.72 -19.06
N ILE E 293 -51.63 25.31 -19.68
CA ILE E 293 -52.37 24.15 -19.18
C ILE E 293 -52.02 22.95 -20.04
N ILE E 294 -51.42 21.93 -19.45
CA ILE E 294 -50.94 20.80 -20.23
C ILE E 294 -51.72 19.55 -19.89
N VAL E 295 -52.46 19.03 -20.87
CA VAL E 295 -53.33 17.90 -20.55
C VAL E 295 -53.08 16.70 -21.47
N HIS E 296 -53.03 15.54 -20.82
CA HIS E 296 -52.85 14.22 -21.42
C HIS E 296 -53.97 13.95 -22.42
N LYS E 297 -53.65 13.38 -23.58
CA LYS E 297 -54.67 13.24 -24.62
C LYS E 297 -55.87 12.38 -24.20
N ALA E 298 -55.64 11.29 -23.47
CA ALA E 298 -56.72 10.36 -23.15
C ALA E 298 -57.92 11.07 -22.51
N VAL E 299 -57.65 12.06 -21.69
CA VAL E 299 -58.71 12.87 -21.10
C VAL E 299 -58.89 14.25 -21.72
N ALA E 300 -58.05 14.61 -22.68
CA ALA E 300 -58.04 15.99 -23.18
C ALA E 300 -59.39 16.48 -23.76
N ASP E 301 -60.07 15.69 -24.58
CA ASP E 301 -61.35 16.15 -25.15
C ASP E 301 -62.33 16.52 -24.04
N LYS E 302 -62.61 15.55 -23.15
CA LYS E 302 -63.52 15.76 -22.03
C LYS E 302 -63.08 16.95 -21.18
N PHE E 303 -61.77 17.03 -20.94
CA PHE E 303 -61.22 18.10 -20.14
C PHE E 303 -61.45 19.47 -20.76
N ILE E 304 -61.12 19.62 -22.05
CA ILE E 304 -61.26 20.90 -22.74
C ILE E 304 -62.74 21.33 -22.75
N GLU E 305 -63.63 20.38 -23.03
CA GLU E 305 -65.06 20.68 -22.99
C GLU E 305 -65.45 21.21 -21.62
N ARG E 306 -65.08 20.47 -20.58
CA ARG E 306 -65.53 20.78 -19.23
C ARG E 306 -64.92 22.10 -18.69
N TYR E 307 -63.62 22.28 -18.94
CA TYR E 307 -62.92 23.53 -18.68
C TYR E 307 -63.61 24.71 -19.32
N VAL E 308 -63.93 24.57 -20.62
CA VAL E 308 -64.59 25.65 -21.32
C VAL E 308 -65.96 25.97 -20.70
N HIS E 309 -66.73 24.92 -20.38
CA HIS E 309 -68.06 25.11 -19.77
C HIS E 309 -68.00 25.87 -18.46
N TYR E 310 -66.98 25.59 -17.66
CA TYR E 310 -66.83 26.37 -16.45
C TYR E 310 -66.40 27.81 -16.78
N VAL E 311 -65.55 28.00 -17.78
CA VAL E 311 -65.11 29.35 -18.11
C VAL E 311 -66.25 30.25 -18.58
N LYS E 312 -67.16 29.67 -19.38
CA LYS E 312 -68.38 30.35 -19.85
C LYS E 312 -69.25 30.77 -18.69
N MET E 313 -69.24 29.94 -17.64
CA MET E 313 -70.01 30.16 -16.43
C MET E 313 -69.45 31.27 -15.54
N LEU E 314 -68.20 31.68 -15.82
CA LEU E 314 -67.60 32.81 -15.11
C LEU E 314 -68.46 34.07 -15.29
N ARG E 315 -68.57 34.87 -14.24
CA ARG E 315 -69.38 36.08 -14.30
C ARG E 315 -68.55 37.35 -14.20
N ILE E 316 -68.47 38.10 -15.30
CA ILE E 316 -67.68 39.34 -15.28
C ILE E 316 -68.57 40.57 -15.12
N ASP E 317 -68.20 41.40 -14.16
CA ASP E 317 -69.02 42.53 -13.79
C ASP E 317 -68.20 43.57 -13.03
N ASP E 318 -68.83 44.67 -12.66
CA ASP E 318 -68.27 45.58 -11.68
C ASP E 318 -67.96 44.77 -10.42
N PRO E 319 -66.70 44.84 -9.93
CA PRO E 319 -66.32 44.10 -8.72
C PRO E 319 -67.08 44.55 -7.46
N ARG E 320 -67.65 45.76 -7.51
CA ARG E 320 -68.41 46.35 -6.41
C ARG E 320 -69.89 45.98 -6.34
N LYS E 321 -70.43 45.41 -7.42
CA LYS E 321 -71.87 45.17 -7.48
C LYS E 321 -72.30 44.25 -6.35
N ASP E 322 -71.59 43.13 -6.21
CA ASP E 322 -71.85 42.22 -5.12
C ASP E 322 -70.71 41.23 -4.95
N GLU E 323 -70.88 40.29 -4.02
CA GLU E 323 -69.79 39.45 -3.57
C GLU E 323 -69.60 38.19 -4.39
N LYS E 324 -70.53 37.87 -5.27
CA LYS E 324 -70.41 36.64 -6.03
C LYS E 324 -69.82 36.85 -7.44
N VAL E 325 -69.45 38.09 -7.76
CA VAL E 325 -68.73 38.39 -9.02
C VAL E 325 -67.43 37.58 -9.13
N ASP E 326 -67.26 36.85 -10.22
CA ASP E 326 -66.06 36.04 -10.47
C ASP E 326 -64.85 36.82 -10.98
N LEU E 327 -65.03 37.64 -12.01
CA LEU E 327 -63.92 38.41 -12.56
C LEU E 327 -64.24 39.88 -12.64
N GLY E 328 -63.24 40.71 -12.33
CA GLY E 328 -63.32 42.16 -12.44
C GLY E 328 -62.43 42.64 -13.56
N PRO E 329 -62.13 43.94 -13.61
CA PRO E 329 -61.29 44.45 -14.70
C PRO E 329 -59.81 44.13 -14.52
N LEU E 330 -59.07 44.13 -15.62
CA LEU E 330 -57.61 44.22 -15.57
C LEU E 330 -57.24 45.60 -15.07
N ILE E 331 -56.00 45.78 -14.62
CA ILE E 331 -55.66 46.99 -13.88
C ILE E 331 -55.76 48.27 -14.75
N ASN E 332 -55.21 48.26 -15.97
CA ASN E 332 -55.26 49.44 -16.83
C ASN E 332 -55.39 49.04 -18.29
N GLU E 333 -55.51 50.00 -19.21
CA GLU E 333 -55.79 49.66 -20.60
C GLU E 333 -54.56 49.06 -21.30
N ARG E 334 -53.38 49.33 -20.74
CA ARG E 334 -52.15 48.71 -21.21
C ARG E 334 -52.33 47.21 -21.19
N GLN E 335 -52.86 46.69 -20.09
CA GLN E 335 -53.04 45.25 -19.96
C GLN E 335 -54.03 44.73 -21.00
N VAL E 336 -55.10 45.48 -21.26
CA VAL E 336 -56.05 45.03 -22.26
C VAL E 336 -55.38 44.97 -23.61
N ALA E 337 -54.64 46.01 -23.93
CA ALA E 337 -53.93 46.06 -25.19
C ALA E 337 -53.00 44.86 -25.36
N LEU E 338 -52.24 44.55 -24.31
CA LEU E 338 -51.35 43.42 -24.32
C LEU E 338 -52.11 42.11 -24.56
N MET E 339 -53.20 41.90 -23.82
CA MET E 339 -53.96 40.68 -23.98
C MET E 339 -54.48 40.58 -25.41
N LYS E 340 -54.74 41.74 -26.01
CA LYS E 340 -55.16 41.81 -27.40
C LYS E 340 -54.02 41.35 -28.32
N GLU E 341 -52.81 41.85 -28.09
CA GLU E 341 -51.64 41.37 -28.83
C GLU E 341 -51.49 39.86 -28.74
N PHE E 342 -51.79 39.33 -27.56
CA PHE E 342 -51.68 37.90 -27.31
C PHE E 342 -52.74 37.12 -28.09
N VAL E 343 -53.98 37.59 -28.05
CA VAL E 343 -55.04 36.96 -28.83
C VAL E 343 -54.73 37.03 -30.33
N ASP E 344 -54.42 38.23 -30.81
CA ASP E 344 -54.08 38.45 -32.22
C ASP E 344 -53.05 37.45 -32.69
N ASP E 345 -51.91 37.42 -31.98
CA ASP E 345 -50.81 36.50 -32.29
C ASP E 345 -51.24 35.03 -32.27
N ALA E 346 -52.05 34.67 -31.29
CA ALA E 346 -52.54 33.31 -31.20
C ALA E 346 -53.29 32.92 -32.45
N VAL E 347 -54.30 33.72 -32.78
CA VAL E 347 -55.15 33.44 -33.95
C VAL E 347 -54.34 33.35 -35.23
N SER E 348 -53.46 34.33 -35.43
CA SER E 348 -52.74 34.44 -36.71
C SER E 348 -51.63 33.41 -36.82
N ARG E 349 -51.36 32.70 -35.71
CA ARG E 349 -50.48 31.53 -35.76
C ARG E 349 -51.27 30.21 -35.88
N GLY E 350 -52.59 30.30 -36.03
CA GLY E 350 -53.40 29.14 -36.31
C GLY E 350 -54.05 28.53 -35.09
N GLY E 351 -54.00 29.26 -33.99
CA GLY E 351 -54.62 28.77 -32.77
C GLY E 351 -56.12 28.81 -32.92
N ARG E 352 -56.81 27.84 -32.30
CA ARG E 352 -58.27 27.81 -32.28
C ARG E 352 -58.78 28.57 -31.05
N LEU E 353 -59.64 29.55 -31.28
CA LEU E 353 -60.13 30.38 -30.17
C LEU E 353 -61.44 29.82 -29.67
N LEU E 354 -61.40 29.17 -28.51
CA LEU E 354 -62.53 28.34 -28.11
C LEU E 354 -63.61 29.15 -27.45
N ILE E 355 -63.24 30.32 -26.95
CA ILE E 355 -64.16 31.17 -26.20
C ILE E 355 -63.44 32.46 -25.80
N GLY E 356 -64.23 33.50 -25.53
CA GLY E 356 -63.73 34.72 -24.96
C GLY E 356 -62.95 35.57 -25.92
N GLY E 357 -62.32 36.61 -25.40
CA GLY E 357 -61.61 37.57 -26.21
C GLY E 357 -62.28 38.95 -26.29
N ARG E 358 -63.58 38.99 -25.97
CA ARG E 358 -64.34 40.24 -25.90
C ARG E 358 -63.64 41.23 -24.95
N SER E 359 -63.58 42.52 -25.30
CA SER E 359 -63.01 43.52 -24.39
C SER E 359 -63.78 44.84 -24.36
N TRP E 360 -64.30 45.21 -23.20
CA TRP E 360 -64.93 46.52 -23.03
C TRP E 360 -64.37 47.29 -21.84
N GLY E 361 -63.81 48.47 -22.12
CA GLY E 361 -63.16 49.23 -21.09
C GLY E 361 -61.95 48.46 -20.63
N ASN E 362 -61.80 48.29 -19.32
CA ASN E 362 -60.68 47.49 -18.80
C ASN E 362 -61.09 46.04 -18.57
N PHE E 363 -62.32 45.70 -18.94
CA PHE E 363 -62.84 44.35 -18.78
C PHE E 363 -62.50 43.44 -19.96
N PHE E 364 -62.16 42.18 -19.64
CA PHE E 364 -61.73 41.21 -20.64
C PHE E 364 -62.33 39.81 -20.44
N GLU E 365 -63.07 39.29 -21.43
CA GLU E 365 -63.58 37.93 -21.34
C GLU E 365 -62.48 36.95 -21.60
N PRO E 366 -62.31 35.95 -20.71
CA PRO E 366 -61.12 35.08 -20.82
C PRO E 366 -61.06 34.35 -22.14
N ALA E 367 -59.94 34.49 -22.84
CA ALA E 367 -59.78 33.87 -24.13
C ALA E 367 -59.05 32.52 -24.01
N ILE E 368 -59.70 31.45 -24.41
CA ILE E 368 -59.06 30.14 -24.28
C ILE E 368 -58.71 29.56 -25.64
N PHE E 369 -57.50 29.00 -25.76
CA PHE E 369 -56.98 28.49 -27.04
C PHE E 369 -56.51 27.04 -27.03
N VAL E 370 -56.90 26.27 -28.05
CA VAL E 370 -56.26 24.96 -28.32
C VAL E 370 -55.47 25.05 -29.63
N ASP E 371 -54.88 23.93 -30.07
CA ASP E 371 -54.07 23.93 -31.30
C ASP E 371 -53.00 25.01 -31.27
N VAL E 372 -52.15 25.00 -30.26
CA VAL E 372 -51.10 25.99 -30.19
C VAL E 372 -49.77 25.26 -30.30
N ASP E 373 -48.70 25.99 -30.62
CA ASP E 373 -47.37 25.41 -30.67
C ASP E 373 -46.44 26.30 -29.86
N ARG E 374 -45.23 25.82 -29.61
CA ARG E 374 -44.29 26.56 -28.76
C ARG E 374 -43.85 27.93 -29.31
N ASN E 375 -44.20 28.31 -30.53
CA ASN E 375 -43.80 29.62 -31.02
C ASN E 375 -44.83 30.72 -30.76
N PHE E 376 -46.02 30.29 -30.32
CA PHE E 376 -47.07 31.19 -29.84
C PHE E 376 -46.58 32.14 -28.77
N ARG E 377 -46.85 33.44 -28.92
CA ARG E 377 -46.43 34.40 -27.90
C ARG E 377 -46.90 33.95 -26.51
N ILE E 378 -48.10 33.35 -26.43
CA ILE E 378 -48.66 32.98 -25.12
C ILE E 378 -48.08 31.68 -24.51
N MET E 379 -47.28 30.94 -25.26
CA MET E 379 -46.41 29.90 -24.69
C MET E 379 -45.01 30.43 -24.25
N ARG E 380 -44.46 31.34 -25.06
CA ARG E 380 -43.09 31.82 -24.91
C ARG E 380 -42.89 32.88 -23.84
N GLU E 381 -43.91 33.73 -23.64
CA GLU E 381 -43.80 34.88 -22.75
C GLU E 381 -44.84 34.76 -21.66
N GLU E 382 -44.69 35.56 -20.61
CA GLU E 382 -45.64 35.51 -19.50
C GLU E 382 -46.94 36.17 -19.89
N VAL E 383 -48.05 35.46 -19.73
CA VAL E 383 -49.34 36.10 -19.98
C VAL E 383 -49.96 36.52 -18.65
N PHE E 384 -49.90 37.82 -18.36
CA PHE E 384 -50.39 38.24 -17.06
C PHE E 384 -51.75 38.80 -17.32
N GLY E 385 -52.76 37.93 -17.25
CA GLY E 385 -54.10 38.26 -17.72
C GLY E 385 -54.83 37.03 -18.25
N PRO E 386 -56.12 37.18 -18.65
CA PRO E 386 -56.98 36.03 -18.99
C PRO E 386 -56.91 35.62 -20.46
N VAL E 387 -55.76 35.11 -20.89
CA VAL E 387 -55.63 34.44 -22.16
C VAL E 387 -54.84 33.17 -21.92
N ARG E 388 -55.42 31.98 -22.12
CA ARG E 388 -54.69 30.75 -21.76
C ARG E 388 -54.66 29.67 -22.82
N PRO E 389 -53.48 29.07 -23.05
CA PRO E 389 -53.27 27.86 -23.85
C PRO E 389 -53.59 26.55 -23.16
N ILE E 390 -54.22 25.66 -23.90
CA ILE E 390 -54.32 24.26 -23.51
C ILE E 390 -53.54 23.46 -24.53
N VAL E 391 -52.48 22.80 -24.08
CA VAL E 391 -51.61 22.00 -24.94
C VAL E 391 -51.83 20.52 -24.68
N VAL E 392 -51.99 19.74 -25.74
CA VAL E 392 -52.26 18.32 -25.52
C VAL E 392 -50.99 17.50 -25.66
N VAL E 393 -50.78 16.59 -24.71
CA VAL E 393 -49.54 15.84 -24.69
C VAL E 393 -49.83 14.36 -24.68
N GLU E 394 -48.93 13.59 -25.28
CA GLU E 394 -49.12 12.15 -25.44
C GLU E 394 -48.69 11.29 -24.25
N ASN E 395 -47.73 11.77 -23.45
CA ASN E 395 -47.35 11.08 -22.23
C ASN E 395 -46.53 11.95 -21.32
N ASP E 396 -46.23 11.41 -20.15
CA ASP E 396 -45.52 12.14 -19.10
C ASP E 396 -44.23 12.83 -19.56
N ASP E 397 -43.44 12.13 -20.38
CA ASP E 397 -42.22 12.73 -20.89
C ASP E 397 -42.53 14.01 -21.64
N GLN E 398 -43.50 13.94 -22.55
CA GLN E 398 -43.98 15.12 -23.29
C GLN E 398 -44.53 16.19 -22.36
N ALA E 399 -45.28 15.77 -21.35
CA ALA E 399 -45.84 16.71 -20.38
C ALA E 399 -44.74 17.54 -19.73
N VAL E 400 -43.68 16.86 -19.33
CA VAL E 400 -42.56 17.52 -18.66
C VAL E 400 -41.74 18.36 -19.65
N GLU E 401 -41.56 17.86 -20.88
CA GLU E 401 -40.92 18.67 -21.92
C GLU E 401 -41.66 20.00 -22.06
N VAL E 402 -42.96 19.96 -22.32
CA VAL E 402 -43.73 21.19 -22.49
C VAL E 402 -43.66 22.09 -21.26
N ALA E 403 -43.87 21.48 -20.09
CA ALA E 403 -43.90 22.21 -18.84
C ALA E 403 -42.62 22.96 -18.64
N ASN E 404 -41.51 22.35 -19.06
CA ASN E 404 -40.20 22.96 -18.88
C ASN E 404 -39.80 23.95 -19.98
N ASP E 405 -40.55 24.02 -21.09
CA ASP E 405 -40.11 24.87 -22.21
C ASP E 405 -40.70 26.26 -22.04
N THR E 406 -39.89 27.10 -21.43
CA THR E 406 -40.28 28.42 -20.96
C THR E 406 -39.08 28.94 -20.21
N ASP E 407 -38.96 30.25 -20.10
CA ASP E 407 -37.77 30.78 -19.45
C ASP E 407 -38.04 30.85 -17.96
N TYR E 408 -39.33 30.73 -17.61
CA TYR E 408 -39.75 30.90 -16.23
C TYR E 408 -39.61 29.64 -15.36
N GLY E 409 -39.32 29.91 -14.10
CA GLY E 409 -39.19 28.90 -13.06
C GLY E 409 -40.09 28.93 -11.84
N LEU E 410 -41.20 29.66 -11.87
CA LEU E 410 -41.78 30.00 -10.57
C LEU E 410 -42.48 28.81 -9.93
N SER E 411 -43.66 28.44 -10.40
CA SER E 411 -44.36 27.33 -9.76
C SER E 411 -44.86 26.32 -10.78
N GLY E 412 -45.62 25.36 -10.29
CA GLY E 412 -46.10 24.29 -11.13
C GLY E 412 -46.98 23.34 -10.36
N ALA E 413 -47.78 22.57 -11.11
CA ALA E 413 -48.68 21.64 -10.48
C ALA E 413 -48.95 20.48 -11.40
N VAL E 414 -49.26 19.33 -10.81
CA VAL E 414 -49.71 18.18 -11.57
C VAL E 414 -50.90 17.51 -10.90
N LEU E 415 -51.91 17.22 -11.68
CA LEU E 415 -53.05 16.50 -11.19
C LEU E 415 -52.91 15.03 -11.61
N THR E 416 -52.96 14.15 -10.62
CA THR E 416 -52.93 12.72 -10.84
C THR E 416 -53.19 12.01 -9.54
N ASN E 417 -53.54 10.74 -9.63
CA ASN E 417 -53.51 9.92 -8.43
C ASN E 417 -52.34 8.97 -8.34
N ASN E 418 -51.52 8.92 -9.37
CA ASN E 418 -50.40 7.98 -9.34
C ASN E 418 -49.20 8.59 -8.60
N VAL E 419 -48.83 7.99 -7.47
CA VAL E 419 -47.81 8.56 -6.61
C VAL E 419 -46.48 8.55 -7.34
N ASN E 420 -46.26 7.50 -8.11
CA ASN E 420 -45.07 7.41 -8.95
C ASN E 420 -45.05 8.55 -9.97
N ARG E 421 -46.10 8.66 -10.77
CA ARG E 421 -46.16 9.69 -11.79
C ARG E 421 -46.14 11.08 -11.17
N ALA E 422 -46.90 11.26 -10.07
CA ALA E 422 -46.94 12.54 -9.36
C ALA E 422 -45.56 13.00 -8.93
N PHE E 423 -44.78 12.08 -8.36
CA PHE E 423 -43.44 12.45 -7.92
C PHE E 423 -42.42 12.58 -9.07
N ARG E 424 -42.35 11.62 -9.98
CA ARG E 424 -41.43 11.74 -11.09
C ARG E 424 -41.66 13.05 -11.86
N ILE E 425 -42.92 13.47 -11.96
CA ILE E 425 -43.21 14.73 -12.62
C ILE E 425 -42.77 15.91 -11.74
N ALA E 426 -43.02 15.81 -10.43
CA ALA E 426 -42.56 16.86 -9.53
C ALA E 426 -41.03 17.05 -9.56
N GLU E 427 -40.27 15.95 -9.49
CA GLU E 427 -38.80 16.00 -9.53
C GLU E 427 -38.36 16.59 -10.87
N ALA E 428 -39.06 16.22 -11.94
CA ALA E 428 -38.65 16.59 -13.28
C ALA E 428 -38.85 18.07 -13.66
N VAL E 429 -39.97 18.67 -13.21
CA VAL E 429 -40.35 20.01 -13.68
C VAL E 429 -39.52 21.08 -13.00
N GLU E 430 -38.98 22.00 -13.79
CA GLU E 430 -38.03 22.94 -13.24
C GLU E 430 -38.71 24.21 -12.75
N SER E 431 -38.93 24.26 -11.43
CA SER E 431 -39.66 25.33 -10.74
C SER E 431 -39.23 25.46 -9.27
N GLY E 432 -39.27 26.67 -8.74
CA GLY E 432 -38.93 26.91 -7.35
C GLY E 432 -39.96 26.35 -6.40
N MET E 433 -41.19 26.21 -6.89
CA MET E 433 -42.27 25.60 -6.13
C MET E 433 -42.99 24.61 -7.00
N PHE E 434 -43.62 23.61 -6.39
CA PHE E 434 -44.42 22.65 -7.12
C PHE E 434 -45.47 22.04 -6.24
N HIS E 435 -46.65 21.83 -6.80
CA HIS E 435 -47.78 21.37 -5.99
C HIS E 435 -48.44 20.19 -6.64
N ILE E 436 -48.86 19.24 -5.82
CA ILE E 436 -49.48 18.05 -6.31
C ILE E 436 -50.93 18.04 -5.89
N ASN E 437 -51.80 17.81 -6.87
CA ASN E 437 -53.24 17.81 -6.70
C ASN E 437 -53.80 19.06 -6.01
N ASP E 438 -53.29 20.20 -6.47
CA ASP E 438 -53.74 21.51 -6.02
C ASP E 438 -53.37 22.54 -7.08
N VAL E 439 -53.74 23.79 -6.82
CA VAL E 439 -53.52 24.88 -7.75
C VAL E 439 -52.06 25.29 -7.79
N THR E 440 -51.64 25.96 -8.86
CA THR E 440 -50.27 26.41 -8.97
C THR E 440 -49.95 27.54 -8.02
N PHE E 441 -50.96 28.29 -7.60
CA PHE E 441 -50.70 29.50 -6.81
C PHE E 441 -50.77 29.34 -5.26
N LEU E 442 -50.74 28.10 -4.78
CA LEU E 442 -50.65 27.86 -3.33
C LEU E 442 -49.56 28.73 -2.70
N GLU E 443 -49.93 29.46 -1.66
CA GLU E 443 -49.03 30.32 -0.90
C GLU E 443 -49.37 30.32 0.60
N GLU E 444 -48.39 30.01 1.45
CA GLU E 444 -48.55 30.04 2.89
C GLU E 444 -47.59 31.09 3.47
N SER E 445 -47.87 31.57 4.67
CA SER E 445 -47.11 32.70 5.24
C SER E 445 -45.65 32.38 5.53
N HIS E 446 -45.41 31.15 5.93
CA HIS E 446 -44.10 30.72 6.41
C HIS E 446 -43.24 29.90 5.44
N VAL E 447 -43.66 29.72 4.19
CA VAL E 447 -42.96 28.79 3.28
C VAL E 447 -42.15 29.54 2.22
N PRO E 448 -41.09 28.91 1.69
CA PRO E 448 -40.13 29.52 0.77
C PRO E 448 -40.68 29.77 -0.62
N PHE E 449 -41.30 30.93 -0.78
CA PHE E 449 -41.86 31.37 -2.05
C PHE E 449 -40.81 31.99 -2.99
N GLY E 450 -40.70 31.47 -4.21
CA GLY E 450 -39.76 32.04 -5.15
C GLY E 450 -39.47 31.10 -6.28
N GLY E 451 -38.85 31.61 -7.33
CA GLY E 451 -38.60 30.84 -8.52
C GLY E 451 -37.16 30.52 -8.81
N ILE E 452 -36.96 29.74 -9.86
CA ILE E 452 -35.63 29.57 -10.42
C ILE E 452 -35.69 30.19 -11.81
N LYS E 453 -34.62 30.03 -12.58
CA LYS E 453 -34.60 30.49 -13.97
C LYS E 453 -35.00 31.96 -14.06
N ALA E 454 -35.90 32.30 -14.98
CA ALA E 454 -36.19 33.71 -15.22
C ALA E 454 -37.15 34.27 -14.19
N SER E 455 -37.56 33.42 -13.26
CA SER E 455 -38.58 33.80 -12.29
C SER E 455 -37.94 34.44 -11.08
N GLY E 456 -36.64 34.62 -11.14
CA GLY E 456 -35.92 35.35 -10.12
C GLY E 456 -35.07 34.57 -9.13
N VAL E 457 -34.69 35.28 -8.07
CA VAL E 457 -33.77 34.74 -7.08
C VAL E 457 -34.26 34.97 -5.64
N GLY E 458 -33.86 34.07 -4.75
CA GLY E 458 -34.21 34.20 -3.35
C GLY E 458 -35.58 33.64 -3.03
N ARG E 459 -35.96 33.72 -1.76
CA ARG E 459 -37.22 33.17 -1.32
C ARG E 459 -37.81 34.06 -0.26
N GLU E 460 -39.14 34.16 -0.24
CA GLU E 460 -39.78 34.94 0.80
C GLU E 460 -40.93 34.23 1.49
N GLY E 461 -41.26 34.77 2.66
CA GLY E 461 -42.15 34.20 3.66
C GLY E 461 -41.38 33.62 4.81
N GLY E 462 -41.83 33.89 6.03
CA GLY E 462 -41.20 33.37 7.23
C GLY E 462 -39.68 33.49 7.30
N GLU E 463 -39.09 32.44 7.86
CA GLU E 463 -37.65 32.38 8.04
C GLU E 463 -36.87 32.61 6.74
N TRP E 464 -37.47 32.27 5.60
CA TRP E 464 -36.76 32.46 4.36
C TRP E 464 -36.61 33.94 4.07
N SER E 465 -37.67 34.67 4.39
CA SER E 465 -37.57 36.12 4.39
C SER E 465 -36.43 36.55 5.32
N PHE E 466 -36.43 36.01 6.54
CA PHE E 466 -35.36 36.36 7.46
C PHE E 466 -33.96 36.11 6.83
N HIS E 467 -33.80 35.02 6.08
CA HIS E 467 -32.54 34.76 5.39
C HIS E 467 -32.22 35.90 4.46
N GLU E 468 -33.17 36.27 3.61
CA GLU E 468 -32.94 37.33 2.63
C GLU E 468 -32.45 38.64 3.24
N THR E 469 -33.04 39.03 4.36
CA THR E 469 -32.68 40.32 4.92
C THR E 469 -31.74 40.30 6.15
N THR E 470 -31.17 39.15 6.50
CA THR E 470 -30.07 39.18 7.49
C THR E 470 -28.75 38.61 6.93
N TYR E 471 -27.64 38.93 7.60
CA TYR E 471 -26.39 38.27 7.29
C TYR E 471 -25.90 37.46 8.49
N ASP E 472 -25.17 36.40 8.18
CA ASP E 472 -24.50 35.57 9.17
C ASP E 472 -23.20 36.21 9.63
N ARG E 473 -22.93 36.19 10.94
CA ARG E 473 -21.64 36.66 11.42
C ARG E 473 -20.93 35.69 12.32
N TRP E 474 -19.82 35.16 11.81
CA TRP E 474 -18.98 34.19 12.55
C TRP E 474 -18.12 34.91 13.58
N VAL E 475 -18.29 34.56 14.85
CA VAL E 475 -17.56 35.18 15.94
C VAL E 475 -16.84 34.13 16.79
N THR E 476 -15.58 34.38 17.12
CA THR E 476 -14.85 33.45 17.97
C THR E 476 -14.20 34.09 19.19
N VAL E 477 -14.10 33.28 20.24
CA VAL E 477 -13.27 33.60 21.38
C VAL E 477 -12.21 32.54 21.52
N THR E 478 -10.96 32.99 21.50
CA THR E 478 -9.85 32.08 21.72
C THR E 478 -9.33 32.21 23.16
N LEU E 479 -9.28 31.07 23.84
CA LEU E 479 -8.96 31.00 25.26
C LEU E 479 -7.53 30.58 25.63
N ARG E 480 -6.69 30.31 24.64
CA ARG E 480 -5.31 29.92 24.91
C ARG E 480 -4.36 30.81 24.14
N THR E 481 -3.26 31.18 24.76
CA THR E 481 -2.21 31.87 24.03
C THR E 481 -1.49 30.83 23.19
N ARG E 482 -0.85 31.27 22.11
CA ARG E 482 -0.08 30.33 21.31
C ARG E 482 1.08 31.00 20.58
N ARG E 483 1.86 30.18 19.88
CA ARG E 483 3.09 30.62 19.24
C ARG E 483 2.81 30.82 17.73
N PHE E 484 3.49 31.79 17.12
CA PHE E 484 3.22 32.13 15.73
C PHE E 484 4.43 31.86 14.84
N PRO E 485 4.18 31.49 13.57
CA PRO E 485 5.26 31.00 12.69
C PRO E 485 6.29 32.04 12.31
N ILE E 486 5.95 33.33 12.36
CA ILE E 486 6.92 34.39 12.15
C ILE E 486 6.95 35.40 13.31
N PRO E 487 8.15 35.87 13.66
CA PRO E 487 9.45 35.46 13.11
C PRO E 487 9.85 34.05 13.53
N SER E 488 10.35 33.26 12.59
CA SER E 488 10.77 31.89 12.86
C SER E 488 11.95 31.79 13.80
N ALA E 489 12.64 32.90 13.98
CA ALA E 489 13.78 32.94 14.88
C ALA E 489 13.35 32.74 16.33
N LEU E 490 12.21 33.33 16.70
CA LEU E 490 11.71 33.34 18.08
C LEU E 490 11.63 31.97 18.77
N LYS F 8 4.15 20.02 -19.20
CA LYS F 8 3.24 20.53 -20.23
C LYS F 8 1.88 20.89 -19.62
N VAL F 9 1.58 22.18 -19.57
CA VAL F 9 0.34 22.65 -18.94
C VAL F 9 -0.75 22.97 -19.97
N ALA F 10 -1.97 22.47 -19.71
CA ALA F 10 -3.12 22.67 -20.59
C ALA F 10 -4.44 22.84 -19.83
N ASN F 11 -5.53 23.00 -20.59
CA ASN F 11 -6.89 23.00 -20.05
C ASN F 11 -7.45 21.62 -19.75
N TYR F 12 -8.39 21.53 -18.82
CA TYR F 12 -9.10 20.27 -18.59
C TYR F 12 -10.56 20.44 -18.92
N ILE F 13 -10.99 19.82 -20.01
CA ILE F 13 -12.36 19.99 -20.49
C ILE F 13 -12.94 18.65 -20.91
N ASN F 14 -14.14 18.37 -20.41
CA ASN F 14 -14.82 17.10 -20.61
C ASN F 14 -13.89 15.95 -20.31
N GLY F 15 -13.25 16.00 -19.15
CA GLY F 15 -12.41 14.92 -18.67
C GLY F 15 -11.11 14.74 -19.42
N GLU F 16 -10.88 15.58 -20.43
CA GLU F 16 -9.68 15.49 -21.26
C GLU F 16 -8.75 16.73 -21.15
N PHE F 17 -7.46 16.48 -20.92
CA PHE F 17 -6.46 17.56 -20.95
C PHE F 17 -6.16 17.93 -22.39
N LYS F 18 -6.39 19.19 -22.74
CA LYS F 18 -6.25 19.64 -24.12
C LYS F 18 -5.76 21.07 -24.21
N GLU F 19 -5.28 21.43 -25.40
CA GLU F 19 -4.82 22.78 -25.66
C GLU F 19 -5.96 23.80 -25.72
N PRO F 20 -5.58 25.09 -25.67
CA PRO F 20 -6.51 26.13 -26.09
C PRO F 20 -6.83 25.97 -27.57
N SER F 21 -8.08 26.17 -27.94
CA SER F 21 -8.49 26.09 -29.35
C SER F 21 -7.61 26.99 -30.21
N THR F 22 -7.41 28.23 -29.76
CA THR F 22 -6.61 29.23 -30.48
C THR F 22 -5.13 28.87 -30.53
N GLY F 23 -4.71 27.88 -29.76
CA GLY F 23 -3.35 27.40 -29.76
C GLY F 23 -2.36 28.20 -28.92
N ALA F 24 -2.76 29.43 -28.57
CA ALA F 24 -1.88 30.41 -27.91
C ALA F 24 -1.40 30.04 -26.49
N PHE F 25 -0.19 30.45 -26.16
CA PHE F 25 0.30 30.24 -24.81
C PHE F 25 1.00 31.48 -24.25
N GLN F 26 0.98 31.61 -22.93
CA GLN F 26 1.63 32.67 -22.18
C GLN F 26 2.69 32.08 -21.28
N VAL F 27 3.67 32.87 -20.86
CA VAL F 27 4.73 32.26 -20.06
C VAL F 27 4.65 32.69 -18.62
N LYS F 28 4.35 31.75 -17.73
CA LYS F 28 4.33 32.02 -16.30
C LYS F 28 5.71 31.94 -15.66
N THR F 29 6.05 33.07 -15.03
CA THR F 29 7.35 33.36 -14.43
C THR F 29 7.31 33.57 -12.93
N SER F 30 8.23 32.89 -12.24
CA SER F 30 8.41 33.00 -10.80
C SER F 30 8.61 34.41 -10.27
N PRO F 31 7.74 34.85 -9.34
CA PRO F 31 7.87 36.15 -8.66
C PRO F 31 9.17 36.25 -7.86
N VAL F 32 9.90 35.15 -7.69
CA VAL F 32 11.19 35.23 -7.00
C VAL F 32 12.27 35.78 -7.93
N ASP F 33 12.76 34.99 -8.88
CA ASP F 33 13.77 35.52 -9.81
C ASP F 33 13.26 35.87 -11.21
N GLY F 34 11.98 35.65 -11.49
CA GLY F 34 11.49 35.96 -12.82
C GLY F 34 11.75 34.82 -13.78
N SER F 35 12.27 33.72 -13.25
CA SER F 35 12.57 32.53 -14.03
C SER F 35 11.30 31.97 -14.62
N LYS F 36 11.44 31.20 -15.70
CA LYS F 36 10.27 30.53 -16.26
C LYS F 36 9.84 29.37 -15.37
N ILE F 37 8.54 29.31 -15.13
CA ILE F 37 7.97 28.20 -14.43
C ILE F 37 7.37 27.31 -15.49
N ALA F 38 6.45 27.87 -16.29
CA ALA F 38 5.91 27.06 -17.40
C ALA F 38 5.27 27.85 -18.55
N GLU F 39 5.09 27.21 -19.69
CA GLU F 39 4.16 27.70 -20.70
C GLU F 39 2.76 27.25 -20.31
N VAL F 40 1.83 28.20 -20.23
CA VAL F 40 0.45 27.88 -19.86
C VAL F 40 -0.47 28.44 -20.96
N PRO F 41 -1.71 27.92 -21.04
CA PRO F 41 -2.57 28.43 -22.11
C PRO F 41 -3.02 29.88 -21.92
N ARG F 42 -3.44 30.51 -23.01
CA ARG F 42 -4.11 31.79 -23.00
C ARG F 42 -5.38 31.58 -23.82
N SER F 43 -6.53 31.59 -23.17
CA SER F 43 -7.71 30.97 -23.79
C SER F 43 -8.76 31.99 -24.20
N GLY F 44 -9.54 31.61 -25.19
CA GLY F 44 -10.53 32.51 -25.74
C GLY F 44 -11.93 32.11 -25.33
N ARG F 45 -12.89 32.94 -25.71
CA ARG F 45 -14.28 32.65 -25.41
C ARG F 45 -14.69 31.26 -25.91
N GLU F 46 -14.12 30.82 -27.05
CA GLU F 46 -14.48 29.51 -27.59
C GLU F 46 -14.15 28.42 -26.56
N ASP F 47 -12.94 28.47 -26.01
CA ASP F 47 -12.49 27.52 -25.00
C ASP F 47 -13.39 27.52 -23.77
N ALA F 48 -13.75 28.73 -23.32
CA ALA F 48 -14.57 28.88 -22.12
C ALA F 48 -15.96 28.31 -22.34
N ARG F 49 -16.55 28.56 -23.52
CA ARG F 49 -17.85 28.03 -23.90
C ARG F 49 -17.80 26.50 -24.01
N GLU F 50 -16.70 25.95 -24.53
CA GLU F 50 -16.53 24.49 -24.58
C GLU F 50 -16.62 23.90 -23.16
N ALA F 51 -15.85 24.47 -22.24
CA ALA F 51 -15.99 24.09 -20.82
C ALA F 51 -17.42 24.28 -20.23
N ILE F 52 -18.04 25.41 -20.50
CA ILE F 52 -19.37 25.66 -19.96
C ILE F 52 -20.40 24.65 -20.48
N ASP F 53 -20.31 24.28 -21.75
CA ASP F 53 -21.29 23.34 -22.29
C ASP F 53 -21.02 21.94 -21.75
N SER F 54 -19.74 21.57 -21.68
CA SER F 54 -19.35 20.32 -21.03
C SER F 54 -19.95 20.17 -19.64
N ALA F 55 -19.83 21.23 -18.85
CA ALA F 55 -20.39 21.26 -17.50
C ALA F 55 -21.91 21.17 -17.53
N PHE F 56 -22.51 21.89 -18.46
CA PHE F 56 -23.96 21.90 -18.56
C PHE F 56 -24.54 20.53 -18.84
N GLU F 57 -23.97 19.79 -19.78
CA GLU F 57 -24.57 18.48 -20.04
C GLU F 57 -24.20 17.50 -18.93
N ALA F 58 -22.98 17.56 -18.40
CA ALA F 58 -22.62 16.69 -17.27
C ALA F 58 -23.50 16.95 -16.02
N LEU F 59 -24.19 18.09 -16.02
CA LEU F 59 -24.93 18.57 -14.85
C LEU F 59 -26.06 17.71 -14.31
N LYS F 60 -26.95 17.20 -15.17
CA LYS F 60 -28.09 16.41 -14.70
C LYS F 60 -27.64 15.05 -14.19
N ALA F 61 -26.72 14.42 -14.91
CA ALA F 61 -26.14 13.16 -14.46
C ALA F 61 -25.33 13.32 -13.17
N TRP F 62 -24.77 14.50 -12.94
CA TRP F 62 -24.03 14.75 -11.70
C TRP F 62 -24.92 15.08 -10.50
N ALA F 63 -25.95 15.89 -10.73
CA ALA F 63 -26.87 16.34 -9.67
C ALA F 63 -27.89 15.28 -9.26
N ASN F 64 -28.25 14.40 -10.20
CA ASN F 64 -29.27 13.38 -9.93
C ASN F 64 -28.80 12.18 -9.12
N ILE F 65 -27.52 11.82 -9.23
CA ILE F 65 -27.01 10.69 -8.44
C ILE F 65 -27.08 10.95 -6.94
N PRO F 66 -27.08 9.87 -6.13
CA PRO F 66 -27.01 9.95 -4.66
C PRO F 66 -25.80 10.71 -4.15
N ALA F 67 -26.04 11.65 -3.22
CA ALA F 67 -24.99 12.49 -2.66
C ALA F 67 -23.81 11.62 -2.22
N ILE F 68 -24.09 10.47 -1.64
CA ILE F 68 -23.04 9.54 -1.19
C ILE F 68 -22.01 9.17 -2.27
N ARG F 69 -22.43 9.19 -3.55
CA ARG F 69 -21.50 8.87 -4.63
C ARG F 69 -20.61 10.06 -4.91
N ARG F 70 -21.19 11.25 -4.82
CA ARG F 70 -20.41 12.48 -4.85
C ARG F 70 -19.36 12.48 -3.72
N ALA F 71 -19.81 12.19 -2.50
CA ALA F 71 -18.89 12.09 -1.38
C ALA F 71 -17.77 11.11 -1.67
N GLU F 72 -18.08 9.96 -2.25
CA GLU F 72 -17.06 8.99 -2.69
C GLU F 72 -16.01 9.68 -3.54
N TYR F 73 -16.47 10.40 -4.56
CA TYR F 73 -15.58 11.11 -5.48
C TYR F 73 -14.67 12.09 -4.74
N LEU F 74 -15.29 12.84 -3.82
CA LEU F 74 -14.55 13.79 -3.04
C LEU F 74 -13.52 13.13 -2.12
N TYR F 75 -13.85 11.99 -1.52
CA TYR F 75 -12.88 11.30 -0.67
C TYR F 75 -11.76 10.79 -1.53
N LYS F 76 -12.11 10.39 -2.74
CA LYS F 76 -11.11 9.93 -3.68
C LYS F 76 -10.14 11.10 -3.95
N MET F 77 -10.73 12.25 -4.27
CA MET F 77 -9.99 13.48 -4.52
C MET F 77 -9.09 13.84 -3.33
N LEU F 78 -9.55 13.51 -2.13
CA LEU F 78 -8.78 13.72 -0.93
C LEU F 78 -7.55 12.82 -0.91
N GLU F 79 -7.67 11.52 -1.13
CA GLU F 79 -6.43 10.70 -1.04
C GLU F 79 -5.46 10.99 -2.19
N VAL F 80 -6.00 11.40 -3.34
CA VAL F 80 -5.15 11.87 -4.44
C VAL F 80 -4.34 13.12 -4.01
N PHE F 81 -5.03 14.11 -3.44
CA PHE F 81 -4.37 15.32 -2.92
C PHE F 81 -3.31 14.99 -1.84
N ARG F 82 -3.65 14.03 -0.97
CA ARG F 82 -2.75 13.59 0.08
C ARG F 82 -1.49 13.09 -0.59
N GLN F 83 -1.66 12.48 -1.77
CA GLN F 83 -0.51 12.07 -2.59
C GLN F 83 0.30 13.29 -3.10
N MET F 84 -0.41 14.32 -3.54
CA MET F 84 0.22 15.46 -4.24
C MET F 84 0.73 16.58 -3.34
N LYS F 85 0.68 16.36 -2.03
CA LYS F 85 0.96 17.43 -1.06
C LYS F 85 2.22 18.25 -1.35
N GLU F 86 3.33 17.57 -1.57
CA GLU F 86 4.57 18.27 -1.88
C GLU F 86 4.49 19.01 -3.23
N ASP F 87 3.96 18.38 -4.27
CA ASP F 87 3.86 19.06 -5.57
C ASP F 87 3.11 20.39 -5.44
N PHE F 88 2.02 20.37 -4.66
CA PHE F 88 1.26 21.58 -4.44
C PHE F 88 2.07 22.58 -3.66
N MET F 89 2.86 22.10 -2.69
CA MET F 89 3.73 23.00 -1.93
C MET F 89 4.78 23.68 -2.79
N LYS F 90 5.59 22.87 -3.47
CA LYS F 90 6.62 23.34 -4.39
C LYS F 90 6.05 24.40 -5.34
N ILE F 91 4.94 24.08 -6.01
CA ILE F 91 4.38 25.07 -6.92
C ILE F 91 3.85 26.32 -6.21
N LEU F 92 3.26 26.16 -5.02
CA LEU F 92 2.69 27.28 -4.31
C LEU F 92 3.75 28.31 -3.89
N THR F 93 4.87 27.77 -3.43
CA THR F 93 6.08 28.55 -3.17
C THR F 93 6.53 29.28 -4.43
N VAL F 94 6.96 28.49 -5.41
CA VAL F 94 7.58 29.00 -6.64
C VAL F 94 6.66 29.87 -7.49
N GLU F 95 5.43 29.43 -7.66
CA GLU F 95 4.51 30.19 -8.50
C GLU F 95 3.95 31.40 -7.76
N GLY F 96 3.60 31.22 -6.50
CA GLY F 96 2.86 32.23 -5.78
C GLY F 96 3.59 32.95 -4.67
N GLY F 97 4.88 32.67 -4.52
CA GLY F 97 5.69 33.41 -3.58
C GLY F 97 5.71 32.90 -2.15
N GLY F 98 4.73 32.08 -1.79
CA GLY F 98 4.58 31.65 -0.41
C GLY F 98 5.80 31.00 0.20
N THR F 99 6.04 31.27 1.48
CA THR F 99 7.19 30.67 2.16
C THR F 99 6.84 29.21 2.39
N TYR F 100 7.77 28.42 2.92
CA TYR F 100 7.44 27.02 3.19
C TYR F 100 6.30 26.94 4.19
N ARG F 101 6.33 27.79 5.21
CA ARG F 101 5.34 27.68 6.26
C ARG F 101 3.95 28.12 5.78
N LYS F 102 3.91 29.13 4.92
CA LYS F 102 2.63 29.55 4.35
C LYS F 102 2.01 28.45 3.49
N VAL F 103 2.82 27.78 2.67
CA VAL F 103 2.26 26.81 1.75
C VAL F 103 1.97 25.51 2.45
N TRP F 104 2.74 25.18 3.48
CA TRP F 104 2.47 23.99 4.27
C TRP F 104 1.14 24.18 4.94
N GLY F 105 0.96 25.34 5.59
CA GLY F 105 -0.33 25.70 6.13
C GLY F 105 -1.49 25.65 5.14
N GLU F 106 -1.29 26.26 3.98
CA GLU F 106 -2.32 26.28 2.96
C GLU F 106 -2.71 24.87 2.55
N VAL F 107 -1.71 24.04 2.31
CA VAL F 107 -1.93 22.67 1.89
C VAL F 107 -2.74 21.91 2.95
N VAL F 108 -2.36 22.07 4.22
CA VAL F 108 -3.05 21.40 5.32
C VAL F 108 -4.53 21.81 5.37
N PHE F 109 -4.76 23.11 5.21
CA PHE F 109 -6.13 23.61 5.19
C PHE F 109 -6.90 23.12 3.98
N THR F 110 -6.22 22.89 2.86
CA THR F 110 -6.90 22.44 1.67
C THR F 110 -7.37 21.01 1.91
N GLU F 111 -6.50 20.25 2.58
CA GLU F 111 -6.78 18.87 2.90
C GLU F 111 -8.07 18.85 3.70
N ARG F 112 -8.12 19.72 4.71
CA ARG F 112 -9.34 19.80 5.48
C ARG F 112 -10.53 20.24 4.65
N LEU F 113 -10.34 21.18 3.73
CA LEU F 113 -11.46 21.73 2.97
C LEU F 113 -12.11 20.66 2.11
N ILE F 114 -11.29 19.88 1.43
CA ILE F 114 -11.82 18.77 0.66
C ILE F 114 -12.52 17.75 1.55
N GLN F 115 -11.84 17.34 2.63
CA GLN F 115 -12.46 16.40 3.55
C GLN F 115 -13.80 16.91 4.07
N ASN F 116 -13.89 18.20 4.26
CA ASN F 116 -15.08 18.83 4.79
C ASN F 116 -16.23 18.71 3.81
N ALA F 117 -15.94 19.02 2.55
CA ALA F 117 -16.98 18.98 1.52
C ALA F 117 -17.50 17.54 1.39
N ALA F 118 -16.57 16.61 1.46
CA ALA F 118 -16.96 15.22 1.42
C ALA F 118 -17.85 14.87 2.63
N GLU F 119 -17.46 15.32 3.82
CA GLU F 119 -18.17 15.01 5.06
C GLU F 119 -19.60 15.47 4.97
N LEU F 120 -19.77 16.72 4.58
CA LEU F 120 -21.07 17.38 4.59
C LEU F 120 -22.01 17.05 3.44
N ALA F 121 -21.52 16.45 2.37
CA ALA F 121 -22.35 16.26 1.18
C ALA F 121 -23.66 15.49 1.44
N ARG F 122 -23.57 14.41 2.21
CA ARG F 122 -24.72 13.53 2.42
C ARG F 122 -25.76 14.12 3.37
N HIS F 123 -25.32 15.11 4.14
CA HIS F 123 -26.07 15.67 5.26
C HIS F 123 -26.79 17.01 5.08
N TYR F 124 -26.80 17.53 3.85
CA TYR F 124 -27.46 18.81 3.64
C TYR F 124 -28.99 18.58 3.59
N GLN F 125 -29.70 19.14 4.57
CA GLN F 125 -31.10 18.79 4.79
C GLN F 125 -32.09 19.88 4.35
N GLY F 126 -33.26 19.42 3.92
CA GLY F 126 -34.38 20.30 3.66
C GLY F 126 -35.21 20.33 4.92
N ARG F 127 -36.45 20.81 4.81
CA ARG F 127 -37.31 20.96 5.98
C ARG F 127 -38.71 20.36 5.76
N VAL F 128 -39.32 19.78 6.79
CA VAL F 128 -40.74 19.43 6.71
C VAL F 128 -41.53 20.50 7.48
N LEU F 129 -42.51 21.10 6.79
CA LEU F 129 -43.24 22.23 7.36
C LEU F 129 -44.64 21.86 7.85
N GLN F 130 -45.10 22.56 8.89
CA GLN F 130 -46.50 22.51 9.30
C GLN F 130 -47.36 23.25 8.27
N SER F 131 -48.38 22.59 7.72
CA SER F 131 -49.29 23.29 6.82
C SER F 131 -50.33 24.06 7.62
N ASP F 132 -50.85 25.11 7.00
CA ASP F 132 -51.94 25.84 7.60
C ASP F 132 -53.25 25.36 7.02
N SER F 133 -53.14 24.41 6.10
CA SER F 133 -54.29 23.86 5.40
C SER F 133 -54.46 22.41 5.74
N GLU F 134 -55.71 21.99 5.92
CA GLU F 134 -56.02 20.62 6.23
C GLU F 134 -55.50 19.66 5.17
N SER F 135 -55.16 18.44 5.59
CA SER F 135 -54.84 17.38 4.64
C SER F 135 -53.78 17.76 3.60
N THR F 136 -52.80 18.55 4.03
CA THR F 136 -51.76 19.02 3.13
C THR F 136 -50.38 18.70 3.68
N ILE F 137 -49.59 17.97 2.90
CA ILE F 137 -48.17 17.82 3.21
C ILE F 137 -47.35 18.90 2.55
N SER F 138 -46.49 19.52 3.34
CA SER F 138 -45.70 20.66 2.93
C SER F 138 -44.24 20.39 3.26
N VAL F 139 -43.37 20.31 2.25
CA VAL F 139 -41.94 20.17 2.54
C VAL F 139 -41.10 21.11 1.68
N VAL F 140 -39.82 21.24 2.03
CA VAL F 140 -38.85 21.99 1.25
C VAL F 140 -37.64 21.12 0.97
N PHE F 141 -37.43 20.79 -0.30
CA PHE F 141 -36.20 20.15 -0.78
C PHE F 141 -35.04 21.12 -1.05
N LYS F 142 -33.80 20.62 -1.05
CA LYS F 142 -32.64 21.39 -1.52
C LYS F 142 -32.14 20.96 -2.91
N ARG F 143 -32.23 21.84 -3.91
CA ARG F 143 -31.71 21.46 -5.23
C ARG F 143 -30.46 22.26 -5.63
N SER F 144 -29.56 21.61 -6.36
CA SER F 144 -28.31 22.27 -6.75
C SER F 144 -28.61 23.39 -7.75
N LYS F 145 -27.77 24.42 -7.81
CA LYS F 145 -28.15 25.60 -8.56
C LYS F 145 -27.94 25.46 -10.05
N GLY F 146 -26.89 24.74 -10.47
CA GLY F 146 -26.59 24.63 -11.89
C GLY F 146 -25.13 24.45 -12.19
N VAL F 147 -24.71 24.91 -13.38
CA VAL F 147 -23.29 25.09 -13.67
C VAL F 147 -22.77 26.28 -12.89
N VAL F 148 -21.69 26.10 -12.14
CA VAL F 148 -21.24 27.20 -11.29
C VAL F 148 -19.84 27.67 -11.69
N GLY F 149 -19.73 28.97 -11.96
CA GLY F 149 -18.46 29.62 -12.20
C GLY F 149 -17.64 29.92 -10.96
N VAL F 150 -16.39 29.50 -11.00
CA VAL F 150 -15.46 29.68 -9.91
C VAL F 150 -14.24 30.47 -10.35
N ILE F 151 -14.13 31.73 -9.91
CA ILE F 151 -12.97 32.55 -10.25
C ILE F 151 -12.18 32.86 -8.99
N THR F 152 -10.86 32.65 -9.02
CA THR F 152 -10.05 32.72 -7.82
C THR F 152 -8.84 33.68 -7.88
N PRO F 153 -8.26 34.02 -6.71
CA PRO F 153 -7.08 34.89 -6.63
C PRO F 153 -5.76 34.13 -6.57
N TRP F 154 -4.69 34.90 -6.47
CA TRP F 154 -3.32 34.39 -6.46
C TRP F 154 -2.63 34.27 -5.10
N ASN F 155 -3.28 34.77 -4.05
CA ASN F 155 -2.58 34.85 -2.78
C ASN F 155 -2.57 33.51 -2.10
N TYR F 156 -3.76 32.91 -2.08
CA TYR F 156 -3.97 31.62 -1.45
C TYR F 156 -4.77 30.77 -2.43
N PRO F 157 -4.22 30.59 -3.64
CA PRO F 157 -5.05 30.06 -4.71
C PRO F 157 -5.46 28.61 -4.45
N LEU F 158 -4.60 27.77 -3.86
CA LEU F 158 -5.00 26.38 -3.61
C LEU F 158 -6.18 26.33 -2.67
N SER F 159 -5.97 26.85 -1.46
CA SER F 159 -6.93 26.84 -0.38
C SER F 159 -8.26 27.49 -0.83
N ILE F 160 -8.22 28.73 -1.30
CA ILE F 160 -9.46 29.38 -1.74
C ILE F 160 -10.16 28.62 -2.88
N SER F 161 -9.38 28.22 -3.90
CA SER F 161 -9.96 27.48 -5.02
C SER F 161 -10.65 26.24 -4.50
N MET F 162 -9.88 25.39 -3.83
CA MET F 162 -10.38 24.10 -3.41
C MET F 162 -11.56 24.22 -2.48
N LYS F 163 -11.61 25.26 -1.65
CA LYS F 163 -12.80 25.48 -0.82
C LYS F 163 -14.01 25.65 -1.76
N LYS F 164 -13.93 26.63 -2.66
CA LYS F 164 -15.07 26.90 -3.56
C LYS F 164 -15.46 25.68 -4.40
N ILE F 165 -14.47 25.10 -5.09
CA ILE F 165 -14.66 23.90 -5.93
C ILE F 165 -15.27 22.70 -5.19
N ALA F 166 -14.62 22.29 -4.11
CA ALA F 166 -15.02 21.10 -3.39
C ALA F 166 -16.43 21.24 -2.89
N HIS F 167 -16.72 22.33 -2.20
CA HIS F 167 -18.09 22.47 -1.68
C HIS F 167 -19.13 22.66 -2.80
N THR F 168 -18.75 23.25 -3.92
CA THR F 168 -19.75 23.46 -4.97
C THR F 168 -20.08 22.11 -5.59
N LEU F 169 -19.06 21.28 -5.73
CA LEU F 169 -19.27 19.97 -6.32
C LEU F 169 -20.08 19.06 -5.41
N ALA F 170 -19.85 19.16 -4.11
CA ALA F 170 -20.55 18.30 -3.14
C ALA F 170 -22.11 18.26 -3.26
N VAL F 171 -22.75 19.41 -3.48
CA VAL F 171 -24.21 19.47 -3.49
C VAL F 171 -24.79 19.30 -4.88
N GLY F 172 -23.95 19.02 -5.87
CA GLY F 172 -24.44 18.66 -7.18
C GLY F 172 -24.35 19.68 -8.30
N ASN F 173 -23.74 20.83 -8.05
CA ASN F 173 -23.44 21.76 -9.14
C ASN F 173 -22.24 21.28 -9.91
N THR F 174 -22.13 21.65 -11.18
CA THR F 174 -20.85 21.43 -11.87
C THR F 174 -20.05 22.72 -12.00
N VAL F 175 -18.83 22.62 -12.48
CA VAL F 175 -17.86 23.70 -12.31
C VAL F 175 -17.04 24.06 -13.55
N VAL F 176 -16.92 25.37 -13.79
CA VAL F 176 -15.98 25.89 -14.74
C VAL F 176 -15.09 26.87 -14.00
N TYR F 177 -13.79 26.62 -14.04
CA TYR F 177 -12.85 27.23 -13.10
C TYR F 177 -11.67 27.91 -13.78
N LYS F 178 -11.61 29.23 -13.67
CA LYS F 178 -10.51 30.03 -14.19
C LYS F 178 -9.69 30.62 -13.05
N PRO F 179 -8.52 30.04 -12.75
CA PRO F 179 -7.68 30.51 -11.65
C PRO F 179 -7.07 31.86 -11.95
N ALA F 180 -6.50 32.46 -10.91
CA ALA F 180 -5.79 33.72 -11.06
C ALA F 180 -4.75 33.62 -12.16
N SER F 181 -4.67 34.67 -12.96
CA SER F 181 -3.71 34.81 -14.04
C SER F 181 -2.31 34.44 -13.54
N ASP F 182 -1.96 34.93 -12.35
CA ASP F 182 -0.61 34.77 -11.84
C ASP F 182 -0.38 33.44 -11.13
N THR F 183 -1.41 32.59 -11.08
CA THR F 183 -1.22 31.25 -10.51
C THR F 183 -1.88 30.14 -11.33
N PRO F 184 -1.50 30.00 -12.62
CA PRO F 184 -2.12 28.96 -13.45
C PRO F 184 -1.75 27.56 -13.03
N VAL F 185 -0.47 27.34 -12.72
CA VAL F 185 0.04 25.99 -12.45
C VAL F 185 -0.58 25.35 -11.21
N THR F 186 -1.00 26.17 -10.27
CA THR F 186 -1.72 25.60 -9.13
C THR F 186 -3.08 25.07 -9.62
N GLY F 187 -3.72 25.80 -10.53
CA GLY F 187 -5.00 25.39 -11.07
C GLY F 187 -4.89 24.13 -11.90
N TRP F 188 -3.85 24.09 -12.73
CA TRP F 188 -3.54 22.91 -13.50
C TRP F 188 -3.38 21.71 -12.57
N LEU F 189 -2.56 21.87 -11.53
CA LEU F 189 -2.36 20.79 -10.58
C LEU F 189 -3.67 20.37 -9.92
N ILE F 190 -4.58 21.33 -9.71
CA ILE F 190 -5.88 20.99 -9.16
C ILE F 190 -6.61 20.06 -10.12
N ALA F 191 -6.74 20.50 -11.37
CA ALA F 191 -7.34 19.66 -12.41
C ALA F 191 -6.66 18.28 -12.50
N GLN F 192 -5.35 18.23 -12.35
CA GLN F 192 -4.64 16.96 -12.28
C GLN F 192 -5.28 16.10 -11.22
N MET F 193 -5.37 16.65 -10.00
CA MET F 193 -5.92 15.91 -8.86
C MET F 193 -7.29 15.37 -9.17
N VAL F 194 -8.15 16.24 -9.72
CA VAL F 194 -9.54 15.89 -10.04
C VAL F 194 -9.54 14.71 -11.02
N ALA F 195 -8.82 14.87 -12.13
CA ALA F 195 -8.69 13.84 -13.15
C ALA F 195 -8.29 12.50 -12.55
N LYS F 196 -7.29 12.50 -11.66
CA LYS F 196 -6.81 11.26 -11.03
C LYS F 196 -7.84 10.69 -10.08
N ALA F 197 -8.77 11.53 -9.61
CA ALA F 197 -9.87 11.02 -8.78
C ALA F 197 -10.96 10.35 -9.62
N GLY F 198 -11.10 10.78 -10.86
CA GLY F 198 -11.93 10.07 -11.80
C GLY F 198 -13.34 10.60 -11.93
N LEU F 199 -13.53 11.84 -11.55
CA LEU F 199 -14.83 12.46 -11.68
C LEU F 199 -15.28 12.41 -13.13
N PRO F 200 -16.57 12.20 -13.36
CA PRO F 200 -17.19 12.06 -14.68
C PRO F 200 -16.77 13.18 -15.60
N LYS F 201 -16.59 12.89 -16.89
CA LYS F 201 -16.23 13.93 -17.84
C LYS F 201 -17.27 15.06 -17.79
N GLY F 202 -16.79 16.29 -17.91
CA GLY F 202 -17.62 17.48 -17.90
C GLY F 202 -17.95 18.06 -16.54
N VAL F 203 -17.67 17.32 -15.47
CA VAL F 203 -18.12 17.74 -14.15
C VAL F 203 -17.30 18.89 -13.58
N PHE F 204 -15.98 18.79 -13.74
CA PHE F 204 -15.05 19.84 -13.34
C PHE F 204 -14.18 20.27 -14.49
N ASN F 205 -14.26 21.54 -14.87
CA ASN F 205 -13.53 22.03 -16.03
C ASN F 205 -12.58 23.16 -15.67
N LEU F 206 -11.40 23.16 -16.30
CA LEU F 206 -10.37 24.18 -16.07
C LEU F 206 -10.05 24.95 -17.34
N VAL F 207 -10.34 26.25 -17.33
CA VAL F 207 -9.96 27.12 -18.43
C VAL F 207 -9.02 28.21 -17.96
N ILE F 208 -7.77 28.16 -18.40
CA ILE F 208 -6.76 29.12 -17.93
C ILE F 208 -6.60 30.27 -18.92
N GLY F 209 -6.88 31.49 -18.47
CA GLY F 209 -6.85 32.63 -19.38
C GLY F 209 -7.25 33.99 -18.83
N PRO F 210 -7.19 35.02 -19.69
CA PRO F 210 -7.40 36.45 -19.40
C PRO F 210 -8.76 36.68 -18.78
N GLY F 211 -8.79 37.38 -17.64
CA GLY F 211 -10.03 37.67 -16.96
C GLY F 211 -11.11 38.28 -17.85
N PRO F 212 -10.78 39.35 -18.59
CA PRO F 212 -11.81 40.00 -19.42
C PRO F 212 -12.36 39.11 -20.54
N VAL F 213 -11.68 38.03 -20.88
CA VAL F 213 -12.17 37.15 -21.95
C VAL F 213 -12.83 35.89 -21.37
N VAL F 214 -12.02 35.00 -20.81
CA VAL F 214 -12.51 33.81 -20.16
C VAL F 214 -13.55 34.11 -19.08
N GLY F 215 -13.08 34.82 -18.05
CA GLY F 215 -13.91 35.22 -16.92
C GLY F 215 -15.19 35.88 -17.33
N GLU F 216 -15.14 36.80 -18.28
CA GLU F 216 -16.35 37.51 -18.70
C GLU F 216 -17.38 36.60 -19.34
N GLU F 217 -16.92 35.62 -20.11
CA GLU F 217 -17.81 34.65 -20.71
C GLU F 217 -18.45 33.80 -19.61
N ILE F 218 -17.60 33.29 -18.71
CA ILE F 218 -18.10 32.55 -17.55
C ILE F 218 -19.20 33.31 -16.83
N VAL F 219 -19.01 34.62 -16.69
CA VAL F 219 -19.92 35.45 -15.91
C VAL F 219 -21.18 35.78 -16.70
N THR F 220 -21.08 35.90 -18.01
CA THR F 220 -22.26 36.31 -18.76
C THR F 220 -23.03 35.20 -19.46
N HIS F 221 -22.50 33.99 -19.45
CA HIS F 221 -23.06 32.90 -20.25
C HIS F 221 -24.41 32.40 -19.70
N LYS F 222 -25.33 32.13 -20.62
CA LYS F 222 -26.73 31.79 -20.28
C LYS F 222 -26.85 30.56 -19.41
N ARG F 223 -25.89 29.65 -19.56
CA ARG F 223 -25.95 28.36 -18.87
C ARG F 223 -25.23 28.32 -17.52
N VAL F 224 -24.57 29.41 -17.15
CA VAL F 224 -23.95 29.49 -15.83
C VAL F 224 -24.97 29.95 -14.78
N ALA F 225 -25.16 29.16 -13.72
CA ALA F 225 -26.17 29.48 -12.72
C ALA F 225 -25.66 30.47 -11.66
N HIS F 226 -24.39 30.31 -11.33
CA HIS F 226 -23.82 31.00 -10.21
C HIS F 226 -22.36 31.30 -10.45
N VAL F 227 -21.90 32.41 -9.90
CA VAL F 227 -20.49 32.73 -9.91
C VAL F 227 -20.02 32.94 -8.48
N THR F 228 -19.00 32.19 -8.07
CA THR F 228 -18.31 32.52 -6.84
C THR F 228 -16.94 33.10 -7.19
N PHE F 229 -16.58 34.18 -6.49
CA PHE F 229 -15.41 35.00 -6.83
C PHE F 229 -14.68 35.52 -5.59
N THR F 230 -13.36 35.53 -5.67
CA THR F 230 -12.55 36.09 -4.61
C THR F 230 -11.46 36.92 -5.27
N GLY F 231 -11.38 38.18 -4.89
CA GLY F 231 -10.47 39.12 -5.52
C GLY F 231 -10.82 40.56 -5.21
N GLU F 232 -10.39 41.48 -6.07
CA GLU F 232 -10.57 42.91 -5.79
C GLU F 232 -12.00 43.40 -5.90
N SER F 233 -12.39 44.29 -5.00
CA SER F 233 -13.74 44.85 -4.96
C SER F 233 -14.18 45.54 -6.29
N SER F 234 -13.21 46.04 -7.06
CA SER F 234 -13.46 46.59 -8.40
C SER F 234 -14.14 45.53 -9.28
N THR F 235 -13.31 44.52 -9.59
CA THR F 235 -13.66 43.31 -10.31
C THR F 235 -14.95 42.72 -9.78
N GLY F 236 -15.09 42.73 -8.47
CA GLY F 236 -16.30 42.28 -7.81
C GLY F 236 -17.54 43.05 -8.24
N ARG F 237 -17.48 44.38 -8.19
CA ARG F 237 -18.63 45.20 -8.56
C ARG F 237 -19.02 44.95 -10.02
N GLU F 238 -18.03 44.96 -10.90
CA GLU F 238 -18.36 44.81 -12.30
C GLU F 238 -18.85 43.38 -12.58
N ILE F 239 -18.29 42.37 -11.91
CA ILE F 239 -18.82 41.01 -12.02
C ILE F 239 -20.27 40.91 -11.56
N ALA F 240 -20.59 41.51 -10.42
CA ALA F 240 -21.96 41.52 -9.90
C ALA F 240 -22.91 42.01 -10.96
N ALA F 241 -22.54 43.16 -11.53
CA ALA F 241 -23.33 43.81 -12.57
C ALA F 241 -23.52 42.92 -13.79
N LYS F 242 -22.41 42.40 -14.31
CA LYS F 242 -22.42 41.52 -15.48
C LYS F 242 -23.32 40.31 -15.25
N ALA F 243 -23.21 39.76 -14.04
CA ALA F 243 -24.03 38.63 -13.60
C ALA F 243 -25.52 38.94 -13.61
N ALA F 244 -25.89 40.16 -13.24
CA ALA F 244 -27.29 40.51 -13.19
C ALA F 244 -27.98 40.42 -14.56
N GLY F 245 -27.19 40.29 -15.61
CA GLY F 245 -27.70 40.17 -16.97
C GLY F 245 -28.61 38.97 -17.19
N THR F 246 -28.13 37.80 -16.78
CA THR F 246 -28.92 36.57 -16.83
C THR F 246 -29.59 36.22 -15.49
N LEU F 247 -29.50 37.12 -14.51
CA LEU F 247 -30.04 36.90 -13.15
C LEU F 247 -29.35 35.76 -12.40
N LYS F 248 -28.12 35.45 -12.77
CA LYS F 248 -27.38 34.44 -12.04
C LYS F 248 -26.91 35.02 -10.69
N THR F 249 -26.96 34.20 -9.66
CA THR F 249 -26.53 34.60 -8.32
C THR F 249 -24.99 34.63 -8.12
N VAL F 250 -24.54 35.40 -7.13
CA VAL F 250 -23.12 35.54 -6.86
C VAL F 250 -22.71 35.43 -5.40
N THR F 251 -21.53 34.87 -5.22
CA THR F 251 -20.88 34.83 -3.93
C THR F 251 -19.60 35.62 -4.10
N LEU F 252 -19.53 36.81 -3.50
CA LEU F 252 -18.38 37.68 -3.71
C LEU F 252 -17.63 37.89 -2.41
N GLU F 253 -16.39 37.42 -2.35
CA GLU F 253 -15.51 37.78 -1.24
C GLU F 253 -14.49 38.77 -1.78
N LEU F 254 -14.68 40.04 -1.41
CA LEU F 254 -13.96 41.18 -2.00
C LEU F 254 -12.81 41.76 -1.16
N GLY F 255 -12.43 41.09 -0.09
CA GLY F 255 -11.31 41.55 0.69
C GLY F 255 -11.69 42.66 1.63
N GLY F 256 -10.83 42.93 2.61
CA GLY F 256 -11.13 43.95 3.58
C GLY F 256 -9.91 44.66 4.12
N SER F 257 -10.14 45.81 4.76
CA SER F 257 -9.12 46.43 5.57
C SER F 257 -9.51 46.18 7.02
N ASP F 258 -8.92 45.17 7.65
CA ASP F 258 -9.48 44.69 8.92
C ASP F 258 -8.81 45.33 10.11
N PRO F 259 -9.62 45.79 11.06
CA PRO F 259 -9.12 46.28 12.35
C PRO F 259 -8.58 45.18 13.27
N LEU F 260 -7.37 45.36 13.77
CA LEU F 260 -6.90 44.57 14.89
C LEU F 260 -6.81 45.55 16.05
N ILE F 261 -7.69 45.38 17.02
CA ILE F 261 -7.86 46.34 18.10
C ILE F 261 -7.12 45.86 19.35
N ILE F 262 -6.14 46.62 19.85
CA ILE F 262 -5.44 46.23 21.10
C ILE F 262 -5.72 47.15 22.29
N LEU F 263 -6.41 46.63 23.31
CA LEU F 263 -6.77 47.43 24.48
C LEU F 263 -5.64 47.38 25.50
N ASP F 264 -5.82 48.07 26.62
CA ASP F 264 -4.70 48.31 27.53
C ASP F 264 -4.42 47.20 28.53
N ASP F 265 -5.35 46.25 28.67
CA ASP F 265 -5.20 45.15 29.63
C ASP F 265 -4.53 43.88 29.06
N VAL F 266 -4.05 43.93 27.83
CA VAL F 266 -3.36 42.77 27.25
C VAL F 266 -1.97 42.58 27.81
N ASP F 267 -1.43 41.38 27.60
CA ASP F 267 0.01 41.20 27.67
C ASP F 267 0.51 41.80 26.37
N VAL F 268 1.21 42.92 26.52
CA VAL F 268 1.56 43.75 25.36
C VAL F 268 2.54 43.01 24.45
N ASP F 269 3.43 42.22 25.03
CA ASP F 269 4.41 41.52 24.21
C ASP F 269 3.73 40.53 23.25
N TYR F 270 2.91 39.65 23.82
CA TYR F 270 2.09 38.72 23.06
C TYR F 270 1.26 39.46 22.01
N ALA F 271 0.60 40.54 22.44
CA ALA F 271 -0.19 41.39 21.55
C ALA F 271 0.64 41.80 20.35
N ALA F 272 1.90 42.11 20.60
CA ALA F 272 2.78 42.51 19.52
C ALA F 272 3.06 41.32 18.59
N ARG F 273 3.48 40.17 19.12
CA ARG F 273 3.75 38.99 18.26
C ARG F 273 2.54 38.65 17.37
N LEU F 274 1.38 38.50 18.01
CA LEU F 274 0.10 38.24 17.33
C LEU F 274 -0.14 39.28 16.25
N ALA F 275 0.12 40.53 16.58
CA ALA F 275 -0.07 41.60 15.61
C ALA F 275 0.86 41.40 14.44
N VAL F 276 2.10 40.99 14.71
CA VAL F 276 3.07 40.85 13.63
C VAL F 276 2.57 39.75 12.68
N PHE F 277 2.18 38.62 13.26
CA PHE F 277 1.66 37.51 12.47
C PHE F 277 0.42 37.93 11.65
N ALA F 278 -0.58 38.43 12.32
CA ALA F 278 -1.82 38.82 11.66
C ALA F 278 -1.63 39.87 10.56
N SER F 279 -0.72 40.80 10.79
CA SER F 279 -0.55 41.93 9.86
C SER F 279 0.34 41.62 8.66
N LEU F 280 1.46 40.97 8.93
CA LEU F 280 2.42 40.75 7.86
C LEU F 280 2.48 39.36 7.24
N PHE F 281 1.76 38.38 7.81
CA PHE F 281 1.95 37.00 7.33
C PHE F 281 1.49 36.86 5.90
N HIS F 282 2.27 36.08 5.15
CA HIS F 282 2.23 36.04 3.68
C HIS F 282 2.25 37.47 3.13
N GLN F 283 3.19 38.28 3.62
CA GLN F 283 3.40 39.63 3.11
C GLN F 283 2.12 40.48 3.24
N GLY F 284 1.28 40.17 4.22
CA GLY F 284 0.02 40.87 4.36
C GLY F 284 -0.86 40.76 3.13
N GLN F 285 -0.60 39.73 2.33
CA GLN F 285 -1.32 39.47 1.11
C GLN F 285 -2.57 38.63 1.36
N ILE F 286 -2.97 38.57 2.62
CA ILE F 286 -4.21 37.92 3.00
C ILE F 286 -5.41 38.87 3.01
N CYS F 287 -6.54 38.45 2.42
CA CYS F 287 -7.80 39.20 2.47
C CYS F 287 -8.17 39.62 3.90
N THR F 288 -8.10 38.67 4.81
CA THR F 288 -8.41 38.92 6.21
C THR F 288 -7.20 39.35 7.05
N SER F 289 -6.10 39.68 6.39
CA SER F 289 -4.96 40.28 7.10
C SER F 289 -5.38 41.52 7.87
N ALA F 290 -4.67 41.79 8.96
CA ALA F 290 -5.03 42.92 9.77
C ALA F 290 -4.27 44.14 9.24
N LYS F 291 -4.98 44.97 8.48
CA LYS F 291 -4.33 46.01 7.70
C LYS F 291 -4.40 47.37 8.38
N ARG F 292 -5.14 47.42 9.47
CA ARG F 292 -5.19 48.60 10.30
C ARG F 292 -5.05 48.17 11.75
N ILE F 293 -3.91 48.50 12.37
CA ILE F 293 -3.69 48.14 13.77
C ILE F 293 -4.11 49.30 14.65
N ILE F 294 -4.97 49.03 15.64
CA ILE F 294 -5.46 50.10 16.51
C ILE F 294 -5.14 49.79 17.97
N VAL F 295 -4.32 50.64 18.59
CA VAL F 295 -3.88 50.40 19.96
C VAL F 295 -4.26 51.55 20.93
N HIS F 296 -4.71 51.15 22.12
CA HIS F 296 -5.06 52.04 23.24
C HIS F 296 -3.82 52.77 23.80
N LYS F 297 -3.94 54.09 23.95
CA LYS F 297 -2.80 54.96 24.34
C LYS F 297 -1.98 54.38 25.50
N ALA F 298 -2.65 53.74 26.46
CA ALA F 298 -2.03 53.20 27.65
C ALA F 298 -0.91 52.23 27.35
N VAL F 299 -1.13 51.36 26.39
CA VAL F 299 -0.09 50.46 25.98
C VAL F 299 0.57 50.84 24.66
N ALA F 300 0.17 51.95 24.06
CA ALA F 300 0.63 52.30 22.70
C ALA F 300 2.15 52.39 22.50
N ASP F 301 2.86 53.04 23.42
CA ASP F 301 4.28 53.25 23.20
C ASP F 301 5.02 51.91 23.30
N LYS F 302 4.77 51.20 24.40
CA LYS F 302 5.44 49.91 24.64
C LYS F 302 5.05 48.92 23.52
N PHE F 303 3.79 49.00 23.09
CA PHE F 303 3.29 48.15 22.00
C PHE F 303 4.08 48.42 20.73
N ILE F 304 4.08 49.68 20.30
CA ILE F 304 4.77 50.05 19.08
C ILE F 304 6.24 49.61 19.13
N GLU F 305 6.86 49.73 20.30
CA GLU F 305 8.24 49.30 20.44
C GLU F 305 8.37 47.81 20.18
N ARG F 306 7.52 47.00 20.82
CA ARG F 306 7.74 45.56 20.81
C ARG F 306 7.27 44.97 19.45
N TYR F 307 6.18 45.51 18.91
CA TYR F 307 5.74 45.21 17.55
C TYR F 307 6.80 45.52 16.50
N VAL F 308 7.37 46.73 16.57
CA VAL F 308 8.39 47.09 15.60
C VAL F 308 9.63 46.22 15.77
N HIS F 309 9.90 45.84 17.01
CA HIS F 309 11.05 44.97 17.27
C HIS F 309 10.92 43.66 16.52
N TYR F 310 9.76 43.01 16.68
CA TYR F 310 9.57 41.71 16.05
C TYR F 310 9.48 41.84 14.53
N VAL F 311 8.88 42.93 14.06
CA VAL F 311 8.82 43.19 12.62
C VAL F 311 10.25 43.22 12.08
N LYS F 312 11.16 43.83 12.83
CA LYS F 312 12.54 43.95 12.36
C LYS F 312 13.19 42.57 12.30
N MET F 313 12.69 41.64 13.11
CA MET F 313 13.22 40.29 13.16
C MET F 313 12.77 39.40 12.01
N LEU F 314 11.82 39.88 11.22
CA LEU F 314 11.32 39.10 10.10
C LEU F 314 12.42 38.89 9.08
N ARG F 315 12.58 37.64 8.67
CA ARG F 315 13.62 37.27 7.72
C ARG F 315 13.09 37.27 6.26
N ILE F 316 13.57 38.18 5.44
CA ILE F 316 13.12 38.16 4.05
C ILE F 316 14.20 37.48 3.22
N ASP F 317 13.78 36.55 2.38
CA ASP F 317 14.71 35.80 1.52
C ASP F 317 13.91 35.04 0.45
N ASP F 318 14.63 34.34 -0.43
CA ASP F 318 14.03 33.37 -1.35
C ASP F 318 13.22 32.32 -0.57
N PRO F 319 11.92 32.20 -0.89
CA PRO F 319 11.03 31.28 -0.19
C PRO F 319 11.41 29.82 -0.42
N ARG F 320 12.18 29.54 -1.48
CA ARG F 320 12.68 28.21 -1.78
C ARG F 320 13.90 27.79 -0.97
N LYS F 321 14.46 28.75 -0.21
CA LYS F 321 15.78 28.55 0.40
C LYS F 321 15.72 27.56 1.54
N ASP F 322 14.72 27.71 2.39
CA ASP F 322 14.58 26.84 3.56
C ASP F 322 13.16 26.92 4.14
N GLU F 323 12.93 26.17 5.21
CA GLU F 323 11.64 26.15 5.88
C GLU F 323 11.40 27.45 6.63
N LYS F 324 12.48 28.02 7.14
CA LYS F 324 12.41 29.08 8.15
C LYS F 324 12.41 30.54 7.64
N VAL F 325 12.42 30.75 6.32
CA VAL F 325 12.16 32.08 5.75
C VAL F 325 10.81 32.64 6.17
N ASP F 326 10.78 33.87 6.70
CA ASP F 326 9.55 34.49 7.19
C ASP F 326 8.70 35.10 6.09
N LEU F 327 9.33 35.82 5.16
CA LEU F 327 8.61 36.43 4.04
C LEU F 327 9.32 36.20 2.72
N GLY F 328 8.52 35.96 1.69
CA GLY F 328 9.02 35.86 0.32
C GLY F 328 8.59 37.10 -0.45
N PRO F 329 8.66 37.02 -1.78
CA PRO F 329 8.33 38.16 -2.65
C PRO F 329 6.83 38.44 -2.76
N LEU F 330 6.46 39.64 -3.22
CA LEU F 330 5.06 39.92 -3.59
C LEU F 330 4.78 39.23 -4.91
N ILE F 331 3.51 39.05 -5.26
CA ILE F 331 3.20 38.24 -6.43
C ILE F 331 3.82 38.74 -7.75
N ASN F 332 3.98 40.06 -7.89
CA ASN F 332 4.55 40.61 -9.12
C ASN F 332 4.98 42.08 -9.01
N GLU F 333 5.50 42.61 -10.11
CA GLU F 333 5.99 43.98 -10.21
C GLU F 333 5.02 45.00 -9.71
N ARG F 334 3.84 44.98 -10.33
CA ARG F 334 2.86 46.05 -10.15
C ARG F 334 2.48 46.19 -8.69
N GLN F 335 2.54 45.08 -7.96
CA GLN F 335 2.22 45.09 -6.55
C GLN F 335 3.27 45.86 -5.74
N VAL F 336 4.53 45.58 -6.02
CA VAL F 336 5.63 46.36 -5.46
C VAL F 336 5.40 47.85 -5.74
N ALA F 337 5.14 48.16 -7.01
CA ALA F 337 4.81 49.52 -7.43
C ALA F 337 3.74 50.16 -6.52
N LEU F 338 2.68 49.39 -6.25
CA LEU F 338 1.53 49.89 -5.50
C LEU F 338 1.86 50.10 -4.03
N MET F 339 2.56 49.16 -3.40
CA MET F 339 2.98 49.35 -2.03
C MET F 339 3.85 50.59 -1.98
N LYS F 340 4.67 50.80 -3.00
CA LYS F 340 5.51 52.00 -3.08
C LYS F 340 4.66 53.25 -3.01
N GLU F 341 3.67 53.33 -3.90
CA GLU F 341 2.70 54.42 -3.87
C GLU F 341 2.10 54.62 -2.46
N PHE F 342 1.79 53.52 -1.78
CA PHE F 342 1.19 53.61 -0.45
C PHE F 342 2.13 54.25 0.54
N VAL F 343 3.37 53.78 0.54
CA VAL F 343 4.36 54.33 1.47
C VAL F 343 4.61 55.80 1.17
N ASP F 344 4.88 56.12 -0.09
CA ASP F 344 5.12 57.51 -0.51
C ASP F 344 3.98 58.44 -0.11
N ASP F 345 2.76 57.94 -0.21
CA ASP F 345 1.58 58.69 0.21
C ASP F 345 1.57 58.84 1.72
N ALA F 346 2.13 57.85 2.41
CA ALA F 346 2.13 57.92 3.86
C ALA F 346 3.17 58.93 4.34
N VAL F 347 4.35 58.91 3.70
CA VAL F 347 5.46 59.81 4.01
C VAL F 347 5.16 61.25 3.64
N SER F 348 4.68 61.45 2.41
CA SER F 348 4.25 62.77 1.94
C SER F 348 3.22 63.40 2.88
N ARG F 349 2.44 62.58 3.57
CA ARG F 349 1.44 63.09 4.50
C ARG F 349 1.99 63.23 5.93
N GLY F 350 3.28 63.00 6.10
CA GLY F 350 3.91 63.25 7.38
C GLY F 350 3.82 62.08 8.34
N GLY F 351 3.43 60.92 7.84
CA GLY F 351 3.39 59.74 8.66
C GLY F 351 4.81 59.44 9.11
N ARG F 352 4.96 58.93 10.33
CA ARG F 352 6.27 58.53 10.81
C ARG F 352 6.53 57.09 10.40
N LEU F 353 7.55 56.90 9.60
CA LEU F 353 7.85 55.56 9.14
C LEU F 353 8.81 54.90 10.13
N LEU F 354 8.30 53.96 10.90
CA LEU F 354 9.07 53.42 12.01
C LEU F 354 10.13 52.48 11.50
N ILE F 355 9.86 51.83 10.37
CA ILE F 355 10.81 50.84 9.85
C ILE F 355 10.39 50.37 8.45
N GLY F 356 11.38 49.91 7.69
CA GLY F 356 11.20 49.38 6.35
C GLY F 356 10.81 50.35 5.25
N GLY F 357 10.30 49.82 4.15
CA GLY F 357 9.88 50.64 3.03
C GLY F 357 10.77 50.46 1.81
N ARG F 358 11.88 49.77 1.97
CA ARG F 358 12.74 49.48 0.83
C ARG F 358 12.18 48.32 0.00
N SER F 359 12.55 48.21 -1.27
CA SER F 359 12.14 47.02 -2.05
C SER F 359 13.18 46.49 -3.07
N TRP F 360 13.25 45.16 -3.19
CA TRP F 360 14.21 44.44 -4.01
C TRP F 360 13.52 43.59 -5.05
N GLY F 361 13.61 43.96 -6.32
CA GLY F 361 12.86 43.19 -7.28
C GLY F 361 11.42 43.12 -6.81
N ASN F 362 10.95 41.90 -6.60
CA ASN F 362 9.59 41.70 -6.14
C ASN F 362 9.46 41.56 -4.63
N PHE F 363 10.58 41.70 -3.92
CA PHE F 363 10.54 41.60 -2.46
C PHE F 363 10.29 42.95 -1.81
N PHE F 364 9.28 43.03 -0.93
CA PHE F 364 9.01 44.29 -0.25
C PHE F 364 9.22 44.18 1.24
N GLU F 365 9.98 45.12 1.79
CA GLU F 365 10.24 45.21 3.22
C GLU F 365 9.02 45.76 3.92
N PRO F 366 8.53 45.06 4.95
CA PRO F 366 7.37 45.62 5.65
C PRO F 366 7.61 47.07 6.08
N ALA F 367 6.65 47.94 5.74
CA ALA F 367 6.72 49.36 6.05
C ALA F 367 5.72 49.72 7.15
N ILE F 368 6.21 50.10 8.34
CA ILE F 368 5.27 50.39 9.43
C ILE F 368 5.16 51.88 9.78
N PHE F 369 3.92 52.39 9.85
CA PHE F 369 3.66 53.82 10.07
C PHE F 369 2.86 54.15 11.33
N VAL F 370 3.21 55.23 12.02
CA VAL F 370 2.29 55.82 13.01
C VAL F 370 2.11 57.29 12.70
N ASP F 371 1.26 57.96 13.48
CA ASP F 371 0.87 59.35 13.23
C ASP F 371 0.28 59.42 11.85
N VAL F 372 -0.87 58.78 11.67
CA VAL F 372 -1.56 58.87 10.39
C VAL F 372 -2.97 59.44 10.62
N ASP F 373 -3.60 59.92 9.57
CA ASP F 373 -4.99 60.34 9.68
C ASP F 373 -5.84 59.62 8.64
N ARG F 374 -7.15 59.74 8.78
CA ARG F 374 -8.03 58.94 7.95
C ARG F 374 -7.92 59.29 6.47
N ASN F 375 -7.19 60.34 6.13
CA ASN F 375 -7.01 60.73 4.73
C ASN F 375 -5.88 59.96 4.02
N PHE F 376 -5.00 59.33 4.80
CA PHE F 376 -3.97 58.44 4.27
C PHE F 376 -4.55 57.37 3.35
N ARG F 377 -3.88 57.10 2.25
CA ARG F 377 -4.34 56.01 1.40
C ARG F 377 -4.33 54.68 2.18
N ILE F 378 -3.45 54.55 3.17
CA ILE F 378 -3.34 53.26 3.85
C ILE F 378 -4.38 53.14 4.98
N MET F 379 -5.10 54.21 5.28
CA MET F 379 -6.34 54.07 6.03
C MET F 379 -7.52 53.78 5.11
N ARG F 380 -7.51 54.40 3.93
CA ARG F 380 -8.71 54.50 3.11
C ARG F 380 -8.97 53.37 2.11
N GLU F 381 -7.96 52.56 1.83
CA GLU F 381 -8.06 51.55 0.79
C GLU F 381 -7.58 50.18 1.31
N GLU F 382 -7.79 49.13 0.54
CA GLU F 382 -7.24 47.88 0.99
C GLU F 382 -5.77 47.82 0.65
N VAL F 383 -4.95 47.65 1.67
CA VAL F 383 -3.53 47.59 1.41
C VAL F 383 -3.13 46.14 1.37
N PHE F 384 -2.97 45.61 0.16
CA PHE F 384 -2.77 44.18 0.04
C PHE F 384 -1.30 43.92 -0.13
N GLY F 385 -0.64 43.76 0.99
CA GLY F 385 0.81 43.79 0.99
C GLY F 385 1.28 44.38 2.30
N PRO F 386 2.60 44.39 2.52
CA PRO F 386 3.11 44.59 3.87
C PRO F 386 3.39 46.06 4.21
N VAL F 387 2.39 46.91 4.07
CA VAL F 387 2.49 48.29 4.55
C VAL F 387 1.39 48.51 5.59
N ARG F 388 1.74 48.74 6.86
CA ARG F 388 0.69 48.86 7.86
C ARG F 388 0.72 50.12 8.71
N PRO F 389 -0.45 50.74 8.89
CA PRO F 389 -0.73 51.80 9.86
C PRO F 389 -0.97 51.29 11.28
N ILE F 390 -0.42 52.01 12.25
CA ILE F 390 -0.77 51.87 13.66
C ILE F 390 -1.45 53.16 14.11
N VAL F 391 -2.58 53.03 14.78
CA VAL F 391 -3.42 54.15 15.11
C VAL F 391 -3.70 54.12 16.59
N VAL F 392 -3.41 55.21 17.28
CA VAL F 392 -3.59 55.22 18.72
C VAL F 392 -4.88 55.88 19.12
N VAL F 393 -5.65 55.16 19.92
CA VAL F 393 -6.93 55.66 20.37
C VAL F 393 -6.91 55.82 21.89
N GLU F 394 -7.72 56.76 22.39
CA GLU F 394 -7.84 57.00 23.83
C GLU F 394 -8.81 56.06 24.57
N ASN F 395 -9.85 55.61 23.90
CA ASN F 395 -10.84 54.79 24.54
C ASN F 395 -11.52 53.84 23.57
N ASP F 396 -12.37 52.96 24.08
CA ASP F 396 -12.95 51.92 23.25
C ASP F 396 -13.88 52.54 22.23
N ASP F 397 -14.45 53.70 22.57
CA ASP F 397 -15.30 54.43 21.63
C ASP F 397 -14.51 54.76 20.38
N GLN F 398 -13.35 55.36 20.62
CA GLN F 398 -12.47 55.79 19.55
C GLN F 398 -12.09 54.61 18.71
N ALA F 399 -11.62 53.55 19.37
CA ALA F 399 -11.22 52.33 18.68
C ALA F 399 -12.33 51.83 17.76
N VAL F 400 -13.56 51.77 18.26
CA VAL F 400 -14.67 51.33 17.40
C VAL F 400 -14.87 52.29 16.21
N GLU F 401 -14.99 53.59 16.49
CA GLU F 401 -15.12 54.60 15.43
C GLU F 401 -14.03 54.47 14.33
N VAL F 402 -12.77 54.23 14.71
CA VAL F 402 -11.70 54.02 13.73
C VAL F 402 -11.85 52.72 12.97
N ALA F 403 -12.07 51.63 13.72
CA ALA F 403 -12.28 50.30 13.17
C ALA F 403 -13.37 50.27 12.12
N ASN F 404 -14.43 51.04 12.33
CA ASN F 404 -15.51 51.15 11.35
C ASN F 404 -15.32 52.22 10.28
N ASP F 405 -14.26 53.04 10.39
CA ASP F 405 -14.10 54.08 9.39
C ASP F 405 -13.27 53.48 8.29
N THR F 406 -13.98 52.95 7.29
CA THR F 406 -13.41 52.21 6.16
C THR F 406 -14.60 51.67 5.38
N ASP F 407 -14.40 51.39 4.12
CA ASP F 407 -15.51 50.88 3.34
C ASP F 407 -15.76 49.39 3.59
N TYR F 408 -14.75 48.71 4.16
CA TYR F 408 -14.72 47.26 4.14
C TYR F 408 -15.34 46.56 5.36
N GLY F 409 -15.93 45.40 5.10
CA GLY F 409 -16.59 44.60 6.12
C GLY F 409 -16.07 43.23 6.49
N LEU F 410 -14.85 42.86 6.10
CA LEU F 410 -14.51 41.44 6.12
C LEU F 410 -14.27 40.85 7.52
N SER F 411 -13.16 41.16 8.17
CA SER F 411 -12.95 40.60 9.49
C SER F 411 -12.61 41.68 10.48
N GLY F 412 -12.22 41.27 11.68
CA GLY F 412 -11.68 42.17 12.69
C GLY F 412 -11.40 41.39 13.96
N ALA F 413 -10.58 41.95 14.83
CA ALA F 413 -10.27 41.26 16.06
C ALA F 413 -10.07 42.24 17.20
N VAL F 414 -10.16 41.75 18.43
CA VAL F 414 -9.82 42.57 19.58
C VAL F 414 -9.02 41.70 20.55
N LEU F 415 -7.89 42.22 21.00
CA LEU F 415 -7.13 41.60 22.07
C LEU F 415 -7.41 42.36 23.37
N THR F 416 -7.92 41.64 24.36
CA THR F 416 -8.27 42.16 25.71
C THR F 416 -8.72 41.01 26.59
N ASN F 417 -8.61 41.18 27.91
CA ASN F 417 -9.06 40.17 28.86
C ASN F 417 -10.39 40.50 29.51
N ASN F 418 -10.96 41.61 29.10
CA ASN F 418 -12.19 42.07 29.72
C ASN F 418 -13.42 41.57 29.02
N VAL F 419 -14.26 40.79 29.70
CA VAL F 419 -15.36 40.17 29.00
C VAL F 419 -16.32 41.23 28.44
N ASN F 420 -16.52 42.32 29.18
CA ASN F 420 -17.50 43.32 28.75
C ASN F 420 -16.94 44.22 27.65
N ARG F 421 -15.65 44.50 27.72
CA ARG F 421 -15.06 45.30 26.67
C ARG F 421 -15.00 44.43 25.41
N ALA F 422 -14.51 43.21 25.54
CA ALA F 422 -14.41 42.28 24.41
C ALA F 422 -15.74 42.12 23.69
N PHE F 423 -16.81 41.91 24.43
CA PHE F 423 -18.07 41.76 23.75
C PHE F 423 -18.68 43.08 23.22
N ARG F 424 -18.52 44.18 23.96
CA ARG F 424 -19.10 45.45 23.48
C ARG F 424 -18.45 45.87 22.17
N ILE F 425 -17.12 45.77 22.12
CA ILE F 425 -16.36 46.02 20.90
C ILE F 425 -16.69 45.01 19.81
N ALA F 426 -16.75 43.73 20.17
CA ALA F 426 -17.07 42.72 19.16
C ALA F 426 -18.40 43.05 18.46
N GLU F 427 -19.42 43.41 19.25
CA GLU F 427 -20.73 43.76 18.68
C GLU F 427 -20.70 45.04 17.85
N ALA F 428 -19.94 46.03 18.35
CA ALA F 428 -19.91 47.37 17.76
C ALA F 428 -19.22 47.45 16.39
N VAL F 429 -18.15 46.69 16.21
CA VAL F 429 -17.40 46.63 14.93
C VAL F 429 -18.25 46.05 13.80
N GLU F 430 -18.41 46.77 12.70
CA GLU F 430 -19.24 46.22 11.62
C GLU F 430 -18.37 45.44 10.65
N SER F 431 -18.45 44.12 10.76
CA SER F 431 -17.65 43.20 9.97
C SER F 431 -18.38 41.85 9.90
N GLY F 432 -18.16 41.09 8.84
CA GLY F 432 -18.85 39.82 8.67
C GLY F 432 -18.36 38.70 9.56
N MET F 433 -17.15 38.84 10.09
CA MET F 433 -16.54 37.88 11.03
C MET F 433 -15.69 38.63 12.04
N PHE F 434 -15.55 38.09 13.25
CA PHE F 434 -14.81 38.78 14.31
C PHE F 434 -14.20 37.81 15.30
N HIS F 435 -13.00 38.13 15.77
CA HIS F 435 -12.33 37.19 16.64
C HIS F 435 -11.81 37.90 17.87
N ILE F 436 -12.36 37.53 19.02
CA ILE F 436 -11.83 38.02 20.28
C ILE F 436 -10.61 37.22 20.56
N ASN F 437 -9.51 37.91 20.81
CA ASN F 437 -8.26 37.31 21.26
C ASN F 437 -7.63 36.29 20.33
N ASP F 438 -7.68 36.57 19.03
CA ASP F 438 -6.94 35.79 18.03
C ASP F 438 -6.70 36.65 16.79
N VAL F 439 -6.03 36.08 15.79
CA VAL F 439 -5.68 36.84 14.61
C VAL F 439 -6.92 37.14 13.75
N THR F 440 -6.82 38.15 12.91
CA THR F 440 -7.94 38.56 12.08
C THR F 440 -8.31 37.58 10.97
N PHE F 441 -7.31 36.84 10.50
CA PHE F 441 -7.49 35.91 9.37
C PHE F 441 -7.82 34.48 9.81
N LEU F 442 -8.21 34.32 11.07
CA LEU F 442 -8.65 33.02 11.55
C LEU F 442 -9.76 32.44 10.64
N GLU F 443 -9.54 31.23 10.12
CA GLU F 443 -10.52 30.62 9.24
C GLU F 443 -10.53 29.09 9.38
N GLU F 444 -11.74 28.52 9.41
CA GLU F 444 -11.94 27.07 9.47
C GLU F 444 -12.80 26.65 8.26
N SER F 445 -12.81 25.35 7.98
CA SER F 445 -13.39 24.86 6.73
C SER F 445 -14.90 24.93 6.71
N HIS F 446 -15.50 24.71 7.87
CA HIS F 446 -16.95 24.58 7.99
C HIS F 446 -17.68 25.84 8.50
N VAL F 447 -16.96 26.96 8.65
CA VAL F 447 -17.55 28.17 9.22
C VAL F 447 -17.73 29.20 8.12
N PRO F 448 -18.79 30.03 8.24
CA PRO F 448 -19.31 30.98 7.23
C PRO F 448 -18.41 32.19 7.05
N PHE F 449 -17.45 32.05 6.13
CA PHE F 449 -16.50 33.10 5.82
C PHE F 449 -17.09 34.14 4.88
N GLY F 450 -17.06 35.41 5.28
CA GLY F 450 -17.63 36.45 4.44
C GLY F 450 -17.70 37.84 5.06
N GLY F 451 -17.87 38.84 4.19
CA GLY F 451 -17.90 40.20 4.65
C GLY F 451 -19.27 40.83 4.57
N ILE F 452 -19.30 42.08 5.00
CA ILE F 452 -20.43 42.99 4.84
C ILE F 452 -19.87 44.23 4.23
N LYS F 453 -20.69 45.27 4.10
CA LYS F 453 -20.24 46.54 3.50
C LYS F 453 -19.56 46.28 2.15
N ALA F 454 -18.36 46.80 1.96
CA ALA F 454 -17.72 46.69 0.65
C ALA F 454 -16.98 45.37 0.45
N SER F 455 -17.02 44.50 1.46
CA SER F 455 -16.24 43.27 1.41
C SER F 455 -16.99 42.14 0.72
N GLY F 456 -18.14 42.47 0.13
CA GLY F 456 -18.86 41.54 -0.71
C GLY F 456 -20.14 40.95 -0.17
N VAL F 457 -20.65 39.91 -0.83
CA VAL F 457 -21.85 39.22 -0.38
C VAL F 457 -21.64 37.70 -0.32
N GLY F 458 -22.41 37.03 0.52
CA GLY F 458 -22.28 35.58 0.67
C GLY F 458 -21.36 35.12 1.79
N ARG F 459 -21.47 33.83 2.11
CA ARG F 459 -20.55 33.17 3.05
C ARG F 459 -20.02 31.88 2.42
N GLU F 460 -18.83 31.46 2.81
CA GLU F 460 -18.28 30.20 2.29
C GLU F 460 -17.56 29.36 3.33
N GLY F 461 -17.47 28.09 2.95
CA GLY F 461 -17.05 26.98 3.79
C GLY F 461 -18.25 26.18 4.27
N GLY F 462 -18.10 24.86 4.24
CA GLY F 462 -19.15 23.97 4.68
C GLY F 462 -20.55 24.28 4.17
N GLU F 463 -21.48 24.13 5.10
CA GLU F 463 -22.90 24.22 4.81
C GLU F 463 -23.31 25.54 4.18
N TRP F 464 -22.51 26.58 4.39
CA TRP F 464 -22.85 27.91 3.89
C TRP F 464 -22.51 27.99 2.42
N SER F 465 -21.41 27.32 2.08
CA SER F 465 -21.05 27.13 0.70
C SER F 465 -22.19 26.41 0.03
N PHE F 466 -22.73 25.39 0.73
CA PHE F 466 -23.93 24.70 0.20
C PHE F 466 -25.13 25.66 0.04
N HIS F 467 -25.30 26.59 0.98
CA HIS F 467 -26.35 27.59 0.86
C HIS F 467 -26.20 28.46 -0.38
N GLU F 468 -24.97 28.82 -0.72
CA GLU F 468 -24.73 29.73 -1.86
C GLU F 468 -25.08 29.10 -3.20
N THR F 469 -24.70 27.82 -3.33
CA THR F 469 -24.80 27.08 -4.58
C THR F 469 -26.05 26.16 -4.70
N THR F 470 -27.00 26.27 -3.77
CA THR F 470 -28.30 25.57 -3.90
C THR F 470 -29.52 26.49 -3.68
N TYR F 471 -30.70 26.01 -4.09
CA TYR F 471 -31.95 26.74 -3.85
C TYR F 471 -32.97 25.86 -3.15
N ASP F 472 -33.92 26.52 -2.48
CA ASP F 472 -34.96 25.81 -1.76
C ASP F 472 -36.14 25.56 -2.69
N ARG F 473 -36.67 24.35 -2.68
CA ARG F 473 -37.91 24.09 -3.41
C ARG F 473 -39.04 23.64 -2.52
N TRP F 474 -40.02 24.50 -2.36
CA TRP F 474 -41.23 24.12 -1.66
C TRP F 474 -41.98 23.12 -2.55
N VAL F 475 -42.36 21.97 -1.99
CA VAL F 475 -43.17 21.00 -2.68
C VAL F 475 -44.31 20.56 -1.79
N THR F 476 -45.53 20.50 -2.31
CA THR F 476 -46.68 20.07 -1.50
C THR F 476 -47.43 18.89 -2.10
N VAL F 477 -48.17 18.18 -1.25
CA VAL F 477 -49.16 17.25 -1.76
C VAL F 477 -50.46 17.47 -1.02
N THR F 478 -51.50 17.86 -1.75
CA THR F 478 -52.81 18.09 -1.16
C THR F 478 -53.66 16.82 -1.22
N LEU F 479 -54.12 16.34 -0.07
CA LEU F 479 -54.75 15.02 -0.01
C LEU F 479 -56.28 15.05 -0.03
N ARG F 480 -56.82 16.25 -0.11
CA ARG F 480 -58.27 16.49 -0.05
C ARG F 480 -58.73 17.11 -1.37
N THR F 481 -60.03 17.02 -1.66
CA THR F 481 -60.59 17.81 -2.74
C THR F 481 -61.39 18.97 -2.16
N ARG F 482 -61.16 20.18 -2.67
CA ARG F 482 -61.94 21.31 -2.19
C ARG F 482 -62.80 21.97 -3.28
N ARG F 483 -63.53 22.98 -2.89
CA ARG F 483 -64.41 23.69 -3.80
C ARG F 483 -63.67 24.99 -4.12
N PHE F 484 -63.92 25.55 -5.30
CA PHE F 484 -63.23 26.77 -5.68
C PHE F 484 -64.23 27.92 -5.86
N PRO F 485 -63.81 29.14 -5.49
CA PRO F 485 -64.61 30.38 -5.42
C PRO F 485 -65.10 30.94 -6.76
N ILE F 486 -64.54 30.45 -7.87
CA ILE F 486 -65.10 30.68 -9.20
C ILE F 486 -65.25 29.35 -9.94
N PRO F 487 -66.35 29.19 -10.70
CA PRO F 487 -67.47 30.12 -10.81
C PRO F 487 -68.25 30.15 -9.51
N SER F 488 -68.84 31.29 -9.19
CA SER F 488 -69.56 31.42 -7.93
C SER F 488 -70.94 30.81 -8.04
N ALA F 489 -71.45 30.69 -9.26
CA ALA F 489 -72.76 30.11 -9.49
C ALA F 489 -72.84 28.62 -9.06
N LEU F 490 -71.70 27.92 -9.06
CA LEU F 490 -71.65 26.52 -8.62
C LEU F 490 -71.74 26.35 -7.09
N MET G 7 -64.20 29.32 50.11
CA MET G 7 -64.16 29.15 48.65
C MET G 7 -64.10 27.67 48.28
N LYS G 8 -64.73 27.26 47.18
CA LYS G 8 -64.65 25.85 46.79
C LYS G 8 -64.18 25.65 45.33
N VAL G 9 -63.43 24.56 45.17
CA VAL G 9 -62.65 24.25 43.98
C VAL G 9 -63.05 22.86 43.44
N ALA G 10 -63.13 22.73 42.13
CA ALA G 10 -63.44 21.44 41.53
C ALA G 10 -62.36 21.01 40.53
N ASN G 11 -62.36 19.72 40.18
CA ASN G 11 -61.58 19.19 39.05
C ASN G 11 -62.14 19.71 37.72
N TYR G 12 -61.35 19.59 36.66
CA TYR G 12 -61.85 19.88 35.32
C TYR G 12 -61.59 18.69 34.41
N ILE G 13 -62.63 17.97 34.02
CA ILE G 13 -62.49 16.76 33.21
C ILE G 13 -63.48 16.73 32.05
N ASN G 14 -62.98 16.39 30.86
CA ASN G 14 -63.77 16.41 29.64
C ASN G 14 -64.59 17.70 29.53
N GLY G 15 -63.91 18.83 29.64
CA GLY G 15 -64.54 20.12 29.46
C GLY G 15 -65.56 20.51 30.50
N GLU G 16 -65.63 19.75 31.59
CA GLU G 16 -66.61 20.05 32.62
C GLU G 16 -65.97 20.14 34.02
N PHE G 17 -66.35 21.15 34.80
CA PHE G 17 -65.89 21.21 36.19
C PHE G 17 -66.72 20.28 37.06
N LYS G 18 -66.08 19.32 37.72
CA LYS G 18 -66.82 18.40 38.59
C LYS G 18 -66.08 18.03 39.88
N GLU G 19 -66.84 17.48 40.82
CA GLU G 19 -66.31 16.98 42.08
C GLU G 19 -65.62 15.66 41.85
N PRO G 20 -64.76 15.25 42.80
CA PRO G 20 -64.28 13.88 42.76
C PRO G 20 -65.45 12.93 42.92
N SER G 21 -65.39 11.75 42.29
CA SER G 21 -66.47 10.78 42.37
C SER G 21 -66.73 10.47 43.82
N THR G 22 -65.64 10.41 44.58
CA THR G 22 -65.63 10.04 45.98
C THR G 22 -66.05 11.21 46.87
N GLY G 23 -66.36 12.35 46.26
CA GLY G 23 -66.90 13.49 46.98
C GLY G 23 -66.02 13.93 48.14
N ALA G 24 -64.79 13.43 48.17
CA ALA G 24 -63.87 13.72 49.25
C ALA G 24 -63.27 15.12 49.07
N PHE G 25 -63.13 15.83 50.17
CA PHE G 25 -62.56 17.17 50.13
C PHE G 25 -61.48 17.32 51.18
N GLN G 26 -60.76 18.42 51.09
CA GLN G 26 -59.73 18.75 52.05
C GLN G 26 -59.72 20.25 52.26
N VAL G 27 -59.48 20.68 53.48
CA VAL G 27 -59.47 22.11 53.73
C VAL G 27 -58.04 22.58 53.59
N LYS G 28 -57.87 23.67 52.85
CA LYS G 28 -56.55 24.17 52.53
C LYS G 28 -56.39 25.59 53.05
N THR G 29 -55.30 25.78 53.80
CA THR G 29 -55.04 27.03 54.50
C THR G 29 -53.81 27.79 53.99
N SER G 30 -53.85 29.09 54.19
CA SER G 30 -52.74 29.97 53.87
C SER G 30 -51.54 29.69 54.74
N PRO G 31 -50.36 29.68 54.14
CA PRO G 31 -49.12 29.60 54.92
C PRO G 31 -48.88 30.87 55.75
N VAL G 32 -49.51 31.96 55.37
CA VAL G 32 -49.18 33.24 55.98
C VAL G 32 -49.75 33.37 57.38
N ASP G 33 -51.06 33.51 57.48
CA ASP G 33 -51.75 33.56 58.77
C ASP G 33 -52.47 32.26 59.18
N GLY G 34 -52.45 31.25 58.31
CA GLY G 34 -53.05 29.97 58.63
C GLY G 34 -54.55 29.96 58.45
N SER G 35 -55.09 31.08 57.98
CA SER G 35 -56.51 31.17 57.71
C SER G 35 -56.92 30.21 56.60
N LYS G 36 -58.15 29.73 56.65
CA LYS G 36 -58.63 28.84 55.60
C LYS G 36 -58.68 29.59 54.27
N ILE G 37 -58.52 28.85 53.17
CA ILE G 37 -58.53 29.40 51.83
C ILE G 37 -59.57 28.71 50.97
N ALA G 38 -59.46 27.38 50.85
CA ALA G 38 -60.43 26.67 50.00
C ALA G 38 -60.67 25.21 50.36
N GLU G 39 -61.76 24.65 49.88
CA GLU G 39 -61.97 23.21 49.93
C GLU G 39 -61.59 22.58 48.59
N VAL G 40 -60.55 21.76 48.57
CA VAL G 40 -60.06 21.19 47.32
C VAL G 40 -60.30 19.68 47.29
N PRO G 41 -60.50 19.12 46.09
CA PRO G 41 -60.77 17.68 46.01
C PRO G 41 -59.68 16.80 46.59
N ARG G 42 -60.05 15.61 47.05
CA ARG G 42 -59.09 14.53 47.13
C ARG G 42 -59.54 13.42 46.18
N SER G 43 -58.86 13.31 45.04
CA SER G 43 -59.36 12.49 43.94
C SER G 43 -58.74 11.11 43.99
N GLY G 44 -59.47 10.12 43.50
CA GLY G 44 -58.97 8.75 43.52
C GLY G 44 -58.47 8.27 42.17
N ARG G 45 -58.05 7.00 42.10
CA ARG G 45 -57.61 6.41 40.84
C ARG G 45 -58.68 6.65 39.76
N GLU G 46 -59.95 6.54 40.15
CA GLU G 46 -61.06 6.66 39.21
C GLU G 46 -61.11 8.06 38.56
N ASP G 47 -61.01 9.12 39.36
CA ASP G 47 -60.92 10.48 38.83
C ASP G 47 -59.81 10.60 37.79
N ALA G 48 -58.64 10.15 38.18
CA ALA G 48 -57.47 10.20 37.35
C ALA G 48 -57.70 9.48 36.03
N ARG G 49 -58.15 8.22 36.11
CA ARG G 49 -58.42 7.42 34.92
C ARG G 49 -59.46 8.12 34.05
N GLU G 50 -60.36 8.87 34.68
CA GLU G 50 -61.37 9.56 33.90
C GLU G 50 -60.70 10.64 33.06
N ALA G 51 -59.83 11.42 33.69
CA ALA G 51 -59.10 12.45 32.97
C ALA G 51 -58.23 11.86 31.86
N ILE G 52 -57.48 10.82 32.20
CA ILE G 52 -56.62 10.13 31.25
C ILE G 52 -57.44 9.70 30.02
N ASP G 53 -58.61 9.12 30.25
CA ASP G 53 -59.45 8.61 29.16
C ASP G 53 -60.00 9.75 28.34
N SER G 54 -60.43 10.79 29.01
CA SER G 54 -60.89 11.99 28.32
C SER G 54 -59.83 12.52 27.35
N ALA G 55 -58.59 12.54 27.82
CA ALA G 55 -57.50 13.11 27.04
C ALA G 55 -57.09 12.15 25.93
N PHE G 56 -57.26 10.85 26.15
CA PHE G 56 -56.92 9.88 25.11
C PHE G 56 -57.93 9.97 23.97
N GLU G 57 -59.19 10.19 24.34
CA GLU G 57 -60.25 10.28 23.34
C GLU G 57 -60.18 11.64 22.63
N ALA G 58 -59.79 12.67 23.37
CA ALA G 58 -59.57 14.00 22.78
C ALA G 58 -58.31 14.08 21.92
N LEU G 59 -57.40 13.14 22.16
CA LEU G 59 -56.09 13.20 21.53
C LEU G 59 -56.16 13.29 20.02
N LYS G 60 -56.53 12.20 19.35
CA LYS G 60 -56.40 12.11 17.89
C LYS G 60 -56.98 13.36 17.22
N ALA G 61 -58.13 13.80 17.69
CA ALA G 61 -58.80 14.92 17.09
C ALA G 61 -57.96 16.19 17.26
N TRP G 62 -57.45 16.36 18.48
CA TRP G 62 -56.68 17.55 18.83
C TRP G 62 -55.33 17.59 18.09
N ALA G 63 -54.74 16.41 17.92
CA ALA G 63 -53.45 16.25 17.27
C ALA G 63 -53.52 16.52 15.79
N ASN G 64 -54.66 16.17 15.17
CA ASN G 64 -54.80 16.27 13.72
C ASN G 64 -55.17 17.61 13.11
N ILE G 65 -55.95 18.41 13.83
CA ILE G 65 -56.24 19.75 13.37
C ILE G 65 -54.91 20.47 13.06
N PRO G 66 -54.95 21.43 12.12
CA PRO G 66 -53.73 22.15 11.75
C PRO G 66 -53.08 22.85 12.94
N ALA G 67 -51.76 22.98 12.88
CA ALA G 67 -51.01 23.56 13.97
C ALA G 67 -51.55 24.93 14.28
N ILE G 68 -51.77 25.70 13.22
CA ILE G 68 -52.20 27.09 13.31
C ILE G 68 -53.45 27.29 14.18
N ARG G 69 -54.26 26.24 14.24
CA ARG G 69 -55.50 26.27 15.01
C ARG G 69 -55.23 26.10 16.50
N ARG G 70 -54.37 25.12 16.83
CA ARG G 70 -53.88 24.98 18.18
C ARG G 70 -53.25 26.28 18.63
N ALA G 71 -52.51 26.93 17.75
CA ALA G 71 -51.93 28.25 18.07
C ALA G 71 -53.04 29.29 18.30
N GLU G 72 -54.14 29.19 17.56
CA GLU G 72 -55.30 30.05 17.80
C GLU G 72 -55.83 29.87 19.23
N TYR G 73 -56.16 28.63 19.60
CA TYR G 73 -56.55 28.31 20.98
C TYR G 73 -55.58 28.86 22.01
N LEU G 74 -54.29 28.72 21.74
CA LEU G 74 -53.31 29.20 22.69
C LEU G 74 -53.32 30.70 22.83
N TYR G 75 -53.48 31.44 21.72
CA TYR G 75 -53.52 32.90 21.78
C TYR G 75 -54.73 33.34 22.55
N LYS G 76 -55.84 32.64 22.31
CA LYS G 76 -57.08 32.87 23.03
C LYS G 76 -56.85 32.73 24.54
N MET G 77 -56.31 31.56 24.90
CA MET G 77 -55.92 31.29 26.28
C MET G 77 -55.10 32.42 26.86
N LEU G 78 -54.16 32.95 26.08
CA LEU G 78 -53.29 34.05 26.49
C LEU G 78 -54.10 35.28 26.85
N GLU G 79 -55.01 35.65 25.94
CA GLU G 79 -55.92 36.77 26.14
C GLU G 79 -56.65 36.63 27.49
N VAL G 80 -57.24 35.45 27.68
CA VAL G 80 -57.94 35.10 28.91
C VAL G 80 -57.06 35.34 30.14
N PHE G 81 -55.84 34.83 30.06
CA PHE G 81 -54.85 35.00 31.11
C PHE G 81 -54.68 36.48 31.45
N ARG G 82 -54.45 37.28 30.41
CA ARG G 82 -54.24 38.70 30.60
C ARG G 82 -55.37 39.28 31.43
N GLN G 83 -56.60 38.91 31.11
CA GLN G 83 -57.69 39.37 31.97
C GLN G 83 -57.60 38.83 33.42
N MET G 84 -57.10 37.62 33.61
CA MET G 84 -57.02 37.06 34.97
C MET G 84 -55.76 37.44 35.79
N LYS G 85 -54.90 38.30 35.24
CA LYS G 85 -53.62 38.60 35.90
C LYS G 85 -53.69 38.83 37.41
N GLU G 86 -54.60 39.70 37.84
CA GLU G 86 -54.68 40.05 39.24
C GLU G 86 -55.19 38.88 40.10
N ASP G 87 -56.07 38.08 39.53
CA ASP G 87 -56.57 36.88 40.22
C ASP G 87 -55.45 35.90 40.48
N PHE G 88 -54.59 35.72 39.47
CA PHE G 88 -53.48 34.81 39.64
C PHE G 88 -52.54 35.36 40.68
N MET G 89 -52.13 36.62 40.53
CA MET G 89 -51.25 37.22 41.54
C MET G 89 -51.80 37.02 42.96
N LYS G 90 -53.10 37.30 43.13
CA LYS G 90 -53.75 37.14 44.42
C LYS G 90 -53.54 35.73 44.95
N ILE G 91 -53.89 34.72 44.15
CA ILE G 91 -53.79 33.34 44.65
C ILE G 91 -52.36 32.97 44.94
N LEU G 92 -51.45 33.46 44.10
CA LEU G 92 -50.04 33.17 44.29
C LEU G 92 -49.57 33.70 45.63
N THR G 93 -49.94 34.94 45.95
CA THR G 93 -49.55 35.46 47.25
C THR G 93 -50.21 34.66 48.36
N VAL G 94 -51.54 34.56 48.37
CA VAL G 94 -52.20 33.96 49.52
C VAL G 94 -51.92 32.47 49.70
N GLU G 95 -52.00 31.70 48.63
CA GLU G 95 -51.87 30.25 48.71
C GLU G 95 -50.42 29.78 48.75
N GLY G 96 -49.55 30.48 48.02
CA GLY G 96 -48.17 30.06 47.87
C GLY G 96 -47.19 30.86 48.69
N GLY G 97 -47.63 31.98 49.21
CA GLY G 97 -46.79 32.75 50.12
C GLY G 97 -45.73 33.62 49.47
N GLY G 98 -45.91 33.94 48.21
CA GLY G 98 -44.92 34.76 47.53
C GLY G 98 -45.18 36.25 47.66
N THR G 99 -44.11 37.04 47.61
CA THR G 99 -44.23 38.49 47.78
C THR G 99 -44.96 39.10 46.60
N TYR G 100 -45.13 40.42 46.59
CA TYR G 100 -45.80 41.02 45.44
C TYR G 100 -44.89 40.91 44.23
N ARG G 101 -43.65 41.34 44.42
CA ARG G 101 -42.70 41.42 43.32
C ARG G 101 -42.45 40.02 42.68
N LYS G 102 -42.48 38.99 43.54
CA LYS G 102 -42.32 37.65 43.06
C LYS G 102 -43.46 37.25 42.13
N VAL G 103 -44.68 37.24 42.67
CA VAL G 103 -45.80 36.69 41.91
C VAL G 103 -46.07 37.56 40.68
N TRP G 104 -45.81 38.86 40.79
CA TRP G 104 -45.94 39.76 39.66
C TRP G 104 -45.01 39.25 38.58
N GLY G 105 -43.76 38.99 38.98
CA GLY G 105 -42.79 38.46 38.05
C GLY G 105 -43.24 37.16 37.40
N GLU G 106 -43.73 36.23 38.21
CA GLU G 106 -44.15 34.92 37.70
C GLU G 106 -45.32 35.02 36.74
N VAL G 107 -46.15 36.03 36.95
CA VAL G 107 -47.31 36.26 36.11
C VAL G 107 -46.87 36.87 34.77
N VAL G 108 -45.95 37.84 34.81
CA VAL G 108 -45.39 38.36 33.57
C VAL G 108 -44.75 37.22 32.76
N PHE G 109 -43.98 36.39 33.45
CA PHE G 109 -43.27 35.33 32.75
C PHE G 109 -44.26 34.33 32.21
N THR G 110 -45.30 34.02 32.97
CA THR G 110 -46.29 33.05 32.53
C THR G 110 -46.93 33.53 31.25
N GLU G 111 -47.20 34.82 31.21
CA GLU G 111 -47.71 35.44 30.00
C GLU G 111 -46.76 35.24 28.81
N ARG G 112 -45.47 35.46 29.04
CA ARG G 112 -44.47 35.24 27.99
C ARG G 112 -44.39 33.79 27.56
N LEU G 113 -44.70 32.88 28.49
CA LEU G 113 -44.67 31.46 28.23
C LEU G 113 -45.79 31.07 27.31
N ILE G 114 -47.01 31.48 27.67
CA ILE G 114 -48.17 31.16 26.86
C ILE G 114 -47.97 31.72 25.48
N GLN G 115 -47.61 33.01 25.42
CA GLN G 115 -47.38 33.63 24.12
C GLN G 115 -46.37 32.80 23.33
N ASN G 116 -45.25 32.47 23.96
CA ASN G 116 -44.18 31.70 23.31
C ASN G 116 -44.65 30.35 22.72
N ALA G 117 -45.48 29.63 23.46
CA ALA G 117 -45.97 28.35 22.96
C ALA G 117 -46.85 28.57 21.73
N ALA G 118 -47.70 29.61 21.80
CA ALA G 118 -48.52 29.94 20.64
C ALA G 118 -47.62 30.27 19.44
N GLU G 119 -46.67 31.19 19.65
CA GLU G 119 -45.73 31.62 18.63
C GLU G 119 -45.09 30.43 17.92
N LEU G 120 -44.62 29.47 18.69
CA LEU G 120 -43.83 28.41 18.10
C LEU G 120 -44.65 27.32 17.46
N ALA G 121 -45.93 27.24 17.84
CA ALA G 121 -46.76 26.07 17.50
C ALA G 121 -46.66 25.62 16.04
N ARG G 122 -46.60 26.59 15.14
CA ARG G 122 -46.58 26.35 13.70
C ARG G 122 -45.20 26.10 13.07
N HIS G 123 -44.13 26.43 13.79
CA HIS G 123 -42.78 26.39 13.21
C HIS G 123 -41.89 25.23 13.62
N TYR G 124 -42.48 24.27 14.33
CA TYR G 124 -41.74 23.09 14.70
C TYR G 124 -41.60 22.24 13.47
N GLN G 125 -40.37 21.98 13.04
CA GLN G 125 -40.10 21.49 11.70
C GLN G 125 -39.57 20.08 11.70
N GLY G 126 -39.75 19.43 10.55
CA GLY G 126 -39.18 18.13 10.32
C GLY G 126 -37.94 18.30 9.46
N ARG G 127 -37.50 17.23 8.82
CA ARG G 127 -36.29 17.31 8.02
C ARG G 127 -36.53 16.63 6.69
N VAL G 128 -35.80 17.04 5.66
CA VAL G 128 -35.84 16.37 4.38
C VAL G 128 -34.43 15.92 4.11
N LEU G 129 -34.25 14.60 4.09
CA LEU G 129 -32.93 14.00 4.16
C LEU G 129 -32.42 13.59 2.80
N GLN G 130 -31.12 13.62 2.59
CA GLN G 130 -30.56 12.98 1.41
C GLN G 130 -30.75 11.47 1.57
N SER G 131 -31.03 10.79 0.46
CA SER G 131 -31.18 9.35 0.51
C SER G 131 -29.95 8.72 -0.07
N ASP G 132 -29.50 7.61 0.51
CA ASP G 132 -28.29 6.97 0.01
C ASP G 132 -28.64 6.02 -1.13
N SER G 133 -29.94 5.95 -1.41
CA SER G 133 -30.48 5.06 -2.43
C SER G 133 -31.09 5.90 -3.55
N GLU G 134 -31.02 5.39 -4.77
CA GLU G 134 -31.63 6.09 -5.88
C GLU G 134 -33.17 6.05 -5.83
N SER G 135 -33.79 7.04 -6.46
CA SER G 135 -35.25 7.12 -6.57
C SER G 135 -35.99 6.97 -5.22
N THR G 136 -35.37 7.46 -4.14
CA THR G 136 -36.03 7.42 -2.84
C THR G 136 -36.15 8.79 -2.21
N ILE G 137 -37.37 9.15 -1.87
CA ILE G 137 -37.64 10.33 -1.06
C ILE G 137 -37.52 9.95 0.40
N SER G 138 -36.86 10.80 1.20
CA SER G 138 -36.60 10.48 2.60
C SER G 138 -36.92 11.69 3.45
N VAL G 139 -37.90 11.62 4.33
CA VAL G 139 -38.19 12.77 5.19
C VAL G 139 -38.45 12.34 6.62
N VAL G 140 -38.46 13.30 7.55
CA VAL G 140 -38.74 13.05 8.96
C VAL G 140 -39.80 14.01 9.46
N PHE G 141 -40.93 13.46 9.90
CA PHE G 141 -42.06 14.23 10.47
C PHE G 141 -42.01 14.35 12.00
N LYS G 142 -42.55 15.45 12.53
CA LYS G 142 -42.75 15.55 13.98
C LYS G 142 -44.19 15.20 14.32
N ARG G 143 -44.38 14.22 15.21
CA ARG G 143 -45.74 13.86 15.63
C ARG G 143 -45.85 13.86 17.15
N SER G 144 -47.01 14.22 17.68
CA SER G 144 -47.12 14.34 19.15
C SER G 144 -47.16 12.96 19.84
N LYS G 145 -46.67 12.90 21.08
CA LYS G 145 -46.60 11.64 21.79
C LYS G 145 -47.98 11.10 22.13
N GLY G 146 -48.84 11.96 22.68
CA GLY G 146 -50.07 11.45 23.24
C GLY G 146 -50.66 12.26 24.37
N VAL G 147 -51.32 11.54 25.27
CA VAL G 147 -51.69 12.05 26.58
C VAL G 147 -50.44 12.27 27.40
N VAL G 148 -50.29 13.47 27.95
CA VAL G 148 -49.09 13.84 28.68
C VAL G 148 -49.37 14.29 30.12
N GLY G 149 -48.89 13.51 31.07
CA GLY G 149 -49.00 13.87 32.48
C GLY G 149 -48.14 15.08 32.84
N VAL G 150 -48.76 16.07 33.47
CA VAL G 150 -48.02 17.23 33.92
C VAL G 150 -48.13 17.37 35.43
N ILE G 151 -47.04 17.13 36.15
CA ILE G 151 -47.04 17.20 37.61
C ILE G 151 -46.09 18.30 38.10
N THR G 152 -46.59 19.21 38.93
CA THR G 152 -45.87 20.46 39.17
C THR G 152 -45.59 20.74 40.65
N PRO G 153 -44.65 21.66 40.94
CA PRO G 153 -44.36 22.06 42.31
C PRO G 153 -45.22 23.24 42.81
N TRP G 154 -44.94 23.68 44.05
CA TRP G 154 -45.65 24.80 44.68
C TRP G 154 -44.91 26.14 44.73
N ASN G 155 -43.65 26.19 44.29
CA ASN G 155 -42.89 27.45 44.45
C ASN G 155 -43.19 28.48 43.38
N TYR G 156 -43.15 28.04 42.13
CA TYR G 156 -43.57 28.84 40.98
C TYR G 156 -44.62 28.00 40.27
N PRO G 157 -45.75 27.78 40.94
CA PRO G 157 -46.70 26.79 40.41
C PRO G 157 -47.31 27.24 39.07
N LEU G 158 -47.50 28.55 38.92
CA LEU G 158 -48.14 29.08 37.75
C LEU G 158 -47.21 29.01 36.56
N SER G 159 -46.00 29.52 36.71
CA SER G 159 -45.08 29.57 35.57
C SER G 159 -44.67 28.16 35.16
N ILE G 160 -44.33 27.32 36.13
CA ILE G 160 -43.88 25.98 35.80
C ILE G 160 -45.01 25.17 35.17
N SER G 161 -46.22 25.36 35.68
CA SER G 161 -47.36 24.65 35.11
C SER G 161 -47.57 25.12 33.68
N MET G 162 -47.49 26.43 33.46
CA MET G 162 -47.85 26.92 32.12
C MET G 162 -46.76 26.61 31.12
N LYS G 163 -45.51 26.62 31.55
CA LYS G 163 -44.45 26.20 30.67
C LYS G 163 -44.69 24.75 30.24
N LYS G 164 -45.05 23.88 31.19
CA LYS G 164 -45.30 22.49 30.81
C LYS G 164 -46.54 22.32 29.91
N ILE G 165 -47.63 22.89 30.38
CA ILE G 165 -48.94 22.78 29.78
C ILE G 165 -49.00 23.35 28.36
N ALA G 166 -48.56 24.59 28.20
CA ALA G 166 -48.75 25.32 26.94
C ALA G 166 -47.92 24.74 25.79
N HIS G 167 -46.68 24.42 26.11
CA HIS G 167 -45.85 23.83 25.09
C HIS G 167 -46.35 22.43 24.79
N THR G 168 -46.62 21.63 25.80
CA THR G 168 -47.18 20.29 25.55
C THR G 168 -48.40 20.27 24.66
N LEU G 169 -49.29 21.24 24.86
CA LEU G 169 -50.51 21.38 24.05
C LEU G 169 -50.24 21.83 22.61
N ALA G 170 -49.43 22.89 22.46
CA ALA G 170 -49.19 23.55 21.17
C ALA G 170 -48.87 22.58 20.02
N VAL G 171 -48.11 21.52 20.31
CA VAL G 171 -47.68 20.55 19.32
C VAL G 171 -48.59 19.32 19.21
N GLY G 172 -49.74 19.33 19.90
CA GLY G 172 -50.75 18.31 19.68
C GLY G 172 -50.88 17.15 20.66
N ASN G 173 -50.29 17.30 21.85
CA ASN G 173 -50.54 16.41 22.97
C ASN G 173 -51.72 16.87 23.77
N THR G 174 -52.46 15.94 24.36
CA THR G 174 -53.38 16.41 25.38
C THR G 174 -52.73 16.27 26.76
N VAL G 175 -53.39 16.83 27.76
CA VAL G 175 -52.77 17.06 29.06
C VAL G 175 -53.63 16.62 30.24
N VAL G 176 -53.02 15.87 31.15
CA VAL G 176 -53.64 15.56 32.44
C VAL G 176 -52.74 16.12 33.52
N TYR G 177 -53.24 17.12 34.26
CA TYR G 177 -52.43 17.96 35.13
C TYR G 177 -52.83 17.91 36.59
N LYS G 178 -51.88 17.49 37.43
CA LYS G 178 -52.03 17.43 38.88
C LYS G 178 -51.07 18.42 39.54
N PRO G 179 -51.60 19.51 40.08
CA PRO G 179 -50.77 20.55 40.69
C PRO G 179 -50.24 20.08 42.04
N ALA G 180 -49.25 20.81 42.58
CA ALA G 180 -48.75 20.52 43.93
C ALA G 180 -49.87 20.53 44.96
N SER G 181 -49.75 19.69 45.98
CA SER G 181 -50.77 19.59 46.99
C SER G 181 -50.89 20.87 47.80
N ASP G 182 -49.85 21.70 47.82
CA ASP G 182 -49.92 22.95 48.57
C ASP G 182 -50.34 24.18 47.73
N THR G 183 -50.47 23.96 46.42
CA THR G 183 -51.00 24.99 45.53
C THR G 183 -52.10 24.50 44.59
N PRO G 184 -53.19 23.94 45.15
CA PRO G 184 -54.26 23.50 44.23
C PRO G 184 -55.09 24.65 43.63
N VAL G 185 -55.22 25.75 44.35
CA VAL G 185 -56.08 26.83 43.84
C VAL G 185 -55.43 27.47 42.61
N THR G 186 -54.10 27.52 42.57
CA THR G 186 -53.42 28.01 41.38
C THR G 186 -53.80 27.15 40.15
N GLY G 187 -53.80 25.84 40.36
CA GLY G 187 -54.13 24.91 39.30
C GLY G 187 -55.56 25.09 38.88
N TRP G 188 -56.41 25.30 39.86
CA TRP G 188 -57.83 25.50 39.61
C TRP G 188 -58.01 26.71 38.72
N LEU G 189 -57.36 27.81 39.09
CA LEU G 189 -57.38 29.01 38.27
C LEU G 189 -56.86 28.75 36.86
N ILE G 190 -55.92 27.83 36.73
CA ILE G 190 -55.41 27.52 35.42
C ILE G 190 -56.46 26.81 34.58
N ALA G 191 -57.17 25.85 35.17
CA ALA G 191 -58.25 25.20 34.41
C ALA G 191 -59.40 26.18 34.13
N GLN G 192 -59.58 27.17 35.01
CA GLN G 192 -60.50 28.28 34.76
C GLN G 192 -60.14 28.99 33.46
N MET G 193 -58.87 29.38 33.35
CA MET G 193 -58.39 30.04 32.14
C MET G 193 -58.54 29.14 30.91
N VAL G 194 -58.14 27.87 31.03
CA VAL G 194 -58.20 27.02 29.86
C VAL G 194 -59.63 26.87 29.41
N ALA G 195 -60.52 26.57 30.36
CA ALA G 195 -61.94 26.39 30.06
C ALA G 195 -62.58 27.63 29.42
N LYS G 196 -62.20 28.81 29.91
CA LYS G 196 -62.67 30.08 29.35
C LYS G 196 -61.99 30.41 28.02
N ALA G 197 -61.01 29.61 27.65
CA ALA G 197 -60.37 29.77 26.35
C ALA G 197 -61.04 28.87 25.30
N GLY G 198 -62.00 28.06 25.75
CA GLY G 198 -62.81 27.28 24.83
C GLY G 198 -62.16 26.08 24.17
N LEU G 199 -61.10 25.55 24.77
CA LEU G 199 -60.44 24.39 24.22
C LEU G 199 -61.39 23.21 24.25
N PRO G 200 -61.26 22.29 23.28
CA PRO G 200 -62.07 21.07 23.12
C PRO G 200 -62.17 20.21 24.36
N LYS G 201 -63.25 19.42 24.42
CA LYS G 201 -63.55 18.57 25.56
C LYS G 201 -62.32 17.80 25.94
N GLY G 202 -61.93 17.88 27.21
CA GLY G 202 -60.85 17.06 27.73
C GLY G 202 -59.52 17.06 26.97
N VAL G 203 -59.24 18.15 26.28
CA VAL G 203 -57.92 18.34 25.69
C VAL G 203 -56.98 18.67 26.85
N PHE G 204 -57.56 19.34 27.84
CA PHE G 204 -56.90 19.69 29.08
C PHE G 204 -57.74 19.16 30.23
N ASN G 205 -57.06 18.60 31.22
CA ASN G 205 -57.77 18.06 32.37
C ASN G 205 -57.02 18.33 33.68
N LEU G 206 -57.76 18.84 34.67
CA LEU G 206 -57.21 19.11 36.01
C LEU G 206 -57.69 18.09 37.02
N VAL G 207 -56.78 17.35 37.64
CA VAL G 207 -57.18 16.45 38.72
C VAL G 207 -56.42 16.79 39.99
N ILE G 208 -57.18 17.06 41.05
CA ILE G 208 -56.56 17.41 42.33
C ILE G 208 -56.74 16.27 43.33
N GLY G 209 -55.65 15.91 43.99
CA GLY G 209 -55.63 14.76 44.85
C GLY G 209 -54.20 14.43 45.16
N PRO G 210 -53.98 13.54 46.15
CA PRO G 210 -52.67 13.15 46.67
C PRO G 210 -51.76 12.52 45.62
N GLY G 211 -50.49 12.91 45.66
CA GLY G 211 -49.48 12.32 44.79
C GLY G 211 -49.47 10.81 44.70
N PRO G 212 -49.51 10.10 45.84
CA PRO G 212 -49.50 8.63 45.79
C PRO G 212 -50.74 7.99 45.14
N VAL G 213 -51.81 8.76 44.97
CA VAL G 213 -53.01 8.24 44.34
C VAL G 213 -53.15 8.75 42.89
N VAL G 214 -53.46 10.04 42.74
CA VAL G 214 -53.59 10.65 41.42
C VAL G 214 -52.32 10.52 40.61
N GLY G 215 -51.23 11.06 41.16
CA GLY G 215 -49.93 10.99 40.55
C GLY G 215 -49.54 9.61 40.07
N GLU G 216 -49.82 8.57 40.87
CA GLU G 216 -49.34 7.28 40.49
C GLU G 216 -50.19 6.69 39.37
N GLU G 217 -51.49 7.01 39.35
CA GLU G 217 -52.29 6.52 38.24
C GLU G 217 -51.81 7.23 36.99
N ILE G 218 -51.42 8.49 37.09
CA ILE G 218 -50.91 9.17 35.89
C ILE G 218 -49.64 8.53 35.39
N VAL G 219 -48.64 8.44 36.25
CA VAL G 219 -47.37 7.80 35.90
C VAL G 219 -47.48 6.35 35.35
N THR G 220 -48.40 5.53 35.88
CA THR G 220 -48.41 4.12 35.50
C THR G 220 -49.46 3.64 34.48
N HIS G 221 -50.32 4.55 34.02
CA HIS G 221 -51.44 4.19 33.13
C HIS G 221 -50.97 3.86 31.71
N LYS G 222 -51.64 2.92 31.06
CA LYS G 222 -51.26 2.52 29.69
C LYS G 222 -51.37 3.65 28.66
N ARG G 223 -52.31 4.56 28.87
CA ARG G 223 -52.63 5.55 27.85
C ARG G 223 -51.91 6.86 28.06
N VAL G 224 -51.11 6.97 29.10
CA VAL G 224 -50.28 8.15 29.28
C VAL G 224 -48.97 7.98 28.52
N ALA G 225 -48.65 8.92 27.63
CA ALA G 225 -47.50 8.78 26.73
C ALA G 225 -46.19 9.18 27.40
N HIS G 226 -46.25 10.27 28.14
CA HIS G 226 -45.08 10.97 28.64
C HIS G 226 -45.44 11.70 29.92
N VAL G 227 -44.48 11.81 30.84
CA VAL G 227 -44.72 12.60 32.05
C VAL G 227 -43.68 13.71 32.16
N THR G 228 -44.13 14.95 32.36
CA THR G 228 -43.18 16.01 32.68
C THR G 228 -43.35 16.39 34.17
N PHE G 229 -42.27 16.29 34.93
CA PHE G 229 -42.36 16.49 36.36
C PHE G 229 -41.33 17.48 36.85
N THR G 230 -41.75 18.31 37.81
CA THR G 230 -40.81 19.17 38.53
C THR G 230 -41.08 19.05 40.03
N GLY G 231 -40.02 18.80 40.81
CA GLY G 231 -40.16 18.56 42.24
C GLY G 231 -38.93 17.93 42.86
N GLU G 232 -39.09 17.27 44.00
CA GLU G 232 -37.94 16.67 44.66
C GLU G 232 -37.40 15.48 43.90
N SER G 233 -36.09 15.27 44.04
CA SER G 233 -35.37 14.26 43.26
C SER G 233 -35.73 12.82 43.66
N SER G 234 -36.07 12.59 44.92
CA SER G 234 -36.57 11.28 45.35
C SER G 234 -37.81 10.93 44.52
N THR G 235 -38.74 11.88 44.52
CA THR G 235 -40.01 11.73 43.82
C THR G 235 -39.76 11.49 42.33
N GLY G 236 -38.82 12.22 41.75
CA GLY G 236 -38.51 12.04 40.34
C GLY G 236 -37.89 10.68 40.04
N ARG G 237 -36.99 10.25 40.92
CA ARG G 237 -36.33 8.98 40.79
C ARG G 237 -37.41 7.90 40.72
N GLU G 238 -38.38 7.99 41.62
CA GLU G 238 -39.42 6.96 41.65
C GLU G 238 -40.36 7.09 40.45
N ILE G 239 -40.68 8.32 40.04
CA ILE G 239 -41.54 8.52 38.88
C ILE G 239 -40.90 7.86 37.66
N ALA G 240 -39.62 8.12 37.45
CA ALA G 240 -38.89 7.53 36.35
C ALA G 240 -38.97 5.99 36.41
N ALA G 241 -38.72 5.48 37.61
CA ALA G 241 -38.75 4.04 37.85
C ALA G 241 -40.11 3.43 37.46
N LYS G 242 -41.19 3.95 38.03
CA LYS G 242 -42.53 3.43 37.75
C LYS G 242 -42.92 3.63 36.28
N ALA G 243 -42.55 4.76 35.72
CA ALA G 243 -42.83 5.05 34.32
C ALA G 243 -42.27 3.95 33.42
N ALA G 244 -41.14 3.37 33.82
CA ALA G 244 -40.47 2.36 32.99
C ALA G 244 -41.37 1.21 32.44
N GLY G 245 -42.17 0.57 33.28
CA GLY G 245 -42.99 -0.56 32.83
C GLY G 245 -43.85 -0.31 31.60
N THR G 246 -44.28 0.95 31.43
CA THR G 246 -45.07 1.36 30.26
C THR G 246 -44.17 1.87 29.13
N LEU G 247 -42.88 1.95 29.41
CA LEU G 247 -41.92 2.60 28.51
C LEU G 247 -42.23 4.08 28.28
N LYS G 248 -42.88 4.73 29.23
CA LYS G 248 -43.24 6.12 28.98
C LYS G 248 -42.09 7.06 29.26
N THR G 249 -41.86 7.97 28.33
CA THR G 249 -40.74 8.90 28.40
C THR G 249 -41.02 9.99 29.44
N VAL G 250 -39.94 10.61 29.94
CA VAL G 250 -40.13 11.60 30.99
C VAL G 250 -39.26 12.83 30.80
N THR G 251 -39.73 13.93 31.37
CA THR G 251 -38.92 15.09 31.58
C THR G 251 -38.89 15.32 33.08
N LEU G 252 -37.70 15.39 33.67
CA LEU G 252 -37.54 15.60 35.10
C LEU G 252 -36.71 16.83 35.39
N GLU G 253 -37.33 17.78 36.06
CA GLU G 253 -36.64 18.92 36.63
C GLU G 253 -36.65 18.69 38.16
N LEU G 254 -35.50 18.31 38.71
CA LEU G 254 -35.45 17.87 40.12
C LEU G 254 -34.83 18.86 41.15
N GLY G 255 -34.46 20.04 40.68
CA GLY G 255 -33.85 21.04 41.54
C GLY G 255 -32.36 20.80 41.64
N GLY G 256 -31.63 21.74 42.26
CA GLY G 256 -30.22 21.55 42.53
C GLY G 256 -29.67 22.48 43.59
N SER G 257 -28.41 22.31 43.98
CA SER G 257 -27.78 23.43 44.70
C SER G 257 -26.77 24.13 43.78
N ASP G 258 -27.21 25.25 43.20
CA ASP G 258 -26.45 25.93 42.17
C ASP G 258 -25.31 26.72 42.76
N PRO G 259 -24.11 26.53 42.23
CA PRO G 259 -22.99 27.34 42.70
C PRO G 259 -23.07 28.75 42.18
N LEU G 260 -22.88 29.74 43.06
CA LEU G 260 -22.59 31.11 42.61
C LEU G 260 -21.15 31.41 42.98
N ILE G 261 -20.29 31.49 41.97
CA ILE G 261 -18.86 31.67 42.18
C ILE G 261 -18.49 33.12 42.00
N ILE G 262 -17.86 33.75 43.00
CA ILE G 262 -17.51 35.16 42.88
C ILE G 262 -16.00 35.32 42.91
N LEU G 263 -15.47 35.87 41.82
CA LEU G 263 -14.04 35.98 41.69
C LEU G 263 -13.56 37.32 42.23
N ASP G 264 -12.26 37.52 42.20
CA ASP G 264 -11.63 38.58 42.98
C ASP G 264 -11.53 39.91 42.26
N ASP G 265 -11.96 39.98 41.00
CA ASP G 265 -11.90 41.22 40.24
C ASP G 265 -13.24 41.98 40.17
N VAL G 266 -14.27 41.41 40.78
CA VAL G 266 -15.62 41.97 40.70
C VAL G 266 -15.80 43.27 41.47
N ASP G 267 -16.86 43.99 41.11
CA ASP G 267 -17.40 45.02 41.99
C ASP G 267 -17.97 44.20 43.13
N VAL G 268 -17.42 44.37 44.32
CA VAL G 268 -17.78 43.46 45.40
C VAL G 268 -19.18 43.77 45.89
N ASP G 269 -19.52 45.05 45.89
CA ASP G 269 -20.83 45.46 46.33
C ASP G 269 -21.91 44.87 45.41
N TYR G 270 -21.77 45.11 44.10
CA TYR G 270 -22.74 44.62 43.15
C TYR G 270 -22.87 43.10 43.25
N ALA G 271 -21.72 42.45 43.49
CA ALA G 271 -21.64 41.00 43.70
C ALA G 271 -22.52 40.60 44.86
N ALA G 272 -22.43 41.37 45.94
CA ALA G 272 -23.21 41.10 47.13
C ALA G 272 -24.71 41.24 46.84
N ARG G 273 -25.07 42.29 46.10
CA ARG G 273 -26.49 42.53 45.85
C ARG G 273 -27.08 41.42 44.99
N LEU G 274 -26.41 41.15 43.87
CA LEU G 274 -26.78 40.07 42.97
C LEU G 274 -26.97 38.81 43.77
N ALA G 275 -25.99 38.54 44.64
CA ALA G 275 -25.95 37.28 45.40
C ALA G 275 -27.10 37.17 46.40
N VAL G 276 -27.46 38.29 47.01
CA VAL G 276 -28.60 38.26 47.91
C VAL G 276 -29.82 37.89 47.09
N PHE G 277 -29.94 38.49 45.90
CA PHE G 277 -31.08 38.20 45.04
C PHE G 277 -31.14 36.73 44.69
N ALA G 278 -30.03 36.21 44.20
CA ALA G 278 -30.00 34.87 43.70
C ALA G 278 -30.25 33.84 44.79
N SER G 279 -29.57 34.03 45.94
CA SER G 279 -29.68 33.07 47.03
C SER G 279 -31.05 33.11 47.67
N LEU G 280 -31.49 34.31 48.05
CA LEU G 280 -32.67 34.37 48.90
C LEU G 280 -34.02 34.71 48.25
N PHE G 281 -34.06 35.07 46.96
CA PHE G 281 -35.33 35.48 46.38
C PHE G 281 -36.34 34.35 46.47
N HIS G 282 -37.58 34.71 46.72
CA HIS G 282 -38.62 33.76 47.10
C HIS G 282 -38.07 32.84 48.18
N GLN G 283 -37.42 33.36 49.22
CA GLN G 283 -36.95 32.55 50.36
C GLN G 283 -36.04 31.42 49.91
N GLY G 284 -35.37 31.57 48.76
CA GLY G 284 -34.52 30.52 48.20
C GLY G 284 -35.26 29.22 47.80
N GLN G 285 -36.58 29.32 47.58
CA GLN G 285 -37.43 28.17 47.30
C GLN G 285 -37.49 28.03 45.76
N ILE G 286 -36.65 28.74 45.02
CA ILE G 286 -36.47 28.50 43.57
C ILE G 286 -35.60 27.25 43.33
N CYS G 287 -35.83 26.50 42.26
CA CYS G 287 -35.00 25.31 41.96
C CYS G 287 -33.57 25.70 41.57
N THR G 288 -33.46 26.78 40.81
CA THR G 288 -32.21 27.29 40.30
C THR G 288 -31.58 28.36 41.17
N SER G 289 -32.07 28.48 42.40
CA SER G 289 -31.51 29.44 43.35
C SER G 289 -30.04 29.19 43.67
N ALA G 290 -29.34 30.22 44.10
CA ALA G 290 -27.93 30.05 44.34
C ALA G 290 -27.80 29.58 45.77
N LYS G 291 -27.64 28.27 45.91
CA LYS G 291 -27.78 27.64 47.20
C LYS G 291 -26.42 27.43 47.88
N ARG G 292 -25.37 27.59 47.09
CA ARG G 292 -24.03 27.48 47.61
C ARG G 292 -23.23 28.61 47.05
N ILE G 293 -22.81 29.54 47.91
CA ILE G 293 -22.09 30.72 47.44
C ILE G 293 -20.59 30.54 47.64
N ILE G 294 -19.82 30.71 46.57
CA ILE G 294 -18.39 30.48 46.61
C ILE G 294 -17.62 31.74 46.25
N VAL G 295 -16.80 32.23 47.17
CA VAL G 295 -16.10 33.47 46.92
C VAL G 295 -14.60 33.35 47.10
N HIS G 296 -13.89 34.00 46.18
CA HIS G 296 -12.46 34.08 46.18
C HIS G 296 -11.97 34.87 47.39
N LYS G 297 -10.90 34.40 48.05
CA LYS G 297 -10.50 35.00 49.32
C LYS G 297 -10.04 36.48 49.22
N ALA G 298 -9.50 36.89 48.09
CA ALA G 298 -8.98 38.26 47.97
C ALA G 298 -10.07 39.31 48.15
N VAL G 299 -11.29 38.98 47.75
CA VAL G 299 -12.48 39.81 48.00
C VAL G 299 -13.39 39.33 49.11
N ALA G 300 -13.07 38.21 49.73
CA ALA G 300 -14.11 37.49 50.45
C ALA G 300 -14.55 38.13 51.76
N ASP G 301 -13.64 38.79 52.48
CA ASP G 301 -14.02 39.41 53.74
C ASP G 301 -14.97 40.57 53.44
N LYS G 302 -14.55 41.41 52.49
CA LYS G 302 -15.35 42.57 52.07
C LYS G 302 -16.70 42.05 51.62
N PHE G 303 -16.67 40.95 50.87
CA PHE G 303 -17.88 40.36 50.29
C PHE G 303 -18.85 39.89 51.34
N ILE G 304 -18.34 39.10 52.28
CA ILE G 304 -19.16 38.51 53.32
C ILE G 304 -19.81 39.60 54.14
N GLU G 305 -19.00 40.60 54.53
CA GLU G 305 -19.50 41.77 55.23
C GLU G 305 -20.68 42.37 54.49
N ARG G 306 -20.47 42.62 53.20
CA ARG G 306 -21.45 43.28 52.34
C ARG G 306 -22.76 42.47 52.09
N TYR G 307 -22.59 41.19 51.87
CA TYR G 307 -23.71 40.31 51.63
C TYR G 307 -24.55 40.22 52.90
N VAL G 308 -23.89 40.15 54.05
CA VAL G 308 -24.65 40.11 55.30
C VAL G 308 -25.40 41.44 55.48
N HIS G 309 -24.72 42.54 55.17
CA HIS G 309 -25.34 43.87 55.24
C HIS G 309 -26.65 43.93 54.46
N TYR G 310 -26.63 43.46 53.22
CA TYR G 310 -27.87 43.49 52.44
C TYR G 310 -28.87 42.42 52.88
N VAL G 311 -28.40 41.30 53.44
CA VAL G 311 -29.34 40.26 53.88
C VAL G 311 -30.16 40.82 55.01
N LYS G 312 -29.52 41.64 55.83
CA LYS G 312 -30.15 42.19 57.02
C LYS G 312 -31.29 43.15 56.65
N MET G 313 -31.12 43.84 55.52
CA MET G 313 -32.08 44.82 55.05
C MET G 313 -33.39 44.25 54.51
N LEU G 314 -33.49 42.93 54.44
CA LEU G 314 -34.67 42.33 53.81
C LEU G 314 -35.86 42.41 54.74
N ARG G 315 -36.98 42.95 54.24
CA ARG G 315 -38.22 42.96 55.03
C ARG G 315 -38.89 41.58 54.99
N ILE G 316 -39.02 40.96 56.16
CA ILE G 316 -39.79 39.72 56.26
C ILE G 316 -41.12 40.04 56.91
N ASP G 317 -42.18 39.97 56.10
CA ASP G 317 -43.50 40.37 56.55
C ASP G 317 -44.57 39.49 55.89
N ASP G 318 -45.82 39.76 56.28
CA ASP G 318 -46.97 39.23 55.57
C ASP G 318 -46.87 39.71 54.12
N PRO G 319 -46.74 38.76 53.18
CA PRO G 319 -46.58 39.07 51.75
C PRO G 319 -47.66 39.99 51.18
N ARG G 320 -48.84 39.96 51.81
CA ARG G 320 -50.04 40.74 51.46
C ARG G 320 -50.08 42.22 51.88
N LYS G 321 -49.36 42.56 52.94
CA LYS G 321 -49.44 43.89 53.58
C LYS G 321 -49.20 45.04 52.60
N ASP G 322 -48.18 44.87 51.75
CA ASP G 322 -47.85 45.86 50.73
C ASP G 322 -46.86 45.30 49.70
N GLU G 323 -46.51 46.13 48.71
CA GLU G 323 -45.79 45.68 47.53
C GLU G 323 -44.27 45.58 47.72
N LYS G 324 -43.76 46.21 48.77
CA LYS G 324 -42.31 46.26 48.95
C LYS G 324 -41.77 45.17 49.90
N VAL G 325 -42.63 44.26 50.32
CA VAL G 325 -42.19 43.14 51.15
C VAL G 325 -41.19 42.26 50.39
N ASP G 326 -40.01 42.06 50.98
CA ASP G 326 -38.93 41.30 50.35
C ASP G 326 -39.08 39.78 50.46
N LEU G 327 -39.46 39.31 51.65
CA LEU G 327 -39.55 37.85 51.92
C LEU G 327 -40.83 37.42 52.62
N GLY G 328 -41.50 36.41 52.07
CA GLY G 328 -42.71 35.90 52.69
C GLY G 328 -42.43 34.69 53.56
N PRO G 329 -43.47 33.86 53.81
CA PRO G 329 -43.34 32.62 54.55
C PRO G 329 -42.85 31.46 53.69
N LEU G 330 -42.32 30.43 54.33
CA LEU G 330 -42.12 29.17 53.63
C LEU G 330 -43.49 28.53 53.46
N ILE G 331 -43.59 27.60 52.52
CA ILE G 331 -44.88 27.06 52.13
C ILE G 331 -45.60 26.31 53.28
N ASN G 332 -44.87 25.63 54.16
CA ASN G 332 -45.51 24.91 55.23
C ASN G 332 -44.57 24.52 56.36
N GLU G 333 -45.14 23.92 57.40
CA GLU G 333 -44.43 23.55 58.63
C GLU G 333 -43.21 22.69 58.36
N ARG G 334 -43.34 21.72 57.44
CA ARG G 334 -42.22 20.82 57.14
C ARG G 334 -41.03 21.58 56.59
N GLN G 335 -41.29 22.64 55.84
CA GLN G 335 -40.18 23.42 55.34
C GLN G 335 -39.42 24.03 56.50
N VAL G 336 -40.16 24.51 57.50
CA VAL G 336 -39.51 25.14 58.64
C VAL G 336 -38.76 24.10 59.45
N ALA G 337 -39.37 22.93 59.62
CA ALA G 337 -38.72 21.84 60.34
C ALA G 337 -37.36 21.58 59.72
N LEU G 338 -37.37 21.46 58.39
CA LEU G 338 -36.18 21.12 57.63
C LEU G 338 -35.12 22.21 57.70
N MET G 339 -35.51 23.47 57.60
CA MET G 339 -34.53 24.53 57.70
C MET G 339 -33.91 24.52 59.09
N LYS G 340 -34.71 24.12 60.08
CA LYS G 340 -34.17 24.00 61.42
C LYS G 340 -33.15 22.87 61.44
N GLU G 341 -33.44 21.76 60.76
CA GLU G 341 -32.50 20.64 60.73
C GLU G 341 -31.19 21.05 60.08
N PHE G 342 -31.29 21.87 59.04
CA PHE G 342 -30.11 22.37 58.35
C PHE G 342 -29.30 23.28 59.27
N VAL G 343 -29.98 24.22 59.94
CA VAL G 343 -29.30 25.18 60.81
C VAL G 343 -28.66 24.49 62.00
N ASP G 344 -29.43 23.61 62.65
CA ASP G 344 -28.98 22.78 63.76
C ASP G 344 -27.73 22.02 63.33
N ASP G 345 -27.80 21.39 62.15
CA ASP G 345 -26.68 20.62 61.61
C ASP G 345 -25.42 21.46 61.43
N ALA G 346 -25.54 22.58 60.73
CA ALA G 346 -24.38 23.39 60.45
C ALA G 346 -23.77 23.88 61.75
N VAL G 347 -24.62 24.14 62.73
CA VAL G 347 -24.15 24.67 64.01
C VAL G 347 -23.33 23.60 64.71
N SER G 348 -23.85 22.39 64.79
CA SER G 348 -23.13 21.38 65.55
C SER G 348 -21.87 20.89 64.82
N ARG G 349 -21.76 21.22 63.53
CA ARG G 349 -20.60 20.80 62.74
C ARG G 349 -19.50 21.82 62.73
N GLY G 350 -19.69 22.92 63.45
CA GLY G 350 -18.67 23.95 63.61
C GLY G 350 -18.90 25.23 62.80
N GLY G 351 -20.05 25.31 62.16
CA GLY G 351 -20.34 26.46 61.32
C GLY G 351 -20.53 27.70 62.17
N ARG G 352 -20.24 28.87 61.59
CA ARG G 352 -20.45 30.15 62.27
C ARG G 352 -21.64 30.85 61.68
N LEU G 353 -22.66 31.09 62.51
CA LEU G 353 -23.91 31.67 62.01
C LEU G 353 -23.84 33.19 62.11
N LEU G 354 -23.71 33.86 60.96
CA LEU G 354 -23.51 35.30 60.94
C LEU G 354 -24.80 36.08 61.15
N ILE G 355 -25.95 35.49 60.80
CA ILE G 355 -27.21 36.22 60.81
C ILE G 355 -28.39 35.26 60.54
N GLY G 356 -29.59 35.70 60.96
CA GLY G 356 -30.82 34.95 60.75
C GLY G 356 -30.95 33.68 61.57
N GLY G 357 -31.94 32.87 61.20
CA GLY G 357 -32.23 31.63 61.89
C GLY G 357 -33.51 31.71 62.70
N ARG G 358 -33.91 32.94 63.01
CA ARG G 358 -35.16 33.21 63.73
C ARG G 358 -36.35 32.67 62.95
N SER G 359 -37.25 31.93 63.59
CA SER G 359 -38.41 31.44 62.85
C SER G 359 -39.68 31.40 63.68
N TRP G 360 -40.77 31.95 63.12
CA TRP G 360 -42.10 32.00 63.75
C TRP G 360 -43.16 31.57 62.76
N GLY G 361 -44.05 30.67 63.17
CA GLY G 361 -45.03 30.14 62.24
C GLY G 361 -44.32 29.58 61.01
N ASN G 362 -44.74 29.99 59.82
CA ASN G 362 -44.06 29.54 58.61
C ASN G 362 -43.00 30.51 58.11
N PHE G 363 -42.73 31.58 58.86
CA PHE G 363 -41.74 32.59 58.48
C PHE G 363 -40.34 32.25 58.98
N PHE G 364 -39.33 32.55 58.17
CA PHE G 364 -37.96 32.19 58.51
C PHE G 364 -36.94 33.26 58.11
N GLU G 365 -36.18 33.77 59.08
CA GLU G 365 -35.12 34.73 58.76
C GLU G 365 -33.97 34.05 58.05
N PRO G 366 -33.53 34.58 56.91
CA PRO G 366 -32.42 33.89 56.22
C PRO G 366 -31.23 33.63 57.14
N ALA G 367 -30.83 32.37 57.24
CA ALA G 367 -29.70 32.01 58.09
C ALA G 367 -28.43 31.88 57.25
N ILE G 368 -27.48 32.78 57.49
CA ILE G 368 -26.22 32.75 56.74
C ILE G 368 -25.09 32.10 57.55
N PHE G 369 -24.40 31.14 56.93
CA PHE G 369 -23.28 30.42 57.55
C PHE G 369 -21.92 30.59 56.83
N VAL G 370 -20.85 30.75 57.61
CA VAL G 370 -19.50 30.59 57.07
C VAL G 370 -18.79 29.53 57.88
N ASP G 371 -17.52 29.26 57.54
CA ASP G 371 -16.79 28.15 58.13
C ASP G 371 -17.57 26.85 57.91
N VAL G 372 -17.84 26.53 56.65
CA VAL G 372 -18.46 25.25 56.32
C VAL G 372 -17.42 24.35 55.63
N ASP G 373 -17.64 23.05 55.70
CA ASP G 373 -16.84 22.12 54.94
C ASP G 373 -17.78 21.17 54.19
N ARG G 374 -17.23 20.39 53.26
CA ARG G 374 -18.06 19.67 52.30
C ARG G 374 -19.04 18.70 52.95
N ASN G 375 -18.91 18.49 54.26
CA ASN G 375 -19.77 17.56 54.97
C ASN G 375 -21.07 18.12 55.52
N PHE G 376 -21.17 19.45 55.63
CA PHE G 376 -22.41 20.09 56.09
C PHE G 376 -23.61 19.68 55.25
N ARG G 377 -24.74 19.36 55.89
CA ARG G 377 -25.91 19.00 55.11
C ARG G 377 -26.22 20.09 54.07
N ILE G 378 -25.87 21.33 54.35
CA ILE G 378 -26.24 22.39 53.45
C ILE G 378 -25.24 22.56 52.32
N MET G 379 -24.13 21.80 52.34
CA MET G 379 -23.30 21.61 51.14
C MET G 379 -23.73 20.42 50.28
N ARG G 380 -24.23 19.39 50.97
CA ARG G 380 -24.56 18.10 50.40
C ARG G 380 -26.01 17.93 49.94
N GLU G 381 -26.88 18.87 50.29
CA GLU G 381 -28.29 18.65 49.97
C GLU G 381 -28.94 19.87 49.34
N GLU G 382 -30.11 19.68 48.74
CA GLU G 382 -30.79 20.83 48.19
C GLU G 382 -31.38 21.59 49.36
N VAL G 383 -30.96 22.82 49.54
CA VAL G 383 -31.52 23.54 50.65
C VAL G 383 -32.61 24.39 50.06
N PHE G 384 -33.86 23.96 50.22
CA PHE G 384 -34.95 24.66 49.56
C PHE G 384 -35.57 25.57 50.59
N GLY G 385 -35.02 26.77 50.66
CA GLY G 385 -35.31 27.65 51.77
C GLY G 385 -34.15 28.56 52.09
N PRO G 386 -34.35 29.49 53.04
CA PRO G 386 -33.33 30.49 53.30
C PRO G 386 -32.32 30.06 54.39
N VAL G 387 -31.58 29.00 54.10
CA VAL G 387 -30.34 28.73 54.79
C VAL G 387 -29.26 28.78 53.71
N ARG G 388 -28.18 29.53 53.90
CA ARG G 388 -27.11 29.53 52.88
C ARG G 388 -25.67 29.48 53.40
N PRO G 389 -24.86 28.59 52.82
CA PRO G 389 -23.40 28.59 52.99
C PRO G 389 -22.64 29.61 52.13
N ILE G 390 -21.61 30.17 52.73
CA ILE G 390 -20.57 30.89 52.02
C ILE G 390 -19.26 30.13 52.22
N VAL G 391 -18.63 29.80 51.10
CA VAL G 391 -17.40 29.02 51.07
C VAL G 391 -16.31 29.91 50.55
N VAL G 392 -15.16 29.94 51.21
CA VAL G 392 -14.09 30.75 50.68
C VAL G 392 -13.02 29.90 50.01
N VAL G 393 -12.78 30.17 48.72
CA VAL G 393 -11.80 29.41 47.95
C VAL G 393 -10.61 30.27 47.53
N GLU G 394 -9.45 29.62 47.39
CA GLU G 394 -8.19 30.31 47.13
C GLU G 394 -7.86 30.61 45.69
N ASN G 395 -8.50 29.90 44.77
CA ASN G 395 -8.28 30.14 43.35
C ASN G 395 -9.38 29.50 42.52
N ASP G 396 -9.32 29.72 41.20
CA ASP G 396 -10.34 29.23 40.30
C ASP G 396 -10.42 27.70 40.39
N ASP G 397 -9.29 27.04 40.59
CA ASP G 397 -9.29 25.58 40.65
C ASP G 397 -10.19 25.05 41.78
N GLN G 398 -10.06 25.65 42.96
CA GLN G 398 -10.87 25.31 44.13
C GLN G 398 -12.29 25.78 43.98
N ALA G 399 -12.47 26.92 43.33
CA ALA G 399 -13.80 27.42 43.01
C ALA G 399 -14.56 26.36 42.22
N VAL G 400 -13.89 25.83 41.19
CA VAL G 400 -14.52 24.85 40.33
C VAL G 400 -14.71 23.54 41.08
N GLU G 401 -13.67 23.09 41.77
CA GLU G 401 -13.75 21.86 42.55
C GLU G 401 -14.95 21.87 43.50
N VAL G 402 -15.10 22.95 44.27
CA VAL G 402 -16.22 23.09 45.22
C VAL G 402 -17.55 23.16 44.50
N ALA G 403 -17.60 23.96 43.44
CA ALA G 403 -18.81 24.15 42.67
C ALA G 403 -19.31 22.80 42.19
N ASN G 404 -18.38 21.97 41.77
CA ASN G 404 -18.67 20.65 41.22
C ASN G 404 -19.00 19.63 42.28
N ASP G 405 -18.70 19.92 43.55
CA ASP G 405 -18.87 18.90 44.56
C ASP G 405 -20.32 18.97 45.08
N THR G 406 -21.14 18.12 44.46
CA THR G 406 -22.59 18.09 44.65
C THR G 406 -23.16 17.05 43.71
N ASP G 407 -24.34 16.55 44.02
CA ASP G 407 -24.88 15.53 43.18
C ASP G 407 -25.67 16.22 42.10
N TYR G 408 -25.94 17.50 42.34
CA TYR G 408 -26.83 18.29 41.51
C TYR G 408 -26.12 18.96 40.35
N GLY G 409 -26.84 19.02 39.25
CA GLY G 409 -26.33 19.58 38.01
C GLY G 409 -27.06 20.75 37.42
N LEU G 410 -27.92 21.42 38.16
CA LEU G 410 -28.93 22.21 37.46
C LEU G 410 -28.34 23.44 36.76
N SER G 411 -27.91 24.44 37.52
CA SER G 411 -27.38 25.67 36.96
C SER G 411 -26.16 26.11 37.75
N GLY G 412 -25.70 27.32 37.45
CA GLY G 412 -24.56 27.88 38.15
C GLY G 412 -24.20 29.20 37.51
N ALA G 413 -23.44 30.01 38.23
CA ALA G 413 -23.07 31.32 37.73
C ALA G 413 -21.65 31.67 38.16
N VAL G 414 -20.97 32.50 37.39
CA VAL G 414 -19.74 33.06 37.91
C VAL G 414 -19.70 34.56 37.67
N LEU G 415 -19.24 35.28 38.68
CA LEU G 415 -19.05 36.71 38.58
C LEU G 415 -17.56 37.00 38.37
N THR G 416 -17.27 37.74 37.32
CA THR G 416 -15.93 38.19 37.04
C THR G 416 -16.00 39.07 35.85
N ASN G 417 -14.99 39.90 35.66
CA ASN G 417 -14.86 40.67 34.44
C ASN G 417 -13.89 40.05 33.45
N ASN G 418 -13.19 39.00 33.89
CA ASN G 418 -12.16 38.34 33.08
C ASN G 418 -12.73 37.30 32.11
N VAL G 419 -12.53 37.55 30.82
CA VAL G 419 -13.14 36.72 29.78
C VAL G 419 -12.62 35.28 29.86
N ASN G 420 -11.31 35.12 30.01
CA ASN G 420 -10.76 33.79 30.09
C ASN G 420 -11.17 33.02 31.35
N ARG G 421 -11.20 33.71 32.49
CA ARG G 421 -11.65 33.08 33.73
C ARG G 421 -13.13 32.71 33.68
N ALA G 422 -13.94 33.62 33.12
CA ALA G 422 -15.37 33.37 32.94
C ALA G 422 -15.64 32.15 32.06
N PHE G 423 -15.05 32.12 30.88
CA PHE G 423 -15.25 31.00 30.00
C PHE G 423 -14.70 29.69 30.62
N ARG G 424 -13.52 29.71 31.22
CA ARG G 424 -12.96 28.46 31.73
C ARG G 424 -13.78 27.90 32.87
N ILE G 425 -14.29 28.81 33.71
CA ILE G 425 -15.15 28.37 34.81
C ILE G 425 -16.50 27.85 34.28
N ALA G 426 -17.09 28.53 33.30
CA ALA G 426 -18.37 28.09 32.75
C ALA G 426 -18.22 26.71 32.11
N GLU G 427 -17.07 26.47 31.47
CA GLU G 427 -16.84 25.21 30.81
C GLU G 427 -16.64 24.13 31.82
N ALA G 428 -16.00 24.49 32.93
CA ALA G 428 -15.61 23.52 33.95
C ALA G 428 -16.75 23.07 34.85
N VAL G 429 -17.66 24.00 35.17
CA VAL G 429 -18.73 23.72 36.12
C VAL G 429 -19.76 22.79 35.50
N GLU G 430 -20.07 21.67 36.16
CA GLU G 430 -20.93 20.68 35.55
C GLU G 430 -22.38 20.97 35.90
N SER G 431 -23.07 21.53 34.91
CA SER G 431 -24.43 22.02 35.06
C SER G 431 -25.17 22.07 33.72
N GLY G 432 -26.49 22.01 33.77
CA GLY G 432 -27.29 22.04 32.57
C GLY G 432 -27.41 23.43 32.00
N MET G 433 -27.27 24.43 32.86
CA MET G 433 -27.32 25.81 32.42
C MET G 433 -26.21 26.56 33.14
N PHE G 434 -25.76 27.68 32.57
CA PHE G 434 -24.75 28.48 33.23
C PHE G 434 -24.81 29.96 32.84
N HIS G 435 -24.52 30.82 33.80
CA HIS G 435 -24.67 32.23 33.52
C HIS G 435 -23.46 33.04 33.98
N ILE G 436 -22.83 33.72 33.05
CA ILE G 436 -21.77 34.64 33.41
C ILE G 436 -22.43 35.98 33.74
N ASN G 437 -22.02 36.51 34.89
CA ASN G 437 -22.40 37.82 35.38
C ASN G 437 -23.89 38.05 35.46
N ASP G 438 -24.58 37.09 36.07
CA ASP G 438 -26.01 37.21 36.36
C ASP G 438 -26.42 36.23 37.45
N VAL G 439 -27.70 36.28 37.83
CA VAL G 439 -28.26 35.38 38.82
C VAL G 439 -28.23 33.94 38.30
N THR G 440 -28.26 32.95 39.19
CA THR G 440 -28.25 31.56 38.75
C THR G 440 -29.61 31.12 38.20
N PHE G 441 -30.67 31.77 38.67
CA PHE G 441 -32.04 31.35 38.35
C PHE G 441 -32.61 32.01 37.05
N LEU G 442 -31.70 32.60 36.27
CA LEU G 442 -32.05 33.15 34.97
C LEU G 442 -32.84 32.15 34.12
N GLU G 443 -33.95 32.61 33.55
CA GLU G 443 -34.85 31.75 32.77
C GLU G 443 -35.59 32.53 31.67
N GLU G 444 -35.68 31.96 30.47
CA GLU G 444 -36.42 32.59 29.35
C GLU G 444 -37.39 31.55 28.80
N SER G 445 -38.43 32.01 28.11
CA SER G 445 -39.47 31.09 27.64
C SER G 445 -39.00 30.08 26.58
N HIS G 446 -38.13 30.50 25.68
CA HIS G 446 -37.74 29.70 24.53
C HIS G 446 -36.42 28.95 24.68
N VAL G 447 -35.81 28.99 25.87
CA VAL G 447 -34.46 28.42 26.05
C VAL G 447 -34.57 27.11 26.80
N PRO G 448 -33.61 26.19 26.58
CA PRO G 448 -33.61 24.82 27.12
C PRO G 448 -33.29 24.78 28.60
N PHE G 449 -34.33 24.89 29.42
CA PHE G 449 -34.20 24.78 30.88
C PHE G 449 -34.01 23.34 31.37
N GLY G 450 -32.92 23.08 32.08
CA GLY G 450 -32.69 21.74 32.58
C GLY G 450 -31.37 21.48 33.27
N GLY G 451 -31.32 20.36 33.99
CA GLY G 451 -30.10 19.93 34.64
C GLY G 451 -29.38 18.71 34.08
N ILE G 452 -28.25 18.43 34.69
CA ILE G 452 -27.55 17.19 34.45
C ILE G 452 -27.45 16.54 35.81
N LYS G 453 -26.83 15.36 35.88
CA LYS G 453 -26.58 14.71 37.15
C LYS G 453 -27.87 14.45 37.92
N ALA G 454 -27.90 14.75 39.22
CA ALA G 454 -29.08 14.43 40.03
C ALA G 454 -30.21 15.41 39.78
N SER G 455 -29.95 16.44 38.99
CA SER G 455 -30.93 17.49 38.78
C SER G 455 -32.01 17.12 37.76
N GLY G 456 -31.88 15.93 37.18
CA GLY G 456 -32.88 15.44 36.24
C GLY G 456 -32.47 15.32 34.78
N VAL G 457 -33.44 14.98 33.95
CA VAL G 457 -33.24 14.72 32.53
C VAL G 457 -34.26 15.48 31.69
N GLY G 458 -33.92 15.80 30.45
CA GLY G 458 -34.82 16.56 29.58
C GLY G 458 -34.50 18.04 29.65
N ARG G 459 -35.08 18.81 28.74
CA ARG G 459 -35.03 20.28 28.79
C ARG G 459 -36.38 20.84 28.37
N GLU G 460 -36.86 21.87 29.05
CA GLU G 460 -38.15 22.46 28.70
C GLU G 460 -38.05 23.94 28.38
N GLY G 461 -39.12 24.41 27.74
CA GLY G 461 -39.29 25.77 27.24
C GLY G 461 -39.05 25.77 25.75
N GLY G 462 -39.88 26.53 25.04
CA GLY G 462 -39.85 26.58 23.59
C GLY G 462 -39.79 25.24 22.86
N GLU G 463 -39.02 25.26 21.78
CA GLU G 463 -38.85 24.09 20.93
C GLU G 463 -38.29 22.93 21.71
N TRP G 464 -37.55 23.18 22.78
CA TRP G 464 -37.04 22.05 23.54
C TRP G 464 -38.17 21.30 24.23
N SER G 465 -39.13 22.07 24.75
CA SER G 465 -40.26 21.49 25.42
C SER G 465 -41.02 20.70 24.32
N PHE G 466 -41.02 21.23 23.10
CA PHE G 466 -41.56 20.48 21.96
C PHE G 466 -40.84 19.16 21.70
N HIS G 467 -39.50 19.19 21.74
CA HIS G 467 -38.69 17.98 21.52
C HIS G 467 -39.13 16.90 22.49
N GLU G 468 -39.33 17.31 23.74
CA GLU G 468 -39.65 16.40 24.81
C GLU G 468 -40.97 15.63 24.56
N THR G 469 -42.00 16.36 24.16
CA THR G 469 -43.32 15.77 23.96
C THR G 469 -43.66 15.37 22.51
N THR G 470 -42.70 15.40 21.60
CA THR G 470 -42.94 14.84 20.26
C THR G 470 -41.97 13.72 19.88
N TYR G 471 -42.30 12.94 18.87
CA TYR G 471 -41.36 11.99 18.31
C TYR G 471 -41.11 12.22 16.82
N ASP G 472 -40.00 11.65 16.36
CA ASP G 472 -39.55 11.76 14.98
C ASP G 472 -40.05 10.55 14.21
N ARG G 473 -40.64 10.78 13.05
CA ARG G 473 -41.11 9.66 12.26
C ARG G 473 -40.57 9.70 10.85
N TRP G 474 -39.71 8.73 10.58
CA TRP G 474 -39.04 8.63 9.30
C TRP G 474 -40.03 8.06 8.29
N VAL G 475 -40.17 8.73 7.15
CA VAL G 475 -41.08 8.26 6.11
C VAL G 475 -40.31 8.27 4.80
N THR G 476 -40.41 7.17 4.05
CA THR G 476 -39.79 7.11 2.72
C THR G 476 -40.79 6.83 1.63
N VAL G 477 -40.52 7.36 0.45
CA VAL G 477 -41.22 6.93 -0.75
C VAL G 477 -40.22 6.40 -1.76
N THR G 478 -40.23 5.10 -1.99
CA THR G 478 -39.38 4.53 -3.03
C THR G 478 -40.08 4.61 -4.41
N LEU G 479 -39.38 5.18 -5.38
CA LEU G 479 -39.97 5.40 -6.73
C LEU G 479 -39.58 4.42 -7.83
N ARG G 480 -38.73 3.45 -7.53
CA ARG G 480 -38.32 2.48 -8.54
C ARG G 480 -38.34 1.06 -7.99
N THR G 481 -38.90 0.14 -8.76
CA THR G 481 -38.91 -1.27 -8.37
C THR G 481 -37.48 -1.86 -8.40
N ARG G 482 -37.21 -2.88 -7.60
CA ARG G 482 -35.91 -3.54 -7.69
C ARG G 482 -35.93 -5.05 -7.47
N ARG G 483 -34.83 -5.71 -7.86
CA ARG G 483 -34.61 -7.11 -7.55
C ARG G 483 -34.36 -7.28 -6.05
N PHE G 484 -34.55 -8.48 -5.52
CA PHE G 484 -34.24 -8.73 -4.12
C PHE G 484 -33.36 -9.96 -4.04
N PRO G 485 -32.49 -10.01 -3.03
CA PRO G 485 -31.57 -11.13 -2.83
C PRO G 485 -32.23 -12.50 -2.66
N ILE G 486 -33.41 -12.59 -2.03
CA ILE G 486 -34.06 -13.89 -1.87
C ILE G 486 -35.44 -13.90 -2.50
N PRO G 487 -35.82 -15.01 -3.11
CA PRO G 487 -34.94 -16.16 -3.29
C PRO G 487 -33.90 -15.85 -4.36
N SER G 488 -32.77 -16.54 -4.30
CA SER G 488 -31.67 -16.30 -5.22
C SER G 488 -31.97 -16.95 -6.55
N ALA G 489 -32.82 -17.98 -6.51
CA ALA G 489 -33.12 -18.78 -7.70
C ALA G 489 -33.87 -18.02 -8.81
N LEU G 490 -34.26 -16.77 -8.53
CA LEU G 490 -34.97 -15.95 -9.52
C LEU G 490 -34.09 -15.29 -10.60
N VAL H 9 -9.63 -15.50 22.25
CA VAL H 9 -10.73 -14.54 22.42
C VAL H 9 -10.80 -14.07 23.87
N ALA H 10 -10.91 -12.76 24.08
CA ALA H 10 -10.83 -12.17 25.42
C ALA H 10 -11.47 -10.77 25.51
N ASN H 11 -11.64 -10.27 26.73
CA ASN H 11 -12.06 -8.89 26.95
C ASN H 11 -11.05 -7.85 26.47
N TYR H 12 -11.55 -6.70 26.05
CA TYR H 12 -10.69 -5.55 25.77
C TYR H 12 -11.03 -4.46 26.78
N ILE H 13 -10.11 -4.16 27.68
CA ILE H 13 -10.33 -3.18 28.74
C ILE H 13 -9.14 -2.25 28.95
N ASN H 14 -9.45 -0.96 29.04
CA ASN H 14 -8.46 0.08 29.19
C ASN H 14 -7.29 -0.10 28.24
N GLY H 15 -7.62 -0.38 26.99
CA GLY H 15 -6.62 -0.45 25.95
C GLY H 15 -5.75 -1.70 25.92
N GLU H 16 -6.15 -2.73 26.68
CA GLU H 16 -5.44 -4.01 26.62
C GLU H 16 -6.40 -5.20 26.59
N PHE H 17 -6.02 -6.26 25.90
CA PHE H 17 -6.80 -7.51 25.88
C PHE H 17 -6.43 -8.41 27.04
N LYS H 18 -7.40 -8.71 27.89
CA LYS H 18 -7.15 -9.63 29.01
C LYS H 18 -8.29 -10.60 29.18
N GLU H 19 -8.05 -11.60 30.02
CA GLU H 19 -9.08 -12.56 30.41
C GLU H 19 -10.01 -11.88 31.39
N PRO H 20 -11.18 -12.49 31.65
CA PRO H 20 -11.99 -12.08 32.78
C PRO H 20 -11.26 -12.33 34.10
N SER H 21 -11.66 -11.61 35.13
CA SER H 21 -10.97 -11.68 36.40
C SER H 21 -10.96 -13.11 36.94
N THR H 22 -12.09 -13.79 36.76
CA THR H 22 -12.29 -15.11 37.34
C THR H 22 -11.74 -16.23 36.50
N GLY H 23 -11.12 -15.89 35.37
CA GLY H 23 -10.60 -16.89 34.46
C GLY H 23 -11.70 -17.76 33.91
N ALA H 24 -12.94 -17.35 34.19
CA ALA H 24 -14.11 -18.08 33.74
C ALA H 24 -14.24 -18.00 32.23
N PHE H 25 -14.43 -19.14 31.59
CA PHE H 25 -14.67 -19.15 30.17
C PHE H 25 -15.85 -20.03 29.86
N GLN H 26 -16.34 -19.95 28.62
CA GLN H 26 -17.37 -20.86 28.13
C GLN H 26 -17.13 -21.14 26.63
N VAL H 27 -17.74 -22.21 26.14
CA VAL H 27 -17.48 -22.66 24.79
C VAL H 27 -18.64 -22.32 23.88
N LYS H 28 -18.43 -21.40 22.94
CA LYS H 28 -19.51 -20.97 22.07
C LYS H 28 -19.38 -21.63 20.70
N THR H 29 -20.46 -22.29 20.29
CA THR H 29 -20.46 -23.14 19.10
C THR H 29 -21.44 -22.68 18.05
N SER H 30 -21.16 -23.01 16.80
CA SER H 30 -21.98 -22.57 15.67
C SER H 30 -23.44 -23.06 15.72
N PRO H 31 -24.37 -22.15 15.41
CA PRO H 31 -25.77 -22.55 15.21
C PRO H 31 -25.91 -23.40 13.97
N VAL H 32 -24.88 -23.43 13.11
CA VAL H 32 -25.02 -24.12 11.84
C VAL H 32 -24.85 -25.62 12.04
N ASP H 33 -23.63 -26.10 12.27
CA ASP H 33 -23.42 -27.52 12.54
C ASP H 33 -23.19 -27.86 14.01
N GLY H 34 -23.26 -26.89 14.90
CA GLY H 34 -22.93 -27.18 16.30
C GLY H 34 -21.44 -27.29 16.60
N SER H 35 -20.62 -27.21 15.56
CA SER H 35 -19.16 -27.27 15.70
C SER H 35 -18.61 -26.21 16.66
N LYS H 36 -17.55 -26.55 17.39
CA LYS H 36 -16.90 -25.61 18.32
C LYS H 36 -16.31 -24.40 17.60
N ILE H 37 -16.72 -23.20 18.00
CA ILE H 37 -16.25 -21.97 17.37
C ILE H 37 -15.15 -21.31 18.16
N ALA H 38 -15.44 -20.93 19.41
CA ALA H 38 -14.38 -20.35 20.24
C ALA H 38 -14.62 -20.55 21.71
N GLU H 39 -13.56 -20.41 22.50
CA GLU H 39 -13.72 -20.21 23.92
C GLU H 39 -13.77 -18.71 24.12
N VAL H 40 -14.74 -18.25 24.90
CA VAL H 40 -14.96 -16.83 25.13
C VAL H 40 -15.06 -16.58 26.63
N PRO H 41 -14.85 -15.34 27.07
CA PRO H 41 -14.94 -15.10 28.51
C PRO H 41 -16.35 -15.24 29.04
N ARG H 42 -16.48 -15.62 30.32
CA ARG H 42 -17.72 -15.41 31.03
C ARG H 42 -17.40 -14.52 32.25
N SER H 43 -17.80 -13.26 32.13
CA SER H 43 -17.23 -12.21 32.96
C SER H 43 -18.16 -11.85 34.09
N GLY H 44 -17.58 -11.42 35.20
CA GLY H 44 -18.39 -11.09 36.36
C GLY H 44 -18.57 -9.59 36.48
N ARG H 45 -19.24 -9.16 37.54
CA ARG H 45 -19.44 -7.74 37.79
C ARG H 45 -18.09 -7.03 37.99
N GLU H 46 -17.05 -7.77 38.38
CA GLU H 46 -15.73 -7.15 38.57
C GLU H 46 -15.21 -6.62 37.23
N ASP H 47 -15.20 -7.48 36.21
CA ASP H 47 -14.75 -7.08 34.87
C ASP H 47 -15.51 -5.88 34.34
N ALA H 48 -16.83 -5.91 34.52
CA ALA H 48 -17.68 -4.81 34.13
C ALA H 48 -17.18 -3.54 34.77
N ARG H 49 -17.10 -3.54 36.11
CA ARG H 49 -16.70 -2.33 36.84
C ARG H 49 -15.34 -1.80 36.44
N GLU H 50 -14.33 -2.67 36.32
CA GLU H 50 -13.04 -2.25 35.76
C GLU H 50 -13.22 -1.52 34.40
N ALA H 51 -13.97 -2.10 33.48
CA ALA H 51 -14.21 -1.44 32.19
C ALA H 51 -14.92 -0.07 32.33
N ILE H 52 -16.01 -0.04 33.10
CA ILE H 52 -16.72 1.20 33.37
C ILE H 52 -15.81 2.29 33.94
N ASP H 53 -15.00 1.93 34.94
CA ASP H 53 -14.02 2.86 35.51
C ASP H 53 -13.05 3.37 34.46
N SER H 54 -12.58 2.44 33.64
CA SER H 54 -11.67 2.78 32.58
C SER H 54 -12.24 3.84 31.66
N ALA H 55 -13.52 3.69 31.31
CA ALA H 55 -14.18 4.64 30.41
C ALA H 55 -14.44 5.96 31.12
N PHE H 56 -14.74 5.87 32.41
CA PHE H 56 -14.96 7.06 33.20
C PHE H 56 -13.70 7.94 33.26
N GLU H 57 -12.55 7.29 33.34
CA GLU H 57 -11.28 8.03 33.40
C GLU H 57 -10.83 8.52 32.03
N ALA H 58 -11.05 7.68 31.01
CA ALA H 58 -10.76 8.08 29.63
C ALA H 58 -11.64 9.24 29.17
N LEU H 59 -12.75 9.45 29.92
CA LEU H 59 -13.82 10.33 29.47
C LEU H 59 -13.43 11.79 29.25
N LYS H 60 -12.75 12.39 30.20
CA LYS H 60 -12.52 13.84 30.08
C LYS H 60 -11.56 14.14 28.94
N ALA H 61 -10.43 13.45 28.92
CA ALA H 61 -9.48 13.55 27.81
C ALA H 61 -10.20 13.39 26.47
N TRP H 62 -11.01 12.33 26.35
CA TRP H 62 -11.71 12.00 25.10
C TRP H 62 -12.76 13.03 24.64
N ALA H 63 -13.50 13.59 25.60
CA ALA H 63 -14.54 14.54 25.25
C ALA H 63 -13.99 15.92 25.00
N ASN H 64 -12.83 16.23 25.59
CA ASN H 64 -12.37 17.62 25.52
C ASN H 64 -11.36 17.86 24.41
N ILE H 65 -11.06 16.84 23.61
CA ILE H 65 -10.31 17.08 22.38
C ILE H 65 -11.28 17.54 21.33
N PRO H 66 -10.78 18.21 20.27
CA PRO H 66 -11.65 18.67 19.19
C PRO H 66 -12.36 17.56 18.44
N ALA H 67 -13.60 17.84 18.04
CA ALA H 67 -14.41 16.92 17.27
C ALA H 67 -13.62 16.32 16.10
N ILE H 68 -12.73 17.12 15.52
CA ILE H 68 -11.99 16.69 14.35
C ILE H 68 -11.06 15.52 14.71
N ARG H 69 -10.60 15.48 15.94
CA ARG H 69 -9.63 14.45 16.33
C ARG H 69 -10.33 13.10 16.52
N ARG H 70 -11.48 13.15 17.19
CA ARG H 70 -12.39 12.02 17.25
C ARG H 70 -12.73 11.50 15.84
N ALA H 71 -13.18 12.42 14.99
CA ALA H 71 -13.48 12.11 13.59
C ALA H 71 -12.33 11.35 12.94
N GLU H 72 -11.12 11.87 13.12
CA GLU H 72 -9.93 11.19 12.64
C GLU H 72 -9.87 9.74 13.12
N TYR H 73 -9.98 9.56 14.44
CA TYR H 73 -9.97 8.21 15.01
C TYR H 73 -10.98 7.32 14.33
N LEU H 74 -12.16 7.89 14.06
CA LEU H 74 -13.23 7.12 13.43
C LEU H 74 -12.86 6.76 12.01
N TYR H 75 -12.18 7.65 11.30
CA TYR H 75 -11.77 7.32 9.94
C TYR H 75 -10.73 6.21 9.95
N LYS H 76 -9.78 6.25 10.89
CA LYS H 76 -8.84 5.13 10.98
C LYS H 76 -9.60 3.83 11.25
N MET H 77 -10.60 3.91 12.11
CA MET H 77 -11.46 2.77 12.42
C MET H 77 -12.11 2.22 11.14
N LEU H 78 -12.56 3.13 10.28
CA LEU H 78 -13.19 2.76 9.02
C LEU H 78 -12.20 2.00 8.13
N GLU H 79 -10.98 2.55 8.03
CA GLU H 79 -9.88 1.93 7.28
C GLU H 79 -9.62 0.49 7.72
N VAL H 80 -9.46 0.33 9.04
CA VAL H 80 -9.23 -0.97 9.65
C VAL H 80 -10.36 -1.91 9.31
N PHE H 81 -11.57 -1.39 9.40
CA PHE H 81 -12.74 -2.18 9.10
C PHE H 81 -12.64 -2.73 7.68
N ARG H 82 -12.35 -1.84 6.75
CA ARG H 82 -12.22 -2.22 5.37
C ARG H 82 -11.18 -3.33 5.19
N GLN H 83 -10.12 -3.30 5.99
CA GLN H 83 -9.14 -4.41 5.95
C GLN H 83 -9.69 -5.72 6.53
N MET H 84 -10.59 -5.62 7.50
CA MET H 84 -11.13 -6.84 8.17
C MET H 84 -12.46 -7.37 7.61
N LYS H 85 -12.95 -6.80 6.51
CA LYS H 85 -14.29 -7.16 6.01
C LYS H 85 -14.59 -8.67 5.97
N GLU H 86 -13.67 -9.48 5.47
CA GLU H 86 -13.98 -10.90 5.28
C GLU H 86 -13.78 -11.73 6.54
N ASP H 87 -13.00 -11.25 7.50
CA ASP H 87 -13.02 -11.84 8.83
C ASP H 87 -14.39 -11.60 9.45
N PHE H 88 -14.93 -10.40 9.21
CA PHE H 88 -16.23 -10.06 9.77
C PHE H 88 -17.32 -10.89 9.13
N MET H 89 -17.31 -10.97 7.80
CA MET H 89 -18.25 -11.82 7.07
C MET H 89 -18.18 -13.26 7.57
N LYS H 90 -16.97 -13.81 7.58
CA LYS H 90 -16.73 -15.20 8.01
C LYS H 90 -17.35 -15.47 9.39
N ILE H 91 -17.17 -14.56 10.34
CA ILE H 91 -17.80 -14.74 11.65
C ILE H 91 -19.33 -14.55 11.67
N LEU H 92 -19.84 -13.56 10.95
CA LEU H 92 -21.27 -13.29 10.95
C LEU H 92 -22.05 -14.49 10.44
N THR H 93 -21.44 -15.18 9.48
CA THR H 93 -22.00 -16.41 8.96
C THR H 93 -21.81 -17.57 9.93
N VAL H 94 -20.62 -17.74 10.50
CA VAL H 94 -20.37 -18.92 11.31
C VAL H 94 -20.97 -18.82 12.71
N GLU H 95 -20.88 -17.65 13.31
CA GLU H 95 -21.39 -17.44 14.66
C GLU H 95 -22.89 -17.15 14.64
N GLY H 96 -23.33 -16.44 13.61
CA GLY H 96 -24.70 -15.98 13.55
C GLY H 96 -25.61 -16.67 12.55
N GLY H 97 -25.04 -17.50 11.70
CA GLY H 97 -25.82 -18.22 10.70
C GLY H 97 -26.45 -17.35 9.64
N GLY H 98 -25.82 -16.23 9.33
CA GLY H 98 -26.32 -15.38 8.26
C GLY H 98 -25.78 -15.87 6.93
N THR H 99 -26.52 -15.59 5.86
CA THR H 99 -26.09 -16.03 4.54
C THR H 99 -24.91 -15.19 3.99
N TYR H 100 -24.37 -15.55 2.83
CA TYR H 100 -23.33 -14.70 2.26
C TYR H 100 -23.96 -13.33 2.05
N ARG H 101 -25.02 -13.29 1.25
CA ARG H 101 -25.68 -12.02 0.92
C ARG H 101 -26.08 -11.22 2.17
N LYS H 102 -26.62 -11.88 3.18
CA LYS H 102 -27.03 -11.19 4.40
C LYS H 102 -25.86 -10.52 5.08
N VAL H 103 -24.84 -11.31 5.42
CA VAL H 103 -23.70 -10.75 6.15
C VAL H 103 -22.99 -9.72 5.27
N TRP H 104 -22.94 -9.96 3.97
CA TRP H 104 -22.27 -9.05 3.07
C TRP H 104 -22.90 -7.68 3.17
N GLY H 105 -24.21 -7.65 2.95
CA GLY H 105 -24.98 -6.44 3.16
C GLY H 105 -24.72 -5.81 4.53
N GLU H 106 -24.71 -6.64 5.58
CA GLU H 106 -24.39 -6.14 6.92
C GLU H 106 -23.06 -5.38 6.93
N VAL H 107 -22.04 -5.98 6.30
CA VAL H 107 -20.69 -5.45 6.33
C VAL H 107 -20.58 -4.15 5.53
N VAL H 108 -21.19 -4.11 4.36
CA VAL H 108 -21.27 -2.88 3.61
C VAL H 108 -21.90 -1.81 4.49
N PHE H 109 -22.99 -2.18 5.14
CA PHE H 109 -23.73 -1.19 5.92
C PHE H 109 -22.92 -0.67 7.08
N THR H 110 -22.14 -1.55 7.70
CA THR H 110 -21.36 -1.18 8.87
C THR H 110 -20.27 -0.23 8.43
N GLU H 111 -19.69 -0.51 7.26
CA GLU H 111 -18.74 0.39 6.64
C GLU H 111 -19.34 1.78 6.55
N ARG H 112 -20.49 1.84 5.89
CA ARG H 112 -21.21 3.09 5.76
C ARG H 112 -21.44 3.78 7.11
N LEU H 113 -21.74 2.99 8.14
CA LEU H 113 -22.02 3.52 9.49
C LEU H 113 -20.82 4.22 10.10
N ILE H 114 -19.73 3.47 10.20
CA ILE H 114 -18.50 4.03 10.75
C ILE H 114 -18.16 5.33 10.02
N GLN H 115 -18.18 5.26 8.69
CA GLN H 115 -17.98 6.45 7.90
C GLN H 115 -18.92 7.57 8.31
N ASN H 116 -20.20 7.27 8.53
CA ASN H 116 -21.17 8.30 8.87
C ASN H 116 -20.82 9.03 10.18
N ALA H 117 -20.47 8.28 11.22
CA ALA H 117 -20.16 8.89 12.49
C ALA H 117 -18.97 9.81 12.31
N ALA H 118 -18.01 9.36 11.51
CA ALA H 118 -16.86 10.22 11.24
C ALA H 118 -17.29 11.53 10.55
N GLU H 119 -18.02 11.38 9.45
CA GLU H 119 -18.55 12.53 8.71
C GLU H 119 -19.26 13.54 9.61
N LEU H 120 -20.01 13.06 10.59
CA LEU H 120 -20.90 13.96 11.33
C LEU H 120 -20.30 14.55 12.60
N ALA H 121 -19.18 14.01 13.05
CA ALA H 121 -18.66 14.44 14.35
C ALA H 121 -18.47 15.96 14.43
N ARG H 122 -17.88 16.54 13.39
CA ARG H 122 -17.54 17.94 13.43
C ARG H 122 -18.73 18.87 13.29
N HIS H 123 -19.84 18.35 12.77
CA HIS H 123 -21.00 19.16 12.40
C HIS H 123 -22.20 19.16 13.34
N TYR H 124 -22.03 18.56 14.50
CA TYR H 124 -23.11 18.56 15.47
C TYR H 124 -23.18 19.91 16.18
N GLN H 125 -24.27 20.63 15.95
CA GLN H 125 -24.32 22.07 16.25
C GLN H 125 -25.19 22.40 17.45
N GLY H 126 -24.85 23.50 18.08
CA GLY H 126 -25.66 24.10 19.12
C GLY H 126 -26.39 25.23 18.44
N ARG H 127 -26.90 26.18 19.21
CA ARG H 127 -27.73 27.23 18.62
C ARG H 127 -27.52 28.57 19.32
N VAL H 128 -27.57 29.67 18.55
CA VAL H 128 -27.44 31.00 19.11
C VAL H 128 -28.83 31.60 19.19
N LEU H 129 -29.20 32.10 20.36
CA LEU H 129 -30.58 32.49 20.60
C LEU H 129 -30.77 33.98 20.73
N GLN H 130 -31.95 34.47 20.38
CA GLN H 130 -32.39 35.82 20.73
C GLN H 130 -32.65 35.92 22.23
N SER H 131 -32.25 37.03 22.82
CA SER H 131 -32.54 37.24 24.20
C SER H 131 -33.82 38.04 24.33
N ASP H 132 -34.56 37.79 25.41
CA ASP H 132 -35.71 38.60 25.68
C ASP H 132 -35.30 39.75 26.60
N SER H 133 -34.03 39.73 26.99
CA SER H 133 -33.45 40.75 27.85
C SER H 133 -32.44 41.46 26.99
N GLU H 134 -32.06 42.68 27.34
CA GLU H 134 -31.02 43.29 26.54
C GLU H 134 -29.67 43.04 27.14
N SER H 135 -28.64 43.46 26.41
CA SER H 135 -27.26 43.23 26.79
C SER H 135 -27.04 41.81 27.29
N THR H 136 -27.71 40.86 26.65
CA THR H 136 -27.54 39.45 26.97
C THR H 136 -27.19 38.64 25.76
N ILE H 137 -26.05 37.99 25.79
CA ILE H 137 -25.71 36.93 24.84
C ILE H 137 -26.24 35.62 25.40
N SER H 138 -26.91 34.85 24.55
CA SER H 138 -27.52 33.61 25.01
C SER H 138 -27.34 32.51 23.99
N VAL H 139 -26.66 31.42 24.36
CA VAL H 139 -26.36 30.31 23.43
C VAL H 139 -26.62 28.94 24.04
N VAL H 140 -26.62 27.91 23.20
CA VAL H 140 -26.83 26.53 23.64
C VAL H 140 -25.75 25.66 23.07
N PHE H 141 -25.03 24.98 23.96
CA PHE H 141 -23.91 24.10 23.58
C PHE H 141 -24.32 22.64 23.57
N LYS H 142 -23.72 21.84 22.69
CA LYS H 142 -23.90 20.38 22.76
C LYS H 142 -22.74 19.69 23.55
N ARG H 143 -23.11 18.86 24.53
CA ARG H 143 -22.10 18.19 25.37
C ARG H 143 -22.34 16.71 25.50
N SER H 144 -21.26 15.94 25.44
CA SER H 144 -21.38 14.49 25.54
C SER H 144 -21.83 14.10 26.95
N LYS H 145 -22.64 13.06 27.04
CA LYS H 145 -23.21 12.66 28.32
C LYS H 145 -22.21 11.97 29.26
N GLY H 146 -21.34 11.10 28.74
CA GLY H 146 -20.49 10.35 29.65
C GLY H 146 -20.10 8.98 29.16
N VAL H 147 -19.93 8.09 30.13
CA VAL H 147 -19.88 6.66 29.86
C VAL H 147 -21.25 6.15 29.42
N VAL H 148 -21.26 5.56 28.22
CA VAL H 148 -22.44 5.02 27.59
C VAL H 148 -22.37 3.51 27.57
N GLY H 149 -23.36 2.86 28.18
CA GLY H 149 -23.51 1.43 28.07
C GLY H 149 -24.02 1.04 26.70
N VAL H 150 -23.37 0.07 26.07
CA VAL H 150 -23.83 -0.38 24.75
C VAL H 150 -24.10 -1.88 24.76
N ILE H 151 -25.37 -2.25 24.62
CA ILE H 151 -25.80 -3.63 24.73
C ILE H 151 -26.61 -4.02 23.47
N THR H 152 -26.15 -5.07 22.80
CA THR H 152 -26.57 -5.39 21.44
C THR H 152 -27.18 -6.78 21.24
N PRO H 153 -27.91 -6.97 20.13
CA PRO H 153 -28.53 -8.26 19.83
C PRO H 153 -27.65 -9.16 19.00
N TRP H 154 -28.15 -10.35 18.70
CA TRP H 154 -27.43 -11.34 17.89
C TRP H 154 -27.82 -11.38 16.41
N ASN H 155 -28.90 -10.70 16.03
CA ASN H 155 -29.39 -10.89 14.67
C ASN H 155 -28.51 -10.20 13.62
N TYR H 156 -28.20 -8.94 13.89
CA TYR H 156 -27.31 -8.16 13.05
C TYR H 156 -26.21 -7.56 13.95
N PRO H 157 -25.47 -8.41 14.67
CA PRO H 157 -24.70 -7.89 15.80
C PRO H 157 -23.64 -6.87 15.37
N LEU H 158 -23.12 -7.01 14.16
CA LEU H 158 -22.08 -6.09 13.69
C LEU H 158 -22.63 -4.69 13.43
N SER H 159 -23.66 -4.58 12.61
CA SER H 159 -24.11 -3.26 12.22
C SER H 159 -24.84 -2.53 13.36
N ILE H 160 -25.66 -3.21 14.15
CA ILE H 160 -26.29 -2.56 15.30
C ILE H 160 -25.24 -2.15 16.36
N SER H 161 -24.32 -3.08 16.69
CA SER H 161 -23.20 -2.71 17.55
C SER H 161 -22.51 -1.47 17.01
N MET H 162 -22.15 -1.47 15.74
CA MET H 162 -21.33 -0.38 15.26
C MET H 162 -22.06 0.94 15.08
N LYS H 163 -23.35 0.91 14.73
CA LYS H 163 -24.11 2.15 14.68
C LYS H 163 -24.03 2.78 16.04
N LYS H 164 -24.39 1.97 17.03
CA LYS H 164 -24.37 2.43 18.41
C LYS H 164 -23.00 2.94 18.83
N ILE H 165 -22.00 2.08 18.71
CA ILE H 165 -20.64 2.36 19.15
C ILE H 165 -20.03 3.57 18.43
N ALA H 166 -19.95 3.50 17.11
CA ALA H 166 -19.34 4.58 16.36
C ALA H 166 -20.03 5.90 16.69
N HIS H 167 -21.34 5.99 16.48
CA HIS H 167 -21.98 7.29 16.71
C HIS H 167 -21.82 7.75 18.17
N THR H 168 -21.82 6.84 19.12
CA THR H 168 -21.67 7.26 20.50
C THR H 168 -20.26 7.80 20.77
N LEU H 169 -19.29 7.22 20.09
CA LEU H 169 -17.90 7.60 20.28
C LEU H 169 -17.64 8.95 19.62
N ALA H 170 -18.28 9.17 18.48
CA ALA H 170 -18.04 10.35 17.67
C ALA H 170 -18.21 11.67 18.47
N VAL H 171 -19.32 11.81 19.19
CA VAL H 171 -19.62 13.06 19.90
C VAL H 171 -18.96 13.18 21.26
N GLY H 172 -18.14 12.20 21.61
CA GLY H 172 -17.26 12.34 22.76
C GLY H 172 -17.63 11.57 24.00
N ASN H 173 -18.61 10.68 23.90
CA ASN H 173 -18.86 9.73 24.98
C ASN H 173 -17.91 8.54 24.93
N THR H 174 -17.66 7.91 26.07
CA THR H 174 -16.90 6.66 26.03
C THR H 174 -17.88 5.51 26.15
N VAL H 175 -17.36 4.30 26.04
CA VAL H 175 -18.19 3.14 25.74
C VAL H 175 -17.82 1.88 26.52
N VAL H 176 -18.83 1.31 27.15
CA VAL H 176 -18.73 -0.01 27.71
C VAL H 176 -19.73 -0.89 26.99
N TYR H 177 -19.19 -1.86 26.24
CA TYR H 177 -19.95 -2.63 25.28
C TYR H 177 -20.02 -4.10 25.67
N LYS H 178 -21.24 -4.60 25.87
CA LYS H 178 -21.47 -6.02 26.08
C LYS H 178 -22.32 -6.55 24.94
N PRO H 179 -21.71 -7.31 24.02
CA PRO H 179 -22.41 -7.93 22.91
C PRO H 179 -23.39 -9.01 23.38
N ALA H 180 -24.29 -9.42 22.49
CA ALA H 180 -25.19 -10.54 22.76
C ALA H 180 -24.39 -11.78 23.18
N SER H 181 -24.92 -12.53 24.14
CA SER H 181 -24.27 -13.75 24.61
C SER H 181 -24.00 -14.70 23.44
N ASP H 182 -24.89 -14.68 22.45
CA ASP H 182 -24.84 -15.60 21.33
C ASP H 182 -23.96 -15.12 20.17
N THR H 183 -23.45 -13.89 20.28
CA THR H 183 -22.51 -13.38 19.29
C THR H 183 -21.29 -12.70 19.88
N PRO H 184 -20.53 -13.42 20.74
CA PRO H 184 -19.37 -12.78 21.37
C PRO H 184 -18.19 -12.54 20.41
N VAL H 185 -17.93 -13.43 19.45
CA VAL H 185 -16.73 -13.33 18.62
C VAL H 185 -16.83 -12.11 17.74
N THR H 186 -18.04 -11.80 17.30
CA THR H 186 -18.27 -10.60 16.52
C THR H 186 -17.87 -9.36 17.34
N GLY H 187 -18.31 -9.32 18.60
CA GLY H 187 -17.89 -8.28 19.52
C GLY H 187 -16.39 -8.20 19.68
N TRP H 188 -15.76 -9.35 19.94
CA TRP H 188 -14.33 -9.44 20.06
C TRP H 188 -13.65 -8.88 18.83
N LEU H 189 -14.27 -9.08 17.67
CA LEU H 189 -13.72 -8.55 16.42
C LEU H 189 -13.87 -7.04 16.34
N ILE H 190 -14.99 -6.52 16.80
CA ILE H 190 -15.11 -5.09 16.93
C ILE H 190 -13.96 -4.58 17.79
N ALA H 191 -13.72 -5.21 18.95
CA ALA H 191 -12.65 -4.77 19.85
C ALA H 191 -11.30 -4.79 19.13
N GLN H 192 -11.05 -5.86 18.40
CA GLN H 192 -9.86 -5.97 17.57
C GLN H 192 -9.74 -4.71 16.76
N MET H 193 -10.82 -4.37 16.06
CA MET H 193 -10.82 -3.29 15.09
C MET H 193 -10.49 -1.98 15.77
N VAL H 194 -11.19 -1.72 16.87
CA VAL H 194 -11.00 -0.47 17.59
C VAL H 194 -9.55 -0.35 18.00
N ALA H 195 -9.01 -1.41 18.58
CA ALA H 195 -7.64 -1.41 19.09
C ALA H 195 -6.62 -1.17 17.97
N LYS H 196 -6.77 -1.87 16.85
CA LYS H 196 -5.95 -1.60 15.65
C LYS H 196 -6.07 -0.16 15.15
N ALA H 197 -7.21 0.48 15.40
CA ALA H 197 -7.35 1.90 15.07
C ALA H 197 -6.63 2.79 16.10
N GLY H 198 -6.24 2.21 17.22
CA GLY H 198 -5.51 2.94 18.23
C GLY H 198 -6.25 4.06 18.94
N LEU H 199 -7.50 3.81 19.31
CA LEU H 199 -8.24 4.74 20.15
C LEU H 199 -7.61 4.73 21.53
N PRO H 200 -7.62 5.87 22.23
CA PRO H 200 -6.98 5.96 23.54
C PRO H 200 -7.47 4.88 24.47
N LYS H 201 -6.65 4.49 25.44
CA LYS H 201 -7.03 3.44 26.38
C LYS H 201 -8.22 3.90 27.24
N GLY H 202 -9.15 2.97 27.49
CA GLY H 202 -10.38 3.23 28.21
C GLY H 202 -11.52 3.80 27.36
N VAL H 203 -11.22 4.39 26.20
CA VAL H 203 -12.25 5.05 25.40
C VAL H 203 -13.29 4.04 24.92
N PHE H 204 -12.83 2.83 24.61
CA PHE H 204 -13.76 1.79 24.23
C PHE H 204 -13.44 0.47 24.91
N ASN H 205 -14.39 -0.07 25.66
CA ASN H 205 -14.15 -1.34 26.33
C ASN H 205 -15.18 -2.43 26.01
N LEU H 206 -14.69 -3.67 25.92
CA LEU H 206 -15.50 -4.83 25.56
C LEU H 206 -15.53 -5.79 26.71
N VAL H 207 -16.72 -6.06 27.24
CA VAL H 207 -16.86 -7.08 28.29
C VAL H 207 -17.85 -8.16 27.85
N ILE H 208 -17.32 -9.35 27.58
CA ILE H 208 -18.14 -10.47 27.14
C ILE H 208 -18.60 -11.21 28.37
N GLY H 209 -19.90 -11.49 28.44
CA GLY H 209 -20.46 -12.18 29.58
C GLY H 209 -21.97 -12.15 29.61
N PRO H 210 -22.54 -12.69 30.69
CA PRO H 210 -23.99 -12.77 30.89
C PRO H 210 -24.64 -11.40 31.10
N GLY H 211 -25.73 -11.17 30.38
CA GLY H 211 -26.61 -10.03 30.66
C GLY H 211 -27.03 -9.92 32.12
N PRO H 212 -27.44 -11.05 32.74
CA PRO H 212 -27.80 -11.06 34.17
C PRO H 212 -26.78 -10.35 35.08
N VAL H 213 -25.52 -10.33 34.69
CA VAL H 213 -24.45 -9.80 35.53
C VAL H 213 -23.74 -8.58 34.94
N VAL H 214 -23.02 -8.81 33.84
CA VAL H 214 -22.28 -7.74 33.18
C VAL H 214 -23.27 -6.63 32.83
N GLY H 215 -24.21 -6.96 31.95
CA GLY H 215 -25.25 -6.01 31.58
C GLY H 215 -25.86 -5.34 32.79
N GLU H 216 -26.12 -6.08 33.85
CA GLU H 216 -26.80 -5.46 34.97
C GLU H 216 -25.94 -4.43 35.68
N GLU H 217 -24.65 -4.73 35.88
CA GLU H 217 -23.75 -3.73 36.44
C GLU H 217 -23.72 -2.50 35.53
N ILE H 218 -23.59 -2.74 34.21
CA ILE H 218 -23.60 -1.67 33.22
C ILE H 218 -24.79 -0.76 33.38
N VAL H 219 -25.97 -1.37 33.53
CA VAL H 219 -27.22 -0.63 33.60
C VAL H 219 -27.41 0.08 34.97
N THR H 220 -26.84 -0.49 36.02
CA THR H 220 -27.05 0.08 37.35
C THR H 220 -25.93 0.98 37.92
N HIS H 221 -24.77 1.03 37.26
CA HIS H 221 -23.56 1.65 37.85
C HIS H 221 -23.58 3.19 37.90
N LYS H 222 -23.12 3.79 39.00
CA LYS H 222 -23.17 5.25 39.22
C LYS H 222 -22.56 6.06 38.08
N ARG H 223 -21.53 5.49 37.46
CA ARG H 223 -20.75 6.22 36.48
C ARG H 223 -21.15 5.99 35.03
N VAL H 224 -22.17 5.17 34.81
CA VAL H 224 -22.67 5.00 33.46
C VAL H 224 -23.77 6.03 33.23
N ALA H 225 -23.56 6.88 32.24
CA ALA H 225 -24.41 8.05 32.04
C ALA H 225 -25.72 7.70 31.36
N HIS H 226 -25.60 6.77 30.42
CA HIS H 226 -26.65 6.49 29.45
C HIS H 226 -26.52 5.04 28.98
N VAL H 227 -27.63 4.43 28.58
CA VAL H 227 -27.57 3.08 28.03
C VAL H 227 -28.34 2.94 26.74
N THR H 228 -27.69 2.43 25.70
CA THR H 228 -28.39 2.14 24.46
C THR H 228 -28.47 0.62 24.24
N PHE H 229 -29.68 0.12 24.00
CA PHE H 229 -29.94 -1.31 24.02
C PHE H 229 -30.84 -1.71 22.88
N THR H 230 -30.49 -2.81 22.23
CA THR H 230 -31.39 -3.40 21.24
C THR H 230 -31.63 -4.87 21.64
N GLY H 231 -32.91 -5.27 21.62
CA GLY H 231 -33.32 -6.59 22.07
C GLY H 231 -34.80 -6.64 22.44
N GLU H 232 -35.17 -7.59 23.29
CA GLU H 232 -36.59 -7.80 23.68
C GLU H 232 -37.16 -6.78 24.67
N SER H 233 -38.45 -6.50 24.54
CA SER H 233 -39.12 -5.54 25.41
C SER H 233 -39.16 -6.00 26.86
N SER H 234 -39.06 -7.31 27.08
CA SER H 234 -38.91 -7.84 28.43
C SER H 234 -37.69 -7.17 29.07
N THR H 235 -36.55 -7.52 28.50
CA THR H 235 -35.24 -6.98 28.85
C THR H 235 -35.20 -5.45 28.83
N GLY H 236 -35.86 -4.86 27.84
CA GLY H 236 -35.85 -3.41 27.71
C GLY H 236 -36.60 -2.70 28.81
N ARG H 237 -37.78 -3.21 29.17
CA ARG H 237 -38.52 -2.67 30.30
C ARG H 237 -37.72 -2.83 31.58
N GLU H 238 -37.08 -4.00 31.75
CA GLU H 238 -36.18 -4.20 32.90
C GLU H 238 -35.09 -3.13 32.96
N ILE H 239 -34.41 -2.93 31.84
CA ILE H 239 -33.25 -2.05 31.79
C ILE H 239 -33.69 -0.60 32.01
N ALA H 240 -34.83 -0.24 31.44
CA ALA H 240 -35.40 1.08 31.65
C ALA H 240 -35.60 1.29 33.15
N ALA H 241 -36.14 0.26 33.78
CA ALA H 241 -36.50 0.29 35.19
C ALA H 241 -35.28 0.49 36.09
N LYS H 242 -34.28 -0.39 35.93
CA LYS H 242 -33.04 -0.31 36.71
C LYS H 242 -32.26 0.96 36.40
N ALA H 243 -32.35 1.41 35.15
CA ALA H 243 -31.68 2.63 34.72
C ALA H 243 -32.20 3.83 35.49
N ALA H 244 -33.49 3.76 35.83
CA ALA H 244 -34.13 4.87 36.51
C ALA H 244 -33.50 5.21 37.87
N GLY H 245 -33.01 4.20 38.60
CA GLY H 245 -32.48 4.42 39.94
C GLY H 245 -31.35 5.44 40.02
N THR H 246 -30.49 5.42 39.01
CA THR H 246 -29.39 6.37 38.87
C THR H 246 -29.73 7.55 37.94
N LEU H 247 -30.98 7.65 37.49
CA LEU H 247 -31.44 8.73 36.60
C LEU H 247 -30.60 8.69 35.33
N LYS H 248 -30.57 7.49 34.77
CA LYS H 248 -29.72 7.14 33.66
C LYS H 248 -30.55 7.08 32.40
N THR H 249 -30.26 7.91 31.41
CA THR H 249 -31.10 7.94 30.20
C THR H 249 -30.91 6.69 29.33
N VAL H 250 -31.91 6.37 28.51
CA VAL H 250 -31.82 5.16 27.67
C VAL H 250 -32.35 5.34 26.25
N THR H 251 -31.70 4.67 25.30
CA THR H 251 -32.24 4.54 23.95
C THR H 251 -32.61 3.06 23.79
N LEU H 252 -33.89 2.80 23.58
CA LEU H 252 -34.38 1.41 23.60
C LEU H 252 -34.98 1.02 22.26
N GLU H 253 -34.36 0.04 21.61
CA GLU H 253 -34.92 -0.47 20.38
C GLU H 253 -35.38 -1.89 20.69
N LEU H 254 -36.68 -2.02 20.86
CA LEU H 254 -37.28 -3.19 21.47
C LEU H 254 -37.93 -4.19 20.50
N GLY H 255 -37.80 -3.96 19.20
CA GLY H 255 -38.41 -4.83 18.22
C GLY H 255 -39.84 -4.40 17.87
N GLY H 256 -40.38 -4.93 16.77
CA GLY H 256 -41.74 -4.67 16.42
C GLY H 256 -42.34 -5.84 15.68
N SER H 257 -43.66 -5.82 15.51
CA SER H 257 -44.31 -6.71 14.56
C SER H 257 -44.78 -5.83 13.42
N ASP H 258 -44.03 -5.81 12.33
CA ASP H 258 -44.23 -4.76 11.34
C ASP H 258 -45.25 -5.12 10.28
N PRO H 259 -46.26 -4.28 10.13
CA PRO H 259 -47.27 -4.47 9.07
C PRO H 259 -46.73 -4.20 7.66
N LEU H 260 -46.96 -5.15 6.77
CA LEU H 260 -46.77 -4.90 5.36
C LEU H 260 -48.12 -4.97 4.68
N ILE H 261 -48.61 -3.80 4.27
CA ILE H 261 -49.93 -3.65 3.67
C ILE H 261 -49.87 -3.64 2.16
N ILE H 262 -50.43 -4.67 1.52
CA ILE H 262 -50.52 -4.68 0.06
C ILE H 262 -51.95 -4.29 -0.37
N LEU H 263 -52.09 -3.25 -1.19
CA LEU H 263 -53.41 -2.84 -1.70
C LEU H 263 -53.75 -3.43 -3.08
N ASP H 264 -54.94 -3.14 -3.59
CA ASP H 264 -55.42 -3.80 -4.81
C ASP H 264 -54.72 -3.35 -6.10
N ASP H 265 -54.24 -2.11 -6.14
CA ASP H 265 -53.70 -1.58 -7.38
C ASP H 265 -52.23 -1.90 -7.62
N VAL H 266 -51.63 -2.73 -6.76
CA VAL H 266 -50.22 -3.09 -6.93
C VAL H 266 -49.99 -4.07 -8.09
N ASP H 267 -48.77 -4.09 -8.57
CA ASP H 267 -48.30 -5.19 -9.38
C ASP H 267 -48.22 -6.35 -8.39
N VAL H 268 -49.00 -7.41 -8.58
CA VAL H 268 -49.16 -8.40 -7.51
C VAL H 268 -47.97 -9.35 -7.41
N ASP H 269 -47.35 -9.68 -8.54
CA ASP H 269 -46.14 -10.50 -8.50
C ASP H 269 -45.01 -9.78 -7.77
N TYR H 270 -44.79 -8.52 -8.14
CA TYR H 270 -43.77 -7.73 -7.48
C TYR H 270 -44.09 -7.73 -6.01
N ALA H 271 -45.34 -7.42 -5.67
CA ALA H 271 -45.74 -7.30 -4.28
C ALA H 271 -45.34 -8.54 -3.53
N ALA H 272 -45.61 -9.69 -4.12
CA ALA H 272 -45.22 -10.93 -3.49
C ALA H 272 -43.70 -11.03 -3.31
N ARG H 273 -42.91 -10.79 -4.36
CA ARG H 273 -41.43 -10.87 -4.24
C ARG H 273 -40.93 -10.01 -3.09
N LEU H 274 -41.40 -8.77 -3.09
CA LEU H 274 -41.09 -7.81 -2.04
C LEU H 274 -41.42 -8.43 -0.68
N ALA H 275 -42.66 -8.88 -0.51
CA ALA H 275 -43.10 -9.42 0.77
C ALA H 275 -42.30 -10.65 1.21
N VAL H 276 -41.88 -11.48 0.25
CA VAL H 276 -41.05 -12.64 0.56
C VAL H 276 -39.74 -12.15 1.15
N PHE H 277 -39.12 -11.16 0.48
CA PHE H 277 -37.85 -10.62 0.94
C PHE H 277 -37.99 -9.96 2.31
N ALA H 278 -38.99 -9.08 2.45
CA ALA H 278 -39.21 -8.30 3.67
C ALA H 278 -39.53 -9.19 4.86
N SER H 279 -40.44 -10.12 4.65
CA SER H 279 -40.94 -10.95 5.74
C SER H 279 -39.98 -12.03 6.10
N LEU H 280 -39.30 -12.60 5.10
CA LEU H 280 -38.47 -13.75 5.41
C LEU H 280 -36.96 -13.58 5.50
N PHE H 281 -36.42 -12.42 5.12
CA PHE H 281 -34.95 -12.31 5.07
C PHE H 281 -34.28 -12.56 6.44
N HIS H 282 -33.10 -13.17 6.42
CA HIS H 282 -32.36 -13.56 7.64
C HIS H 282 -33.30 -14.35 8.54
N GLN H 283 -34.15 -15.13 7.89
CA GLN H 283 -35.13 -15.97 8.53
C GLN H 283 -36.08 -15.14 9.40
N GLY H 284 -36.39 -13.93 8.95
CA GLY H 284 -37.26 -13.03 9.71
C GLY H 284 -36.77 -12.65 11.11
N GLN H 285 -35.48 -12.85 11.35
CA GLN H 285 -34.86 -12.53 12.62
C GLN H 285 -34.45 -11.05 12.63
N ILE H 286 -34.98 -10.27 11.70
CA ILE H 286 -34.82 -8.82 11.73
C ILE H 286 -35.89 -8.11 12.57
N CYS H 287 -35.47 -7.25 13.49
CA CYS H 287 -36.37 -6.44 14.31
C CYS H 287 -37.47 -5.78 13.45
N THR H 288 -37.08 -5.31 12.26
CA THR H 288 -37.99 -4.66 11.31
C THR H 288 -38.52 -5.58 10.20
N SER H 289 -38.36 -6.87 10.37
CA SER H 289 -38.93 -7.84 9.44
C SER H 289 -40.41 -7.58 9.23
N ALA H 290 -40.93 -7.95 8.07
CA ALA H 290 -42.36 -7.71 7.87
C ALA H 290 -43.08 -8.91 8.46
N LYS H 291 -43.58 -8.72 9.67
CA LYS H 291 -44.03 -9.83 10.50
C LYS H 291 -45.53 -10.08 10.44
N ARG H 292 -46.27 -9.12 9.91
CA ARG H 292 -47.69 -9.35 9.66
C ARG H 292 -48.04 -8.81 8.28
N ILE H 293 -48.38 -9.70 7.36
CA ILE H 293 -48.66 -9.26 6.01
C ILE H 293 -50.16 -9.08 5.87
N ILE H 294 -50.56 -7.87 5.50
CA ILE H 294 -51.97 -7.50 5.40
C ILE H 294 -52.33 -7.22 3.94
N VAL H 295 -53.24 -8.00 3.36
CA VAL H 295 -53.49 -7.84 1.93
C VAL H 295 -54.98 -7.64 1.58
N HIS H 296 -55.23 -6.86 0.53
CA HIS H 296 -56.57 -6.45 0.08
C HIS H 296 -57.28 -7.56 -0.71
N LYS H 297 -58.51 -7.90 -0.30
CA LYS H 297 -59.19 -9.10 -0.83
C LYS H 297 -59.16 -9.18 -2.35
N ALA H 298 -59.22 -8.02 -3.00
CA ALA H 298 -59.30 -7.93 -4.45
C ALA H 298 -58.08 -8.58 -5.13
N VAL H 299 -56.90 -8.42 -4.53
CA VAL H 299 -55.71 -9.12 -5.01
C VAL H 299 -55.30 -10.32 -4.17
N ALA H 300 -56.02 -10.56 -3.08
CA ALA H 300 -55.50 -11.44 -2.03
C ALA H 300 -55.24 -12.88 -2.49
N ASP H 301 -56.14 -13.43 -3.29
CA ASP H 301 -55.95 -14.80 -3.74
C ASP H 301 -54.66 -14.92 -4.52
N LYS H 302 -54.47 -14.02 -5.47
CA LYS H 302 -53.29 -14.10 -6.33
C LYS H 302 -51.99 -13.80 -5.58
N PHE H 303 -52.01 -12.74 -4.77
CA PHE H 303 -50.86 -12.41 -3.93
C PHE H 303 -50.44 -13.59 -3.08
N ILE H 304 -51.42 -14.30 -2.53
CA ILE H 304 -51.11 -15.44 -1.72
C ILE H 304 -50.47 -16.50 -2.59
N GLU H 305 -51.00 -16.69 -3.81
CA GLU H 305 -50.44 -17.67 -4.73
C GLU H 305 -48.95 -17.43 -5.04
N ARG H 306 -48.64 -16.22 -5.46
CA ARG H 306 -47.28 -15.93 -5.91
C ARG H 306 -46.33 -15.87 -4.70
N TYR H 307 -46.82 -15.35 -3.58
CA TYR H 307 -46.01 -15.34 -2.36
C TYR H 307 -45.58 -16.76 -2.02
N VAL H 308 -46.55 -17.66 -1.97
CA VAL H 308 -46.20 -19.03 -1.65
C VAL H 308 -45.35 -19.68 -2.76
N HIS H 309 -45.55 -19.26 -4.02
CA HIS H 309 -44.64 -19.67 -5.08
C HIS H 309 -43.17 -19.39 -4.72
N TYR H 310 -42.86 -18.14 -4.38
CA TYR H 310 -41.46 -17.78 -4.10
C TYR H 310 -40.95 -18.33 -2.75
N VAL H 311 -41.81 -18.42 -1.74
CA VAL H 311 -41.40 -19.03 -0.47
C VAL H 311 -41.07 -20.51 -0.71
N LYS H 312 -41.72 -21.09 -1.73
CA LYS H 312 -41.33 -22.41 -2.22
C LYS H 312 -39.88 -22.36 -2.72
N MET H 313 -39.54 -21.31 -3.45
CA MET H 313 -38.21 -21.26 -4.06
C MET H 313 -37.03 -21.03 -3.08
N LEU H 314 -37.33 -20.52 -1.88
CA LEU H 314 -36.30 -20.25 -0.87
C LEU H 314 -35.47 -21.50 -0.57
N ARG H 315 -34.16 -21.33 -0.61
CA ARG H 315 -33.21 -22.42 -0.49
C ARG H 315 -32.49 -22.41 0.87
N ILE H 316 -32.72 -23.43 1.69
CA ILE H 316 -32.24 -23.39 3.06
C ILE H 316 -31.08 -24.34 3.28
N ASP H 317 -29.92 -23.81 3.65
CA ASP H 317 -28.76 -24.69 3.79
C ASP H 317 -27.72 -24.10 4.73
N ASP H 318 -26.63 -24.83 4.92
CA ASP H 318 -25.46 -24.27 5.59
C ASP H 318 -25.11 -22.99 4.83
N PRO H 319 -25.05 -21.85 5.54
CA PRO H 319 -24.79 -20.58 4.86
C PRO H 319 -23.36 -20.49 4.31
N ARG H 320 -22.48 -21.38 4.79
CA ARG H 320 -21.12 -21.49 4.28
C ARG H 320 -20.99 -22.21 2.94
N LYS H 321 -21.96 -23.04 2.63
CA LYS H 321 -21.95 -23.88 1.44
C LYS H 321 -21.59 -23.07 0.20
N ASP H 322 -22.30 -21.95 -0.01
CA ASP H 322 -21.99 -20.99 -1.08
C ASP H 322 -22.73 -19.65 -0.92
N GLU H 323 -22.53 -18.80 -1.92
CA GLU H 323 -23.05 -17.42 -1.92
C GLU H 323 -24.50 -17.28 -2.34
N LYS H 324 -25.12 -18.35 -2.86
CA LYS H 324 -26.51 -18.27 -3.25
C LYS H 324 -27.50 -18.87 -2.23
N VAL H 325 -27.02 -19.31 -1.07
CA VAL H 325 -27.91 -19.80 -0.02
C VAL H 325 -28.84 -18.69 0.50
N ASP H 326 -30.15 -18.95 0.51
CA ASP H 326 -31.17 -17.98 0.92
C ASP H 326 -31.42 -17.79 2.43
N LEU H 327 -31.58 -18.89 3.15
CA LEU H 327 -31.84 -18.87 4.60
C LEU H 327 -30.93 -19.84 5.34
N GLY H 328 -30.42 -19.42 6.48
CA GLY H 328 -29.60 -20.26 7.32
C GLY H 328 -30.37 -20.70 8.54
N PRO H 329 -29.64 -21.11 9.58
CA PRO H 329 -30.29 -21.49 10.84
C PRO H 329 -30.79 -20.30 11.65
N LEU H 330 -31.71 -20.60 12.56
CA LEU H 330 -31.99 -19.74 13.69
C LEU H 330 -30.76 -19.77 14.60
N ILE H 331 -30.65 -18.77 15.48
CA ILE H 331 -29.44 -18.67 16.30
C ILE H 331 -29.26 -19.83 17.28
N ASN H 332 -30.34 -20.50 17.70
CA ASN H 332 -30.23 -21.57 18.69
C ASN H 332 -31.47 -22.45 18.89
N GLU H 333 -31.35 -23.38 19.85
CA GLU H 333 -32.41 -24.31 20.23
C GLU H 333 -33.70 -23.57 20.60
N ARG H 334 -33.56 -22.59 21.48
CA ARG H 334 -34.68 -21.82 22.02
C ARG H 334 -35.54 -21.27 20.91
N GLN H 335 -34.89 -20.74 19.88
CA GLN H 335 -35.62 -20.14 18.80
C GLN H 335 -36.49 -21.17 18.13
N VAL H 336 -35.90 -22.30 17.74
CA VAL H 336 -36.67 -23.32 17.04
C VAL H 336 -37.80 -23.79 17.93
N ALA H 337 -37.54 -23.91 19.22
CA ALA H 337 -38.58 -24.22 20.18
C ALA H 337 -39.76 -23.25 20.03
N LEU H 338 -39.45 -21.97 20.12
CA LEU H 338 -40.47 -20.93 20.13
C LEU H 338 -41.23 -20.87 18.80
N MET H 339 -40.54 -21.11 17.71
CA MET H 339 -41.18 -21.07 16.41
C MET H 339 -42.11 -22.29 16.22
N LYS H 340 -41.72 -23.43 16.78
CA LYS H 340 -42.61 -24.58 16.80
C LYS H 340 -43.85 -24.23 17.62
N GLU H 341 -43.66 -23.58 18.77
CA GLU H 341 -44.81 -23.12 19.54
C GLU H 341 -45.70 -22.21 18.72
N PHE H 342 -45.10 -21.34 17.93
CA PHE H 342 -45.89 -20.40 17.15
C PHE H 342 -46.72 -21.11 16.10
N VAL H 343 -46.07 -22.03 15.38
CA VAL H 343 -46.71 -22.82 14.35
C VAL H 343 -47.87 -23.64 14.92
N ASP H 344 -47.57 -24.36 16.01
CA ASP H 344 -48.54 -25.17 16.72
C ASP H 344 -49.73 -24.35 17.14
N ASP H 345 -49.50 -23.16 17.71
CA ASP H 345 -50.60 -22.30 18.17
C ASP H 345 -51.47 -21.91 17.00
N ALA H 346 -50.83 -21.58 15.89
CA ALA H 346 -51.54 -21.17 14.69
C ALA H 346 -52.46 -22.30 14.17
N VAL H 347 -51.91 -23.51 14.11
CA VAL H 347 -52.66 -24.69 13.65
C VAL H 347 -53.81 -25.02 14.60
N SER H 348 -53.51 -24.96 15.90
CA SER H 348 -54.46 -25.19 16.97
C SER H 348 -55.66 -24.23 16.95
N ARG H 349 -55.48 -22.99 16.50
CA ARG H 349 -56.59 -22.05 16.39
C ARG H 349 -57.34 -22.20 15.05
N GLY H 350 -56.93 -23.16 14.24
CA GLY H 350 -57.61 -23.44 12.99
C GLY H 350 -57.19 -22.54 11.85
N GLY H 351 -55.94 -22.10 11.86
CA GLY H 351 -55.37 -21.39 10.72
C GLY H 351 -54.80 -22.38 9.70
N ARG H 352 -54.86 -22.00 8.42
CA ARG H 352 -54.33 -22.86 7.35
C ARG H 352 -52.83 -22.66 7.19
N LEU H 353 -52.10 -23.75 7.29
CA LEU H 353 -50.68 -23.70 7.03
C LEU H 353 -50.51 -23.88 5.53
N LEU H 354 -50.08 -22.81 4.86
CA LEU H 354 -50.03 -22.80 3.40
C LEU H 354 -48.82 -23.55 2.95
N ILE H 355 -47.78 -23.50 3.78
CA ILE H 355 -46.51 -24.15 3.45
C ILE H 355 -45.49 -24.05 4.58
N GLY H 356 -44.53 -24.96 4.58
CA GLY H 356 -43.45 -24.96 5.54
C GLY H 356 -43.74 -25.65 6.87
N GLY H 357 -42.86 -25.39 7.84
CA GLY H 357 -43.05 -25.88 9.19
C GLY H 357 -42.11 -26.99 9.63
N ARG H 358 -41.44 -27.64 8.70
CA ARG H 358 -40.46 -28.63 9.13
C ARG H 358 -39.30 -27.89 9.78
N SER H 359 -38.64 -28.58 10.71
CA SER H 359 -37.55 -28.01 11.48
C SER H 359 -36.48 -29.08 11.67
N TRP H 360 -35.23 -28.71 11.51
CA TRP H 360 -34.16 -29.63 11.84
C TRP H 360 -32.93 -28.95 12.43
N GLY H 361 -32.46 -29.48 13.55
CA GLY H 361 -31.39 -28.84 14.29
C GLY H 361 -31.83 -27.42 14.61
N ASN H 362 -31.01 -26.46 14.24
CA ASN H 362 -31.34 -25.06 14.42
C ASN H 362 -32.02 -24.45 13.20
N PHE H 363 -32.30 -25.26 12.19
CA PHE H 363 -32.98 -24.74 11.01
C PHE H 363 -34.49 -24.72 11.13
N PHE H 364 -35.13 -23.68 10.60
CA PHE H 364 -36.59 -23.66 10.56
C PHE H 364 -37.12 -23.15 9.24
N GLU H 365 -37.85 -24.00 8.52
CA GLU H 365 -38.45 -23.61 7.24
C GLU H 365 -39.45 -22.49 7.47
N PRO H 366 -39.50 -21.52 6.56
CA PRO H 366 -40.59 -20.55 6.63
C PRO H 366 -41.96 -21.24 6.70
N ALA H 367 -42.80 -20.84 7.67
CA ALA H 367 -44.15 -21.37 7.78
C ALA H 367 -45.18 -20.28 7.58
N ILE H 368 -45.93 -20.35 6.48
CA ILE H 368 -46.89 -19.31 6.18
C ILE H 368 -48.30 -19.73 6.56
N PHE H 369 -49.08 -18.77 7.04
CA PHE H 369 -50.45 -19.01 7.49
C PHE H 369 -51.46 -18.03 6.92
N VAL H 370 -52.71 -18.44 6.78
CA VAL H 370 -53.83 -17.53 6.56
C VAL H 370 -54.99 -18.03 7.41
N ASP H 371 -56.16 -17.41 7.30
CA ASP H 371 -57.27 -17.71 8.19
C ASP H 371 -56.82 -17.55 9.64
N VAL H 372 -56.23 -16.40 9.95
CA VAL H 372 -55.83 -16.15 11.33
C VAL H 372 -56.74 -15.09 11.88
N ASP H 373 -56.98 -15.12 13.18
CA ASP H 373 -57.64 -13.98 13.79
C ASP H 373 -56.69 -13.36 14.79
N ARG H 374 -57.16 -12.29 15.42
CA ARG H 374 -56.32 -11.44 16.25
C ARG H 374 -55.92 -12.10 17.58
N ASN H 375 -56.39 -13.30 17.83
CA ASN H 375 -55.94 -13.98 19.05
C ASN H 375 -54.81 -14.99 18.83
N PHE H 376 -54.44 -15.23 17.56
CA PHE H 376 -53.27 -16.06 17.26
C PHE H 376 -52.03 -15.45 17.93
N ARG H 377 -51.08 -16.27 18.37
CA ARG H 377 -49.89 -15.69 18.97
C ARG H 377 -49.10 -14.93 17.93
N ILE H 378 -49.10 -15.41 16.69
CA ILE H 378 -48.29 -14.76 15.66
C ILE H 378 -48.93 -13.45 15.17
N MET H 379 -50.17 -13.20 15.59
CA MET H 379 -50.77 -11.87 15.49
C MET H 379 -50.50 -10.91 16.66
N ARG H 380 -50.39 -11.49 17.86
CA ARG H 380 -50.22 -10.72 19.09
C ARG H 380 -48.80 -10.65 19.64
N GLU H 381 -47.86 -11.33 19.00
CA GLU H 381 -46.50 -11.35 19.55
C GLU H 381 -45.47 -11.03 18.47
N GLU H 382 -44.27 -10.65 18.92
CA GLU H 382 -43.22 -10.46 17.96
C GLU H 382 -42.79 -11.84 17.55
N VAL H 383 -42.90 -12.18 16.27
CA VAL H 383 -42.44 -13.50 15.88
C VAL H 383 -41.05 -13.36 15.27
N PHE H 384 -40.06 -13.73 16.06
CA PHE H 384 -38.72 -13.43 15.63
C PHE H 384 -38.21 -14.72 15.08
N GLY H 385 -38.42 -14.86 13.78
CA GLY H 385 -38.23 -16.13 13.12
C GLY H 385 -39.18 -16.17 11.95
N PRO H 386 -39.08 -17.22 11.16
CA PRO H 386 -39.74 -17.29 9.86
C PRO H 386 -41.16 -17.87 9.89
N VAL H 387 -42.04 -17.34 10.75
CA VAL H 387 -43.40 -17.85 10.82
C VAL H 387 -44.30 -16.68 10.61
N ARG H 388 -45.09 -16.66 9.52
CA ARG H 388 -45.81 -15.44 9.19
C ARG H 388 -47.30 -15.57 8.85
N PRO H 389 -48.15 -14.71 9.45
CA PRO H 389 -49.54 -14.55 9.06
C PRO H 389 -49.78 -13.65 7.84
N ILE H 390 -50.78 -14.06 7.06
CA ILE H 390 -51.39 -13.21 6.08
C ILE H 390 -52.82 -12.98 6.51
N VAL H 391 -53.19 -11.71 6.59
CA VAL H 391 -54.53 -11.31 6.94
C VAL H 391 -55.15 -10.75 5.68
N VAL H 392 -56.45 -10.92 5.47
CA VAL H 392 -57.11 -10.28 4.34
C VAL H 392 -58.07 -9.22 4.83
N VAL H 393 -57.91 -8.00 4.30
CA VAL H 393 -58.75 -6.90 4.74
C VAL H 393 -59.66 -6.46 3.58
N GLU H 394 -60.84 -5.98 3.94
CA GLU H 394 -61.87 -5.56 2.97
C GLU H 394 -61.56 -4.20 2.33
N ASN H 395 -61.08 -3.28 3.15
CA ASN H 395 -60.77 -1.92 2.71
C ASN H 395 -59.56 -1.35 3.43
N ASP H 396 -59.23 -0.10 3.16
CA ASP H 396 -58.07 0.51 3.79
C ASP H 396 -58.32 0.73 5.29
N ASP H 397 -59.56 1.07 5.68
CA ASP H 397 -59.88 1.24 7.12
C ASP H 397 -59.50 -0.01 7.87
N GLN H 398 -59.87 -1.14 7.29
CA GLN H 398 -59.59 -2.44 7.86
C GLN H 398 -58.10 -2.70 7.89
N ALA H 399 -57.43 -2.41 6.76
CA ALA H 399 -55.99 -2.59 6.67
C ALA H 399 -55.30 -1.86 7.82
N VAL H 400 -55.68 -0.61 8.03
CA VAL H 400 -55.09 0.22 9.06
C VAL H 400 -55.41 -0.36 10.44
N GLU H 401 -56.67 -0.70 10.66
CA GLU H 401 -57.12 -1.22 11.94
C GLU H 401 -56.29 -2.47 12.34
N VAL H 402 -56.15 -3.42 11.42
CA VAL H 402 -55.31 -4.59 11.67
C VAL H 402 -53.85 -4.19 11.89
N ALA H 403 -53.30 -3.39 10.98
CA ALA H 403 -51.91 -2.94 11.06
C ALA H 403 -51.57 -2.32 12.40
N ASN H 404 -52.54 -1.63 12.97
CA ASN H 404 -52.31 -0.98 14.25
C ASN H 404 -52.64 -1.88 15.43
N ASP H 405 -53.27 -3.02 15.18
CA ASP H 405 -53.70 -3.79 16.33
C ASP H 405 -52.53 -4.66 16.73
N THR H 406 -51.77 -4.10 17.65
CA THR H 406 -50.50 -4.64 18.10
C THR H 406 -49.90 -3.66 19.09
N ASP H 407 -49.03 -4.17 19.96
CA ASP H 407 -48.50 -3.37 21.04
C ASP H 407 -47.31 -2.57 20.52
N TYR H 408 -46.84 -3.00 19.35
CA TYR H 408 -45.59 -2.53 18.77
C TYR H 408 -45.77 -1.36 17.79
N GLY H 409 -44.76 -0.50 17.80
CA GLY H 409 -44.64 0.66 16.93
C GLY H 409 -43.47 0.81 15.96
N LEU H 410 -42.74 -0.23 15.65
CA LEU H 410 -41.42 0.01 15.06
C LEU H 410 -41.47 0.51 13.60
N SER H 411 -41.78 -0.36 12.64
CA SER H 411 -41.86 0.13 11.26
C SER H 411 -43.17 -0.23 10.60
N GLY H 412 -43.26 0.05 9.31
CA GLY H 412 -44.42 -0.33 8.54
C GLY H 412 -44.18 -0.04 7.07
N ALA H 413 -44.94 -0.69 6.21
CA ALA H 413 -44.86 -0.35 4.79
C ALA H 413 -46.16 -0.61 4.08
N VAL H 414 -46.46 0.21 3.08
CA VAL H 414 -47.58 -0.03 2.18
C VAL H 414 -47.12 -0.07 0.72
N LEU H 415 -47.63 -1.05 -0.01
CA LEU H 415 -47.49 -1.12 -1.45
C LEU H 415 -48.79 -0.65 -2.07
N THR H 416 -48.68 0.36 -2.93
CA THR H 416 -49.80 0.91 -3.72
C THR H 416 -49.26 1.98 -4.62
N ASN H 417 -49.97 2.24 -5.72
CA ASN H 417 -49.60 3.32 -6.63
C ASN H 417 -50.49 4.52 -6.48
N ASN H 418 -51.43 4.44 -5.54
CA ASN H 418 -52.33 5.54 -5.30
C ASN H 418 -51.75 6.47 -4.24
N VAL H 419 -51.44 7.69 -4.64
CA VAL H 419 -50.83 8.64 -3.71
C VAL H 419 -51.74 8.90 -2.49
N ASN H 420 -53.04 8.96 -2.70
CA ASN H 420 -53.94 9.27 -1.58
C ASN H 420 -54.02 8.10 -0.61
N ARG H 421 -54.15 6.90 -1.13
CA ARG H 421 -54.18 5.77 -0.24
C ARG H 421 -52.81 5.61 0.43
N ALA H 422 -51.73 5.69 -0.36
CA ALA H 422 -50.38 5.61 0.19
C ALA H 422 -50.21 6.55 1.38
N PHE H 423 -50.58 7.81 1.21
CA PHE H 423 -50.36 8.76 2.28
C PHE H 423 -51.33 8.61 3.44
N ARG H 424 -52.61 8.36 3.18
CA ARG H 424 -53.57 8.22 4.29
C ARG H 424 -53.16 7.05 5.17
N ILE H 425 -52.84 5.92 4.52
CA ILE H 425 -52.39 4.74 5.23
C ILE H 425 -51.14 5.06 6.03
N ALA H 426 -50.15 5.66 5.35
CA ALA H 426 -48.91 6.06 5.99
C ALA H 426 -49.13 6.94 7.23
N GLU H 427 -50.10 7.83 7.18
CA GLU H 427 -50.32 8.74 8.30
C GLU H 427 -51.07 8.05 9.43
N ALA H 428 -51.91 7.07 9.07
CA ALA H 428 -52.77 6.40 10.04
C ALA H 428 -52.09 5.28 10.85
N VAL H 429 -51.14 4.59 10.23
CA VAL H 429 -50.45 3.49 10.90
C VAL H 429 -49.56 4.02 12.01
N GLU H 430 -49.73 3.49 13.22
CA GLU H 430 -48.98 3.99 14.38
C GLU H 430 -47.67 3.19 14.50
N SER H 431 -46.61 3.85 14.05
CA SER H 431 -45.29 3.26 13.91
C SER H 431 -44.22 4.35 13.90
N GLY H 432 -43.03 4.02 14.36
CA GLY H 432 -41.95 4.99 14.38
C GLY H 432 -41.48 5.34 12.98
N MET H 433 -41.34 4.33 12.14
CA MET H 433 -40.92 4.53 10.77
C MET H 433 -41.96 3.96 9.81
N PHE H 434 -41.95 4.44 8.57
CA PHE H 434 -42.86 3.93 7.58
C PHE H 434 -42.28 4.07 6.19
N HIS H 435 -42.58 3.10 5.33
CA HIS H 435 -42.04 3.16 3.98
C HIS H 435 -43.13 2.89 2.97
N ILE H 436 -43.24 3.74 1.96
CA ILE H 436 -44.22 3.58 0.90
C ILE H 436 -43.53 2.90 -0.28
N ASN H 437 -44.06 1.76 -0.71
CA ASN H 437 -43.49 0.95 -1.80
C ASN H 437 -42.05 0.47 -1.60
N ASP H 438 -41.77 -0.15 -0.47
CA ASP H 438 -40.47 -0.74 -0.22
C ASP H 438 -40.57 -1.64 0.99
N VAL H 439 -39.49 -2.33 1.32
CA VAL H 439 -39.50 -3.25 2.45
C VAL H 439 -39.66 -2.47 3.74
N THR H 440 -40.06 -3.15 4.81
CA THR H 440 -40.28 -2.51 6.11
C THR H 440 -38.97 -2.20 6.85
N PHE H 441 -37.92 -2.99 6.55
CA PHE H 441 -36.66 -2.90 7.28
C PHE H 441 -35.64 -1.96 6.61
N LEU H 442 -36.12 -1.14 5.68
CA LEU H 442 -35.27 -0.11 5.09
C LEU H 442 -34.56 0.63 6.18
N GLU H 443 -33.24 0.70 6.06
CA GLU H 443 -32.44 1.40 7.05
C GLU H 443 -31.28 2.09 6.36
N GLU H 444 -31.06 3.36 6.73
CA GLU H 444 -29.89 4.11 6.28
C GLU H 444 -29.13 4.56 7.52
N SER H 445 -27.85 4.87 7.34
CA SER H 445 -26.94 5.25 8.42
C SER H 445 -27.30 6.53 9.15
N HIS H 446 -27.79 7.51 8.40
CA HIS H 446 -28.05 8.83 8.96
C HIS H 446 -29.51 9.15 9.29
N VAL H 447 -30.41 8.17 9.23
CA VAL H 447 -31.84 8.45 9.41
C VAL H 447 -32.31 7.96 10.78
N PRO H 448 -33.37 8.60 11.34
CA PRO H 448 -33.86 8.39 12.71
C PRO H 448 -34.57 7.07 12.88
N PHE H 449 -33.78 6.05 13.18
CA PHE H 449 -34.28 4.72 13.43
C PHE H 449 -34.79 4.51 14.87
N GLY H 450 -36.05 4.11 14.99
CA GLY H 450 -36.64 3.82 16.29
C GLY H 450 -38.12 3.61 16.14
N GLY H 451 -38.77 3.07 17.17
CA GLY H 451 -40.22 2.91 17.16
C GLY H 451 -41.03 3.76 18.14
N ILE H 452 -42.31 3.43 18.27
CA ILE H 452 -43.17 4.02 19.28
C ILE H 452 -43.84 2.86 19.98
N LYS H 453 -44.71 3.14 20.94
CA LYS H 453 -45.42 2.07 21.64
C LYS H 453 -44.45 1.09 22.28
N ALA H 454 -44.65 -0.21 22.07
CA ALA H 454 -43.84 -1.24 22.73
C ALA H 454 -42.52 -1.51 22.01
N SER H 455 -42.25 -0.73 20.96
CA SER H 455 -41.04 -0.86 20.17
C SER H 455 -39.90 0.00 20.73
N GLY H 456 -40.14 0.59 21.89
CA GLY H 456 -39.12 1.33 22.60
C GLY H 456 -39.15 2.84 22.49
N VAL H 457 -38.02 3.47 22.79
CA VAL H 457 -37.92 4.93 22.75
C VAL H 457 -36.56 5.39 22.20
N GLY H 458 -36.60 6.55 21.54
CA GLY H 458 -35.41 7.13 20.98
C GLY H 458 -35.22 6.83 19.52
N ARG H 459 -34.36 7.60 18.86
CA ARG H 459 -34.01 7.36 17.47
C ARG H 459 -32.51 7.15 17.33
N GLU H 460 -32.09 6.45 16.28
CA GLU H 460 -30.67 6.15 16.11
C GLU H 460 -30.16 6.15 14.68
N GLY H 461 -28.89 6.52 14.61
CA GLY H 461 -28.19 6.85 13.38
C GLY H 461 -28.02 8.34 13.24
N GLY H 462 -26.84 8.72 12.74
CA GLY H 462 -26.49 10.10 12.51
C GLY H 462 -26.72 11.09 13.64
N GLU H 463 -27.27 12.24 13.26
CA GLU H 463 -27.50 13.29 14.22
C GLU H 463 -28.47 12.83 15.31
N TRP H 464 -29.32 11.85 15.05
CA TRP H 464 -30.30 11.43 16.06
C TRP H 464 -29.62 10.65 17.17
N SER H 465 -28.66 9.81 16.79
CA SER H 465 -27.79 9.16 17.77
C SER H 465 -27.09 10.24 18.57
N PHE H 466 -26.62 11.26 17.87
CA PHE H 466 -25.94 12.34 18.57
C PHE H 466 -26.87 13.04 19.55
N HIS H 467 -28.14 13.17 19.20
CA HIS H 467 -29.09 13.74 20.15
C HIS H 467 -29.11 12.82 21.38
N GLU H 468 -29.21 11.51 21.16
CA GLU H 468 -29.39 10.57 22.26
C GLU H 468 -28.32 10.65 23.35
N THR H 469 -27.07 10.72 22.91
CA THR H 469 -25.93 10.62 23.81
C THR H 469 -25.33 12.00 24.21
N THR H 470 -26.01 13.09 23.87
CA THR H 470 -25.61 14.41 24.37
C THR H 470 -26.70 15.20 25.09
N TYR H 471 -26.29 16.24 25.80
CA TYR H 471 -27.26 17.18 26.38
C TYR H 471 -27.02 18.60 25.86
N ASP H 472 -28.08 19.41 25.94
CA ASP H 472 -28.02 20.82 25.60
C ASP H 472 -27.68 21.64 26.83
N ARG H 473 -26.77 22.60 26.68
CA ARG H 473 -26.42 23.45 27.79
C ARG H 473 -26.58 24.92 27.46
N TRP H 474 -27.61 25.51 28.05
CA TRP H 474 -27.86 26.91 27.88
C TRP H 474 -26.81 27.73 28.65
N VAL H 475 -26.14 28.64 27.94
CA VAL H 475 -25.13 29.50 28.54
C VAL H 475 -25.36 30.96 28.19
N THR H 476 -25.31 31.86 29.17
CA THR H 476 -25.48 33.28 28.89
C THR H 476 -24.27 34.08 29.33
N VAL H 477 -24.13 35.25 28.73
CA VAL H 477 -23.22 36.29 29.19
C VAL H 477 -24.05 37.55 29.30
N THR H 478 -23.99 38.17 30.47
CA THR H 478 -24.79 39.36 30.70
C THR H 478 -23.89 40.60 30.79
N LEU H 479 -24.11 41.54 29.88
CA LEU H 479 -23.20 42.66 29.70
C LEU H 479 -23.61 43.94 30.41
N ARG H 480 -24.77 43.92 31.06
CA ARG H 480 -25.26 45.08 31.81
C ARG H 480 -25.25 44.77 33.32
N THR H 481 -25.01 45.78 34.15
CA THR H 481 -25.31 45.67 35.58
C THR H 481 -26.79 45.82 35.69
N ARG H 482 -27.41 45.37 36.78
CA ARG H 482 -28.81 45.74 36.98
C ARG H 482 -29.18 45.91 38.43
N ARG H 483 -30.43 46.33 38.65
CA ARG H 483 -30.92 46.58 39.97
C ARG H 483 -31.78 45.37 40.33
N PHE H 484 -31.78 44.98 41.61
CA PHE H 484 -32.53 43.80 42.02
C PHE H 484 -33.70 44.15 42.96
N PRO H 485 -34.77 43.34 42.92
CA PRO H 485 -35.99 43.65 43.69
C PRO H 485 -35.82 43.57 45.21
N ILE H 486 -34.81 42.86 45.70
CA ILE H 486 -34.59 42.75 47.13
C ILE H 486 -33.13 43.06 47.46
N PRO H 487 -32.90 43.79 48.57
CA PRO H 487 -33.95 44.41 49.39
C PRO H 487 -34.55 45.64 48.72
N SER H 488 -35.86 45.79 48.82
CA SER H 488 -36.58 46.91 48.25
C SER H 488 -36.07 48.23 48.80
N ALA H 489 -35.58 48.17 50.03
CA ALA H 489 -35.12 49.36 50.74
C ALA H 489 -34.01 50.11 49.98
N LEU H 490 -33.34 49.42 49.06
CA LEU H 490 -32.26 50.00 48.27
C LEU H 490 -32.76 50.86 47.09
#